data_1BW5
#
_entry.id   1BW5
#
_cell.length_a   1.000
_cell.length_b   1.000
_cell.length_c   1.000
_cell.angle_alpha   90.00
_cell.angle_beta   90.00
_cell.angle_gamma   90.00
#
_symmetry.space_group_name_H-M   'P 1'
#
_entity_poly.entity_id   1
_entity_poly.type   'polypeptide(L)'
_entity_poly.pdbx_seq_one_letter_code
;MKTTRVRTVLNEKQLHTLRTCYAANPRPDALMKEQLVEMTGLSPRVIRVWFQNKRCKDKKRSIMMK
;
_entity_poly.pdbx_strand_id   A
#
# COMPACT_ATOMS: atom_id res chain seq x y z
N MET A 1 25.55 -11.44 -9.38
CA MET A 1 25.99 -12.01 -8.07
C MET A 1 25.92 -10.94 -6.98
N LYS A 2 25.24 -11.23 -5.90
CA LYS A 2 25.11 -10.21 -4.81
C LYS A 2 24.39 -8.98 -5.33
N THR A 3 23.69 -9.12 -6.43
CA THR A 3 22.95 -7.98 -7.00
C THR A 3 21.53 -7.95 -6.43
N THR A 4 20.74 -6.99 -6.83
CA THR A 4 19.35 -6.89 -6.30
C THR A 4 19.39 -6.74 -4.78
N ARG A 5 20.30 -5.96 -4.29
CA ARG A 5 20.41 -5.75 -2.80
C ARG A 5 19.07 -5.29 -2.23
N VAL A 6 19.02 -5.04 -0.95
CA VAL A 6 17.74 -4.58 -0.33
C VAL A 6 17.76 -3.05 -0.13
N ARG A 7 16.99 -2.34 -0.92
CA ARG A 7 16.94 -0.85 -0.77
C ARG A 7 15.51 -0.34 -0.96
N THR A 8 14.64 -0.67 -0.04
CA THR A 8 13.21 -0.22 -0.13
C THR A 8 12.67 0.04 1.28
N VAL A 9 12.58 1.29 1.66
CA VAL A 9 12.10 1.64 3.03
C VAL A 9 10.60 2.01 2.99
N LEU A 10 10.00 2.25 4.14
CA LEU A 10 8.56 2.62 4.18
C LEU A 10 8.33 3.67 5.26
N ASN A 11 8.09 4.89 4.87
CA ASN A 11 7.86 5.97 5.87
C ASN A 11 6.91 7.03 5.31
N GLU A 12 6.86 8.18 5.94
CA GLU A 12 5.95 9.26 5.47
C GLU A 12 6.08 9.51 3.97
N LYS A 13 7.21 9.22 3.40
CA LYS A 13 7.38 9.46 1.95
C LYS A 13 6.48 8.49 1.16
N GLN A 14 6.83 7.22 1.15
CA GLN A 14 6.00 6.22 0.41
C GLN A 14 4.57 6.09 0.98
N LEU A 15 4.44 6.02 2.30
CA LEU A 15 3.07 5.87 2.91
C LEU A 15 2.11 6.91 2.34
N HIS A 16 2.48 8.17 2.45
CA HIS A 16 1.59 9.26 1.92
C HIS A 16 1.12 8.92 0.51
N THR A 17 2.00 8.47 -0.34
CA THR A 17 1.59 8.11 -1.73
C THR A 17 0.46 7.06 -1.68
N LEU A 18 0.76 5.89 -1.21
CA LEU A 18 -0.30 4.82 -1.13
C LEU A 18 -1.50 5.35 -0.37
N ARG A 19 -1.26 6.11 0.67
CA ARG A 19 -2.38 6.67 1.51
C ARG A 19 -3.47 7.32 0.64
N THR A 20 -3.12 8.31 -0.14
CA THR A 20 -4.16 8.99 -0.98
C THR A 20 -4.77 7.98 -1.96
N CYS A 21 -4.05 6.92 -2.27
CA CYS A 21 -4.60 5.90 -3.22
C CYS A 21 -5.87 5.24 -2.65
N TYR A 22 -5.75 4.59 -1.51
CA TYR A 22 -6.93 3.89 -0.91
C TYR A 22 -8.14 4.81 -0.81
N ALA A 23 -7.94 6.04 -0.43
CA ALA A 23 -9.09 7.00 -0.32
C ALA A 23 -9.85 7.07 -1.65
N ALA A 24 -9.22 6.71 -2.72
CA ALA A 24 -9.89 6.75 -4.05
C ALA A 24 -10.52 5.41 -4.40
N ASN A 25 -9.83 4.31 -4.19
CA ASN A 25 -10.43 2.98 -4.54
C ASN A 25 -9.73 1.84 -3.77
N PRO A 26 -10.54 0.96 -3.19
CA PRO A 26 -9.99 -0.19 -2.42
C PRO A 26 -9.50 -1.34 -3.33
N ARG A 27 -9.60 -1.21 -4.64
CA ARG A 27 -9.11 -2.33 -5.51
C ARG A 27 -8.54 -1.78 -6.83
N PRO A 28 -7.25 -1.49 -6.81
CA PRO A 28 -6.58 -0.98 -8.01
C PRO A 28 -6.14 -2.16 -8.87
N ASP A 29 -5.43 -1.92 -9.96
CA ASP A 29 -5.00 -3.08 -10.81
C ASP A 29 -3.92 -2.69 -11.82
N ALA A 30 -3.64 -3.58 -12.73
CA ALA A 30 -2.60 -3.32 -13.79
C ALA A 30 -2.71 -1.91 -14.35
N LEU A 31 -3.88 -1.33 -14.33
CA LEU A 31 -4.05 0.04 -14.87
C LEU A 31 -3.26 1.05 -14.02
N MET A 32 -3.81 1.47 -12.93
CA MET A 32 -3.12 2.45 -12.06
C MET A 32 -1.82 1.86 -11.50
N LYS A 33 -1.73 0.57 -11.37
CA LYS A 33 -0.48 -0.07 -10.84
C LYS A 33 0.77 0.46 -11.56
N GLU A 34 0.71 0.62 -12.85
CA GLU A 34 1.91 1.13 -13.59
C GLU A 34 2.31 2.51 -13.05
N GLN A 35 1.40 3.44 -13.01
CA GLN A 35 1.76 4.80 -12.51
C GLN A 35 2.30 4.70 -11.08
N LEU A 36 1.66 3.95 -10.23
CA LEU A 36 2.15 3.82 -8.82
C LEU A 36 3.65 3.44 -8.80
N VAL A 37 4.10 2.66 -9.74
CA VAL A 37 5.54 2.26 -9.77
C VAL A 37 6.45 3.51 -9.82
N GLU A 38 6.39 4.27 -10.88
CA GLU A 38 7.27 5.48 -10.97
C GLU A 38 7.10 6.38 -9.74
N MET A 39 5.90 6.49 -9.24
CA MET A 39 5.63 7.37 -8.07
C MET A 39 6.32 6.88 -6.78
N THR A 40 6.50 5.59 -6.61
CA THR A 40 7.13 5.11 -5.34
C THR A 40 8.65 4.88 -5.48
N GLY A 41 9.17 4.92 -6.67
CA GLY A 41 10.64 4.75 -6.84
C GLY A 41 11.10 3.35 -6.40
N LEU A 42 10.27 2.35 -6.57
CA LEU A 42 10.68 0.96 -6.20
C LEU A 42 9.85 -0.07 -6.99
N SER A 43 10.31 -1.29 -7.04
CA SER A 43 9.58 -2.34 -7.84
C SER A 43 8.13 -2.54 -7.38
N PRO A 44 7.36 -3.21 -8.20
CA PRO A 44 5.93 -3.47 -7.86
C PRO A 44 5.82 -4.57 -6.81
N ARG A 45 6.88 -5.30 -6.55
CA ARG A 45 6.81 -6.39 -5.52
C ARG A 45 6.25 -5.85 -4.20
N VAL A 46 6.82 -4.78 -3.72
CA VAL A 46 6.34 -4.17 -2.44
C VAL A 46 4.89 -3.68 -2.58
N ILE A 47 4.55 -3.18 -3.75
CA ILE A 47 3.16 -2.66 -3.97
C ILE A 47 2.11 -3.75 -3.70
N ARG A 48 2.29 -4.90 -4.30
CA ARG A 48 1.32 -6.03 -4.12
C ARG A 48 1.04 -6.33 -2.63
N VAL A 49 2.04 -6.71 -1.88
CA VAL A 49 1.82 -7.07 -0.44
C VAL A 49 1.22 -5.92 0.38
N TRP A 50 1.53 -4.69 0.07
CA TRP A 50 0.96 -3.55 0.86
C TRP A 50 -0.57 -3.61 0.89
N PHE A 51 -1.20 -3.60 -0.24
CA PHE A 51 -2.70 -3.64 -0.27
C PHE A 51 -3.20 -4.88 0.47
N GLN A 52 -2.59 -6.00 0.21
CA GLN A 52 -3.01 -7.26 0.89
C GLN A 52 -3.10 -7.06 2.41
N ASN A 53 -1.98 -6.85 3.04
CA ASN A 53 -1.96 -6.67 4.52
C ASN A 53 -2.95 -5.58 4.96
N LYS A 54 -2.92 -4.44 4.31
CA LYS A 54 -3.84 -3.33 4.70
C LYS A 54 -5.27 -3.82 4.94
N ARG A 55 -5.80 -4.65 4.06
CA ARG A 55 -7.21 -5.14 4.26
C ARG A 55 -7.39 -5.80 5.64
N CYS A 56 -6.57 -6.76 5.98
CA CYS A 56 -6.70 -7.45 7.30
C CYS A 56 -6.59 -6.44 8.45
N LYS A 57 -5.53 -5.69 8.46
CA LYS A 57 -5.33 -4.69 9.56
C LYS A 57 -6.47 -3.66 9.56
N ASP A 58 -6.86 -3.16 8.42
CA ASP A 58 -7.98 -2.17 8.37
C ASP A 58 -9.32 -2.83 8.78
N LYS A 59 -9.39 -3.42 9.95
CA LYS A 59 -10.67 -4.08 10.38
C LYS A 59 -11.75 -3.01 10.62
N LYS A 60 -11.36 -1.82 10.99
CA LYS A 60 -12.36 -0.73 11.23
C LYS A 60 -11.83 0.60 10.68
N ARG A 61 -10.57 0.87 10.94
CA ARG A 61 -9.97 2.15 10.45
C ARG A 61 -9.97 2.17 8.93
N SER A 62 -11.04 2.61 8.34
CA SER A 62 -11.09 2.66 6.85
C SER A 62 -12.21 3.60 6.39
N ILE A 63 -12.45 4.66 7.12
CA ILE A 63 -13.52 5.62 6.73
C ILE A 63 -12.96 6.70 5.81
N MET A 64 -13.65 7.00 4.75
CA MET A 64 -13.18 8.05 3.81
C MET A 64 -13.57 9.43 4.36
N MET A 65 -12.61 10.30 4.59
CA MET A 65 -12.93 11.66 5.13
C MET A 65 -13.56 11.53 6.52
N LYS A 66 -13.14 12.33 7.45
CA LYS A 66 -13.69 12.25 8.83
C LYS A 66 -14.51 13.49 9.17
N MET A 1 3.55 -17.26 -4.17
CA MET A 1 4.93 -17.80 -4.07
C MET A 1 4.97 -18.95 -3.05
N LYS A 2 5.89 -19.86 -3.22
CA LYS A 2 6.00 -21.01 -2.27
C LYS A 2 6.40 -20.52 -0.87
N THR A 3 7.65 -20.17 -0.68
CA THR A 3 8.10 -19.70 0.67
C THR A 3 7.59 -18.27 0.93
N THR A 4 7.91 -17.73 2.08
CA THR A 4 7.44 -16.34 2.41
C THR A 4 8.49 -15.31 1.97
N ARG A 5 8.06 -14.18 1.46
CA ARG A 5 9.02 -13.13 1.02
C ARG A 5 8.41 -11.74 1.21
N VAL A 6 8.99 -10.75 0.58
CA VAL A 6 8.49 -9.34 0.68
C VAL A 6 8.01 -8.97 2.10
N ARG A 7 8.81 -8.19 2.80
CA ARG A 7 8.45 -7.76 4.18
C ARG A 7 9.26 -6.52 4.54
N THR A 8 9.06 -5.44 3.82
CA THR A 8 9.82 -4.19 4.09
C THR A 8 8.99 -3.19 4.90
N VAL A 9 9.58 -2.60 5.91
CA VAL A 9 8.84 -1.61 6.74
C VAL A 9 9.04 -0.20 6.15
N LEU A 10 8.22 0.74 6.53
CA LEU A 10 8.37 2.13 5.98
C LEU A 10 7.86 3.15 6.98
N ASN A 11 7.68 4.37 6.54
CA ASN A 11 7.18 5.43 7.47
C ASN A 11 6.31 6.44 6.71
N GLU A 12 6.05 7.57 7.31
CA GLU A 12 5.20 8.62 6.66
C GLU A 12 5.70 8.97 5.25
N LYS A 13 6.88 8.57 4.87
CA LYS A 13 7.37 8.91 3.51
C LYS A 13 6.57 8.17 2.43
N GLN A 14 6.84 6.90 2.23
CA GLN A 14 6.09 6.13 1.20
C GLN A 14 4.62 6.05 1.56
N LEU A 15 4.32 5.89 2.83
CA LEU A 15 2.88 5.79 3.26
C LEU A 15 2.08 6.95 2.69
N HIS A 16 2.50 8.16 2.94
CA HIS A 16 1.76 9.36 2.43
C HIS A 16 1.26 9.14 0.99
N THR A 17 2.12 8.74 0.11
CA THR A 17 1.69 8.51 -1.30
C THR A 17 0.57 7.47 -1.33
N LEU A 18 0.86 6.28 -0.89
CA LEU A 18 -0.18 5.20 -0.88
C LEU A 18 -1.45 5.69 -0.16
N ARG A 19 -1.31 6.53 0.82
CA ARG A 19 -2.52 7.05 1.56
C ARG A 19 -3.60 7.51 0.58
N THR A 20 -3.25 8.38 -0.33
CA THR A 20 -4.25 8.89 -1.32
C THR A 20 -4.70 7.78 -2.27
N CYS A 21 -3.90 6.76 -2.47
CA CYS A 21 -4.30 5.66 -3.41
C CYS A 21 -5.59 4.99 -2.92
N TYR A 22 -5.58 4.40 -1.75
CA TYR A 22 -6.81 3.73 -1.21
C TYR A 22 -8.03 4.66 -1.30
N ALA A 23 -7.84 5.92 -0.98
CA ALA A 23 -8.98 6.89 -1.05
C ALA A 23 -9.63 6.88 -2.44
N ALA A 24 -8.96 6.37 -3.42
CA ALA A 24 -9.54 6.34 -4.80
C ALA A 24 -10.26 5.01 -5.04
N ASN A 25 -9.64 3.93 -4.67
CA ASN A 25 -10.27 2.58 -4.86
C ASN A 25 -9.64 1.57 -3.89
N PRO A 26 -10.47 0.77 -3.26
CA PRO A 26 -9.94 -0.23 -2.30
C PRO A 26 -9.31 -1.42 -3.04
N ARG A 27 -9.32 -1.42 -4.35
CA ARG A 27 -8.72 -2.56 -5.10
C ARG A 27 -8.20 -2.11 -6.48
N PRO A 28 -6.95 -1.72 -6.51
CA PRO A 28 -6.33 -1.28 -7.79
C PRO A 28 -5.94 -2.49 -8.63
N ASP A 29 -5.33 -2.29 -9.76
CA ASP A 29 -4.91 -3.46 -10.60
C ASP A 29 -3.90 -3.02 -11.67
N ALA A 30 -3.83 -3.74 -12.75
CA ALA A 30 -2.88 -3.40 -13.85
C ALA A 30 -2.95 -1.91 -14.23
N LEU A 31 -4.06 -1.26 -13.96
CA LEU A 31 -4.19 0.18 -14.34
C LEU A 31 -3.26 1.10 -13.52
N MET A 32 -3.64 1.46 -12.32
CA MET A 32 -2.79 2.39 -11.50
C MET A 32 -1.42 1.75 -11.21
N LYS A 33 -1.31 0.46 -11.30
CA LYS A 33 0.00 -0.22 -11.02
C LYS A 33 1.14 0.43 -11.81
N GLU A 34 0.95 0.70 -13.08
CA GLU A 34 2.04 1.29 -13.90
C GLU A 34 2.44 2.67 -13.38
N GLN A 35 1.53 3.60 -13.32
CA GLN A 35 1.88 4.97 -12.83
C GLN A 35 2.43 4.86 -11.40
N LEU A 36 1.82 4.04 -10.58
CA LEU A 36 2.31 3.87 -9.18
C LEU A 36 3.82 3.65 -9.15
N VAL A 37 4.30 2.75 -9.97
CA VAL A 37 5.77 2.47 -9.99
C VAL A 37 6.56 3.77 -10.23
N GLU A 38 6.22 4.51 -11.25
CA GLU A 38 6.96 5.77 -11.55
C GLU A 38 6.96 6.71 -10.34
N MET A 39 5.83 6.89 -9.73
CA MET A 39 5.74 7.83 -8.57
C MET A 39 6.68 7.42 -7.42
N THR A 40 6.67 6.16 -7.04
CA THR A 40 7.57 5.73 -5.92
C THR A 40 8.83 5.04 -6.46
N GLY A 41 8.88 4.77 -7.73
CA GLY A 41 10.08 4.11 -8.33
C GLY A 41 10.33 2.72 -7.69
N LEU A 42 9.42 2.25 -6.88
CA LEU A 42 9.62 0.92 -6.22
C LEU A 42 9.18 -0.22 -7.15
N SER A 43 9.61 -1.43 -6.87
CA SER A 43 9.23 -2.61 -7.73
C SER A 43 7.73 -2.93 -7.57
N PRO A 44 7.23 -3.81 -8.40
CA PRO A 44 5.79 -4.19 -8.31
C PRO A 44 5.57 -5.05 -7.07
N ARG A 45 6.56 -5.80 -6.67
CA ARG A 45 6.42 -6.67 -5.47
C ARG A 45 5.93 -5.87 -4.26
N VAL A 46 6.66 -4.85 -3.89
CA VAL A 46 6.27 -4.02 -2.71
C VAL A 46 4.90 -3.37 -2.92
N ILE A 47 4.57 -3.02 -4.14
CA ILE A 47 3.24 -2.39 -4.39
C ILE A 47 2.12 -3.37 -4.02
N ARG A 48 2.15 -4.53 -4.63
CA ARG A 48 1.11 -5.56 -4.34
C ARG A 48 1.01 -5.90 -2.84
N VAL A 49 2.10 -6.17 -2.19
CA VAL A 49 2.05 -6.56 -0.74
C VAL A 49 1.40 -5.47 0.14
N TRP A 50 1.54 -4.21 -0.19
CA TRP A 50 0.92 -3.15 0.69
C TRP A 50 -0.59 -3.39 0.87
N PHE A 51 -1.35 -3.31 -0.20
CA PHE A 51 -2.83 -3.49 -0.10
C PHE A 51 -3.22 -4.77 0.64
N GLN A 52 -2.52 -5.85 0.43
CA GLN A 52 -2.89 -7.13 1.10
C GLN A 52 -3.09 -6.92 2.63
N ASN A 53 -2.03 -6.96 3.38
CA ASN A 53 -2.15 -6.78 4.87
C ASN A 53 -2.95 -5.52 5.22
N LYS A 54 -2.94 -4.52 4.38
CA LYS A 54 -3.68 -3.25 4.68
C LYS A 54 -5.07 -3.52 5.26
N ARG A 55 -5.77 -4.49 4.73
CA ARG A 55 -7.15 -4.78 5.24
C ARG A 55 -7.13 -4.94 6.77
N CYS A 56 -6.58 -6.01 7.26
CA CYS A 56 -6.56 -6.24 8.73
C CYS A 56 -5.91 -5.06 9.46
N LYS A 57 -4.89 -4.48 8.89
CA LYS A 57 -4.20 -3.33 9.56
C LYS A 57 -5.15 -2.15 9.73
N ASP A 58 -5.99 -1.89 8.77
CA ASP A 58 -6.94 -0.74 8.91
C ASP A 58 -7.88 -0.98 10.09
N LYS A 59 -8.98 -0.27 10.12
CA LYS A 59 -9.97 -0.42 11.24
C LYS A 59 -9.30 -0.55 12.62
N LYS A 60 -9.26 -1.74 13.19
CA LYS A 60 -8.64 -1.89 14.56
C LYS A 60 -7.15 -1.54 14.52
N ARG A 61 -6.83 -0.30 14.81
CA ARG A 61 -5.41 0.12 14.82
C ARG A 61 -4.85 0.03 16.24
N SER A 62 -3.82 0.77 16.55
CA SER A 62 -3.24 0.73 17.92
C SER A 62 -2.16 1.81 18.06
N ILE A 63 -2.38 2.97 17.48
CA ILE A 63 -1.36 4.06 17.58
C ILE A 63 -1.77 5.07 18.66
N MET A 64 -2.85 5.76 18.47
CA MET A 64 -3.29 6.77 19.49
C MET A 64 -4.79 7.04 19.38
N MET A 65 -5.61 6.02 19.45
CA MET A 65 -7.09 6.21 19.37
C MET A 65 -7.47 6.90 18.06
N LYS A 66 -8.71 6.75 17.66
CA LYS A 66 -9.16 7.39 16.39
C LYS A 66 -10.68 7.24 16.24
N MET A 1 9.51 -7.68 20.96
CA MET A 1 10.55 -8.76 20.97
C MET A 1 10.01 -10.06 20.35
N LYS A 2 10.77 -11.12 20.40
CA LYS A 2 10.34 -12.43 19.83
C LYS A 2 9.89 -12.30 18.37
N THR A 3 9.74 -13.41 17.69
CA THR A 3 9.29 -13.37 16.26
C THR A 3 10.24 -12.50 15.41
N THR A 4 9.78 -12.02 14.29
CA THR A 4 10.64 -11.18 13.41
C THR A 4 10.30 -9.69 13.60
N ARG A 5 11.29 -8.86 13.70
CA ARG A 5 11.01 -7.40 13.89
C ARG A 5 10.81 -6.72 12.54
N VAL A 6 10.22 -5.55 12.55
CA VAL A 6 9.99 -4.81 11.28
C VAL A 6 11.31 -4.73 10.48
N ARG A 7 11.44 -5.53 9.47
CA ARG A 7 12.69 -5.50 8.66
C ARG A 7 12.41 -4.86 7.29
N THR A 8 11.36 -4.10 7.19
CA THR A 8 11.02 -3.45 5.88
C THR A 8 11.65 -2.05 5.80
N VAL A 9 11.11 -1.19 4.99
CA VAL A 9 11.67 0.19 4.87
C VAL A 9 10.53 1.23 4.70
N LEU A 10 9.30 0.82 4.91
CA LEU A 10 8.14 1.77 4.76
C LEU A 10 8.00 2.67 6.00
N ASN A 11 7.91 3.96 5.83
CA ASN A 11 7.75 4.88 6.99
C ASN A 11 6.88 6.09 6.58
N GLU A 12 6.88 7.12 7.37
CA GLU A 12 6.07 8.35 7.05
C GLU A 12 6.31 8.85 5.61
N LYS A 13 7.37 8.45 4.98
CA LYS A 13 7.66 8.95 3.60
C LYS A 13 6.70 8.34 2.56
N GLN A 14 7.04 7.19 2.05
CA GLN A 14 6.19 6.55 1.00
C GLN A 14 4.79 6.20 1.52
N LEU A 15 4.67 5.81 2.78
CA LEU A 15 3.31 5.45 3.31
C LEU A 15 2.31 6.59 3.08
N HIS A 16 2.67 7.78 3.48
CA HIS A 16 1.75 8.96 3.29
C HIS A 16 1.28 9.07 1.84
N THR A 17 2.16 8.89 0.89
CA THR A 17 1.73 9.01 -0.54
C THR A 17 0.63 7.98 -0.85
N LEU A 18 0.96 6.71 -0.77
CA LEU A 18 -0.04 5.64 -1.06
C LEU A 18 -1.42 5.92 -0.42
N ARG A 19 -1.47 6.53 0.74
CA ARG A 19 -2.80 6.81 1.38
C ARG A 19 -3.72 7.51 0.39
N THR A 20 -3.16 8.28 -0.49
CA THR A 20 -3.97 9.00 -1.51
C THR A 20 -4.59 7.96 -2.47
N CYS A 21 -3.83 6.97 -2.88
CA CYS A 21 -4.40 5.94 -3.80
C CYS A 21 -5.56 5.20 -3.12
N TYR A 22 -5.29 4.49 -2.04
CA TYR A 22 -6.36 3.71 -1.32
C TYR A 22 -7.66 4.52 -1.18
N ALA A 23 -7.57 5.71 -0.65
CA ALA A 23 -8.79 6.54 -0.45
C ALA A 23 -9.51 6.82 -1.79
N ALA A 24 -8.86 6.61 -2.90
CA ALA A 24 -9.54 6.87 -4.22
C ALA A 24 -10.13 5.58 -4.78
N ASN A 25 -9.46 4.50 -4.60
CA ASN A 25 -9.96 3.19 -5.11
C ASN A 25 -9.27 2.06 -4.33
N PRO A 26 -10.01 1.45 -3.43
CA PRO A 26 -9.46 0.34 -2.61
C PRO A 26 -9.31 -0.96 -3.41
N ARG A 27 -9.38 -0.90 -4.72
CA ARG A 27 -9.23 -2.16 -5.52
C ARG A 27 -8.56 -1.88 -6.86
N PRO A 28 -7.27 -1.61 -6.81
CA PRO A 28 -6.51 -1.33 -8.06
C PRO A 28 -6.04 -2.62 -8.72
N ASP A 29 -5.40 -2.53 -9.86
CA ASP A 29 -4.89 -3.75 -10.55
C ASP A 29 -3.83 -3.38 -11.60
N ALA A 30 -3.66 -4.20 -12.60
CA ALA A 30 -2.65 -3.91 -13.66
C ALA A 30 -2.77 -2.47 -14.15
N LEU A 31 -3.93 -1.89 -14.08
CA LEU A 31 -4.09 -0.49 -14.56
C LEU A 31 -3.28 0.46 -13.66
N MET A 32 -3.84 0.85 -12.54
CA MET A 32 -3.12 1.79 -11.62
C MET A 32 -1.76 1.22 -11.21
N LYS A 33 -1.63 -0.08 -11.12
CA LYS A 33 -0.32 -0.66 -10.73
C LYS A 33 0.81 -0.07 -11.58
N GLU A 34 0.55 0.15 -12.84
CA GLU A 34 1.60 0.72 -13.73
C GLU A 34 1.98 2.13 -13.28
N GLN A 35 1.05 3.03 -13.31
CA GLN A 35 1.37 4.42 -12.90
C GLN A 35 1.93 4.46 -11.47
N LEU A 36 1.39 3.65 -10.59
CA LEU A 36 1.86 3.62 -9.17
C LEU A 36 3.39 3.57 -9.12
N VAL A 37 3.98 2.70 -9.90
CA VAL A 37 5.47 2.58 -9.92
C VAL A 37 6.14 3.95 -10.15
N GLU A 38 5.71 4.70 -11.13
CA GLU A 38 6.35 6.03 -11.39
C GLU A 38 6.20 6.98 -10.20
N MET A 39 5.13 6.84 -9.46
CA MET A 39 4.93 7.75 -8.29
C MET A 39 6.00 7.50 -7.22
N THR A 40 6.38 6.26 -7.00
CA THR A 40 7.39 5.98 -5.94
C THR A 40 8.70 5.38 -6.51
N GLY A 41 8.71 5.02 -7.77
CA GLY A 41 9.95 4.43 -8.39
C GLY A 41 10.36 3.11 -7.71
N LEU A 42 9.53 2.59 -6.84
CA LEU A 42 9.89 1.30 -6.14
C LEU A 42 9.55 0.09 -7.02
N SER A 43 9.95 -1.09 -6.61
CA SER A 43 9.65 -2.32 -7.40
C SER A 43 8.16 -2.72 -7.20
N PRO A 44 7.64 -3.56 -8.08
CA PRO A 44 6.22 -3.99 -7.93
C PRO A 44 6.08 -4.95 -6.73
N ARG A 45 7.15 -5.59 -6.34
CA ARG A 45 7.07 -6.53 -5.17
C ARG A 45 6.44 -5.83 -3.95
N VAL A 46 6.95 -4.68 -3.58
CA VAL A 46 6.40 -3.93 -2.39
C VAL A 46 4.97 -3.44 -2.68
N ILE A 47 4.67 -3.16 -3.92
CA ILE A 47 3.31 -2.66 -4.29
C ILE A 47 2.23 -3.69 -3.95
N ARG A 48 2.26 -4.80 -4.64
CA ARG A 48 1.22 -5.85 -4.41
C ARG A 48 1.03 -6.18 -2.93
N VAL A 49 2.07 -6.51 -2.22
CA VAL A 49 1.89 -6.87 -0.77
C VAL A 49 1.30 -5.71 0.06
N TRP A 50 1.56 -4.48 -0.27
CA TRP A 50 0.99 -3.37 0.54
C TRP A 50 -0.55 -3.45 0.54
N PHE A 51 -1.17 -3.34 -0.60
CA PHE A 51 -2.66 -3.39 -0.67
C PHE A 51 -3.23 -4.61 0.08
N GLN A 52 -2.63 -5.74 -0.07
CA GLN A 52 -3.14 -6.97 0.63
C GLN A 52 -3.26 -6.70 2.14
N ASN A 53 -2.16 -6.59 2.83
CA ASN A 53 -2.20 -6.36 4.31
C ASN A 53 -3.08 -5.16 4.67
N LYS A 54 -3.22 -4.21 3.77
CA LYS A 54 -4.06 -3.01 4.07
C LYS A 54 -5.43 -3.42 4.64
N ARG A 55 -6.03 -4.48 4.15
CA ARG A 55 -7.37 -4.90 4.71
C ARG A 55 -7.29 -4.98 6.25
N CYS A 56 -6.36 -5.75 6.77
CA CYS A 56 -6.21 -5.83 8.26
C CYS A 56 -5.92 -4.43 8.79
N LYS A 57 -5.15 -3.67 8.04
CA LYS A 57 -4.80 -2.29 8.47
C LYS A 57 -6.02 -1.38 8.48
N ASP A 58 -6.93 -1.56 7.56
CA ASP A 58 -8.14 -0.68 7.51
C ASP A 58 -9.10 -1.17 6.43
N LYS A 59 -10.24 -0.55 6.29
CA LYS A 59 -11.21 -1.00 5.24
C LYS A 59 -12.38 -0.01 5.10
N LYS A 60 -13.35 -0.05 5.99
CA LYS A 60 -14.52 0.88 5.90
C LYS A 60 -14.06 2.33 6.06
N ARG A 61 -13.99 2.82 7.28
CA ARG A 61 -13.57 4.23 7.53
C ARG A 61 -14.38 5.17 6.66
N SER A 62 -15.57 5.47 7.10
CA SER A 62 -16.45 6.36 6.31
C SER A 62 -16.00 7.81 6.42
N ILE A 63 -16.57 8.65 5.61
CA ILE A 63 -16.18 10.09 5.63
C ILE A 63 -17.09 10.86 6.60
N MET A 64 -17.88 10.16 7.38
CA MET A 64 -18.79 10.86 8.33
C MET A 64 -17.98 11.42 9.52
N MET A 65 -18.47 12.45 10.16
CA MET A 65 -17.73 13.05 11.31
C MET A 65 -18.16 12.40 12.63
N LYS A 66 -17.38 11.47 13.14
CA LYS A 66 -17.72 10.81 14.44
C LYS A 66 -19.17 10.30 14.42
N MET A 1 6.74 -18.53 10.06
CA MET A 1 7.05 -19.96 10.34
C MET A 1 8.26 -20.42 9.51
N LYS A 2 9.44 -19.95 9.84
CA LYS A 2 10.66 -20.36 9.08
C LYS A 2 10.45 -20.17 7.57
N THR A 3 9.52 -19.33 7.18
CA THR A 3 9.29 -19.13 5.72
C THR A 3 9.25 -17.63 5.39
N THR A 4 8.15 -16.98 5.66
CA THR A 4 8.06 -15.52 5.35
C THR A 4 8.34 -14.69 6.60
N ARG A 5 8.98 -13.57 6.44
CA ARG A 5 9.29 -12.68 7.59
C ARG A 5 8.97 -11.24 7.22
N VAL A 6 9.57 -10.29 7.89
CA VAL A 6 9.30 -8.86 7.54
C VAL A 6 10.36 -8.34 6.57
N ARG A 7 9.97 -7.54 5.63
CA ARG A 7 10.93 -6.99 4.63
C ARG A 7 10.37 -5.70 4.03
N THR A 8 9.58 -5.00 4.78
CA THR A 8 8.96 -3.73 4.27
C THR A 8 9.89 -2.54 4.51
N VAL A 9 9.76 -1.52 3.71
CA VAL A 9 10.62 -0.30 3.89
C VAL A 9 9.80 0.96 3.63
N LEU A 10 8.51 0.87 3.75
CA LEU A 10 7.64 2.06 3.51
C LEU A 10 7.59 2.93 4.78
N ASN A 11 8.24 4.06 4.73
CA ASN A 11 8.26 4.99 5.91
C ASN A 11 7.17 6.06 5.78
N GLU A 12 6.95 6.83 6.83
CA GLU A 12 5.90 7.91 6.78
C GLU A 12 6.00 8.72 5.48
N LYS A 13 7.17 8.78 4.88
CA LYS A 13 7.33 9.55 3.61
C LYS A 13 6.56 8.88 2.47
N GLN A 14 7.08 7.82 1.93
CA GLN A 14 6.38 7.13 0.80
C GLN A 14 4.97 6.71 1.23
N LEU A 15 4.77 6.42 2.49
CA LEU A 15 3.42 6.02 2.98
C LEU A 15 2.37 7.03 2.54
N HIS A 16 2.62 8.28 2.79
CA HIS A 16 1.66 9.35 2.43
C HIS A 16 1.12 9.17 1.00
N THR A 17 1.95 8.76 0.08
CA THR A 17 1.47 8.57 -1.33
C THR A 17 0.36 7.52 -1.40
N LEU A 18 0.66 6.27 -1.14
CA LEU A 18 -0.39 5.20 -1.21
C LEU A 18 -1.62 5.61 -0.39
N ARG A 19 -1.40 6.27 0.71
CA ARG A 19 -2.53 6.70 1.58
C ARG A 19 -3.66 7.35 0.76
N THR A 20 -3.33 8.21 -0.14
CA THR A 20 -4.39 8.86 -0.97
C THR A 20 -5.06 7.86 -1.91
N CYS A 21 -4.30 6.93 -2.43
CA CYS A 21 -4.90 5.92 -3.36
C CYS A 21 -5.97 5.05 -2.67
N TYR A 22 -5.57 4.23 -1.73
CA TYR A 22 -6.55 3.34 -1.02
C TYR A 22 -7.78 4.13 -0.53
N ALA A 23 -7.55 5.23 0.14
CA ALA A 23 -8.71 6.04 0.66
C ALA A 23 -9.73 6.30 -0.45
N ALA A 24 -9.28 6.46 -1.66
CA ALA A 24 -10.23 6.72 -2.79
C ALA A 24 -10.56 5.44 -3.55
N ASN A 25 -9.69 4.46 -3.52
CA ASN A 25 -9.98 3.19 -4.27
C ASN A 25 -9.13 2.03 -3.75
N PRO A 26 -9.76 1.19 -2.95
CA PRO A 26 -9.06 0.01 -2.39
C PRO A 26 -9.00 -1.13 -3.42
N ARG A 27 -8.97 -0.83 -4.70
CA ARG A 27 -8.92 -1.94 -5.71
C ARG A 27 -8.22 -1.51 -7.00
N PRO A 28 -6.91 -1.41 -6.94
CA PRO A 28 -6.13 -1.05 -8.13
C PRO A 28 -5.87 -2.31 -8.96
N ASP A 29 -5.33 -2.17 -10.14
CA ASP A 29 -5.06 -3.38 -10.98
C ASP A 29 -3.97 -3.07 -12.01
N ALA A 30 -3.84 -3.91 -13.01
CA ALA A 30 -2.81 -3.71 -14.06
C ALA A 30 -2.80 -2.27 -14.60
N LEU A 31 -3.92 -1.58 -14.56
CA LEU A 31 -3.95 -0.18 -15.09
C LEU A 31 -3.06 0.75 -14.26
N MET A 32 -3.54 1.21 -13.15
CA MET A 32 -2.75 2.14 -12.29
C MET A 32 -1.45 1.48 -11.82
N LYS A 33 -1.48 0.20 -11.56
CA LYS A 33 -0.26 -0.51 -11.07
C LYS A 33 1.00 -0.07 -11.84
N GLU A 34 0.90 0.07 -13.13
CA GLU A 34 2.09 0.49 -13.92
C GLU A 34 2.56 1.88 -13.47
N GLN A 35 1.67 2.84 -13.49
CA GLN A 35 2.06 4.22 -13.07
C GLN A 35 2.52 4.24 -11.62
N LEU A 36 1.82 3.53 -10.75
CA LEU A 36 2.22 3.50 -9.30
C LEU A 36 3.72 3.27 -9.18
N VAL A 37 4.27 2.40 -9.98
CA VAL A 37 5.73 2.13 -9.92
C VAL A 37 6.51 3.44 -10.18
N GLU A 38 6.20 4.12 -11.25
CA GLU A 38 6.90 5.39 -11.58
C GLU A 38 6.70 6.45 -10.47
N MET A 39 5.59 6.43 -9.78
CA MET A 39 5.36 7.46 -8.72
C MET A 39 6.42 7.38 -7.62
N THR A 40 6.55 6.24 -6.96
CA THR A 40 7.59 6.14 -5.88
C THR A 40 8.85 5.44 -6.43
N GLY A 41 8.82 4.97 -7.64
CA GLY A 41 10.01 4.29 -8.22
C GLY A 41 10.30 2.99 -7.46
N LEU A 42 9.42 2.60 -6.58
CA LEU A 42 9.63 1.34 -5.81
C LEU A 42 9.31 0.15 -6.70
N SER A 43 9.83 -1.01 -6.38
CA SER A 43 9.54 -2.19 -7.23
C SER A 43 8.06 -2.58 -7.06
N PRO A 44 7.55 -3.33 -7.99
CA PRO A 44 6.13 -3.75 -7.91
C PRO A 44 5.93 -4.74 -6.76
N ARG A 45 6.97 -5.44 -6.39
CA ARG A 45 6.85 -6.42 -5.27
C ARG A 45 6.22 -5.78 -4.02
N VAL A 46 6.76 -4.69 -3.56
CA VAL A 46 6.18 -4.03 -2.34
C VAL A 46 4.74 -3.57 -2.61
N ILE A 47 4.49 -3.06 -3.78
CA ILE A 47 3.11 -2.56 -4.11
C ILE A 47 2.05 -3.65 -3.84
N ARG A 48 2.17 -4.78 -4.49
CA ARG A 48 1.18 -5.89 -4.30
C ARG A 48 0.90 -6.17 -2.81
N VAL A 49 1.91 -6.52 -2.07
CA VAL A 49 1.71 -6.84 -0.62
C VAL A 49 1.10 -5.67 0.15
N TRP A 50 1.37 -4.45 -0.25
CA TRP A 50 0.82 -3.29 0.50
C TRP A 50 -0.71 -3.35 0.60
N PHE A 51 -1.40 -3.28 -0.50
CA PHE A 51 -2.89 -3.30 -0.47
C PHE A 51 -3.41 -4.48 0.36
N GLN A 52 -2.91 -5.66 0.09
CA GLN A 52 -3.36 -6.87 0.84
C GLN A 52 -3.37 -6.63 2.35
N ASN A 53 -2.21 -6.45 2.94
CA ASN A 53 -2.14 -6.24 4.42
C ASN A 53 -3.14 -5.18 4.88
N LYS A 54 -3.18 -4.04 4.22
CA LYS A 54 -4.13 -2.96 4.64
C LYS A 54 -5.55 -3.51 4.82
N ARG A 55 -6.03 -4.24 3.85
CA ARG A 55 -7.42 -4.80 3.97
C ARG A 55 -7.62 -5.57 5.27
N CYS A 56 -6.74 -6.47 5.59
CA CYS A 56 -6.89 -7.27 6.84
C CYS A 56 -6.95 -6.36 8.07
N LYS A 57 -5.91 -5.61 8.32
CA LYS A 57 -5.90 -4.73 9.52
C LYS A 57 -6.95 -3.62 9.42
N ASP A 58 -7.29 -3.19 8.23
CA ASP A 58 -8.32 -2.11 8.10
C ASP A 58 -9.65 -2.58 8.68
N LYS A 59 -9.99 -2.11 9.86
CA LYS A 59 -11.29 -2.55 10.47
C LYS A 59 -11.57 -1.79 11.78
N LYS A 60 -10.83 -2.07 12.81
CA LYS A 60 -11.06 -1.38 14.12
C LYS A 60 -10.25 -0.08 14.24
N ARG A 61 -9.54 0.30 13.21
CA ARG A 61 -8.74 1.56 13.30
C ARG A 61 -9.43 2.71 12.55
N SER A 62 -10.73 2.69 12.46
CA SER A 62 -11.44 3.79 11.74
C SER A 62 -11.24 5.13 12.45
N ILE A 63 -10.37 5.96 11.96
CA ILE A 63 -10.15 7.28 12.63
C ILE A 63 -11.36 8.18 12.34
N MET A 64 -12.10 8.51 13.37
CA MET A 64 -13.31 9.36 13.18
C MET A 64 -13.34 10.48 14.21
N MET A 65 -13.17 10.14 15.46
CA MET A 65 -13.20 11.18 16.53
C MET A 65 -12.08 10.94 17.56
N LYS A 66 -10.86 10.80 17.12
CA LYS A 66 -9.74 10.58 18.09
C LYS A 66 -8.78 11.77 18.07
N MET A 1 11.43 -18.99 12.96
CA MET A 1 12.32 -18.21 13.86
C MET A 1 13.77 -18.30 13.39
N LYS A 2 13.98 -18.64 12.15
CA LYS A 2 15.37 -18.73 11.61
C LYS A 2 15.47 -17.96 10.30
N THR A 3 14.38 -17.85 9.58
CA THR A 3 14.39 -17.09 8.29
C THR A 3 14.01 -15.64 8.56
N THR A 4 14.75 -14.69 8.03
CA THR A 4 14.42 -13.26 8.26
C THR A 4 13.13 -12.89 7.52
N ARG A 5 12.27 -12.10 8.12
CA ARG A 5 11.00 -11.71 7.42
C ARG A 5 11.33 -11.06 6.07
N VAL A 6 10.34 -10.62 5.32
CA VAL A 6 10.63 -9.97 4.00
C VAL A 6 11.35 -8.63 4.22
N ARG A 7 12.07 -8.17 3.24
CA ARG A 7 12.81 -6.88 3.38
C ARG A 7 11.85 -5.71 3.13
N THR A 8 11.17 -5.26 4.17
CA THR A 8 10.22 -4.12 4.00
C THR A 8 10.98 -2.78 4.04
N VAL A 9 10.57 -1.84 3.23
CA VAL A 9 11.24 -0.50 3.20
C VAL A 9 10.19 0.61 3.16
N LEU A 10 8.95 0.27 3.43
CA LEU A 10 7.86 1.29 3.43
C LEU A 10 7.81 1.98 4.79
N ASN A 11 7.68 3.28 4.82
CA ASN A 11 7.64 3.99 6.13
C ASN A 11 6.79 5.25 6.06
N GLU A 12 6.92 6.11 7.04
CA GLU A 12 6.12 7.36 7.09
C GLU A 12 6.20 8.15 5.78
N LYS A 13 7.30 8.10 5.09
CA LYS A 13 7.41 8.88 3.81
C LYS A 13 6.52 8.30 2.71
N GLN A 14 6.85 7.14 2.22
CA GLN A 14 6.05 6.52 1.11
C GLN A 14 4.62 6.20 1.57
N LEU A 15 4.40 5.94 2.83
CA LEU A 15 3.00 5.61 3.30
C LEU A 15 2.05 6.76 2.97
N HIS A 16 2.44 7.96 3.26
CA HIS A 16 1.55 9.14 3.00
C HIS A 16 1.04 9.10 1.55
N THR A 17 1.93 9.01 0.60
CA THR A 17 1.49 8.97 -0.82
C THR A 17 0.48 7.83 -1.07
N LEU A 18 0.86 6.62 -0.78
CA LEU A 18 -0.08 5.46 -1.01
C LEU A 18 -1.46 5.74 -0.39
N ARG A 19 -1.49 6.35 0.76
CA ARG A 19 -2.82 6.65 1.41
C ARG A 19 -3.78 7.32 0.43
N THR A 20 -3.31 8.26 -0.35
CA THR A 20 -4.24 8.93 -1.32
C THR A 20 -4.74 7.92 -2.35
N CYS A 21 -3.91 7.00 -2.75
CA CYS A 21 -4.35 5.98 -3.76
C CYS A 21 -5.56 5.21 -3.21
N TYR A 22 -5.44 4.62 -2.04
CA TYR A 22 -6.58 3.86 -1.42
C TYR A 22 -7.89 4.65 -1.52
N ALA A 23 -7.84 5.93 -1.21
CA ALA A 23 -9.07 6.78 -1.26
C ALA A 23 -9.72 6.75 -2.64
N ALA A 24 -8.99 6.35 -3.65
CA ALA A 24 -9.58 6.32 -5.02
C ALA A 24 -10.23 4.97 -5.30
N ASN A 25 -9.62 3.92 -4.83
CA ASN A 25 -10.19 2.57 -5.05
C ASN A 25 -9.61 1.60 -4.01
N PRO A 26 -10.45 0.76 -3.45
CA PRO A 26 -9.98 -0.21 -2.42
C PRO A 26 -9.25 -1.38 -3.09
N ARG A 27 -9.18 -1.41 -4.39
CA ARG A 27 -8.49 -2.52 -5.09
C ARG A 27 -8.01 -2.07 -6.47
N PRO A 28 -6.77 -1.63 -6.55
CA PRO A 28 -6.23 -1.15 -7.85
C PRO A 28 -6.10 -2.30 -8.83
N ASP A 29 -5.60 -2.05 -10.02
CA ASP A 29 -5.47 -3.13 -11.04
C ASP A 29 -4.39 -2.79 -12.08
N ALA A 30 -4.37 -3.51 -13.17
CA ALA A 30 -3.36 -3.25 -14.25
C ALA A 30 -3.32 -1.75 -14.61
N LEU A 31 -4.41 -1.05 -14.43
CA LEU A 31 -4.43 0.41 -14.76
C LEU A 31 -3.49 1.17 -13.81
N MET A 32 -3.93 1.48 -12.63
CA MET A 32 -3.05 2.24 -11.69
C MET A 32 -1.73 1.50 -11.46
N LYS A 33 -1.73 0.20 -11.56
CA LYS A 33 -0.45 -0.56 -11.36
C LYS A 33 0.69 0.04 -12.21
N GLU A 34 0.41 0.43 -13.43
CA GLU A 34 1.49 1.00 -14.29
C GLU A 34 2.09 2.28 -13.68
N GLN A 35 1.33 3.34 -13.62
CA GLN A 35 1.87 4.63 -13.05
C GLN A 35 2.31 4.48 -11.58
N LEU A 36 1.68 3.63 -10.80
CA LEU A 36 2.09 3.48 -9.36
C LEU A 36 3.61 3.34 -9.25
N VAL A 37 4.21 2.48 -10.02
CA VAL A 37 5.69 2.30 -9.96
C VAL A 37 6.40 3.64 -10.16
N GLU A 38 5.94 4.42 -11.10
CA GLU A 38 6.60 5.73 -11.36
C GLU A 38 6.48 6.68 -10.16
N MET A 39 5.34 6.69 -9.51
CA MET A 39 5.13 7.61 -8.35
C MET A 39 6.15 7.36 -7.24
N THR A 40 6.57 6.14 -7.05
CA THR A 40 7.56 5.87 -5.95
C THR A 40 8.86 5.32 -6.55
N GLY A 41 8.80 4.77 -7.73
CA GLY A 41 10.03 4.21 -8.38
C GLY A 41 10.45 2.89 -7.70
N LEU A 42 9.70 2.44 -6.73
CA LEU A 42 10.05 1.15 -6.04
C LEU A 42 9.57 -0.05 -6.86
N SER A 43 10.01 -1.23 -6.51
CA SER A 43 9.60 -2.44 -7.28
C SER A 43 8.12 -2.76 -7.07
N PRO A 44 7.59 -3.57 -7.94
CA PRO A 44 6.17 -3.98 -7.85
C PRO A 44 5.98 -4.94 -6.67
N ARG A 45 7.03 -5.60 -6.25
CA ARG A 45 6.94 -6.54 -5.10
C ARG A 45 6.29 -5.87 -3.89
N VAL A 46 6.95 -4.91 -3.33
CA VAL A 46 6.38 -4.20 -2.14
C VAL A 46 4.99 -3.61 -2.48
N ILE A 47 4.82 -3.06 -3.65
CA ILE A 47 3.51 -2.47 -4.03
C ILE A 47 2.37 -3.46 -3.78
N ARG A 48 2.44 -4.61 -4.40
CA ARG A 48 1.36 -5.64 -4.22
C ARG A 48 1.09 -5.94 -2.73
N VAL A 49 2.08 -6.42 -2.01
CA VAL A 49 1.84 -6.78 -0.58
C VAL A 49 1.22 -5.62 0.22
N TRP A 50 1.54 -4.40 -0.10
CA TRP A 50 0.97 -3.26 0.69
C TRP A 50 -0.55 -3.35 0.77
N PHE A 51 -1.24 -3.21 -0.33
CA PHE A 51 -2.74 -3.29 -0.32
C PHE A 51 -3.20 -4.48 0.50
N GLN A 52 -2.62 -5.61 0.26
CA GLN A 52 -3.00 -6.84 1.02
C GLN A 52 -2.99 -6.61 2.53
N ASN A 53 -1.83 -6.43 3.11
CA ASN A 53 -1.72 -6.24 4.60
C ASN A 53 -2.60 -5.10 5.11
N LYS A 54 -2.71 -4.03 4.36
CA LYS A 54 -3.53 -2.85 4.80
C LYS A 54 -4.87 -3.30 5.42
N ARG A 55 -5.55 -4.21 4.78
CA ARG A 55 -6.87 -4.69 5.33
C ARG A 55 -6.74 -5.02 6.82
N CYS A 56 -5.71 -5.74 7.18
CA CYS A 56 -5.51 -6.10 8.62
C CYS A 56 -5.43 -4.84 9.49
N LYS A 57 -4.49 -3.97 9.24
CA LYS A 57 -4.36 -2.75 10.09
C LYS A 57 -5.59 -1.84 9.93
N ASP A 58 -6.27 -1.88 8.82
CA ASP A 58 -7.47 -1.02 8.66
C ASP A 58 -8.59 -1.47 9.61
N LYS A 59 -8.50 -2.67 10.15
CA LYS A 59 -9.54 -3.18 11.08
C LYS A 59 -10.92 -2.58 10.79
N LYS A 60 -11.30 -1.51 11.45
CA LYS A 60 -12.63 -0.91 11.17
C LYS A 60 -12.51 0.60 11.04
N ARG A 61 -12.26 1.28 12.13
CA ARG A 61 -12.17 2.77 12.09
C ARG A 61 -13.41 3.34 11.41
N SER A 62 -14.40 3.77 12.17
CA SER A 62 -15.64 4.29 11.52
C SER A 62 -16.16 5.55 12.22
N ILE A 63 -16.40 5.48 13.50
CA ILE A 63 -16.89 6.69 14.23
C ILE A 63 -15.79 7.76 14.24
N MET A 64 -15.93 8.78 13.45
CA MET A 64 -14.88 9.86 13.43
C MET A 64 -14.93 10.70 14.70
N MET A 65 -13.96 11.55 14.91
CA MET A 65 -13.98 12.43 16.12
C MET A 65 -14.60 13.79 15.78
N LYS A 66 -15.29 13.86 14.67
CA LYS A 66 -15.92 15.15 14.27
C LYS A 66 -17.40 15.15 14.67
N MET A 1 16.07 -23.95 7.76
CA MET A 1 14.68 -23.44 7.87
C MET A 1 14.56 -22.07 7.20
N LYS A 2 15.62 -21.59 6.60
CA LYS A 2 15.58 -20.26 5.92
C LYS A 2 15.10 -19.15 6.87
N THR A 3 13.81 -19.02 7.06
CA THR A 3 13.28 -17.95 7.97
C THR A 3 13.75 -16.58 7.49
N THR A 4 13.77 -16.37 6.21
CA THR A 4 14.23 -15.05 5.69
C THR A 4 13.45 -13.90 6.34
N ARG A 5 14.11 -13.08 7.11
CA ARG A 5 13.39 -11.94 7.77
C ARG A 5 12.75 -11.05 6.70
N VAL A 6 11.62 -10.48 6.98
CA VAL A 6 10.96 -9.60 5.97
C VAL A 6 11.86 -8.43 5.59
N ARG A 7 11.78 -7.99 4.35
CA ARG A 7 12.63 -6.86 3.89
C ARG A 7 11.76 -5.61 3.70
N THR A 8 11.18 -5.14 4.77
CA THR A 8 10.31 -3.92 4.68
C THR A 8 11.14 -2.68 4.99
N VAL A 9 10.84 -1.58 4.34
CA VAL A 9 11.60 -0.32 4.59
C VAL A 9 10.71 0.90 4.31
N LEU A 10 9.42 0.68 4.27
CA LEU A 10 8.47 1.81 4.02
C LEU A 10 8.19 2.57 5.33
N ASN A 11 8.71 3.76 5.45
CA ASN A 11 8.49 4.56 6.69
C ASN A 11 7.34 5.56 6.49
N GLU A 12 6.96 6.23 7.55
CA GLU A 12 5.85 7.25 7.47
C GLU A 12 5.98 8.12 6.22
N LYS A 13 7.19 8.31 5.75
CA LYS A 13 7.41 9.19 4.56
C LYS A 13 6.75 8.60 3.31
N GLN A 14 7.25 7.52 2.77
CA GLN A 14 6.61 6.95 1.55
C GLN A 14 5.18 6.49 1.86
N LEU A 15 4.93 6.05 3.06
CA LEU A 15 3.54 5.59 3.42
C LEU A 15 2.52 6.69 3.04
N HIS A 16 2.80 7.92 3.40
CA HIS A 16 1.84 9.04 3.07
C HIS A 16 1.40 8.95 1.60
N THR A 17 2.34 8.73 0.71
CA THR A 17 1.98 8.65 -0.74
C THR A 17 0.86 7.64 -0.95
N LEU A 18 1.13 6.39 -0.67
CA LEU A 18 0.10 5.33 -0.87
C LEU A 18 -1.22 5.67 -0.12
N ARG A 19 -1.13 6.36 1.00
CA ARG A 19 -2.38 6.70 1.77
C ARG A 19 -3.47 7.31 0.86
N THR A 20 -3.15 8.32 0.10
CA THR A 20 -4.19 8.94 -0.79
C THR A 20 -4.60 7.97 -1.91
N CYS A 21 -3.71 7.09 -2.32
CA CYS A 21 -4.06 6.13 -3.41
C CYS A 21 -5.31 5.32 -3.04
N TYR A 22 -5.36 4.77 -1.85
CA TYR A 22 -6.55 3.98 -1.43
C TYR A 22 -7.84 4.81 -1.59
N ALA A 23 -7.80 6.06 -1.22
CA ALA A 23 -9.01 6.92 -1.35
C ALA A 23 -9.47 6.97 -2.81
N ALA A 24 -8.63 6.59 -3.73
CA ALA A 24 -9.03 6.63 -5.16
C ALA A 24 -9.67 5.30 -5.59
N ASN A 25 -9.26 4.22 -4.98
CA ASN A 25 -9.87 2.90 -5.35
C ASN A 25 -9.69 1.88 -4.23
N PRO A 26 -10.71 1.09 -3.97
CA PRO A 26 -10.61 0.05 -2.93
C PRO A 26 -9.90 -1.20 -3.49
N ARG A 27 -9.63 -1.22 -4.77
CA ARG A 27 -8.94 -2.39 -5.37
C ARG A 27 -8.28 -2.01 -6.70
N PRO A 28 -6.99 -1.79 -6.68
CA PRO A 28 -6.28 -1.44 -7.91
C PRO A 28 -5.89 -2.72 -8.67
N ASP A 29 -5.37 -2.59 -9.87
CA ASP A 29 -5.03 -3.81 -10.66
C ASP A 29 -3.97 -3.48 -11.72
N ALA A 30 -3.77 -4.35 -12.67
CA ALA A 30 -2.75 -4.11 -13.74
C ALA A 30 -2.88 -2.71 -14.36
N LEU A 31 -4.03 -2.09 -14.26
CA LEU A 31 -4.21 -0.72 -14.86
C LEU A 31 -3.33 0.31 -14.13
N MET A 32 -3.78 0.80 -13.00
CA MET A 32 -3.00 1.83 -12.24
C MET A 32 -1.62 1.27 -11.82
N LYS A 33 -1.48 -0.03 -11.70
CA LYS A 33 -0.17 -0.62 -11.29
C LYS A 33 0.99 0.01 -12.09
N GLU A 34 0.77 0.28 -13.35
CA GLU A 34 1.84 0.89 -14.21
C GLU A 34 2.26 2.27 -13.67
N GLN A 35 1.36 3.22 -13.68
CA GLN A 35 1.70 4.60 -13.19
C GLN A 35 2.15 4.56 -11.72
N LEU A 36 1.49 3.76 -10.91
CA LEU A 36 1.88 3.67 -9.46
C LEU A 36 3.41 3.56 -9.33
N VAL A 37 4.00 2.71 -10.11
CA VAL A 37 5.48 2.54 -10.05
C VAL A 37 6.18 3.88 -10.31
N GLU A 38 5.76 4.58 -11.32
CA GLU A 38 6.39 5.89 -11.66
C GLU A 38 6.33 6.86 -10.47
N MET A 39 5.24 6.89 -9.75
CA MET A 39 5.12 7.83 -8.60
C MET A 39 6.21 7.59 -7.55
N THR A 40 6.22 6.43 -6.95
CA THR A 40 7.24 6.15 -5.90
C THR A 40 8.47 5.42 -6.45
N GLY A 41 8.52 5.16 -7.73
CA GLY A 41 9.70 4.44 -8.31
C GLY A 41 9.95 3.12 -7.58
N LEU A 42 9.05 2.71 -6.74
CA LEU A 42 9.25 1.42 -6.01
C LEU A 42 8.94 0.26 -6.96
N SER A 43 9.43 -0.92 -6.68
CA SER A 43 9.14 -2.07 -7.57
C SER A 43 7.69 -2.52 -7.38
N PRO A 44 7.22 -3.42 -8.22
CA PRO A 44 5.83 -3.90 -8.08
C PRO A 44 5.73 -4.81 -6.86
N ARG A 45 6.82 -5.42 -6.47
CA ARG A 45 6.79 -6.33 -5.29
C ARG A 45 6.14 -5.64 -4.09
N VAL A 46 6.65 -4.51 -3.67
CA VAL A 46 6.05 -3.82 -2.49
C VAL A 46 4.62 -3.35 -2.78
N ILE A 47 4.35 -2.89 -3.97
CA ILE A 47 2.97 -2.40 -4.30
C ILE A 47 1.91 -3.46 -3.97
N ARG A 48 1.95 -4.57 -4.64
CA ARG A 48 0.93 -5.64 -4.41
C ARG A 48 0.85 -6.03 -2.92
N VAL A 49 1.96 -6.41 -2.33
CA VAL A 49 1.91 -6.85 -0.89
C VAL A 49 1.35 -5.75 0.03
N TRP A 50 1.63 -4.50 -0.24
CA TRP A 50 1.14 -3.42 0.67
C TRP A 50 -0.39 -3.49 0.88
N PHE A 51 -1.17 -3.28 -0.16
CA PHE A 51 -2.65 -3.31 -0.01
C PHE A 51 -3.15 -4.55 0.76
N GLN A 52 -2.63 -5.71 0.44
CA GLN A 52 -3.09 -6.96 1.13
C GLN A 52 -3.10 -6.77 2.66
N ASN A 53 -1.95 -6.73 3.26
CA ASN A 53 -1.89 -6.57 4.74
C ASN A 53 -2.70 -5.37 5.24
N LYS A 54 -2.67 -4.26 4.54
CA LYS A 54 -3.43 -3.05 5.00
C LYS A 54 -4.84 -3.40 5.45
N ARG A 55 -5.60 -4.04 4.59
CA ARG A 55 -7.00 -4.38 4.96
C ARG A 55 -7.08 -5.12 6.30
N CYS A 56 -6.38 -6.21 6.43
CA CYS A 56 -6.42 -6.99 7.71
C CYS A 56 -5.93 -6.16 8.91
N LYS A 57 -4.80 -5.54 8.79
CA LYS A 57 -4.24 -4.75 9.93
C LYS A 57 -5.17 -3.59 10.30
N ASP A 58 -5.61 -2.83 9.33
CA ASP A 58 -6.50 -1.68 9.62
C ASP A 58 -7.81 -2.15 10.26
N LYS A 59 -7.87 -2.14 11.58
CA LYS A 59 -9.13 -2.59 12.25
C LYS A 59 -10.27 -1.63 11.94
N LYS A 60 -10.35 -0.54 12.67
CA LYS A 60 -11.43 0.45 12.43
C LYS A 60 -10.88 1.64 11.61
N ARG A 61 -9.68 2.08 11.91
CA ARG A 61 -9.08 3.22 11.17
C ARG A 61 -9.97 4.47 11.27
N SER A 62 -10.95 4.58 10.40
CA SER A 62 -11.86 5.77 10.46
C SER A 62 -13.20 5.47 9.79
N ILE A 63 -13.80 4.34 10.09
CA ILE A 63 -15.12 4.01 9.46
C ILE A 63 -16.26 4.72 10.20
N MET A 64 -17.21 5.24 9.48
CA MET A 64 -18.35 5.96 10.13
C MET A 64 -17.82 7.05 11.06
N MET A 65 -17.67 8.25 10.56
CA MET A 65 -17.17 9.36 11.43
C MET A 65 -18.21 9.71 12.50
N LYS A 66 -18.08 9.15 13.68
CA LYS A 66 -19.08 9.45 14.75
C LYS A 66 -18.38 10.07 15.97
N MET A 1 17.81 -21.84 5.06
CA MET A 1 16.61 -21.81 5.93
C MET A 1 15.56 -20.85 5.37
N LYS A 2 14.40 -20.79 5.98
CA LYS A 2 13.33 -19.89 5.47
C LYS A 2 13.51 -18.47 6.02
N THR A 3 13.44 -17.50 5.16
CA THR A 3 13.59 -16.08 5.59
C THR A 3 12.25 -15.35 5.45
N THR A 4 11.73 -14.77 6.51
CA THR A 4 10.42 -14.04 6.39
C THR A 4 10.30 -12.97 7.48
N ARG A 5 11.40 -12.45 7.94
CA ARG A 5 11.36 -11.40 9.00
C ARG A 5 10.94 -10.05 8.42
N VAL A 6 10.43 -9.18 9.25
CA VAL A 6 9.98 -7.84 8.78
C VAL A 6 11.11 -7.07 8.09
N ARG A 7 11.13 -7.06 6.78
CA ARG A 7 12.21 -6.32 6.05
C ARG A 7 11.61 -5.28 5.09
N THR A 8 10.44 -4.75 5.40
CA THR A 8 9.82 -3.72 4.50
C THR A 8 10.60 -2.41 4.55
N VAL A 9 10.34 -1.52 3.62
CA VAL A 9 11.06 -0.21 3.62
C VAL A 9 10.06 0.94 3.47
N LEU A 10 8.81 0.70 3.80
CA LEU A 10 7.76 1.76 3.72
C LEU A 10 7.72 2.54 5.04
N ASN A 11 8.12 3.78 5.04
CA ASN A 11 8.07 4.58 6.30
C ASN A 11 6.84 5.48 6.32
N GLU A 12 6.63 6.15 7.41
CA GLU A 12 5.48 7.10 7.52
C GLU A 12 5.47 8.05 6.32
N LYS A 13 6.62 8.26 5.73
CA LYS A 13 6.74 9.16 4.56
C LYS A 13 6.10 8.53 3.31
N GLN A 14 6.66 7.47 2.81
CA GLN A 14 6.10 6.80 1.61
C GLN A 14 4.65 6.38 1.85
N LEU A 15 4.32 6.01 3.07
CA LEU A 15 2.93 5.57 3.37
C LEU A 15 1.91 6.64 2.95
N HIS A 16 2.14 7.86 3.34
CA HIS A 16 1.17 8.96 3.00
C HIS A 16 0.76 8.93 1.51
N THR A 17 1.69 8.73 0.61
CA THR A 17 1.33 8.71 -0.84
C THR A 17 0.21 7.69 -1.12
N LEU A 18 0.49 6.42 -0.95
CA LEU A 18 -0.55 5.38 -1.20
C LEU A 18 -1.87 5.73 -0.47
N ARG A 19 -1.77 6.36 0.68
CA ARG A 19 -3.01 6.72 1.45
C ARG A 19 -4.04 7.42 0.55
N THR A 20 -3.60 8.36 -0.23
CA THR A 20 -4.57 9.09 -1.12
C THR A 20 -5.10 8.14 -2.21
N CYS A 21 -4.24 7.33 -2.75
CA CYS A 21 -4.71 6.37 -3.81
C CYS A 21 -5.83 5.49 -3.25
N TYR A 22 -5.58 4.88 -2.13
CA TYR A 22 -6.60 4.00 -1.49
C TYR A 22 -7.92 4.75 -1.27
N ALA A 23 -7.87 5.93 -0.71
CA ALA A 23 -9.13 6.71 -0.47
C ALA A 23 -9.90 6.90 -1.79
N ALA A 24 -9.22 6.81 -2.90
CA ALA A 24 -9.91 6.99 -4.21
C ALA A 24 -10.25 5.63 -4.83
N ASN A 25 -9.49 4.62 -4.52
CA ASN A 25 -9.78 3.28 -5.11
C ASN A 25 -9.20 2.14 -4.25
N PRO A 26 -10.09 1.50 -3.53
CA PRO A 26 -9.67 0.36 -2.67
C PRO A 26 -9.52 -0.94 -3.47
N ARG A 27 -9.33 -0.86 -4.76
CA ARG A 27 -9.17 -2.11 -5.58
C ARG A 27 -8.43 -1.81 -6.91
N PRO A 28 -7.14 -1.58 -6.81
CA PRO A 28 -6.33 -1.30 -8.02
C PRO A 28 -5.90 -2.61 -8.69
N ASP A 29 -5.28 -2.54 -9.84
CA ASP A 29 -4.84 -3.80 -10.54
C ASP A 29 -3.75 -3.49 -11.58
N ALA A 30 -3.58 -4.36 -12.55
CA ALA A 30 -2.54 -4.16 -13.60
C ALA A 30 -2.66 -2.77 -14.25
N LEU A 31 -3.82 -2.17 -14.22
CA LEU A 31 -3.98 -0.82 -14.84
C LEU A 31 -3.17 0.22 -14.07
N MET A 32 -3.47 0.37 -12.82
CA MET A 32 -2.74 1.37 -11.97
C MET A 32 -1.28 0.96 -11.73
N LYS A 33 -0.98 -0.32 -11.76
CA LYS A 33 0.43 -0.77 -11.50
C LYS A 33 1.44 0.04 -12.34
N GLU A 34 1.06 0.50 -13.50
CA GLU A 34 2.02 1.26 -14.34
C GLU A 34 2.44 2.58 -13.65
N GLN A 35 1.58 3.55 -13.66
CA GLN A 35 1.94 4.86 -13.02
C GLN A 35 2.36 4.67 -11.56
N LEU A 36 1.69 3.82 -10.83
CA LEU A 36 2.06 3.57 -9.40
C LEU A 36 3.59 3.34 -9.27
N VAL A 37 4.18 2.60 -10.17
CA VAL A 37 5.66 2.35 -10.09
C VAL A 37 6.42 3.68 -10.20
N GLU A 38 6.01 4.54 -11.09
CA GLU A 38 6.70 5.84 -11.28
C GLU A 38 6.64 6.68 -10.00
N MET A 39 5.57 6.57 -9.26
CA MET A 39 5.41 7.38 -8.02
C MET A 39 6.49 7.06 -6.96
N THR A 40 6.62 5.82 -6.56
CA THR A 40 7.66 5.50 -5.52
C THR A 40 8.94 4.95 -6.15
N GLY A 41 8.93 4.67 -7.43
CA GLY A 41 10.17 4.17 -8.11
C GLY A 41 10.57 2.76 -7.65
N LEU A 42 9.81 2.16 -6.76
CA LEU A 42 10.19 0.79 -6.30
C LEU A 42 9.66 -0.29 -7.28
N SER A 43 9.91 -1.53 -7.00
CA SER A 43 9.41 -2.62 -7.90
C SER A 43 7.89 -2.79 -7.73
N PRO A 44 7.28 -3.58 -8.59
CA PRO A 44 5.82 -3.80 -8.49
C PRO A 44 5.49 -4.79 -7.37
N ARG A 45 6.43 -5.61 -6.98
CA ARG A 45 6.15 -6.60 -5.91
C ARG A 45 5.62 -5.90 -4.66
N VAL A 46 6.31 -4.93 -4.15
CA VAL A 46 5.84 -4.21 -2.92
C VAL A 46 4.50 -3.49 -3.18
N ILE A 47 4.25 -3.05 -4.38
CA ILE A 47 2.94 -2.35 -4.66
C ILE A 47 1.78 -3.29 -4.33
N ARG A 48 1.79 -4.46 -4.91
CA ARG A 48 0.70 -5.45 -4.68
C ARG A 48 0.57 -5.80 -3.18
N VAL A 49 1.63 -6.21 -2.55
CA VAL A 49 1.53 -6.61 -1.10
C VAL A 49 1.05 -5.46 -0.22
N TRP A 50 1.32 -4.23 -0.58
CA TRP A 50 0.88 -3.10 0.29
C TRP A 50 -0.64 -3.18 0.56
N PHE A 51 -1.45 -3.13 -0.45
CA PHE A 51 -2.93 -3.19 -0.23
C PHE A 51 -3.32 -4.37 0.66
N GLN A 52 -2.75 -5.52 0.43
CA GLN A 52 -3.08 -6.70 1.26
C GLN A 52 -2.82 -6.45 2.75
N ASN A 53 -1.57 -6.59 3.17
CA ASN A 53 -1.24 -6.40 4.62
C ASN A 53 -1.80 -5.08 5.16
N LYS A 54 -1.88 -4.04 4.35
CA LYS A 54 -2.41 -2.73 4.84
C LYS A 54 -3.60 -2.96 5.79
N ARG A 55 -4.44 -3.90 5.47
CA ARG A 55 -5.62 -4.20 6.34
C ARG A 55 -5.17 -4.43 7.80
N CYS A 56 -4.10 -5.17 8.01
CA CYS A 56 -3.64 -5.43 9.41
C CYS A 56 -3.41 -4.11 10.16
N LYS A 57 -2.66 -3.20 9.57
CA LYS A 57 -2.42 -1.91 10.27
C LYS A 57 -3.74 -1.13 10.42
N ASP A 58 -4.55 -1.11 9.40
CA ASP A 58 -5.85 -0.37 9.50
C ASP A 58 -6.82 -1.09 10.44
N LYS A 59 -6.45 -1.30 11.67
CA LYS A 59 -7.37 -2.01 12.62
C LYS A 59 -8.63 -1.18 12.90
N LYS A 60 -9.76 -1.63 12.38
CA LYS A 60 -11.05 -0.91 12.61
C LYS A 60 -10.89 0.62 12.43
N ARG A 61 -10.62 1.35 13.49
CA ARG A 61 -10.45 2.83 13.37
C ARG A 61 -11.67 3.45 12.67
N SER A 62 -12.83 2.89 12.86
CA SER A 62 -14.05 3.45 12.22
C SER A 62 -14.34 4.83 12.81
N ILE A 63 -15.30 5.53 12.27
CA ILE A 63 -15.62 6.88 12.79
C ILE A 63 -16.77 6.79 13.81
N MET A 64 -17.13 5.59 14.18
CA MET A 64 -18.23 5.41 15.19
C MET A 64 -19.45 6.27 14.83
N MET A 65 -19.63 7.38 15.47
CA MET A 65 -20.80 8.25 15.15
C MET A 65 -20.52 9.06 13.88
N LYS A 66 -21.51 9.72 13.36
CA LYS A 66 -21.30 10.53 12.12
C LYS A 66 -21.76 11.97 12.35
N MET A 1 13.70 -21.48 9.24
CA MET A 1 14.37 -21.63 7.91
C MET A 1 14.28 -20.31 7.12
N LYS A 2 13.09 -19.94 6.71
CA LYS A 2 12.93 -18.67 5.94
C LYS A 2 12.55 -17.53 6.89
N THR A 3 12.98 -16.34 6.60
CA THR A 3 12.65 -15.19 7.50
C THR A 3 11.57 -14.31 6.85
N THR A 4 10.41 -14.21 7.46
CA THR A 4 9.34 -13.36 6.87
C THR A 4 9.08 -12.15 7.76
N ARG A 5 10.09 -11.67 8.44
CA ARG A 5 9.91 -10.48 9.33
C ARG A 5 9.68 -9.23 8.48
N VAL A 6 9.22 -8.16 9.07
CA VAL A 6 8.98 -6.91 8.29
C VAL A 6 10.29 -6.44 7.64
N ARG A 7 10.59 -6.96 6.47
CA ARG A 7 11.85 -6.57 5.78
C ARG A 7 11.60 -5.37 4.86
N THR A 8 10.54 -4.64 5.09
CA THR A 8 10.25 -3.47 4.22
C THR A 8 10.86 -2.19 4.80
N VAL A 9 11.15 -1.24 3.95
CA VAL A 9 11.75 0.03 4.44
C VAL A 9 10.80 1.19 4.13
N LEU A 10 9.55 1.04 4.43
CA LEU A 10 8.55 2.12 4.15
C LEU A 10 8.62 3.21 5.22
N ASN A 11 9.16 4.34 4.88
CA ASN A 11 9.24 5.46 5.87
C ASN A 11 7.98 6.33 5.77
N GLU A 12 7.78 7.19 6.71
CA GLU A 12 6.57 8.07 6.68
C GLU A 12 6.40 8.75 5.31
N LYS A 13 7.48 8.96 4.61
CA LYS A 13 7.41 9.63 3.28
C LYS A 13 6.74 8.73 2.22
N GLN A 14 7.32 7.60 1.94
CA GLN A 14 6.75 6.69 0.89
C GLN A 14 5.27 6.38 1.15
N LEU A 15 4.92 5.99 2.34
CA LEU A 15 3.49 5.65 2.64
C LEU A 15 2.54 6.75 2.17
N HIS A 16 2.96 7.98 2.19
CA HIS A 16 2.06 9.10 1.77
C HIS A 16 1.43 8.83 0.40
N THR A 17 2.21 8.51 -0.59
CA THR A 17 1.64 8.27 -1.95
C THR A 17 0.52 7.23 -1.89
N LEU A 18 0.85 6.02 -1.53
CA LEU A 18 -0.19 4.94 -1.45
C LEU A 18 -1.40 5.39 -0.63
N ARG A 19 -1.17 6.07 0.47
CA ARG A 19 -2.32 6.52 1.32
C ARG A 19 -3.41 7.23 0.50
N THR A 20 -3.02 8.09 -0.40
CA THR A 20 -4.05 8.81 -1.22
C THR A 20 -4.79 7.85 -2.14
N CYS A 21 -4.12 6.84 -2.63
CA CYS A 21 -4.79 5.86 -3.54
C CYS A 21 -5.95 5.15 -2.83
N TYR A 22 -5.65 4.47 -1.75
CA TYR A 22 -6.71 3.73 -1.00
C TYR A 22 -7.96 4.60 -0.78
N ALA A 23 -7.77 5.84 -0.40
CA ALA A 23 -8.94 6.74 -0.17
C ALA A 23 -9.82 6.85 -1.42
N ALA A 24 -9.24 7.20 -2.54
CA ALA A 24 -10.04 7.36 -3.80
C ALA A 24 -10.06 6.07 -4.62
N ASN A 25 -9.34 5.05 -4.20
CA ASN A 25 -9.33 3.78 -4.97
C ASN A 25 -8.86 2.63 -4.08
N PRO A 26 -9.80 1.99 -3.43
CA PRO A 26 -9.47 0.86 -2.54
C PRO A 26 -9.31 -0.44 -3.34
N ARG A 27 -9.18 -0.35 -4.65
CA ARG A 27 -9.02 -1.59 -5.47
C ARG A 27 -8.30 -1.25 -6.79
N PRO A 28 -6.99 -1.38 -6.78
CA PRO A 28 -6.20 -1.08 -7.99
C PRO A 28 -6.19 -2.27 -8.94
N ASP A 29 -5.51 -2.17 -10.06
CA ASP A 29 -5.46 -3.30 -11.02
C ASP A 29 -4.31 -3.14 -12.00
N ALA A 30 -4.27 -3.99 -12.99
CA ALA A 30 -3.16 -3.94 -14.00
C ALA A 30 -2.93 -2.52 -14.54
N LEU A 31 -3.96 -1.71 -14.60
CA LEU A 31 -3.79 -0.33 -15.15
C LEU A 31 -2.93 0.55 -14.24
N MET A 32 -3.50 1.11 -13.21
CA MET A 32 -2.71 2.00 -12.29
C MET A 32 -1.53 1.26 -11.66
N LYS A 33 -1.62 -0.04 -11.50
CA LYS A 33 -0.48 -0.79 -10.88
C LYS A 33 0.85 -0.42 -11.53
N GLU A 34 0.90 -0.39 -12.85
CA GLU A 34 2.17 -0.04 -13.54
C GLU A 34 2.61 1.39 -13.18
N GLN A 35 1.77 2.36 -13.45
CA GLN A 35 2.13 3.78 -13.14
C GLN A 35 2.35 3.97 -11.64
N LEU A 36 1.65 3.25 -10.81
CA LEU A 36 1.82 3.41 -9.32
C LEU A 36 3.31 3.40 -8.94
N VAL A 37 4.06 2.51 -9.54
CA VAL A 37 5.53 2.44 -9.21
C VAL A 37 6.18 3.82 -9.32
N GLU A 38 6.03 4.47 -10.44
CA GLU A 38 6.67 5.81 -10.62
C GLU A 38 6.18 6.79 -9.54
N MET A 39 4.91 6.77 -9.22
CA MET A 39 4.38 7.70 -8.19
C MET A 39 5.03 7.48 -6.82
N THR A 40 5.42 6.27 -6.50
CA THR A 40 6.05 6.03 -5.16
C THR A 40 7.57 5.80 -5.28
N GLY A 41 8.05 5.41 -6.43
CA GLY A 41 9.53 5.23 -6.60
C GLY A 41 9.98 3.76 -6.47
N LEU A 42 9.45 3.00 -5.55
CA LEU A 42 9.94 1.58 -5.42
C LEU A 42 9.30 0.63 -6.44
N SER A 43 9.84 -0.57 -6.56
CA SER A 43 9.32 -1.57 -7.55
C SER A 43 7.90 -2.03 -7.21
N PRO A 44 7.33 -2.81 -8.10
CA PRO A 44 5.96 -3.33 -7.91
C PRO A 44 5.95 -4.44 -6.86
N ARG A 45 7.08 -5.05 -6.60
CA ARG A 45 7.13 -6.15 -5.59
C ARG A 45 6.42 -5.72 -4.30
N VAL A 46 6.82 -4.61 -3.75
CA VAL A 46 6.18 -4.11 -2.49
C VAL A 46 4.70 -3.74 -2.75
N ILE A 47 4.39 -3.19 -3.89
CA ILE A 47 2.97 -2.80 -4.17
C ILE A 47 2.01 -3.98 -3.94
N ARG A 48 2.27 -5.09 -4.56
CA ARG A 48 1.38 -6.29 -4.41
C ARG A 48 1.07 -6.60 -2.94
N VAL A 49 2.07 -6.99 -2.18
CA VAL A 49 1.83 -7.36 -0.75
C VAL A 49 1.23 -6.20 0.06
N TRP A 50 1.53 -4.98 -0.27
CA TRP A 50 1.01 -3.83 0.53
C TRP A 50 -0.52 -3.90 0.68
N PHE A 51 -1.24 -3.82 -0.40
CA PHE A 51 -2.74 -3.86 -0.32
C PHE A 51 -3.23 -5.06 0.51
N GLN A 52 -2.63 -6.21 0.32
CA GLN A 52 -3.07 -7.41 1.09
C GLN A 52 -3.16 -7.12 2.59
N ASN A 53 -2.04 -7.01 3.26
CA ASN A 53 -2.06 -6.73 4.73
C ASN A 53 -2.90 -5.49 5.04
N LYS A 54 -2.74 -4.46 4.25
CA LYS A 54 -3.52 -3.20 4.48
C LYS A 54 -5.00 -3.51 4.76
N ARG A 55 -5.59 -4.35 3.95
CA ARG A 55 -7.04 -4.69 4.16
C ARG A 55 -7.28 -5.22 5.57
N CYS A 56 -6.73 -6.36 5.90
CA CYS A 56 -6.95 -6.94 7.26
C CYS A 56 -6.49 -5.96 8.35
N LYS A 57 -5.45 -5.22 8.09
CA LYS A 57 -4.96 -4.26 9.14
C LYS A 57 -6.01 -3.18 9.39
N ASP A 58 -6.51 -2.55 8.36
CA ASP A 58 -7.53 -1.47 8.56
C ASP A 58 -8.87 -2.05 9.06
N LYS A 59 -8.86 -2.76 10.16
CA LYS A 59 -10.15 -3.32 10.67
C LYS A 59 -11.10 -2.18 11.05
N LYS A 60 -11.86 -1.70 10.10
CA LYS A 60 -12.81 -0.59 10.37
C LYS A 60 -12.08 0.61 10.99
N ARG A 61 -12.79 1.69 11.20
CA ARG A 61 -12.15 2.90 11.80
C ARG A 61 -13.23 3.94 12.13
N SER A 62 -14.13 3.61 13.01
CA SER A 62 -15.21 4.58 13.38
C SER A 62 -15.08 5.01 14.84
N ILE A 63 -16.18 5.38 15.47
CA ILE A 63 -16.10 5.82 16.90
C ILE A 63 -15.35 4.78 17.75
N MET A 64 -14.41 5.23 18.53
CA MET A 64 -13.63 4.28 19.37
C MET A 64 -14.42 3.94 20.64
N MET A 65 -14.22 2.77 21.18
CA MET A 65 -14.95 2.36 22.42
C MET A 65 -14.27 2.95 23.66
N LYS A 66 -15.00 3.09 24.74
CA LYS A 66 -14.41 3.65 25.99
C LYS A 66 -13.51 4.86 25.69
N MET A 1 1.86 -14.12 10.30
CA MET A 1 2.28 -15.21 9.37
C MET A 1 3.76 -15.57 9.60
N LYS A 2 4.65 -14.61 9.56
CA LYS A 2 6.10 -14.91 9.78
C LYS A 2 6.64 -15.85 8.69
N THR A 3 6.21 -15.66 7.47
CA THR A 3 6.69 -16.53 6.36
C THR A 3 7.91 -15.86 5.70
N THR A 4 7.70 -14.80 4.99
CA THR A 4 8.84 -14.09 4.32
C THR A 4 9.54 -13.16 5.32
N ARG A 5 10.84 -13.29 5.46
CA ARG A 5 11.58 -12.43 6.43
C ARG A 5 11.32 -10.94 6.15
N VAL A 6 11.95 -10.07 6.92
CA VAL A 6 11.75 -8.62 6.70
C VAL A 6 12.67 -8.14 5.57
N ARG A 7 12.11 -7.53 4.57
CA ARG A 7 12.93 -7.05 3.43
C ARG A 7 12.41 -5.70 2.90
N THR A 8 11.37 -5.17 3.49
CA THR A 8 10.83 -3.87 3.01
C THR A 8 11.54 -2.70 3.70
N VAL A 9 11.33 -1.50 3.23
CA VAL A 9 11.98 -0.31 3.86
C VAL A 9 11.02 0.88 3.81
N LEU A 10 9.73 0.61 3.85
CA LEU A 10 8.76 1.74 3.81
C LEU A 10 8.66 2.38 5.19
N ASN A 11 8.32 3.64 5.25
CA ASN A 11 8.23 4.33 6.57
C ASN A 11 7.24 5.48 6.53
N GLU A 12 7.25 6.32 7.52
CA GLU A 12 6.32 7.49 7.57
C GLU A 12 6.44 8.38 6.32
N LYS A 13 7.50 8.25 5.54
CA LYS A 13 7.66 9.12 4.33
C LYS A 13 6.73 8.67 3.17
N GLN A 14 7.16 7.68 2.41
CA GLN A 14 6.34 7.21 1.24
C GLN A 14 4.96 6.71 1.67
N LEU A 15 4.81 6.21 2.87
CA LEU A 15 3.46 5.71 3.29
C LEU A 15 2.39 6.79 3.04
N HIS A 16 2.70 8.02 3.33
CA HIS A 16 1.69 9.10 3.10
C HIS A 16 1.15 9.06 1.66
N THR A 17 2.01 8.91 0.69
CA THR A 17 1.52 8.89 -0.74
C THR A 17 0.49 7.77 -0.97
N LEU A 18 0.89 6.52 -0.81
CA LEU A 18 -0.08 5.40 -1.06
C LEU A 18 -1.44 5.69 -0.38
N ARG A 19 -1.43 6.25 0.81
CA ARG A 19 -2.73 6.55 1.51
C ARG A 19 -3.72 7.27 0.60
N THR A 20 -3.23 8.13 -0.25
CA THR A 20 -4.16 8.87 -1.17
C THR A 20 -4.70 7.90 -2.23
N CYS A 21 -3.90 6.96 -2.64
CA CYS A 21 -4.37 5.98 -3.68
C CYS A 21 -5.55 5.17 -3.15
N TYR A 22 -5.35 4.44 -2.08
CA TYR A 22 -6.45 3.59 -1.52
C TYR A 22 -7.71 4.42 -1.32
N ALA A 23 -7.58 5.62 -0.85
CA ALA A 23 -8.77 6.48 -0.64
C ALA A 23 -9.55 6.63 -1.95
N ALA A 24 -8.93 6.31 -3.06
CA ALA A 24 -9.62 6.41 -4.38
C ALA A 24 -10.22 5.05 -4.75
N ASN A 25 -9.49 3.99 -4.50
CA ASN A 25 -10.00 2.63 -4.84
C ASN A 25 -9.33 1.58 -3.94
N PRO A 26 -10.14 0.73 -3.35
CA PRO A 26 -9.61 -0.34 -2.46
C PRO A 26 -9.10 -1.54 -3.28
N ARG A 27 -8.94 -1.38 -4.57
CA ARG A 27 -8.47 -2.52 -5.42
C ARG A 27 -7.81 -2.03 -6.73
N PRO A 28 -6.50 -1.91 -6.73
CA PRO A 28 -5.76 -1.50 -7.94
C PRO A 28 -5.52 -2.71 -8.86
N ASP A 29 -5.05 -2.48 -10.06
CA ASP A 29 -4.83 -3.63 -11.00
C ASP A 29 -3.77 -3.30 -12.06
N ALA A 30 -3.70 -4.08 -13.10
CA ALA A 30 -2.68 -3.85 -14.18
C ALA A 30 -2.68 -2.38 -14.63
N LEU A 31 -3.81 -1.71 -14.59
CA LEU A 31 -3.86 -0.28 -15.03
C LEU A 31 -3.02 0.63 -14.12
N MET A 32 -3.38 0.68 -12.87
CA MET A 32 -2.64 1.57 -11.92
C MET A 32 -1.19 1.08 -11.76
N LYS A 33 -0.94 -0.17 -11.98
CA LYS A 33 0.45 -0.72 -11.85
C LYS A 33 1.49 0.20 -12.53
N GLU A 34 1.22 0.66 -13.72
CA GLU A 34 2.20 1.54 -14.43
C GLU A 34 2.45 2.83 -13.62
N GLN A 35 1.40 3.58 -13.35
CA GLN A 35 1.56 4.84 -12.57
C GLN A 35 2.11 4.55 -11.17
N LEU A 36 1.60 3.52 -10.53
CA LEU A 36 2.10 3.18 -9.17
C LEU A 36 3.62 3.13 -9.15
N VAL A 37 4.22 2.46 -10.10
CA VAL A 37 5.70 2.40 -10.14
C VAL A 37 6.29 3.82 -10.28
N GLU A 38 5.78 4.60 -11.20
CA GLU A 38 6.31 5.97 -11.41
C GLU A 38 6.15 6.84 -10.15
N MET A 39 5.12 6.62 -9.38
CA MET A 39 4.90 7.45 -8.15
C MET A 39 6.12 7.33 -7.22
N THR A 40 6.52 6.14 -6.87
CA THR A 40 7.71 5.99 -5.97
C THR A 40 8.91 5.39 -6.73
N GLY A 41 8.71 4.98 -7.95
CA GLY A 41 9.84 4.38 -8.75
C GLY A 41 10.19 2.98 -8.24
N LEU A 42 9.51 2.51 -7.23
CA LEU A 42 9.81 1.16 -6.66
C LEU A 42 9.14 0.04 -7.49
N SER A 43 9.45 -1.21 -7.18
CA SER A 43 8.82 -2.34 -7.93
C SER A 43 7.36 -2.50 -7.53
N PRO A 44 6.61 -3.19 -8.35
CA PRO A 44 5.19 -3.44 -8.02
C PRO A 44 5.11 -4.48 -6.89
N ARG A 45 6.22 -5.10 -6.55
CA ARG A 45 6.24 -6.12 -5.44
C ARG A 45 5.70 -5.51 -4.15
N VAL A 46 6.29 -4.42 -3.71
CA VAL A 46 5.83 -3.77 -2.44
C VAL A 46 4.34 -3.42 -2.51
N ILE A 47 3.89 -2.87 -3.60
CA ILE A 47 2.44 -2.51 -3.73
C ILE A 47 1.51 -3.71 -3.54
N ARG A 48 1.70 -4.79 -4.25
CA ARG A 48 0.77 -5.96 -4.09
C ARG A 48 0.57 -6.29 -2.61
N VAL A 49 1.60 -6.74 -1.94
CA VAL A 49 1.45 -7.06 -0.50
C VAL A 49 1.00 -5.83 0.28
N TRP A 50 1.42 -4.65 -0.13
CA TRP A 50 1.00 -3.43 0.63
C TRP A 50 -0.53 -3.38 0.78
N PHE A 51 -1.25 -3.27 -0.31
CA PHE A 51 -2.75 -3.21 -0.22
C PHE A 51 -3.29 -4.36 0.63
N GLN A 52 -2.79 -5.54 0.41
CA GLN A 52 -3.26 -6.73 1.18
C GLN A 52 -3.21 -6.44 2.69
N ASN A 53 -2.03 -6.23 3.22
CA ASN A 53 -1.90 -5.94 4.68
C ASN A 53 -2.80 -4.79 5.11
N LYS A 54 -2.86 -3.74 4.33
CA LYS A 54 -3.71 -2.55 4.67
C LYS A 54 -5.07 -3.01 5.23
N ARG A 55 -5.73 -3.85 4.50
CA ARG A 55 -7.06 -4.37 4.94
C ARG A 55 -6.97 -4.95 6.36
N CYS A 56 -6.05 -5.86 6.58
CA CYS A 56 -5.91 -6.49 7.94
C CYS A 56 -5.70 -5.42 9.00
N LYS A 57 -4.85 -4.46 8.75
CA LYS A 57 -4.61 -3.39 9.76
C LYS A 57 -5.88 -2.54 9.88
N ASP A 58 -6.52 -2.23 8.78
CA ASP A 58 -7.77 -1.42 8.84
C ASP A 58 -8.92 -2.23 9.46
N LYS A 59 -8.77 -2.67 10.68
CA LYS A 59 -9.86 -3.45 11.34
C LYS A 59 -11.12 -2.58 11.48
N LYS A 60 -11.98 -2.90 12.42
CA LYS A 60 -13.23 -2.10 12.60
C LYS A 60 -12.95 -0.71 13.18
N ARG A 61 -13.34 0.33 12.47
CA ARG A 61 -13.13 1.71 12.98
C ARG A 61 -14.28 2.63 12.53
N SER A 62 -14.41 2.86 11.25
CA SER A 62 -15.53 3.74 10.77
C SER A 62 -16.80 2.93 10.52
N ILE A 63 -16.82 1.70 10.91
CA ILE A 63 -18.04 0.88 10.72
C ILE A 63 -18.81 0.85 12.04
N MET A 64 -20.07 1.18 12.03
CA MET A 64 -20.83 1.17 13.31
C MET A 64 -21.67 -0.10 13.42
N MET A 65 -21.56 -0.79 14.53
CA MET A 65 -22.32 -2.06 14.73
C MET A 65 -23.80 -1.77 15.02
N LYS A 66 -24.63 -2.78 14.92
CA LYS A 66 -26.09 -2.58 15.19
C LYS A 66 -26.66 -1.45 14.32
N MET A 1 14.03 -23.18 2.38
CA MET A 1 13.13 -23.64 3.47
C MET A 1 12.95 -22.53 4.52
N LYS A 2 13.91 -21.65 4.63
CA LYS A 2 13.80 -20.54 5.61
C LYS A 2 13.05 -19.35 4.99
N THR A 3 12.47 -18.52 5.80
CA THR A 3 11.73 -17.35 5.26
C THR A 3 12.66 -16.15 5.07
N THR A 4 12.27 -15.19 4.26
CA THR A 4 13.14 -14.00 4.04
C THR A 4 13.15 -13.11 5.29
N ARG A 5 14.00 -12.12 5.32
CA ARG A 5 14.05 -11.21 6.50
C ARG A 5 13.26 -9.94 6.21
N VAL A 6 12.65 -9.38 7.23
CA VAL A 6 11.86 -8.13 7.03
C VAL A 6 12.80 -6.93 6.90
N ARG A 7 13.15 -6.58 5.70
CA ARG A 7 14.05 -5.41 5.50
C ARG A 7 13.40 -4.44 4.53
N THR A 8 12.11 -4.27 4.64
CA THR A 8 11.37 -3.35 3.74
C THR A 8 11.79 -1.91 4.00
N VAL A 9 11.50 -1.01 3.09
CA VAL A 9 11.88 0.41 3.32
C VAL A 9 10.61 1.30 3.35
N LEU A 10 9.48 0.71 3.58
CA LEU A 10 8.21 1.51 3.63
C LEU A 10 8.07 2.22 4.97
N ASN A 11 7.89 3.51 4.96
CA ASN A 11 7.71 4.22 6.26
C ASN A 11 6.75 5.40 6.11
N GLU A 12 6.73 6.27 7.08
CA GLU A 12 5.82 7.46 7.04
C GLU A 12 5.93 8.21 5.71
N LYS A 13 7.10 8.23 5.10
CA LYS A 13 7.27 8.99 3.81
C LYS A 13 6.53 8.35 2.64
N GLN A 14 7.03 7.24 2.13
CA GLN A 14 6.38 6.60 0.94
C GLN A 14 4.88 6.33 1.16
N LEU A 15 4.48 5.93 2.34
CA LEU A 15 3.02 5.64 2.58
C LEU A 15 2.15 6.85 2.23
N HIS A 16 2.66 8.05 2.38
CA HIS A 16 1.81 9.24 2.06
C HIS A 16 1.10 9.04 0.71
N THR A 17 1.82 8.63 -0.30
CA THR A 17 1.18 8.40 -1.62
C THR A 17 0.10 7.32 -1.50
N LEU A 18 0.48 6.12 -1.14
CA LEU A 18 -0.52 5.01 -1.01
C LEU A 18 -1.74 5.46 -0.20
N ARG A 19 -1.54 6.21 0.84
CA ARG A 19 -2.70 6.68 1.67
C ARG A 19 -3.78 7.31 0.77
N THR A 20 -3.41 8.28 -0.05
CA THR A 20 -4.43 8.93 -0.93
C THR A 20 -4.95 7.93 -1.97
N CYS A 21 -4.13 6.99 -2.35
CA CYS A 21 -4.57 6.00 -3.37
C CYS A 21 -5.80 5.25 -2.86
N TYR A 22 -5.67 4.55 -1.77
CA TYR A 22 -6.85 3.81 -1.20
C TYR A 22 -8.06 4.73 -1.13
N ALA A 23 -7.86 5.96 -0.73
CA ALA A 23 -9.01 6.93 -0.66
C ALA A 23 -9.67 7.08 -2.03
N ALA A 24 -8.96 6.78 -3.08
CA ALA A 24 -9.54 6.92 -4.46
C ALA A 24 -10.06 5.56 -4.94
N ASN A 25 -9.39 4.51 -4.60
CA ASN A 25 -9.84 3.15 -5.03
C ASN A 25 -9.31 2.09 -4.05
N PRO A 26 -10.21 1.30 -3.51
CA PRO A 26 -9.80 0.25 -2.55
C PRO A 26 -9.33 -1.02 -3.28
N ARG A 27 -9.21 -0.98 -4.59
CA ARG A 27 -8.77 -2.21 -5.33
C ARG A 27 -8.08 -1.86 -6.66
N PRO A 28 -6.82 -1.53 -6.58
CA PRO A 28 -6.06 -1.21 -7.81
C PRO A 28 -5.51 -2.52 -8.40
N ASP A 29 -4.94 -2.47 -9.57
CA ASP A 29 -4.41 -3.73 -10.17
C ASP A 29 -3.44 -3.40 -11.31
N ALA A 30 -3.38 -4.26 -12.29
CA ALA A 30 -2.47 -4.00 -13.45
C ALA A 30 -2.62 -2.56 -13.94
N LEU A 31 -3.77 -1.96 -13.71
CA LEU A 31 -4.00 -0.55 -14.17
C LEU A 31 -3.15 0.47 -13.40
N MET A 32 -3.57 0.85 -12.23
CA MET A 32 -2.81 1.90 -11.47
C MET A 32 -1.39 1.45 -11.10
N LYS A 33 -1.16 0.18 -10.90
CA LYS A 33 0.22 -0.25 -10.50
C LYS A 33 1.27 0.33 -11.45
N GLU A 34 0.96 0.42 -12.72
CA GLU A 34 1.96 0.99 -13.68
C GLU A 34 2.36 2.40 -13.26
N GLN A 35 1.48 3.36 -13.41
CA GLN A 35 1.83 4.75 -13.04
C GLN A 35 2.34 4.82 -11.59
N LEU A 36 1.69 4.15 -10.67
CA LEU A 36 2.15 4.18 -9.25
C LEU A 36 3.66 3.90 -9.17
N VAL A 37 4.16 2.96 -9.92
CA VAL A 37 5.62 2.67 -9.87
C VAL A 37 6.45 3.92 -10.25
N GLU A 38 6.00 4.69 -11.20
CA GLU A 38 6.76 5.90 -11.63
C GLU A 38 6.91 6.92 -10.49
N MET A 39 5.87 7.11 -9.73
CA MET A 39 5.94 8.11 -8.63
C MET A 39 6.97 7.71 -7.57
N THR A 40 7.15 6.43 -7.34
CA THR A 40 8.15 6.01 -6.32
C THR A 40 9.38 5.42 -7.02
N GLY A 41 9.23 4.94 -8.22
CA GLY A 41 10.39 4.37 -8.97
C GLY A 41 10.64 2.92 -8.55
N LEU A 42 10.19 2.54 -7.40
CA LEU A 42 10.41 1.15 -6.91
C LEU A 42 9.56 0.15 -7.69
N SER A 43 9.74 -1.12 -7.43
CA SER A 43 8.96 -2.16 -8.14
C SER A 43 7.54 -2.28 -7.57
N PRO A 44 6.72 -3.01 -8.27
CA PRO A 44 5.32 -3.23 -7.83
C PRO A 44 5.28 -4.23 -6.66
N ARG A 45 6.31 -5.03 -6.52
CA ARG A 45 6.36 -6.05 -5.42
C ARG A 45 5.94 -5.43 -4.08
N VAL A 46 6.60 -4.38 -3.67
CA VAL A 46 6.26 -3.73 -2.36
C VAL A 46 4.76 -3.38 -2.31
N ILE A 47 4.25 -2.78 -3.35
CA ILE A 47 2.80 -2.39 -3.35
C ILE A 47 1.93 -3.65 -3.41
N ARG A 48 2.30 -4.62 -4.21
CA ARG A 48 1.49 -5.88 -4.33
C ARG A 48 1.03 -6.35 -2.94
N VAL A 49 1.95 -6.68 -2.08
CA VAL A 49 1.58 -7.16 -0.71
C VAL A 49 0.96 -6.05 0.15
N TRP A 50 1.26 -4.79 -0.10
CA TRP A 50 0.70 -3.69 0.76
C TRP A 50 -0.83 -3.79 0.88
N PHE A 51 -1.54 -3.56 -0.21
CA PHE A 51 -3.04 -3.61 -0.15
C PHE A 51 -3.51 -4.84 0.61
N GLN A 52 -2.99 -5.98 0.26
CA GLN A 52 -3.39 -7.24 0.97
C GLN A 52 -3.37 -7.02 2.49
N ASN A 53 -2.21 -6.85 3.05
CA ASN A 53 -2.10 -6.64 4.53
C ASN A 53 -3.06 -5.54 5.00
N LYS A 54 -3.17 -4.47 4.26
CA LYS A 54 -4.06 -3.34 4.67
C LYS A 54 -5.40 -3.84 5.22
N ARG A 55 -6.01 -4.81 4.58
CA ARG A 55 -7.33 -5.30 5.06
C ARG A 55 -7.27 -5.64 6.56
N CYS A 56 -6.20 -6.25 7.01
CA CYS A 56 -6.10 -6.59 8.47
C CYS A 56 -6.25 -5.33 9.33
N LYS A 57 -5.35 -4.40 9.20
CA LYS A 57 -5.41 -3.15 10.01
C LYS A 57 -6.68 -2.34 9.68
N ASP A 58 -7.06 -2.31 8.44
CA ASP A 58 -8.26 -1.53 8.04
C ASP A 58 -9.51 -2.02 8.78
N LYS A 59 -9.62 -3.30 9.02
CA LYS A 59 -10.82 -3.84 9.75
C LYS A 59 -12.13 -3.31 9.11
N LYS A 60 -12.74 -2.28 9.66
CA LYS A 60 -13.99 -1.75 9.04
C LYS A 60 -14.07 -0.24 9.26
N ARG A 61 -13.54 0.53 8.35
CA ARG A 61 -13.57 2.01 8.50
C ARG A 61 -14.78 2.58 7.77
N SER A 62 -15.52 3.45 8.43
CA SER A 62 -16.73 4.06 7.79
C SER A 62 -17.76 2.98 7.44
N ILE A 63 -19.01 3.21 7.76
CA ILE A 63 -20.06 2.20 7.42
C ILE A 63 -20.70 2.57 6.08
N MET A 64 -20.78 1.65 5.16
CA MET A 64 -21.40 1.95 3.84
C MET A 64 -22.64 1.07 3.63
N MET A 65 -22.43 -0.18 3.34
CA MET A 65 -23.56 -1.13 3.13
C MET A 65 -24.50 -0.60 2.03
N LYS A 66 -23.98 0.14 1.09
CA LYS A 66 -24.83 0.67 -0.01
C LYS A 66 -26.14 1.23 0.54
N MET A 1 11.94 -24.49 -0.69
CA MET A 1 13.16 -23.72 -0.33
C MET A 1 12.80 -22.26 -0.03
N LYS A 2 13.29 -21.73 1.06
CA LYS A 2 12.98 -20.32 1.45
C LYS A 2 11.48 -20.12 1.54
N THR A 3 10.82 -19.91 0.44
CA THR A 3 9.33 -19.72 0.47
C THR A 3 8.95 -18.52 1.34
N THR A 4 9.88 -17.67 1.64
CA THR A 4 9.56 -16.50 2.49
C THR A 4 8.69 -15.51 1.72
N ARG A 5 7.69 -14.97 2.37
CA ARG A 5 6.79 -13.99 1.67
C ARG A 5 7.45 -12.62 1.58
N VAL A 6 6.79 -11.68 0.96
CA VAL A 6 7.36 -10.30 0.85
C VAL A 6 6.73 -9.39 1.91
N ARG A 7 7.54 -8.63 2.59
CA ARG A 7 7.02 -7.72 3.65
C ARG A 7 7.21 -6.26 3.22
N THR A 8 6.15 -5.50 3.11
CA THR A 8 6.31 -4.07 2.72
C THR A 8 7.25 -3.40 3.73
N VAL A 9 8.10 -2.55 3.26
CA VAL A 9 9.08 -1.88 4.19
C VAL A 9 9.16 -0.38 3.88
N LEU A 10 8.09 0.20 3.43
CA LEU A 10 8.11 1.65 3.10
C LEU A 10 8.04 2.50 4.37
N ASN A 11 8.74 3.61 4.39
CA ASN A 11 8.73 4.48 5.59
C ASN A 11 7.66 5.56 5.49
N GLU A 12 7.54 6.35 6.54
CA GLU A 12 6.54 7.45 6.57
C GLU A 12 6.60 8.34 5.32
N LYS A 13 7.70 8.32 4.58
CA LYS A 13 7.77 9.19 3.36
C LYS A 13 6.88 8.62 2.24
N GLN A 14 7.29 7.53 1.64
CA GLN A 14 6.48 6.94 0.50
C GLN A 14 5.07 6.49 0.91
N LEU A 15 4.91 5.90 2.06
CA LEU A 15 3.54 5.43 2.45
C LEU A 15 2.52 6.58 2.37
N HIS A 16 2.97 7.79 2.58
CA HIS A 16 2.03 8.96 2.50
C HIS A 16 1.22 8.89 1.20
N THR A 17 1.88 8.69 0.09
CA THR A 17 1.16 8.62 -1.21
C THR A 17 0.07 7.54 -1.19
N LEU A 18 0.44 6.30 -0.94
CA LEU A 18 -0.58 5.20 -0.91
C LEU A 18 -1.83 5.61 -0.08
N ARG A 19 -1.65 6.23 1.04
CA ARG A 19 -2.82 6.65 1.90
C ARG A 19 -3.91 7.35 1.06
N THR A 20 -3.54 8.34 0.29
CA THR A 20 -4.57 9.07 -0.52
C THR A 20 -5.18 8.15 -1.58
N CYS A 21 -4.42 7.24 -2.10
CA CYS A 21 -4.95 6.32 -3.15
C CYS A 21 -6.13 5.49 -2.60
N TYR A 22 -5.87 4.66 -1.62
CA TYR A 22 -6.96 3.82 -1.05
C TYR A 22 -8.17 4.68 -0.65
N ALA A 23 -7.94 5.88 -0.20
CA ALA A 23 -9.09 6.75 0.19
C ALA A 23 -9.98 7.00 -1.02
N ALA A 24 -9.43 6.82 -2.19
CA ALA A 24 -10.20 7.06 -3.44
C ALA A 24 -10.82 5.77 -3.97
N ASN A 25 -10.02 4.78 -4.28
CA ASN A 25 -10.59 3.52 -4.82
C ASN A 25 -9.62 2.34 -4.69
N PRO A 26 -9.80 1.58 -3.65
CA PRO A 26 -8.95 0.39 -3.42
C PRO A 26 -9.19 -0.65 -4.50
N ARG A 27 -8.65 -1.81 -4.31
CA ARG A 27 -8.81 -2.94 -5.29
C ARG A 27 -7.99 -2.72 -6.59
N PRO A 28 -6.93 -1.93 -6.50
CA PRO A 28 -6.09 -1.65 -7.71
C PRO A 28 -5.40 -2.94 -8.18
N ASP A 29 -4.72 -2.88 -9.28
CA ASP A 29 -4.02 -4.09 -9.79
C ASP A 29 -2.99 -3.70 -10.85
N ALA A 30 -2.60 -4.63 -11.68
CA ALA A 30 -1.59 -4.34 -12.75
C ALA A 30 -1.89 -3.01 -13.46
N LEU A 31 -3.12 -2.56 -13.47
CA LEU A 31 -3.46 -1.28 -14.16
C LEU A 31 -2.76 -0.09 -13.50
N MET A 32 -3.31 0.40 -12.42
CA MET A 32 -2.73 1.58 -11.73
C MET A 32 -1.29 1.29 -11.23
N LYS A 33 -0.98 0.04 -10.96
CA LYS A 33 0.40 -0.29 -10.49
C LYS A 33 1.46 0.28 -11.45
N GLU A 34 1.14 0.33 -12.72
CA GLU A 34 2.12 0.87 -13.72
C GLU A 34 2.48 2.32 -13.36
N GLN A 35 1.50 3.16 -13.18
CA GLN A 35 1.78 4.58 -12.80
C GLN A 35 2.42 4.64 -11.41
N LEU A 36 1.78 4.05 -10.42
CA LEU A 36 2.34 4.07 -9.03
C LEU A 36 3.84 3.76 -9.05
N VAL A 37 4.27 2.78 -9.83
CA VAL A 37 5.73 2.47 -9.88
C VAL A 37 6.52 3.75 -10.19
N GLU A 38 6.17 4.41 -11.26
CA GLU A 38 6.86 5.67 -11.65
C GLU A 38 6.81 6.70 -10.51
N MET A 39 5.66 6.87 -9.91
CA MET A 39 5.51 7.87 -8.82
C MET A 39 6.47 7.62 -7.65
N THR A 40 6.78 6.39 -7.35
CA THR A 40 7.72 6.14 -6.19
C THR A 40 9.08 5.63 -6.68
N GLY A 41 9.16 5.14 -7.90
CA GLY A 41 10.46 4.63 -8.41
C GLY A 41 10.68 3.17 -7.96
N LEU A 42 10.04 2.76 -6.89
CA LEU A 42 10.21 1.36 -6.40
C LEU A 42 9.53 0.35 -7.34
N SER A 43 9.74 -0.91 -7.10
CA SER A 43 9.09 -1.97 -7.94
C SER A 43 7.62 -2.17 -7.52
N PRO A 44 6.85 -2.81 -8.37
CA PRO A 44 5.42 -3.06 -8.06
C PRO A 44 5.26 -4.17 -7.01
N ARG A 45 6.30 -4.92 -6.76
CA ARG A 45 6.22 -6.02 -5.75
C ARG A 45 5.73 -5.48 -4.40
N VAL A 46 6.34 -4.43 -3.95
CA VAL A 46 5.97 -3.83 -2.65
C VAL A 46 4.52 -3.35 -2.67
N ILE A 47 4.07 -2.80 -3.77
CA ILE A 47 2.65 -2.32 -3.86
C ILE A 47 1.69 -3.51 -3.78
N ARG A 48 1.91 -4.53 -4.56
CA ARG A 48 1.01 -5.72 -4.57
C ARG A 48 0.62 -6.15 -3.15
N VAL A 49 1.57 -6.58 -2.35
CA VAL A 49 1.23 -7.03 -0.96
C VAL A 49 0.71 -5.88 -0.07
N TRP A 50 1.12 -4.66 -0.30
CA TRP A 50 0.66 -3.54 0.59
C TRP A 50 -0.87 -3.50 0.67
N PHE A 51 -1.53 -3.36 -0.45
CA PHE A 51 -3.02 -3.31 -0.43
C PHE A 51 -3.61 -4.55 0.24
N GLN A 52 -3.08 -5.70 -0.06
CA GLN A 52 -3.61 -6.97 0.52
C GLN A 52 -3.75 -6.86 2.05
N ASN A 53 -2.69 -7.08 2.79
CA ASN A 53 -2.77 -7.01 4.28
C ASN A 53 -3.48 -5.72 4.75
N LYS A 54 -3.18 -4.62 4.13
CA LYS A 54 -3.82 -3.31 4.52
C LYS A 54 -5.33 -3.48 4.75
N ARG A 55 -6.00 -4.11 3.84
CA ARG A 55 -7.47 -4.28 3.99
C ARG A 55 -7.83 -4.92 5.34
N CYS A 56 -7.21 -6.02 5.70
CA CYS A 56 -7.54 -6.68 7.00
C CYS A 56 -7.31 -5.75 8.19
N LYS A 57 -6.10 -5.26 8.34
CA LYS A 57 -5.81 -4.36 9.50
C LYS A 57 -6.68 -3.10 9.44
N ASP A 58 -7.01 -2.64 8.25
CA ASP A 58 -7.87 -1.42 8.15
C ASP A 58 -9.24 -1.66 8.78
N LYS A 59 -9.58 -0.88 9.77
CA LYS A 59 -10.92 -1.04 10.43
C LYS A 59 -11.12 0.07 11.47
N LYS A 60 -11.74 1.16 11.07
CA LYS A 60 -11.97 2.29 12.02
C LYS A 60 -10.65 2.80 12.59
N ARG A 61 -10.43 4.09 12.54
CA ARG A 61 -9.14 4.64 13.05
C ARG A 61 -9.26 6.14 13.32
N SER A 62 -9.94 6.86 12.47
CA SER A 62 -10.08 8.32 12.69
C SER A 62 -11.55 8.72 12.70
N ILE A 63 -12.30 8.20 13.64
CA ILE A 63 -13.75 8.53 13.73
C ILE A 63 -13.92 9.66 14.76
N MET A 64 -14.48 10.76 14.36
CA MET A 64 -14.67 11.89 15.32
C MET A 64 -16.12 11.95 15.80
N MET A 65 -17.00 11.20 15.19
CA MET A 65 -18.42 11.22 15.61
C MET A 65 -18.55 10.64 17.03
N LYS A 66 -18.96 11.44 17.97
CA LYS A 66 -19.12 10.94 19.37
C LYS A 66 -17.79 10.37 19.88
N MET A 1 12.65 -19.78 -3.49
CA MET A 1 13.77 -20.01 -2.53
C MET A 1 14.17 -18.69 -1.86
N LYS A 2 13.21 -17.92 -1.45
CA LYS A 2 13.54 -16.61 -0.80
C LYS A 2 13.44 -16.71 0.72
N THR A 3 14.29 -16.00 1.42
CA THR A 3 14.24 -16.04 2.91
C THR A 3 13.33 -14.91 3.40
N THR A 4 12.62 -15.12 4.48
CA THR A 4 11.71 -14.06 5.02
C THR A 4 10.66 -13.67 3.98
N ARG A 5 9.49 -13.30 4.43
CA ARG A 5 8.41 -12.90 3.48
C ARG A 5 8.69 -11.48 2.97
N VAL A 6 8.13 -11.12 1.84
CA VAL A 6 8.37 -9.75 1.30
C VAL A 6 7.74 -8.69 2.22
N ARG A 7 8.39 -8.36 3.30
CA ARG A 7 7.82 -7.34 4.23
C ARG A 7 7.99 -5.93 3.63
N THR A 8 7.23 -4.97 4.10
CA THR A 8 7.36 -3.59 3.55
C THR A 8 8.55 -2.88 4.19
N VAL A 9 9.15 -1.95 3.48
CA VAL A 9 10.31 -1.21 4.06
C VAL A 9 10.14 0.31 3.90
N LEU A 10 8.95 0.75 3.58
CA LEU A 10 8.73 2.23 3.43
C LEU A 10 8.50 2.82 4.82
N ASN A 11 8.13 4.07 4.90
CA ASN A 11 7.90 4.67 6.25
C ASN A 11 6.80 5.73 6.19
N GLU A 12 6.75 6.53 7.22
CA GLU A 12 5.74 7.61 7.34
C GLU A 12 5.68 8.48 6.07
N LYS A 13 6.80 8.75 5.46
CA LYS A 13 6.81 9.63 4.24
C LYS A 13 6.18 8.92 3.03
N GLN A 14 6.80 7.88 2.54
CA GLN A 14 6.24 7.18 1.34
C GLN A 14 4.79 6.73 1.57
N LEU A 15 4.48 6.22 2.74
CA LEU A 15 3.09 5.74 3.00
C LEU A 15 2.06 6.83 2.71
N HIS A 16 2.33 8.06 3.06
CA HIS A 16 1.32 9.14 2.78
C HIS A 16 0.88 9.09 1.32
N THR A 17 1.80 8.87 0.42
CA THR A 17 1.43 8.81 -1.02
C THR A 17 0.35 7.74 -1.26
N LEU A 18 0.63 6.50 -0.93
CA LEU A 18 -0.38 5.43 -1.14
C LEU A 18 -1.69 5.74 -0.40
N ARG A 19 -1.59 6.28 0.79
CA ARG A 19 -2.83 6.62 1.58
C ARG A 19 -3.84 7.36 0.71
N THR A 20 -3.38 8.31 -0.07
CA THR A 20 -4.32 9.06 -0.96
C THR A 20 -4.90 8.11 -2.00
N CYS A 21 -4.11 7.20 -2.49
CA CYS A 21 -4.61 6.23 -3.51
C CYS A 21 -5.75 5.39 -2.90
N TYR A 22 -5.51 4.79 -1.77
CA TYR A 22 -6.54 3.94 -1.09
C TYR A 22 -7.89 4.67 -0.99
N ALA A 23 -7.87 5.94 -0.65
CA ALA A 23 -9.15 6.71 -0.51
C ALA A 23 -9.99 6.68 -1.80
N ALA A 24 -9.40 7.02 -2.92
CA ALA A 24 -10.19 7.03 -4.19
C ALA A 24 -10.06 5.69 -4.94
N ASN A 25 -9.31 4.77 -4.41
CA ASN A 25 -9.15 3.45 -5.08
C ASN A 25 -8.52 2.43 -4.11
N PRO A 26 -9.36 1.77 -3.35
CA PRO A 26 -8.88 0.77 -2.37
C PRO A 26 -8.64 -0.58 -3.03
N ARG A 27 -8.84 -0.69 -4.32
CA ARG A 27 -8.63 -2.00 -5.00
C ARG A 27 -8.17 -1.78 -6.44
N PRO A 28 -7.03 -1.15 -6.57
CA PRO A 28 -6.46 -0.89 -7.92
C PRO A 28 -6.11 -2.21 -8.59
N ASP A 29 -5.59 -2.16 -9.78
CA ASP A 29 -5.24 -3.44 -10.49
C ASP A 29 -4.32 -3.16 -11.68
N ALA A 30 -4.38 -4.00 -12.68
CA ALA A 30 -3.52 -3.84 -13.89
C ALA A 30 -3.55 -2.40 -14.41
N LEU A 31 -4.62 -1.68 -14.17
CA LEU A 31 -4.70 -0.28 -14.68
C LEU A 31 -3.67 0.64 -14.01
N MET A 32 -3.96 1.13 -12.84
CA MET A 32 -3.02 2.06 -12.14
C MET A 32 -1.72 1.34 -11.73
N LYS A 33 -1.74 0.04 -11.62
CA LYS A 33 -0.50 -0.69 -11.21
C LYS A 33 0.72 -0.19 -11.99
N GLU A 34 0.56 0.04 -13.26
CA GLU A 34 1.71 0.51 -14.10
C GLU A 34 2.25 1.86 -13.60
N GLN A 35 1.44 2.89 -13.62
CA GLN A 35 1.92 4.23 -13.16
C GLN A 35 2.31 4.20 -11.67
N LEU A 36 1.61 3.42 -10.87
CA LEU A 36 1.94 3.34 -9.41
C LEU A 36 3.45 3.19 -9.20
N VAL A 37 4.06 2.33 -9.97
CA VAL A 37 5.53 2.13 -9.83
C VAL A 37 6.27 3.47 -10.03
N GLU A 38 5.89 4.22 -11.04
CA GLU A 38 6.57 5.54 -11.30
C GLU A 38 6.34 6.53 -10.16
N MET A 39 5.20 6.48 -9.52
CA MET A 39 4.92 7.47 -8.42
C MET A 39 5.98 7.37 -7.31
N THR A 40 6.42 6.19 -6.97
CA THR A 40 7.46 6.07 -5.89
C THR A 40 8.76 5.52 -6.48
N GLY A 41 8.68 4.80 -7.56
CA GLY A 41 9.92 4.25 -8.21
C GLY A 41 10.34 2.93 -7.55
N LEU A 42 9.58 2.44 -6.60
CA LEU A 42 9.97 1.16 -5.92
C LEU A 42 9.61 -0.06 -6.80
N SER A 43 10.05 -1.23 -6.40
CA SER A 43 9.76 -2.47 -7.19
C SER A 43 8.29 -2.89 -7.02
N PRO A 44 7.86 -3.80 -7.85
CA PRO A 44 6.45 -4.29 -7.77
C PRO A 44 6.26 -5.20 -6.55
N ARG A 45 7.31 -5.84 -6.10
CA ARG A 45 7.18 -6.74 -4.90
C ARG A 45 6.47 -6.02 -3.76
N VAL A 46 7.01 -4.92 -3.32
CA VAL A 46 6.40 -4.14 -2.21
C VAL A 46 5.01 -3.66 -2.61
N ILE A 47 4.85 -3.23 -3.83
CA ILE A 47 3.52 -2.73 -4.31
C ILE A 47 2.40 -3.76 -4.04
N ARG A 48 2.54 -4.94 -4.58
CA ARG A 48 1.50 -5.99 -4.40
C ARG A 48 1.09 -6.17 -2.94
N VAL A 49 1.98 -6.64 -2.11
CA VAL A 49 1.64 -6.92 -0.69
C VAL A 49 1.12 -5.69 0.08
N TRP A 50 1.50 -4.49 -0.29
CA TRP A 50 1.00 -3.32 0.49
C TRP A 50 -0.53 -3.32 0.52
N PHE A 51 -1.18 -3.23 -0.62
CA PHE A 51 -2.68 -3.23 -0.62
C PHE A 51 -3.22 -4.47 0.10
N GLN A 52 -2.83 -5.64 -0.33
CA GLN A 52 -3.33 -6.89 0.31
C GLN A 52 -3.16 -6.82 1.84
N ASN A 53 -1.94 -6.87 2.31
CA ASN A 53 -1.70 -6.82 3.79
C ASN A 53 -2.38 -5.60 4.40
N LYS A 54 -2.30 -4.46 3.76
CA LYS A 54 -2.95 -3.22 4.30
C LYS A 54 -4.40 -3.51 4.71
N ARG A 55 -5.14 -4.19 3.88
CA ARG A 55 -6.56 -4.51 4.20
C ARG A 55 -6.67 -5.21 5.57
N CYS A 56 -5.85 -6.21 5.80
CA CYS A 56 -5.90 -6.94 7.12
C CYS A 56 -5.74 -5.98 8.30
N LYS A 57 -4.62 -5.30 8.37
CA LYS A 57 -4.41 -4.36 9.51
C LYS A 57 -5.46 -3.24 9.46
N ASP A 58 -5.76 -2.76 8.30
CA ASP A 58 -6.78 -1.67 8.18
C ASP A 58 -8.13 -2.18 8.72
N LYS A 59 -8.69 -1.49 9.67
CA LYS A 59 -9.99 -1.93 10.25
C LYS A 59 -10.54 -0.83 11.17
N LYS A 60 -10.75 -1.11 12.43
CA LYS A 60 -11.26 -0.07 13.34
C LYS A 60 -10.11 0.77 13.89
N ARG A 61 -10.31 2.04 14.03
CA ARG A 61 -9.23 2.92 14.55
C ARG A 61 -9.78 4.35 14.68
N SER A 62 -8.98 5.27 15.17
CA SER A 62 -9.47 6.68 15.33
C SER A 62 -10.62 6.71 16.33
N ILE A 63 -10.58 5.84 17.32
CA ILE A 63 -11.66 5.81 18.35
C ILE A 63 -11.44 6.94 19.36
N MET A 64 -12.37 7.85 19.49
CA MET A 64 -12.20 8.98 20.46
C MET A 64 -10.96 9.81 20.10
N MET A 65 -10.97 11.08 20.41
CA MET A 65 -9.78 11.94 20.07
C MET A 65 -8.58 11.56 20.94
N LYS A 66 -7.84 10.56 20.54
CA LYS A 66 -6.64 10.16 21.34
C LYS A 66 -5.57 11.24 21.29
N MET A 1 7.18 -20.62 0.94
CA MET A 1 6.81 -21.24 2.24
C MET A 1 8.06 -21.41 3.10
N LYS A 2 7.89 -21.67 4.38
CA LYS A 2 9.08 -21.84 5.28
C LYS A 2 9.93 -20.56 5.26
N THR A 3 10.73 -20.39 4.24
CA THR A 3 11.59 -19.17 4.15
C THR A 3 10.77 -17.89 4.31
N THR A 4 11.40 -16.79 4.65
CA THR A 4 10.63 -15.51 4.80
C THR A 4 10.37 -14.90 3.42
N ARG A 5 9.19 -14.37 3.23
CA ARG A 5 8.85 -13.77 1.90
C ARG A 5 9.42 -12.35 1.81
N VAL A 6 9.70 -11.89 0.62
CA VAL A 6 10.25 -10.51 0.46
C VAL A 6 9.23 -9.47 0.95
N ARG A 7 9.69 -8.46 1.65
CA ARG A 7 8.76 -7.41 2.17
C ARG A 7 9.54 -6.34 2.95
N THR A 8 10.00 -5.30 2.30
CA THR A 8 10.75 -4.24 3.03
C THR A 8 9.80 -3.34 3.84
N VAL A 9 10.29 -2.77 4.92
CA VAL A 9 9.43 -1.89 5.76
C VAL A 9 9.52 -0.45 5.24
N LEU A 10 8.75 0.46 5.80
CA LEU A 10 8.79 1.87 5.32
C LEU A 10 8.45 2.83 6.47
N ASN A 11 8.09 4.05 6.18
CA ASN A 11 7.75 5.02 7.26
C ASN A 11 6.74 6.08 6.76
N GLU A 12 6.59 7.15 7.50
CA GLU A 12 5.62 8.23 7.11
C GLU A 12 5.93 8.82 5.71
N LYS A 13 7.16 8.75 5.27
CA LYS A 13 7.53 9.34 3.94
C LYS A 13 6.82 8.63 2.77
N GLN A 14 7.20 7.42 2.47
CA GLN A 14 6.57 6.69 1.33
C GLN A 14 5.08 6.42 1.59
N LEU A 15 4.72 5.95 2.75
CA LEU A 15 3.27 5.67 3.00
C LEU A 15 2.40 6.87 2.59
N HIS A 16 2.89 8.09 2.74
CA HIS A 16 2.09 9.29 2.34
C HIS A 16 1.54 9.13 0.92
N THR A 17 2.38 8.79 -0.02
CA THR A 17 1.89 8.61 -1.43
C THR A 17 0.77 7.55 -1.48
N LEU A 18 1.11 6.30 -1.28
CA LEU A 18 0.07 5.22 -1.31
C LEU A 18 -1.17 5.60 -0.47
N ARG A 19 -0.97 6.27 0.63
CA ARG A 19 -2.13 6.69 1.50
C ARG A 19 -3.23 7.33 0.62
N THR A 20 -2.84 8.12 -0.33
CA THR A 20 -3.83 8.83 -1.20
C THR A 20 -4.56 7.85 -2.14
N CYS A 21 -3.86 6.96 -2.78
CA CYS A 21 -4.55 6.02 -3.72
C CYS A 21 -5.59 5.18 -2.95
N TYR A 22 -5.14 4.32 -2.07
CA TYR A 22 -6.08 3.45 -1.30
C TYR A 22 -7.23 4.24 -0.67
N ALA A 23 -6.96 5.38 -0.10
CA ALA A 23 -8.04 6.17 0.56
C ALA A 23 -9.25 6.37 -0.36
N ALA A 24 -9.07 6.25 -1.65
CA ALA A 24 -10.23 6.44 -2.57
C ALA A 24 -10.48 5.23 -3.47
N ASN A 25 -9.55 4.32 -3.53
CA ASN A 25 -9.77 3.13 -4.40
C ASN A 25 -8.80 2.01 -4.05
N PRO A 26 -9.22 1.16 -3.15
CA PRO A 26 -8.40 0.01 -2.73
C PRO A 26 -8.47 -1.12 -3.77
N ARG A 27 -8.45 -0.81 -5.03
CA ARG A 27 -8.52 -1.89 -6.04
C ARG A 27 -7.83 -1.48 -7.35
N PRO A 28 -6.53 -1.51 -7.34
CA PRO A 28 -5.75 -1.18 -8.56
C PRO A 28 -5.67 -2.39 -9.51
N ASP A 29 -5.20 -2.20 -10.71
CA ASP A 29 -5.09 -3.36 -11.65
C ASP A 29 -4.02 -3.11 -12.72
N ALA A 30 -4.02 -3.92 -13.74
CA ALA A 30 -3.00 -3.77 -14.83
C ALA A 30 -2.81 -2.31 -15.25
N LEU A 31 -3.84 -1.51 -15.20
CA LEU A 31 -3.69 -0.09 -15.63
C LEU A 31 -2.85 0.71 -14.61
N MET A 32 -3.45 1.15 -13.55
CA MET A 32 -2.71 1.97 -12.54
C MET A 32 -1.50 1.23 -11.98
N LYS A 33 -1.46 -0.08 -12.11
CA LYS A 33 -0.27 -0.85 -11.60
C LYS A 33 1.02 -0.22 -12.12
N GLU A 34 1.15 -0.16 -13.43
CA GLU A 34 2.38 0.43 -14.05
C GLU A 34 2.56 1.88 -13.59
N GLN A 35 1.54 2.70 -13.71
CA GLN A 35 1.68 4.13 -13.29
C GLN A 35 2.00 4.24 -11.78
N LEU A 36 1.32 3.50 -10.95
CA LEU A 36 1.62 3.55 -9.46
C LEU A 36 3.14 3.49 -9.25
N VAL A 37 3.82 2.66 -10.01
CA VAL A 37 5.31 2.53 -9.89
C VAL A 37 5.97 3.90 -10.06
N GLU A 38 5.50 4.65 -11.02
CA GLU A 38 6.09 6.00 -11.28
C GLU A 38 5.90 6.93 -10.08
N MET A 39 4.78 6.83 -9.41
CA MET A 39 4.51 7.75 -8.25
C MET A 39 5.60 7.62 -7.18
N THR A 40 5.84 6.42 -6.69
CA THR A 40 6.88 6.25 -5.63
C THR A 40 8.16 5.63 -6.19
N GLY A 41 8.10 5.13 -7.40
CA GLY A 41 9.30 4.51 -8.03
C GLY A 41 9.66 3.18 -7.36
N LEU A 42 8.88 2.71 -6.41
CA LEU A 42 9.21 1.40 -5.73
C LEU A 42 8.85 0.23 -6.67
N SER A 43 9.35 -0.95 -6.38
CA SER A 43 9.05 -2.14 -7.24
C SER A 43 7.59 -2.59 -7.05
N PRO A 44 7.12 -3.46 -7.92
CA PRO A 44 5.73 -3.97 -7.80
C PRO A 44 5.62 -4.89 -6.59
N ARG A 45 6.74 -5.39 -6.12
CA ARG A 45 6.72 -6.30 -4.93
C ARG A 45 5.98 -5.65 -3.77
N VAL A 46 6.49 -4.58 -3.24
CA VAL A 46 5.83 -3.90 -2.08
C VAL A 46 4.37 -3.55 -2.43
N ILE A 47 4.13 -3.14 -3.64
CA ILE A 47 2.74 -2.80 -4.05
C ILE A 47 1.80 -3.98 -3.80
N ARG A 48 2.17 -5.13 -4.29
CA ARG A 48 1.33 -6.35 -4.14
C ARG A 48 0.96 -6.57 -2.68
N VAL A 49 1.92 -6.93 -1.87
CA VAL A 49 1.65 -7.22 -0.43
C VAL A 49 1.12 -5.99 0.33
N TRP A 50 1.54 -4.81 0.00
CA TRP A 50 1.06 -3.62 0.77
C TRP A 50 -0.47 -3.56 0.84
N PHE A 51 -1.15 -3.48 -0.27
CA PHE A 51 -2.65 -3.42 -0.24
C PHE A 51 -3.23 -4.53 0.64
N GLN A 52 -2.77 -5.75 0.48
CA GLN A 52 -3.28 -6.88 1.31
C GLN A 52 -3.27 -6.51 2.79
N ASN A 53 -2.11 -6.18 3.30
CA ASN A 53 -1.97 -5.83 4.74
C ASN A 53 -2.98 -4.75 5.17
N LYS A 54 -3.06 -3.66 4.47
CA LYS A 54 -4.03 -2.60 4.87
C LYS A 54 -5.43 -3.20 5.07
N ARG A 55 -5.90 -3.96 4.13
CA ARG A 55 -7.26 -4.58 4.24
C ARG A 55 -7.48 -5.24 5.61
N CYS A 56 -6.50 -5.93 6.13
CA CYS A 56 -6.68 -6.60 7.45
C CYS A 56 -7.16 -5.61 8.51
N LYS A 57 -6.49 -4.50 8.67
CA LYS A 57 -6.94 -3.51 9.69
C LYS A 57 -8.30 -2.92 9.32
N ASP A 58 -8.55 -2.71 8.05
CA ASP A 58 -9.86 -2.12 7.65
C ASP A 58 -11.00 -3.09 8.05
N LYS A 59 -10.77 -4.37 7.92
CA LYS A 59 -11.82 -5.40 8.28
C LYS A 59 -13.24 -4.81 8.19
N LYS A 60 -13.63 -4.33 7.03
CA LYS A 60 -15.00 -3.75 6.86
C LYS A 60 -15.43 -2.94 8.09
N ARG A 61 -15.31 -1.63 8.06
CA ARG A 61 -15.71 -0.80 9.24
C ARG A 61 -16.93 0.07 8.90
N SER A 62 -17.11 0.44 7.66
CA SER A 62 -18.28 1.29 7.30
C SER A 62 -19.56 0.47 7.26
N ILE A 63 -20.68 1.12 7.32
CA ILE A 63 -21.98 0.41 7.28
C ILE A 63 -22.49 0.38 5.84
N MET A 64 -21.80 1.02 4.94
CA MET A 64 -22.25 1.05 3.51
C MET A 64 -23.65 1.63 3.45
N MET A 65 -23.76 2.93 3.43
CA MET A 65 -25.10 3.57 3.37
C MET A 65 -25.08 4.72 2.38
N LYS A 66 -24.32 4.58 1.33
CA LYS A 66 -24.24 5.66 0.31
C LYS A 66 -25.60 5.85 -0.37
N MET A 1 5.55 -20.69 12.63
CA MET A 1 6.34 -20.69 11.37
C MET A 1 7.56 -19.77 11.51
N LYS A 2 8.70 -20.21 11.05
CA LYS A 2 9.93 -19.36 11.15
C LYS A 2 9.98 -18.33 10.02
N THR A 3 10.05 -17.06 10.35
CA THR A 3 10.12 -16.03 9.27
C THR A 3 11.29 -15.07 9.57
N THR A 4 11.34 -13.92 8.93
CA THR A 4 12.44 -12.96 9.22
C THR A 4 11.87 -11.58 9.58
N ARG A 5 10.75 -11.56 10.26
CA ARG A 5 10.10 -10.26 10.65
C ARG A 5 10.05 -9.27 9.47
N VAL A 6 9.54 -8.09 9.71
CA VAL A 6 9.43 -7.07 8.62
C VAL A 6 10.80 -6.70 8.06
N ARG A 7 10.89 -6.46 6.77
CA ARG A 7 12.18 -6.09 6.16
C ARG A 7 11.96 -5.08 5.03
N THR A 8 10.80 -4.48 4.96
CA THR A 8 10.50 -3.51 3.88
C THR A 8 11.28 -2.20 4.06
N VAL A 9 11.18 -1.30 3.13
CA VAL A 9 11.90 0.01 3.23
C VAL A 9 10.91 1.18 3.09
N LEU A 10 9.73 1.00 3.60
CA LEU A 10 8.69 2.07 3.52
C LEU A 10 8.96 3.16 4.56
N ASN A 11 9.34 4.32 4.11
CA ASN A 11 9.63 5.42 5.05
C ASN A 11 8.37 6.25 5.29
N GLU A 12 8.37 7.04 6.32
CA GLU A 12 7.19 7.88 6.62
C GLU A 12 6.70 8.65 5.36
N LYS A 13 7.59 9.04 4.50
CA LYS A 13 7.17 9.81 3.27
C LYS A 13 6.41 8.92 2.28
N GLN A 14 6.94 7.76 1.96
CA GLN A 14 6.24 6.87 0.99
C GLN A 14 4.80 6.59 1.45
N LEU A 15 4.60 6.36 2.72
CA LEU A 15 3.22 6.07 3.20
C LEU A 15 2.23 7.17 2.78
N HIS A 16 2.61 8.41 2.89
CA HIS A 16 1.70 9.53 2.50
C HIS A 16 1.04 9.30 1.13
N THR A 17 1.82 9.01 0.12
CA THR A 17 1.22 8.82 -1.25
C THR A 17 0.15 7.72 -1.25
N LEU A 18 0.52 6.49 -0.94
CA LEU A 18 -0.47 5.37 -0.94
C LEU A 18 -1.70 5.72 -0.07
N ARG A 19 -1.51 6.47 0.98
CA ARG A 19 -2.66 6.84 1.87
C ARG A 19 -3.83 7.39 1.05
N THR A 20 -3.56 8.37 0.22
CA THR A 20 -4.64 9.00 -0.60
C THR A 20 -5.14 8.02 -1.67
N CYS A 21 -4.30 7.13 -2.11
CA CYS A 21 -4.72 6.14 -3.15
C CYS A 21 -5.81 5.22 -2.60
N TYR A 22 -5.52 4.46 -1.58
CA TYR A 22 -6.53 3.53 -1.00
C TYR A 22 -7.85 4.27 -0.73
N ALA A 23 -7.79 5.47 -0.26
CA ALA A 23 -9.04 6.24 0.05
C ALA A 23 -9.93 6.34 -1.20
N ALA A 24 -9.37 6.71 -2.32
CA ALA A 24 -10.18 6.86 -3.58
C ALA A 24 -10.06 5.63 -4.48
N ASN A 25 -9.35 4.61 -4.07
CA ASN A 25 -9.22 3.39 -4.92
C ASN A 25 -8.88 2.18 -4.05
N PRO A 26 -9.91 1.52 -3.56
CA PRO A 26 -9.74 0.32 -2.72
C PRO A 26 -9.47 -0.92 -3.58
N ARG A 27 -9.30 -0.76 -4.86
CA ARG A 27 -9.04 -1.94 -5.72
C ARG A 27 -8.31 -1.51 -7.01
N PRO A 28 -7.00 -1.57 -6.96
CA PRO A 28 -6.20 -1.18 -8.14
C PRO A 28 -6.00 -2.41 -9.04
N ASP A 29 -5.36 -2.24 -10.17
CA ASP A 29 -5.16 -3.42 -11.06
C ASP A 29 -4.01 -3.18 -12.04
N ALA A 30 -3.93 -3.96 -13.07
CA ALA A 30 -2.84 -3.77 -14.07
C ALA A 30 -2.76 -2.31 -14.52
N LEU A 31 -3.86 -1.61 -14.47
CA LEU A 31 -3.86 -0.19 -14.91
C LEU A 31 -3.04 0.67 -13.94
N MET A 32 -3.60 1.07 -12.84
CA MET A 32 -2.86 1.94 -11.88
C MET A 32 -1.54 1.28 -11.43
N LYS A 33 -1.52 -0.01 -11.22
CA LYS A 33 -0.25 -0.68 -10.78
C LYS A 33 0.94 -0.23 -11.62
N GLU A 34 0.77 -0.12 -12.91
CA GLU A 34 1.90 0.29 -13.77
C GLU A 34 2.43 1.68 -13.38
N GLN A 35 1.60 2.69 -13.45
CA GLN A 35 2.05 4.06 -13.09
C GLN A 35 2.57 4.11 -11.64
N LEU A 36 1.95 3.36 -10.76
CA LEU A 36 2.39 3.37 -9.32
C LEU A 36 3.91 3.20 -9.24
N VAL A 37 4.46 2.35 -10.09
CA VAL A 37 5.94 2.14 -10.10
C VAL A 37 6.64 3.51 -10.17
N GLU A 38 6.33 4.27 -11.19
CA GLU A 38 6.97 5.62 -11.36
C GLU A 38 6.64 6.58 -10.19
N MET A 39 5.45 6.55 -9.68
CA MET A 39 5.11 7.50 -8.57
C MET A 39 5.97 7.26 -7.34
N THR A 40 6.26 6.04 -7.02
CA THR A 40 7.11 5.78 -5.81
C THR A 40 8.54 5.45 -6.21
N GLY A 41 8.73 4.81 -7.32
CA GLY A 41 10.11 4.43 -7.75
C GLY A 41 10.44 3.03 -7.27
N LEU A 42 9.65 2.51 -6.36
CA LEU A 42 9.92 1.15 -5.85
C LEU A 42 9.35 0.12 -6.84
N SER A 43 9.78 -1.09 -6.76
CA SER A 43 9.27 -2.11 -7.70
C SER A 43 7.81 -2.43 -7.34
N PRO A 44 7.11 -3.08 -8.22
CA PRO A 44 5.69 -3.41 -7.95
C PRO A 44 5.59 -4.49 -6.87
N ARG A 45 6.64 -5.24 -6.67
CA ARG A 45 6.63 -6.31 -5.63
C ARG A 45 6.14 -5.75 -4.29
N VAL A 46 6.81 -4.76 -3.77
CA VAL A 46 6.39 -4.14 -2.47
C VAL A 46 4.96 -3.60 -2.56
N ILE A 47 4.58 -3.09 -3.69
CA ILE A 47 3.20 -2.51 -3.84
C ILE A 47 2.12 -3.61 -3.69
N ARG A 48 2.32 -4.74 -4.32
CA ARG A 48 1.31 -5.84 -4.22
C ARG A 48 0.98 -6.15 -2.75
N VAL A 49 1.95 -6.57 -2.00
CA VAL A 49 1.73 -6.91 -0.57
C VAL A 49 1.19 -5.72 0.24
N TRP A 50 1.51 -4.48 -0.11
CA TRP A 50 0.99 -3.33 0.68
C TRP A 50 -0.54 -3.41 0.75
N PHE A 51 -1.20 -3.35 -0.39
CA PHE A 51 -2.70 -3.42 -0.40
C PHE A 51 -3.17 -4.71 0.30
N GLN A 52 -2.50 -5.81 0.09
CA GLN A 52 -2.93 -7.09 0.75
C GLN A 52 -3.10 -6.90 2.25
N ASN A 53 -2.03 -6.60 2.94
CA ASN A 53 -2.09 -6.43 4.41
C ASN A 53 -3.18 -5.43 4.82
N LYS A 54 -3.21 -4.26 4.24
CA LYS A 54 -4.23 -3.23 4.63
C LYS A 54 -5.61 -3.88 4.85
N ARG A 55 -6.09 -4.64 3.89
CA ARG A 55 -7.42 -5.30 4.05
C ARG A 55 -7.53 -5.98 5.42
N CYS A 56 -6.66 -6.89 5.72
CA CYS A 56 -6.69 -7.56 7.06
C CYS A 56 -6.62 -6.49 8.18
N LYS A 57 -5.67 -5.58 8.09
CA LYS A 57 -5.53 -4.52 9.12
C LYS A 57 -6.73 -3.56 9.09
N ASP A 58 -7.53 -3.58 8.06
CA ASP A 58 -8.69 -2.65 7.99
C ASP A 58 -9.64 -2.86 9.18
N LYS A 59 -9.56 -3.99 9.86
CA LYS A 59 -10.46 -4.23 11.03
C LYS A 59 -10.18 -3.22 12.16
N LYS A 60 -9.05 -2.54 12.11
CA LYS A 60 -8.73 -1.54 13.18
C LYS A 60 -9.28 -0.15 12.80
N ARG A 61 -9.80 0.55 13.75
CA ARG A 61 -10.33 1.93 13.49
C ARG A 61 -11.31 1.97 12.30
N SER A 62 -12.59 1.99 12.59
CA SER A 62 -13.60 2.05 11.47
C SER A 62 -14.09 3.49 11.28
N ILE A 63 -13.45 4.43 11.92
CA ILE A 63 -13.89 5.85 11.76
C ILE A 63 -13.17 6.48 10.57
N MET A 64 -13.13 5.82 9.45
CA MET A 64 -12.43 6.40 8.27
C MET A 64 -13.46 6.92 7.27
N MET A 65 -13.23 8.09 6.73
CA MET A 65 -14.19 8.68 5.75
C MET A 65 -13.66 10.02 5.23
N LYS A 66 -13.94 10.33 3.99
CA LYS A 66 -13.47 11.63 3.41
C LYS A 66 -14.06 12.79 4.20
N MET A 1 10.78 -17.40 8.91
CA MET A 1 11.25 -16.70 7.69
C MET A 1 10.71 -17.39 6.41
N LYS A 2 9.51 -17.93 6.46
CA LYS A 2 8.96 -18.60 5.24
C LYS A 2 8.25 -17.56 4.35
N THR A 3 8.77 -17.35 3.17
CA THR A 3 8.16 -16.34 2.24
C THR A 3 8.20 -14.94 2.85
N THR A 4 7.91 -13.92 2.07
CA THR A 4 7.93 -12.53 2.60
C THR A 4 9.28 -12.25 3.29
N ARG A 5 10.34 -12.68 2.68
CA ARG A 5 11.70 -12.46 3.27
C ARG A 5 11.87 -10.99 3.69
N VAL A 6 12.67 -10.75 4.69
CA VAL A 6 12.87 -9.35 5.16
C VAL A 6 13.35 -8.46 4.00
N ARG A 7 12.53 -7.57 3.55
CA ARG A 7 12.95 -6.67 2.43
C ARG A 7 12.12 -5.39 2.41
N THR A 8 11.41 -5.11 3.48
CA THR A 8 10.56 -3.89 3.51
C THR A 8 11.34 -2.69 4.07
N VAL A 9 10.90 -1.50 3.76
CA VAL A 9 11.61 -0.29 4.26
C VAL A 9 10.80 0.98 3.94
N LEU A 10 9.52 0.91 4.16
CA LEU A 10 8.64 2.08 3.87
C LEU A 10 8.76 3.12 5.01
N ASN A 11 9.19 4.31 4.70
CA ASN A 11 9.32 5.36 5.76
C ASN A 11 8.08 6.25 5.78
N GLU A 12 7.91 6.99 6.82
CA GLU A 12 6.73 7.90 6.92
C GLU A 12 6.53 8.73 5.65
N LYS A 13 7.58 8.99 4.93
CA LYS A 13 7.42 9.81 3.68
C LYS A 13 6.67 9.03 2.59
N GLN A 14 7.13 7.86 2.22
CA GLN A 14 6.44 7.08 1.13
C GLN A 14 5.02 6.65 1.53
N LEU A 15 4.81 6.13 2.73
CA LEU A 15 3.43 5.68 3.10
C LEU A 15 2.37 6.77 2.84
N HIS A 16 2.74 8.02 2.99
CA HIS A 16 1.75 9.12 2.75
C HIS A 16 1.13 9.01 1.35
N THR A 17 1.94 8.90 0.33
CA THR A 17 1.38 8.80 -1.06
C THR A 17 0.38 7.64 -1.17
N LEU A 18 0.82 6.44 -0.88
CA LEU A 18 -0.12 5.26 -0.98
C LEU A 18 -1.41 5.54 -0.18
N ARG A 19 -1.28 6.09 1.00
CA ARG A 19 -2.47 6.41 1.84
C ARG A 19 -3.52 7.19 1.05
N THR A 20 -3.12 8.20 0.32
CA THR A 20 -4.12 9.00 -0.47
C THR A 20 -4.77 8.08 -1.50
N CYS A 21 -4.02 7.18 -2.06
CA CYS A 21 -4.58 6.26 -3.08
C CYS A 21 -5.75 5.43 -2.52
N TYR A 22 -5.54 4.68 -1.48
CA TYR A 22 -6.65 3.85 -0.90
C TYR A 22 -7.87 4.74 -0.60
N ALA A 23 -7.64 5.94 -0.09
CA ALA A 23 -8.76 6.88 0.25
C ALA A 23 -9.52 7.35 -1.01
N ALA A 24 -9.55 6.56 -2.05
CA ALA A 24 -10.28 6.97 -3.28
C ALA A 24 -10.80 5.75 -4.04
N ASN A 25 -10.01 4.70 -4.08
CA ASN A 25 -10.45 3.47 -4.80
C ASN A 25 -9.66 2.26 -4.29
N PRO A 26 -10.23 1.55 -3.35
CA PRO A 26 -9.57 0.37 -2.78
C PRO A 26 -9.67 -0.83 -3.73
N ARG A 27 -9.38 -0.65 -5.00
CA ARG A 27 -9.45 -1.81 -5.95
C ARG A 27 -8.60 -1.57 -7.21
N PRO A 28 -7.32 -1.36 -7.02
CA PRO A 28 -6.42 -1.13 -8.17
C PRO A 28 -6.05 -2.46 -8.81
N ASP A 29 -5.48 -2.46 -9.98
CA ASP A 29 -5.13 -3.76 -10.62
C ASP A 29 -3.98 -3.57 -11.59
N ALA A 30 -3.76 -4.58 -12.40
CA ALA A 30 -2.64 -4.53 -13.40
C ALA A 30 -2.61 -3.18 -14.13
N LEU A 31 -3.74 -2.56 -14.31
CA LEU A 31 -3.78 -1.25 -15.02
C LEU A 31 -2.97 -0.20 -14.23
N MET A 32 -3.53 0.39 -13.22
CA MET A 32 -2.79 1.43 -12.42
C MET A 32 -1.50 0.87 -11.79
N LYS A 33 -1.46 -0.40 -11.52
CA LYS A 33 -0.25 -0.99 -10.88
C LYS A 33 1.04 -0.41 -11.51
N GLU A 34 1.06 -0.34 -12.82
CA GLU A 34 2.28 0.20 -13.52
C GLU A 34 2.53 1.65 -13.11
N GLN A 35 1.60 2.52 -13.38
CA GLN A 35 1.79 3.96 -13.03
C GLN A 35 2.15 4.13 -11.56
N LEU A 36 1.50 3.43 -10.67
CA LEU A 36 1.83 3.55 -9.21
C LEU A 36 3.35 3.55 -9.01
N VAL A 37 3.99 2.59 -9.61
CA VAL A 37 5.47 2.44 -9.48
C VAL A 37 6.21 3.74 -9.88
N GLU A 38 5.88 4.30 -11.01
CA GLU A 38 6.58 5.55 -11.46
C GLU A 38 6.52 6.64 -10.40
N MET A 39 5.39 6.79 -9.78
CA MET A 39 5.23 7.84 -8.74
C MET A 39 6.12 7.56 -7.51
N THR A 40 6.29 6.31 -7.14
CA THR A 40 7.12 5.99 -5.93
C THR A 40 8.54 5.56 -6.31
N GLY A 41 8.78 5.24 -7.56
CA GLY A 41 10.14 4.77 -7.95
C GLY A 41 10.49 3.50 -7.17
N LEU A 42 9.52 2.95 -6.46
CA LEU A 42 9.78 1.72 -5.64
C LEU A 42 9.66 0.44 -6.48
N SER A 43 9.99 -0.67 -5.87
CA SER A 43 9.90 -1.97 -6.58
C SER A 43 8.44 -2.37 -6.73
N PRO A 44 8.18 -3.19 -7.71
CA PRO A 44 6.80 -3.66 -7.94
C PRO A 44 6.40 -4.71 -6.89
N ARG A 45 7.36 -5.40 -6.32
CA ARG A 45 7.00 -6.43 -5.30
C ARG A 45 6.15 -5.83 -4.18
N VAL A 46 6.59 -4.74 -3.62
CA VAL A 46 5.81 -4.11 -2.49
C VAL A 46 4.43 -3.63 -2.97
N ILE A 47 4.33 -3.12 -4.18
CA ILE A 47 3.02 -2.62 -4.69
C ILE A 47 1.89 -3.65 -4.47
N ARG A 48 2.02 -4.79 -5.07
CA ARG A 48 0.97 -5.85 -4.94
C ARG A 48 0.63 -6.16 -3.48
N VAL A 49 1.56 -6.71 -2.77
CA VAL A 49 1.32 -7.10 -1.35
C VAL A 49 0.89 -5.91 -0.47
N TRP A 50 1.25 -4.71 -0.82
CA TRP A 50 0.84 -3.56 0.04
C TRP A 50 -0.70 -3.48 0.14
N PHE A 51 -1.41 -3.32 -0.95
CA PHE A 51 -2.90 -3.23 -0.86
C PHE A 51 -3.46 -4.42 -0.08
N GLN A 52 -2.99 -5.61 -0.37
CA GLN A 52 -3.50 -6.82 0.36
C GLN A 52 -3.38 -6.63 1.88
N ASN A 53 -2.18 -6.52 2.39
CA ASN A 53 -1.98 -6.36 3.86
C ASN A 53 -2.87 -5.23 4.42
N LYS A 54 -2.83 -4.06 3.81
CA LYS A 54 -3.66 -2.91 4.31
C LYS A 54 -5.01 -3.39 4.83
N ARG A 55 -5.64 -4.29 4.13
CA ARG A 55 -6.97 -4.82 4.55
C ARG A 55 -6.92 -5.31 6.00
N CYS A 56 -5.91 -6.05 6.35
CA CYS A 56 -5.81 -6.55 7.75
C CYS A 56 -5.83 -5.37 8.73
N LYS A 57 -4.92 -4.45 8.57
CA LYS A 57 -4.86 -3.28 9.50
C LYS A 57 -6.08 -2.35 9.32
N ASP A 58 -6.60 -2.26 8.12
CA ASP A 58 -7.76 -1.35 7.86
C ASP A 58 -9.02 -1.79 8.64
N LYS A 59 -8.94 -2.88 9.35
CA LYS A 59 -10.14 -3.33 10.12
C LYS A 59 -10.47 -2.28 11.19
N LYS A 60 -9.55 -2.02 12.09
CA LYS A 60 -9.80 -1.01 13.16
C LYS A 60 -10.25 0.31 12.54
N ARG A 61 -10.76 1.21 13.34
CA ARG A 61 -11.23 2.52 12.81
C ARG A 61 -12.32 2.30 11.76
N SER A 62 -11.95 1.93 10.55
CA SER A 62 -12.96 1.68 9.48
C SER A 62 -13.82 2.92 9.24
N ILE A 63 -14.32 3.06 8.03
CA ILE A 63 -15.19 4.22 7.69
C ILE A 63 -14.56 5.53 8.18
N MET A 64 -13.24 5.58 8.24
CA MET A 64 -12.57 6.83 8.73
C MET A 64 -13.11 7.20 10.11
N MET A 65 -13.32 6.22 10.94
CA MET A 65 -13.84 6.48 12.31
C MET A 65 -15.00 7.49 12.28
N LYS A 66 -16.21 7.01 12.15
CA LYS A 66 -17.39 7.93 12.12
C LYS A 66 -17.59 8.54 13.50
N MET A 1 8.76 -21.87 4.10
CA MET A 1 10.09 -21.92 4.77
C MET A 1 10.90 -20.68 4.43
N LYS A 2 11.03 -19.76 5.36
CA LYS A 2 11.81 -18.51 5.10
C LYS A 2 11.38 -17.89 3.75
N THR A 3 10.15 -18.13 3.34
CA THR A 3 9.67 -17.56 2.03
C THR A 3 8.72 -16.38 2.26
N THR A 4 7.99 -16.38 3.35
CA THR A 4 7.06 -15.25 3.63
C THR A 4 7.52 -14.50 4.88
N ARG A 5 8.80 -14.21 4.99
CA ARG A 5 9.31 -13.49 6.19
C ARG A 5 9.27 -11.97 5.97
N VAL A 6 9.51 -11.22 7.01
CA VAL A 6 9.48 -9.73 6.88
C VAL A 6 10.73 -9.22 6.16
N ARG A 7 10.55 -8.22 5.33
CA ARG A 7 11.71 -7.66 4.57
C ARG A 7 11.31 -6.32 3.92
N THR A 8 10.31 -5.68 4.44
CA THR A 8 9.86 -4.38 3.84
C THR A 8 10.73 -3.21 4.31
N VAL A 9 10.43 -2.05 3.81
CA VAL A 9 11.21 -0.84 4.21
C VAL A 9 10.32 0.40 4.06
N LEU A 10 9.04 0.23 4.32
CA LEU A 10 8.09 1.37 4.23
C LEU A 10 8.13 2.19 5.51
N ASN A 11 7.88 3.46 5.43
CA ASN A 11 7.89 4.32 6.65
C ASN A 11 6.97 5.53 6.45
N GLU A 12 7.04 6.50 7.32
CA GLU A 12 6.18 7.71 7.18
C GLU A 12 6.31 8.36 5.80
N LYS A 13 7.41 8.14 5.15
CA LYS A 13 7.61 8.76 3.80
C LYS A 13 6.71 8.13 2.74
N GLN A 14 7.09 6.99 2.21
CA GLN A 14 6.28 6.35 1.14
C GLN A 14 4.84 6.10 1.61
N LEU A 15 4.64 5.92 2.88
CA LEU A 15 3.26 5.67 3.40
C LEU A 15 2.32 6.83 2.99
N HIS A 16 2.69 8.04 3.29
CA HIS A 16 1.81 9.21 2.95
C HIS A 16 1.27 9.11 1.51
N THR A 17 2.11 8.85 0.55
CA THR A 17 1.63 8.78 -0.87
C THR A 17 0.54 7.71 -1.04
N LEU A 18 0.87 6.45 -0.85
CA LEU A 18 -0.14 5.37 -1.01
C LEU A 18 -1.44 5.74 -0.29
N ARG A 19 -1.35 6.44 0.81
CA ARG A 19 -2.57 6.82 1.58
C ARG A 19 -3.64 7.48 0.69
N THR A 20 -3.26 8.41 -0.15
CA THR A 20 -4.30 9.08 -1.01
C THR A 20 -4.85 8.11 -2.06
N CYS A 21 -4.07 7.16 -2.48
CA CYS A 21 -4.57 6.18 -3.50
C CYS A 21 -5.76 5.41 -2.94
N TYR A 22 -5.56 4.69 -1.86
CA TYR A 22 -6.67 3.89 -1.24
C TYR A 22 -7.97 4.72 -1.17
N ALA A 23 -7.90 5.93 -0.67
CA ALA A 23 -9.13 6.77 -0.58
C ALA A 23 -9.77 6.93 -1.95
N ALA A 24 -9.01 6.79 -3.00
CA ALA A 24 -9.58 6.95 -4.37
C ALA A 24 -9.93 5.58 -4.95
N ASN A 25 -9.23 4.57 -4.54
CA ASN A 25 -9.51 3.21 -5.07
C ASN A 25 -9.00 2.16 -4.09
N PRO A 26 -9.92 1.59 -3.34
CA PRO A 26 -9.56 0.54 -2.36
C PRO A 26 -9.30 -0.80 -3.06
N ARG A 27 -9.34 -0.82 -4.37
CA ARG A 27 -9.12 -2.09 -5.10
C ARG A 27 -8.57 -1.79 -6.51
N PRO A 28 -7.27 -1.59 -6.58
CA PRO A 28 -6.63 -1.28 -7.88
C PRO A 28 -6.34 -2.57 -8.65
N ASP A 29 -5.67 -2.48 -9.78
CA ASP A 29 -5.38 -3.71 -10.55
C ASP A 29 -4.29 -3.45 -11.60
N ALA A 30 -4.22 -4.31 -12.58
CA ALA A 30 -3.19 -4.16 -13.67
C ALA A 30 -3.16 -2.74 -14.24
N LEU A 31 -4.25 -2.01 -14.12
CA LEU A 31 -4.28 -0.63 -14.68
C LEU A 31 -3.29 0.29 -13.94
N MET A 32 -3.67 0.79 -12.80
CA MET A 32 -2.76 1.71 -12.04
C MET A 32 -1.43 0.98 -11.72
N LYS A 33 -1.43 -0.32 -11.77
CA LYS A 33 -0.17 -1.09 -11.46
C LYS A 33 1.02 -0.49 -12.23
N GLU A 34 0.82 -0.13 -13.47
CA GLU A 34 1.94 0.46 -14.26
C GLU A 34 2.40 1.78 -13.65
N GLN A 35 1.54 2.75 -13.61
CA GLN A 35 1.92 4.09 -13.03
C GLN A 35 2.29 3.98 -11.54
N LEU A 36 1.65 3.09 -10.80
CA LEU A 36 1.97 2.95 -9.34
C LEU A 36 3.48 2.93 -9.11
N VAL A 37 4.18 2.21 -9.94
CA VAL A 37 5.65 2.15 -9.79
C VAL A 37 6.25 3.56 -9.94
N GLU A 38 5.80 4.27 -10.93
CA GLU A 38 6.31 5.66 -11.17
C GLU A 38 6.00 6.60 -9.99
N MET A 39 4.86 6.47 -9.38
CA MET A 39 4.49 7.39 -8.24
C MET A 39 5.46 7.30 -7.06
N THR A 40 5.99 6.14 -6.76
CA THR A 40 6.95 6.06 -5.60
C THR A 40 8.38 5.93 -6.13
N GLY A 41 8.59 5.07 -7.09
CA GLY A 41 9.96 4.87 -7.64
C GLY A 41 10.51 3.53 -7.15
N LEU A 42 9.79 2.83 -6.31
CA LEU A 42 10.27 1.52 -5.81
C LEU A 42 9.87 0.38 -6.75
N SER A 43 10.15 -0.84 -6.38
CA SER A 43 9.79 -2.01 -7.24
C SER A 43 8.27 -2.26 -7.18
N PRO A 44 7.78 -3.06 -8.10
CA PRO A 44 6.35 -3.41 -8.09
C PRO A 44 6.09 -4.48 -7.02
N ARG A 45 7.12 -5.16 -6.59
CA ARG A 45 6.93 -6.21 -5.54
C ARG A 45 6.25 -5.60 -4.32
N VAL A 46 6.77 -4.51 -3.81
CA VAL A 46 6.16 -3.86 -2.62
C VAL A 46 4.76 -3.33 -2.95
N ILE A 47 4.49 -2.98 -4.18
CA ILE A 47 3.14 -2.44 -4.53
C ILE A 47 2.04 -3.46 -4.20
N ARG A 48 2.07 -4.63 -4.80
CA ARG A 48 1.01 -5.65 -4.52
C ARG A 48 0.89 -5.97 -3.02
N VAL A 49 1.99 -6.28 -2.39
CA VAL A 49 1.95 -6.64 -0.93
C VAL A 49 1.35 -5.54 -0.07
N TRP A 50 1.58 -4.30 -0.40
CA TRP A 50 1.03 -3.19 0.45
C TRP A 50 -0.49 -3.31 0.60
N PHE A 51 -1.22 -3.18 -0.48
CA PHE A 51 -2.72 -3.27 -0.41
C PHE A 51 -3.17 -4.52 0.37
N GLN A 52 -2.60 -5.67 0.06
CA GLN A 52 -3.02 -6.92 0.78
C GLN A 52 -3.05 -6.68 2.28
N ASN A 53 -1.90 -6.52 2.88
CA ASN A 53 -1.82 -6.27 4.34
C ASN A 53 -2.80 -5.16 4.78
N LYS A 54 -2.77 -4.05 4.07
CA LYS A 54 -3.68 -2.91 4.41
C LYS A 54 -5.11 -3.38 4.66
N ARG A 55 -5.64 -4.19 3.78
CA ARG A 55 -7.04 -4.68 3.95
C ARG A 55 -7.24 -5.31 5.33
N CYS A 56 -6.29 -6.08 5.78
CA CYS A 56 -6.43 -6.73 7.13
C CYS A 56 -6.68 -5.65 8.18
N LYS A 57 -5.82 -4.67 8.23
CA LYS A 57 -5.97 -3.58 9.22
C LYS A 57 -7.29 -2.83 8.99
N ASP A 58 -7.62 -2.53 7.76
CA ASP A 58 -8.89 -1.79 7.49
C ASP A 58 -10.11 -2.66 7.81
N LYS A 59 -10.85 -2.32 8.84
CA LYS A 59 -12.06 -3.11 9.20
C LYS A 59 -12.81 -2.46 10.36
N LYS A 60 -13.99 -1.95 10.11
CA LYS A 60 -14.79 -1.31 11.19
C LYS A 60 -13.93 -0.28 11.95
N ARG A 61 -13.64 0.83 11.34
CA ARG A 61 -12.80 1.86 12.01
C ARG A 61 -13.69 2.82 12.80
N SER A 62 -13.50 2.90 14.10
CA SER A 62 -14.33 3.82 14.93
C SER A 62 -15.80 3.76 14.53
N ILE A 63 -16.54 4.78 14.83
CA ILE A 63 -17.98 4.80 14.47
C ILE A 63 -18.19 5.72 13.26
N MET A 64 -17.17 6.40 12.82
CA MET A 64 -17.32 7.32 11.64
C MET A 64 -17.75 6.52 10.40
N MET A 65 -19.05 6.39 10.20
CA MET A 65 -19.55 5.62 9.01
C MET A 65 -18.85 4.26 8.91
N LYS A 66 -19.04 3.58 7.80
CA LYS A 66 -18.41 2.25 7.60
C LYS A 66 -18.61 1.36 8.83
N MET A 1 12.95 -17.39 0.95
CA MET A 1 13.17 -18.15 -0.31
C MET A 1 11.82 -18.40 -1.00
N LYS A 2 11.75 -18.21 -2.30
CA LYS A 2 10.46 -18.42 -3.03
C LYS A 2 9.41 -17.43 -2.51
N THR A 3 8.80 -17.72 -1.39
CA THR A 3 7.76 -16.78 -0.87
C THR A 3 8.43 -15.50 -0.35
N THR A 4 7.67 -14.42 -0.29
CA THR A 4 8.25 -13.15 0.21
C THR A 4 8.45 -13.24 1.72
N ARG A 5 9.54 -12.73 2.23
CA ARG A 5 9.80 -12.80 3.69
C ARG A 5 9.27 -11.52 4.37
N VAL A 6 9.58 -11.31 5.62
CA VAL A 6 9.09 -10.06 6.30
C VAL A 6 10.19 -9.00 6.32
N ARG A 7 10.01 -7.95 5.56
CA ARG A 7 11.02 -6.85 5.53
C ARG A 7 10.33 -5.56 5.05
N THR A 8 9.59 -4.93 5.91
CA THR A 8 8.88 -3.67 5.51
C THR A 8 9.69 -2.45 5.93
N VAL A 9 10.06 -1.63 4.98
CA VAL A 9 10.83 -0.39 5.31
C VAL A 9 10.09 0.83 4.74
N LEU A 10 8.78 0.80 4.77
CA LEU A 10 7.98 1.93 4.23
C LEU A 10 7.96 3.11 5.23
N ASN A 11 8.49 4.24 4.84
CA ASN A 11 8.53 5.42 5.75
C ASN A 11 7.28 6.30 5.56
N GLU A 12 7.01 7.19 6.50
CA GLU A 12 5.81 8.08 6.37
C GLU A 12 5.79 8.78 5.00
N LYS A 13 6.94 8.98 4.41
CA LYS A 13 6.98 9.66 3.08
C LYS A 13 6.28 8.81 2.01
N GLN A 14 6.81 7.65 1.72
CA GLN A 14 6.19 6.75 0.69
C GLN A 14 4.80 6.33 1.15
N LEU A 15 4.64 6.07 2.41
CA LEU A 15 3.32 5.63 2.94
C LEU A 15 2.25 6.65 2.54
N HIS A 16 2.53 7.90 2.78
CA HIS A 16 1.57 9.00 2.43
C HIS A 16 1.10 8.86 0.98
N THR A 17 2.00 8.65 0.06
CA THR A 17 1.60 8.52 -1.37
C THR A 17 0.48 7.47 -1.53
N LEU A 18 0.77 6.22 -1.28
CA LEU A 18 -0.30 5.17 -1.43
C LEU A 18 -1.58 5.57 -0.68
N ARG A 19 -1.45 6.12 0.50
CA ARG A 19 -2.67 6.54 1.27
C ARG A 19 -3.67 7.25 0.35
N THR A 20 -3.16 8.01 -0.58
CA THR A 20 -4.04 8.72 -1.55
C THR A 20 -4.71 7.69 -2.46
N CYS A 21 -3.98 6.69 -2.89
CA CYS A 21 -4.57 5.63 -3.78
C CYS A 21 -5.72 4.88 -3.03
N TYR A 22 -5.44 4.24 -1.91
CA TYR A 22 -6.52 3.51 -1.17
C TYR A 22 -7.73 4.41 -0.94
N ALA A 23 -7.50 5.66 -0.62
CA ALA A 23 -8.61 6.61 -0.38
C ALA A 23 -9.53 6.67 -1.60
N ALA A 24 -9.01 6.36 -2.76
CA ALA A 24 -9.84 6.39 -4.00
C ALA A 24 -10.44 5.02 -4.29
N ASN A 25 -9.72 3.97 -4.02
CA ASN A 25 -10.28 2.61 -4.30
C ASN A 25 -9.56 1.52 -3.51
N PRO A 26 -10.32 0.53 -3.06
CA PRO A 26 -9.73 -0.59 -2.29
C PRO A 26 -8.93 -1.54 -3.19
N ARG A 27 -9.01 -1.41 -4.50
CA ARG A 27 -8.25 -2.34 -5.35
C ARG A 27 -7.81 -1.66 -6.67
N PRO A 28 -6.53 -1.70 -6.93
CA PRO A 28 -5.99 -1.13 -8.18
C PRO A 28 -6.17 -2.10 -9.33
N ASP A 29 -5.63 -1.78 -10.48
CA ASP A 29 -5.76 -2.67 -11.65
C ASP A 29 -4.67 -2.39 -12.68
N ALA A 30 -4.82 -2.93 -13.86
CA ALA A 30 -3.82 -2.73 -14.96
C ALA A 30 -3.56 -1.25 -15.20
N LEU A 31 -4.53 -0.43 -14.93
CA LEU A 31 -4.38 1.04 -15.15
C LEU A 31 -3.37 1.64 -14.17
N MET A 32 -3.77 1.91 -12.96
CA MET A 32 -2.83 2.51 -11.94
C MET A 32 -1.55 1.66 -11.80
N LYS A 33 -1.66 0.36 -11.98
CA LYS A 33 -0.46 -0.54 -11.84
C LYS A 33 0.77 0.07 -12.52
N GLU A 34 0.59 0.56 -13.70
CA GLU A 34 1.74 1.15 -14.46
C GLU A 34 2.33 2.35 -13.73
N GLN A 35 1.58 3.40 -13.60
CA GLN A 35 2.10 4.63 -12.93
C GLN A 35 2.53 4.35 -11.48
N LEU A 36 1.84 3.47 -10.79
CA LEU A 36 2.21 3.17 -9.36
C LEU A 36 3.72 3.01 -9.21
N VAL A 37 4.36 2.31 -10.09
CA VAL A 37 5.84 2.11 -9.98
C VAL A 37 6.55 3.47 -9.85
N GLU A 38 6.49 4.27 -10.87
CA GLU A 38 7.17 5.59 -10.84
C GLU A 38 6.70 6.45 -9.67
N MET A 39 5.48 6.26 -9.23
CA MET A 39 4.94 7.09 -8.12
C MET A 39 5.71 6.84 -6.82
N THR A 40 5.99 5.60 -6.51
CA THR A 40 6.71 5.32 -5.23
C THR A 40 8.22 5.21 -5.47
N GLY A 41 8.62 4.87 -6.67
CA GLY A 41 10.07 4.78 -6.96
C GLY A 41 10.62 3.43 -6.52
N LEU A 42 9.83 2.39 -6.63
CA LEU A 42 10.35 1.04 -6.23
C LEU A 42 9.61 -0.06 -6.98
N SER A 43 10.11 -1.27 -6.85
CA SER A 43 9.49 -2.43 -7.57
C SER A 43 8.05 -2.67 -7.13
N PRO A 44 7.34 -3.40 -7.95
CA PRO A 44 5.94 -3.76 -7.63
C PRO A 44 5.92 -4.78 -6.49
N ARG A 45 7.07 -5.37 -6.20
CA ARG A 45 7.14 -6.38 -5.10
C ARG A 45 6.45 -5.85 -3.84
N VAL A 46 6.90 -4.72 -3.36
CA VAL A 46 6.31 -4.12 -2.12
C VAL A 46 4.84 -3.67 -2.35
N ILE A 47 4.50 -3.17 -3.51
CA ILE A 47 3.09 -2.71 -3.77
C ILE A 47 2.08 -3.85 -3.49
N ARG A 48 2.31 -5.00 -4.05
CA ARG A 48 1.36 -6.15 -3.86
C ARG A 48 1.01 -6.36 -2.38
N VAL A 49 1.94 -6.82 -1.59
CA VAL A 49 1.66 -7.11 -0.14
C VAL A 49 1.09 -5.90 0.60
N TRP A 50 1.50 -4.70 0.24
CA TRP A 50 1.00 -3.51 0.98
C TRP A 50 -0.53 -3.47 1.01
N PHE A 51 -1.18 -3.39 -0.13
CA PHE A 51 -2.67 -3.34 -0.12
C PHE A 51 -3.24 -4.50 0.70
N GLN A 52 -2.78 -5.70 0.44
CA GLN A 52 -3.28 -6.87 1.20
C GLN A 52 -3.16 -6.67 2.71
N ASN A 53 -1.94 -6.57 3.20
CA ASN A 53 -1.72 -6.38 4.67
C ASN A 53 -2.52 -5.18 5.21
N LYS A 54 -2.51 -4.07 4.51
CA LYS A 54 -3.25 -2.86 4.99
C LYS A 54 -4.69 -3.19 5.39
N ARG A 55 -5.48 -3.75 4.51
CA ARG A 55 -6.91 -4.06 4.86
C ARG A 55 -7.00 -4.79 6.21
N CYS A 56 -6.26 -5.86 6.36
CA CYS A 56 -6.32 -6.61 7.66
C CYS A 56 -5.97 -5.67 8.81
N LYS A 57 -4.85 -5.01 8.72
CA LYS A 57 -4.42 -4.08 9.80
C LYS A 57 -5.47 -2.98 9.98
N ASP A 58 -6.17 -2.59 8.93
CA ASP A 58 -7.20 -1.52 9.10
C ASP A 58 -8.36 -2.02 9.97
N LYS A 59 -8.43 -1.54 11.18
CA LYS A 59 -9.50 -1.97 12.12
C LYS A 59 -10.88 -1.48 11.64
N LYS A 60 -11.74 -2.38 11.22
CA LYS A 60 -13.11 -1.96 10.74
C LYS A 60 -12.99 -0.84 9.69
N ARG A 61 -12.81 0.38 10.13
CA ARG A 61 -12.69 1.53 9.18
C ARG A 61 -14.00 1.71 8.41
N SER A 62 -13.92 2.31 7.26
CA SER A 62 -15.16 2.54 6.44
C SER A 62 -15.90 1.22 6.22
N ILE A 63 -17.08 1.08 6.77
CA ILE A 63 -17.86 -0.18 6.59
C ILE A 63 -18.28 -0.32 5.12
N MET A 64 -18.27 -1.53 4.61
CA MET A 64 -18.68 -1.76 3.18
C MET A 64 -20.07 -1.17 2.93
N MET A 65 -20.14 0.08 2.56
CA MET A 65 -21.47 0.73 2.31
C MET A 65 -22.14 0.11 1.08
N LYS A 66 -23.37 0.45 0.84
CA LYS A 66 -24.07 -0.12 -0.36
C LYS A 66 -23.56 0.56 -1.63
N MET A 1 10.50 -23.84 1.25
CA MET A 1 11.87 -23.57 1.76
C MET A 1 12.16 -22.06 1.76
N LYS A 2 11.76 -21.37 0.73
CA LYS A 2 12.01 -19.89 0.68
C LYS A 2 10.92 -19.13 1.45
N THR A 3 11.29 -18.48 2.54
CA THR A 3 10.28 -17.72 3.34
C THR A 3 10.57 -16.21 3.30
N THR A 4 9.70 -15.42 2.71
CA THR A 4 9.93 -13.93 2.66
C THR A 4 10.36 -13.43 4.06
N ARG A 5 11.56 -12.94 4.18
CA ARG A 5 12.03 -12.47 5.52
C ARG A 5 11.42 -11.10 5.87
N VAL A 6 11.36 -10.79 7.14
CA VAL A 6 10.76 -9.48 7.57
C VAL A 6 11.77 -8.34 7.43
N ARG A 7 11.73 -7.62 6.34
CA ARG A 7 12.69 -6.48 6.17
C ARG A 7 12.00 -5.28 5.50
N THR A 8 10.90 -4.85 6.03
CA THR A 8 10.15 -3.70 5.46
C THR A 8 11.05 -2.45 5.36
N VAL A 9 10.66 -1.53 4.52
CA VAL A 9 11.46 -0.27 4.36
C VAL A 9 10.52 0.91 4.09
N LEU A 10 9.30 0.83 4.54
CA LEU A 10 8.33 1.94 4.33
C LEU A 10 8.51 3.01 5.39
N ASN A 11 8.17 4.25 5.09
CA ASN A 11 8.31 5.32 6.12
C ASN A 11 7.26 6.42 5.91
N GLU A 12 7.47 7.55 6.55
CA GLU A 12 6.52 8.70 6.45
C GLU A 12 6.36 9.19 5.01
N LYS A 13 7.39 9.10 4.23
CA LYS A 13 7.32 9.60 2.80
C LYS A 13 6.42 8.73 1.92
N GLN A 14 6.86 7.54 1.58
CA GLN A 14 6.05 6.65 0.68
C GLN A 14 4.66 6.33 1.26
N LEU A 15 4.60 5.99 2.51
CA LEU A 15 3.29 5.64 3.14
C LEU A 15 2.25 6.73 2.88
N HIS A 16 2.59 7.97 3.08
CA HIS A 16 1.61 9.06 2.86
C HIS A 16 1.00 9.01 1.46
N THR A 17 1.82 8.86 0.45
CA THR A 17 1.30 8.82 -0.94
C THR A 17 0.23 7.74 -1.06
N LEU A 18 0.59 6.51 -0.93
CA LEU A 18 -0.41 5.41 -1.05
C LEU A 18 -1.66 5.67 -0.19
N ARG A 19 -1.53 6.34 0.94
CA ARG A 19 -2.72 6.60 1.82
C ARG A 19 -3.92 7.15 1.03
N THR A 20 -3.71 8.20 0.25
CA THR A 20 -4.86 8.77 -0.51
C THR A 20 -5.40 7.78 -1.55
N CYS A 21 -4.56 6.90 -2.03
CA CYS A 21 -5.01 5.92 -3.07
C CYS A 21 -6.11 4.99 -2.52
N TYR A 22 -5.77 4.13 -1.59
CA TYR A 22 -6.80 3.19 -1.02
C TYR A 22 -8.05 3.96 -0.62
N ALA A 23 -7.88 5.13 -0.10
CA ALA A 23 -9.07 5.92 0.32
C ALA A 23 -10.02 6.11 -0.88
N ALA A 24 -9.49 6.47 -2.02
CA ALA A 24 -10.35 6.67 -3.22
C ALA A 24 -10.16 5.52 -4.22
N ASN A 25 -9.47 4.49 -3.83
CA ASN A 25 -9.23 3.36 -4.77
C ASN A 25 -8.73 2.12 -4.00
N PRO A 26 -9.64 1.45 -3.33
CA PRO A 26 -9.29 0.24 -2.53
C PRO A 26 -8.99 -0.99 -3.42
N ARG A 27 -9.05 -0.84 -4.72
CA ARG A 27 -8.77 -2.01 -5.62
C ARG A 27 -8.11 -1.54 -6.92
N PRO A 28 -6.80 -1.46 -6.89
CA PRO A 28 -6.05 -1.06 -8.10
C PRO A 28 -5.88 -2.27 -9.02
N ASP A 29 -5.22 -2.11 -10.15
CA ASP A 29 -5.01 -3.28 -11.07
C ASP A 29 -3.92 -3.02 -12.09
N ALA A 30 -3.79 -3.92 -13.04
CA ALA A 30 -2.75 -3.76 -14.11
C ALA A 30 -2.69 -2.30 -14.60
N LEU A 31 -3.79 -1.60 -14.54
CA LEU A 31 -3.81 -0.18 -14.99
C LEU A 31 -2.87 0.68 -14.14
N MET A 32 -3.32 1.13 -12.99
CA MET A 32 -2.44 1.98 -12.13
C MET A 32 -1.18 1.21 -11.71
N LYS A 33 -1.19 -0.10 -11.73
CA LYS A 33 0.04 -0.86 -11.30
C LYS A 33 1.29 -0.32 -11.99
N GLU A 34 1.22 -0.13 -13.28
CA GLU A 34 2.41 0.38 -14.02
C GLU A 34 2.75 1.81 -13.55
N GLN A 35 1.80 2.70 -13.51
CA GLN A 35 2.10 4.08 -13.06
C GLN A 35 2.59 4.08 -11.61
N LEU A 36 2.04 3.22 -10.80
CA LEU A 36 2.48 3.16 -9.36
C LEU A 36 3.99 3.09 -9.25
N VAL A 37 4.64 2.36 -10.13
CA VAL A 37 6.13 2.26 -10.06
C VAL A 37 6.77 3.65 -10.14
N GLU A 38 6.32 4.47 -11.06
CA GLU A 38 6.93 5.84 -11.23
C GLU A 38 6.65 6.74 -10.02
N MET A 39 5.52 6.60 -9.38
CA MET A 39 5.19 7.49 -8.23
C MET A 39 6.19 7.30 -7.08
N THR A 40 6.68 6.12 -6.87
CA THR A 40 7.68 5.93 -5.77
C THR A 40 9.04 5.57 -6.37
N GLY A 41 9.04 4.91 -7.50
CA GLY A 41 10.33 4.52 -8.14
C GLY A 41 10.69 3.10 -7.67
N LEU A 42 9.98 2.60 -6.70
CA LEU A 42 10.25 1.22 -6.17
C LEU A 42 9.59 0.18 -7.09
N SER A 43 9.90 -1.09 -6.92
CA SER A 43 9.27 -2.13 -7.77
C SER A 43 7.78 -2.25 -7.44
N PRO A 44 7.04 -2.86 -8.34
CA PRO A 44 5.59 -3.05 -8.12
C PRO A 44 5.40 -4.22 -7.13
N ARG A 45 6.38 -5.06 -7.02
CA ARG A 45 6.31 -6.22 -6.08
C ARG A 45 5.90 -5.74 -4.67
N VAL A 46 6.59 -4.78 -4.13
CA VAL A 46 6.27 -4.30 -2.76
C VAL A 46 4.81 -3.80 -2.67
N ILE A 47 4.36 -3.02 -3.62
CA ILE A 47 2.95 -2.52 -3.57
C ILE A 47 1.93 -3.67 -3.56
N ARG A 48 2.21 -4.77 -4.23
CA ARG A 48 1.22 -5.90 -4.26
C ARG A 48 0.73 -6.27 -2.85
N VAL A 49 1.59 -6.78 -2.01
CA VAL A 49 1.19 -7.18 -0.64
C VAL A 49 0.75 -5.96 0.18
N TRP A 50 1.17 -4.77 -0.20
CA TRP A 50 0.79 -3.57 0.58
C TRP A 50 -0.74 -3.49 0.71
N PHE A 51 -1.45 -3.35 -0.38
CA PHE A 51 -2.95 -3.26 -0.30
C PHE A 51 -3.53 -4.44 0.51
N GLN A 52 -3.07 -5.63 0.24
CA GLN A 52 -3.56 -6.83 0.97
C GLN A 52 -3.49 -6.63 2.49
N ASN A 53 -2.31 -6.49 3.01
CA ASN A 53 -2.16 -6.33 4.49
C ASN A 53 -3.04 -5.17 5.01
N LYS A 54 -3.03 -4.05 4.33
CA LYS A 54 -3.84 -2.87 4.80
C LYS A 54 -5.27 -3.26 5.22
N ARG A 55 -5.94 -4.06 4.45
CA ARG A 55 -7.33 -4.46 4.81
C ARG A 55 -7.40 -5.01 6.24
N CYS A 56 -6.74 -6.12 6.52
CA CYS A 56 -6.78 -6.71 7.89
C CYS A 56 -6.30 -5.72 8.96
N LYS A 57 -5.21 -5.05 8.72
CA LYS A 57 -4.70 -4.09 9.75
C LYS A 57 -5.74 -2.98 9.98
N ASP A 58 -6.35 -2.48 8.93
CA ASP A 58 -7.37 -1.40 9.10
C ASP A 58 -8.64 -1.93 9.77
N LYS A 59 -8.53 -2.50 10.95
CA LYS A 59 -9.76 -3.01 11.62
C LYS A 59 -10.74 -1.85 11.87
N LYS A 60 -10.26 -0.75 12.40
CA LYS A 60 -11.15 0.41 12.65
C LYS A 60 -11.13 1.40 11.48
N ARG A 61 -10.35 1.16 10.47
CA ARG A 61 -10.29 2.12 9.33
C ARG A 61 -11.17 1.65 8.17
N SER A 62 -12.10 0.77 8.43
CA SER A 62 -12.99 0.29 7.32
C SER A 62 -14.25 1.14 7.25
N ILE A 63 -14.66 1.71 8.36
CA ILE A 63 -15.89 2.54 8.36
C ILE A 63 -15.56 4.03 8.49
N MET A 64 -15.43 4.73 7.39
CA MET A 64 -15.14 6.19 7.49
C MET A 64 -16.36 7.02 7.06
N MET A 65 -16.90 7.84 7.93
CA MET A 65 -18.08 8.68 7.56
C MET A 65 -17.64 10.10 7.21
N LYS A 66 -17.73 10.48 5.96
CA LYS A 66 -17.29 11.85 5.55
C LYS A 66 -18.25 12.91 6.10
N MET A 1 13.26 -21.06 9.62
CA MET A 1 14.70 -21.22 9.33
C MET A 1 15.14 -20.29 8.19
N LYS A 2 14.62 -20.51 7.01
CA LYS A 2 15.01 -19.62 5.87
C LYS A 2 14.66 -18.16 6.21
N THR A 3 15.19 -17.22 5.46
CA THR A 3 14.92 -15.78 5.76
C THR A 3 13.42 -15.45 5.68
N THR A 4 12.80 -15.07 6.77
CA THR A 4 11.35 -14.71 6.71
C THR A 4 11.00 -13.71 7.81
N ARG A 5 11.30 -12.45 7.59
CA ARG A 5 11.00 -11.42 8.63
C ARG A 5 10.61 -10.07 7.99
N VAL A 6 10.91 -8.98 8.66
CA VAL A 6 10.56 -7.63 8.11
C VAL A 6 11.84 -6.90 7.67
N ARG A 7 11.99 -6.64 6.39
CA ARG A 7 13.20 -5.89 5.92
C ARG A 7 12.78 -4.80 4.92
N THR A 8 11.53 -4.45 4.93
CA THR A 8 11.05 -3.40 3.99
C THR A 8 11.75 -2.08 4.25
N VAL A 9 11.30 -1.08 3.56
CA VAL A 9 11.86 0.27 3.72
C VAL A 9 10.71 1.28 3.58
N LEU A 10 9.51 0.83 3.82
CA LEU A 10 8.31 1.73 3.76
C LEU A 10 8.19 2.47 5.10
N ASN A 11 7.97 3.76 5.08
CA ASN A 11 7.84 4.48 6.38
C ASN A 11 6.92 5.69 6.23
N GLU A 12 6.92 6.55 7.22
CA GLU A 12 6.05 7.75 7.19
C GLU A 12 6.18 8.54 5.88
N LYS A 13 7.31 8.45 5.22
CA LYS A 13 7.50 9.22 3.96
C LYS A 13 6.66 8.64 2.82
N GLN A 14 7.01 7.49 2.33
CA GLN A 14 6.23 6.89 1.21
C GLN A 14 4.79 6.55 1.64
N LEU A 15 4.59 6.17 2.88
CA LEU A 15 3.20 5.85 3.36
C LEU A 15 2.20 6.91 2.88
N HIS A 16 2.49 8.15 3.13
CA HIS A 16 1.58 9.25 2.72
C HIS A 16 1.09 9.06 1.27
N THR A 17 1.96 8.78 0.35
CA THR A 17 1.52 8.63 -1.08
C THR A 17 0.45 7.54 -1.22
N LEU A 18 0.81 6.32 -0.98
CA LEU A 18 -0.19 5.20 -1.14
C LEU A 18 -1.48 5.52 -0.42
N ARG A 19 -1.41 6.08 0.77
CA ARG A 19 -2.66 6.41 1.52
C ARG A 19 -3.65 7.20 0.64
N THR A 20 -3.16 8.07 -0.22
CA THR A 20 -4.10 8.84 -1.11
C THR A 20 -4.78 7.88 -2.09
N CYS A 21 -4.06 6.93 -2.61
CA CYS A 21 -4.66 5.95 -3.58
C CYS A 21 -5.83 5.19 -2.94
N TYR A 22 -5.55 4.45 -1.90
CA TYR A 22 -6.64 3.67 -1.19
C TYR A 22 -7.83 4.58 -0.86
N ALA A 23 -7.55 5.73 -0.28
CA ALA A 23 -8.65 6.67 0.11
C ALA A 23 -9.54 7.02 -1.10
N ALA A 24 -8.99 6.98 -2.29
CA ALA A 24 -9.78 7.34 -3.50
C ALA A 24 -10.41 6.09 -4.14
N ASN A 25 -9.74 4.98 -4.03
CA ASN A 25 -10.27 3.72 -4.64
C ASN A 25 -9.52 2.50 -4.10
N PRO A 26 -10.16 1.74 -3.27
CA PRO A 26 -9.50 0.54 -2.69
C PRO A 26 -9.48 -0.65 -3.67
N ARG A 27 -9.27 -0.40 -4.94
CA ARG A 27 -9.24 -1.55 -5.90
C ARG A 27 -8.46 -1.21 -7.16
N PRO A 28 -7.17 -1.43 -7.13
CA PRO A 28 -6.33 -1.14 -8.31
C PRO A 28 -6.27 -2.36 -9.25
N ASP A 29 -5.48 -2.27 -10.29
CA ASP A 29 -5.39 -3.42 -11.24
C ASP A 29 -4.17 -3.28 -12.16
N ALA A 30 -4.06 -4.17 -13.12
CA ALA A 30 -2.92 -4.14 -14.08
C ALA A 30 -2.74 -2.74 -14.67
N LEU A 31 -3.80 -1.98 -14.72
CA LEU A 31 -3.72 -0.60 -15.30
C LEU A 31 -2.90 0.33 -14.40
N MET A 32 -3.49 0.86 -13.37
CA MET A 32 -2.76 1.80 -12.47
C MET A 32 -1.52 1.11 -11.88
N LYS A 33 -1.56 -0.18 -11.65
CA LYS A 33 -0.36 -0.89 -11.08
C LYS A 33 0.91 -0.49 -11.85
N GLU A 34 0.81 -0.29 -13.14
CA GLU A 34 2.00 0.11 -13.93
C GLU A 34 2.48 1.50 -13.50
N GLN A 35 1.63 2.49 -13.59
CA GLN A 35 2.04 3.87 -13.17
C GLN A 35 2.37 3.91 -11.67
N LEU A 36 1.71 3.10 -10.89
CA LEU A 36 1.98 3.09 -9.41
C LEU A 36 3.48 3.04 -9.13
N VAL A 37 4.24 2.32 -9.92
CA VAL A 37 5.71 2.28 -9.68
C VAL A 37 6.30 3.70 -9.81
N GLU A 38 5.96 4.38 -10.87
CA GLU A 38 6.50 5.76 -11.07
C GLU A 38 6.11 6.69 -9.92
N MET A 39 4.92 6.56 -9.40
CA MET A 39 4.48 7.46 -8.29
C MET A 39 5.35 7.33 -7.04
N THR A 40 5.72 6.13 -6.68
CA THR A 40 6.58 5.95 -5.46
C THR A 40 8.01 5.60 -5.90
N GLY A 41 8.19 5.24 -7.14
CA GLY A 41 9.55 4.89 -7.63
C GLY A 41 10.01 3.56 -7.04
N LEU A 42 9.14 2.88 -6.32
CA LEU A 42 9.53 1.58 -5.70
C LEU A 42 9.35 0.41 -6.67
N SER A 43 9.79 -0.74 -6.27
CA SER A 43 9.65 -1.96 -7.10
C SER A 43 8.18 -2.40 -7.10
N PRO A 44 7.79 -3.17 -8.09
CA PRO A 44 6.38 -3.63 -8.14
C PRO A 44 6.15 -4.76 -7.13
N ARG A 45 7.19 -5.44 -6.74
CA ARG A 45 7.03 -6.55 -5.74
C ARG A 45 6.31 -6.03 -4.49
N VAL A 46 6.81 -4.99 -3.87
CA VAL A 46 6.14 -4.43 -2.64
C VAL A 46 4.71 -3.96 -2.96
N ILE A 47 4.53 -3.30 -4.08
CA ILE A 47 3.17 -2.79 -4.45
C ILE A 47 2.10 -3.85 -4.15
N ARG A 48 2.27 -5.03 -4.66
CA ARG A 48 1.27 -6.13 -4.42
C ARG A 48 1.00 -6.33 -2.93
N VAL A 49 1.97 -6.85 -2.23
CA VAL A 49 1.81 -7.14 -0.78
C VAL A 49 1.33 -5.92 0.03
N TRP A 50 1.64 -4.71 -0.38
CA TRP A 50 1.17 -3.53 0.41
C TRP A 50 -0.36 -3.53 0.56
N PHE A 51 -1.05 -3.37 -0.54
CA PHE A 51 -2.55 -3.35 -0.51
C PHE A 51 -3.11 -4.48 0.35
N GLN A 52 -2.54 -5.64 0.25
CA GLN A 52 -3.02 -6.81 1.05
C GLN A 52 -3.00 -6.48 2.55
N ASN A 53 -1.83 -6.50 3.13
CA ASN A 53 -1.70 -6.22 4.60
C ASN A 53 -2.43 -4.92 4.96
N LYS A 54 -2.52 -3.99 4.04
CA LYS A 54 -3.21 -2.70 4.34
C LYS A 54 -4.61 -2.95 4.88
N ARG A 55 -5.29 -3.91 4.33
CA ARG A 55 -6.67 -4.22 4.79
C ARG A 55 -6.67 -4.53 6.29
N CYS A 56 -5.81 -5.41 6.73
CA CYS A 56 -5.74 -5.76 8.18
C CYS A 56 -5.45 -4.51 9.02
N LYS A 57 -4.54 -3.70 8.58
CA LYS A 57 -4.21 -2.48 9.37
C LYS A 57 -5.43 -1.54 9.42
N ASP A 58 -6.07 -1.30 8.31
CA ASP A 58 -7.26 -0.40 8.31
C ASP A 58 -8.40 -1.05 9.11
N LYS A 59 -8.57 -2.34 8.98
CA LYS A 59 -9.66 -3.10 9.70
C LYS A 59 -10.83 -2.20 10.13
N LYS A 60 -11.68 -1.81 9.22
CA LYS A 60 -12.84 -0.94 9.58
C LYS A 60 -12.39 0.27 10.38
N ARG A 61 -11.74 1.21 9.74
CA ARG A 61 -11.26 2.43 10.46
C ARG A 61 -12.29 3.57 10.37
N SER A 62 -12.55 4.25 11.46
CA SER A 62 -13.54 5.37 11.42
C SER A 62 -12.82 6.68 11.10
N ILE A 63 -13.42 7.52 10.29
CA ILE A 63 -12.77 8.82 9.96
C ILE A 63 -12.96 9.80 11.13
N MET A 64 -11.90 10.15 11.79
CA MET A 64 -12.01 11.10 12.93
C MET A 64 -12.76 12.37 12.54
N MET A 65 -14.01 12.42 12.82
CA MET A 65 -14.82 13.61 12.50
C MET A 65 -14.84 14.58 13.67
N LYS A 66 -14.35 15.78 13.48
CA LYS A 66 -14.34 16.79 14.59
C LYS A 66 -15.77 17.08 15.04
N MET A 1 2.48 -20.17 11.01
CA MET A 1 3.18 -19.17 10.14
C MET A 1 4.60 -19.63 9.83
N LYS A 2 5.40 -19.85 10.85
CA LYS A 2 6.82 -20.28 10.62
C LYS A 2 7.54 -19.28 9.71
N THR A 3 7.37 -19.40 8.42
CA THR A 3 8.06 -18.44 7.49
C THR A 3 7.42 -17.05 7.59
N THR A 4 7.40 -16.30 6.51
CA THR A 4 6.80 -14.93 6.55
C THR A 4 7.49 -14.09 7.62
N ARG A 5 8.78 -14.19 7.73
CA ARG A 5 9.50 -13.35 8.75
C ARG A 5 9.29 -11.87 8.44
N VAL A 6 9.19 -11.03 9.43
CA VAL A 6 8.98 -9.57 9.15
C VAL A 6 10.17 -8.99 8.38
N ARG A 7 9.93 -8.02 7.53
CA ARG A 7 11.04 -7.41 6.73
C ARG A 7 10.52 -6.27 5.87
N THR A 8 9.61 -5.48 6.39
CA THR A 8 9.05 -4.34 5.61
C THR A 8 9.84 -3.06 5.90
N VAL A 9 9.87 -2.13 4.98
CA VAL A 9 10.64 -0.85 5.22
C VAL A 9 9.76 0.37 4.97
N LEU A 10 8.46 0.21 4.96
CA LEU A 10 7.57 1.38 4.71
C LEU A 10 7.47 2.25 5.97
N ASN A 11 7.44 3.56 5.81
CA ASN A 11 7.35 4.44 7.01
C ASN A 11 6.56 5.73 6.68
N GLU A 12 6.65 6.72 7.53
CA GLU A 12 5.88 7.98 7.30
C GLU A 12 6.02 8.52 5.86
N LYS A 13 7.12 8.27 5.20
CA LYS A 13 7.28 8.84 3.83
C LYS A 13 6.32 8.17 2.81
N GLN A 14 6.72 7.05 2.26
CA GLN A 14 5.88 6.36 1.22
C GLN A 14 4.42 6.22 1.65
N LEU A 15 4.18 5.94 2.89
CA LEU A 15 2.76 5.78 3.35
C LEU A 15 1.89 6.94 2.86
N HIS A 16 2.26 8.17 3.21
CA HIS A 16 1.44 9.35 2.78
C HIS A 16 1.08 9.27 1.29
N THR A 17 2.02 8.95 0.43
CA THR A 17 1.72 8.87 -1.03
C THR A 17 0.58 7.88 -1.29
N LEU A 18 0.80 6.63 -1.03
CA LEU A 18 -0.26 5.60 -1.24
C LEU A 18 -1.56 5.99 -0.51
N ARG A 19 -1.46 6.63 0.63
CA ARG A 19 -2.68 7.02 1.40
C ARG A 19 -3.75 7.63 0.48
N THR A 20 -3.36 8.46 -0.44
CA THR A 20 -4.37 9.08 -1.34
C THR A 20 -4.99 8.01 -2.24
N CYS A 21 -4.20 7.09 -2.74
CA CYS A 21 -4.76 6.03 -3.63
C CYS A 21 -5.81 5.19 -2.86
N TYR A 22 -5.39 4.48 -1.85
CA TYR A 22 -6.36 3.63 -1.08
C TYR A 22 -7.62 4.44 -0.71
N ALA A 23 -7.46 5.66 -0.25
CA ALA A 23 -8.66 6.50 0.13
C ALA A 23 -9.69 6.54 -1.01
N ALA A 24 -9.24 6.80 -2.22
CA ALA A 24 -10.19 6.88 -3.37
C ALA A 24 -10.10 5.64 -4.26
N ASN A 25 -9.32 4.67 -3.87
CA ASN A 25 -9.18 3.45 -4.71
C ASN A 25 -8.69 2.28 -3.85
N PRO A 26 -9.61 1.70 -3.12
CA PRO A 26 -9.26 0.56 -2.24
C PRO A 26 -9.06 -0.75 -3.02
N ARG A 27 -8.98 -0.71 -4.32
CA ARG A 27 -8.79 -1.99 -5.10
C ARG A 27 -8.22 -1.69 -6.50
N PRO A 28 -6.91 -1.57 -6.58
CA PRO A 28 -6.25 -1.29 -7.88
C PRO A 28 -5.92 -2.61 -8.59
N ASP A 29 -5.25 -2.54 -9.72
CA ASP A 29 -4.88 -3.78 -10.46
C ASP A 29 -3.86 -3.49 -11.57
N ALA A 30 -3.80 -4.36 -12.55
CA ALA A 30 -2.83 -4.20 -13.68
C ALA A 30 -2.83 -2.77 -14.24
N LEU A 31 -3.98 -2.15 -14.35
CA LEU A 31 -4.01 -0.77 -14.91
C LEU A 31 -3.23 0.21 -14.04
N MET A 32 -3.68 0.39 -12.84
CA MET A 32 -3.00 1.34 -11.92
C MET A 32 -1.55 0.90 -11.69
N LYS A 33 -1.30 -0.38 -11.71
CA LYS A 33 0.09 -0.89 -11.47
C LYS A 33 1.11 -0.15 -12.35
N GLU A 34 0.71 0.32 -13.50
CA GLU A 34 1.68 1.04 -14.40
C GLU A 34 2.25 2.29 -13.71
N GLN A 35 1.47 3.35 -13.63
CA GLN A 35 1.98 4.61 -13.00
C GLN A 35 2.46 4.37 -11.57
N LEU A 36 1.87 3.43 -10.89
CA LEU A 36 2.27 3.12 -9.49
C LEU A 36 3.79 3.02 -9.38
N VAL A 37 4.41 2.38 -10.32
CA VAL A 37 5.90 2.25 -10.29
C VAL A 37 6.53 3.64 -10.21
N GLU A 38 6.14 4.49 -11.13
CA GLU A 38 6.71 5.86 -11.17
C GLU A 38 6.38 6.68 -9.93
N MET A 39 5.20 6.50 -9.40
CA MET A 39 4.80 7.28 -8.20
C MET A 39 5.85 7.16 -7.10
N THR A 40 6.16 5.95 -6.69
CA THR A 40 7.19 5.79 -5.63
C THR A 40 8.53 5.29 -6.19
N GLY A 41 8.57 4.82 -7.41
CA GLY A 41 9.85 4.33 -8.00
C GLY A 41 10.21 2.95 -7.43
N LEU A 42 9.46 2.45 -6.48
CA LEU A 42 9.77 1.11 -5.92
C LEU A 42 9.25 0.02 -6.85
N SER A 43 9.78 -1.18 -6.72
CA SER A 43 9.33 -2.31 -7.59
C SER A 43 7.87 -2.69 -7.28
N PRO A 44 7.32 -3.60 -8.06
CA PRO A 44 5.90 -4.01 -7.86
C PRO A 44 5.74 -4.88 -6.59
N ARG A 45 6.81 -5.47 -6.12
CA ARG A 45 6.73 -6.32 -4.89
C ARG A 45 5.98 -5.59 -3.76
N VAL A 46 6.56 -4.53 -3.27
CA VAL A 46 5.92 -3.75 -2.17
C VAL A 46 4.52 -3.27 -2.56
N ILE A 47 4.36 -2.76 -3.76
CA ILE A 47 3.02 -2.26 -4.18
C ILE A 47 1.94 -3.35 -4.05
N ARG A 48 2.12 -4.47 -4.71
CA ARG A 48 1.08 -5.54 -4.62
C ARG A 48 0.79 -5.92 -3.16
N VAL A 49 1.78 -6.36 -2.43
CA VAL A 49 1.54 -6.77 -1.00
C VAL A 49 1.03 -5.59 -0.16
N TRP A 50 1.41 -4.38 -0.46
CA TRP A 50 0.92 -3.23 0.35
C TRP A 50 -0.61 -3.23 0.41
N PHE A 51 -1.27 -3.13 -0.72
CA PHE A 51 -2.77 -3.12 -0.71
C PHE A 51 -3.31 -4.33 0.04
N GLN A 52 -2.95 -5.51 -0.37
CA GLN A 52 -3.43 -6.73 0.35
C GLN A 52 -3.17 -6.59 1.85
N ASN A 53 -1.92 -6.63 2.24
CA ASN A 53 -1.54 -6.49 3.69
C ASN A 53 -2.29 -5.31 4.33
N LYS A 54 -2.34 -4.18 3.67
CA LYS A 54 -3.05 -3.00 4.26
C LYS A 54 -4.47 -3.39 4.71
N ARG A 55 -5.21 -4.07 3.87
CA ARG A 55 -6.58 -4.49 4.24
C ARG A 55 -6.57 -5.16 5.62
N CYS A 56 -5.83 -6.22 5.76
CA CYS A 56 -5.77 -6.93 7.07
C CYS A 56 -5.36 -5.96 8.18
N LYS A 57 -4.35 -5.14 7.96
CA LYS A 57 -3.93 -4.18 9.02
C LYS A 57 -5.00 -3.11 9.23
N ASP A 58 -5.68 -2.73 8.17
CA ASP A 58 -6.71 -1.67 8.29
C ASP A 58 -7.92 -2.12 9.12
N LYS A 59 -7.72 -2.51 10.35
CA LYS A 59 -8.86 -2.93 11.19
C LYS A 59 -9.81 -1.74 11.41
N LYS A 60 -9.28 -0.61 11.79
CA LYS A 60 -10.14 0.60 11.99
C LYS A 60 -9.38 1.88 11.66
N ARG A 61 -9.54 2.40 10.47
CA ARG A 61 -8.83 3.65 10.09
C ARG A 61 -9.48 4.86 10.81
N SER A 62 -9.50 4.84 12.11
CA SER A 62 -10.13 5.98 12.88
C SER A 62 -9.28 7.24 12.81
N ILE A 63 -9.67 8.26 13.52
CA ILE A 63 -8.91 9.53 13.51
C ILE A 63 -8.32 9.82 14.88
N MET A 64 -8.65 9.02 15.86
CA MET A 64 -8.08 9.24 17.23
C MET A 64 -8.27 10.70 17.69
N MET A 65 -7.77 11.04 18.87
CA MET A 65 -7.93 12.44 19.39
C MET A 65 -6.67 13.29 19.10
N LYS A 66 -6.82 14.59 19.08
CA LYS A 66 -5.64 15.48 18.81
C LYS A 66 -4.93 15.82 20.13
N MET A 1 12.18 -19.68 12.01
CA MET A 1 12.33 -18.43 12.81
C MET A 1 12.97 -17.33 11.97
N LYS A 2 14.17 -17.55 11.49
CA LYS A 2 14.86 -16.53 10.66
C LYS A 2 14.74 -16.88 9.17
N THR A 3 15.51 -17.85 8.72
CA THR A 3 15.46 -18.26 7.28
C THR A 3 15.36 -17.04 6.35
N THR A 4 16.11 -16.00 6.64
CA THR A 4 16.07 -14.79 5.78
C THR A 4 14.63 -14.30 5.58
N ARG A 5 14.13 -13.51 6.51
CA ARG A 5 12.73 -13.00 6.37
C ARG A 5 12.70 -11.72 5.54
N VAL A 6 11.54 -11.23 5.23
CA VAL A 6 11.44 -9.97 4.41
C VAL A 6 11.11 -8.77 5.30
N ARG A 7 11.93 -7.76 5.28
CA ARG A 7 11.68 -6.56 6.13
C ARG A 7 11.35 -5.34 5.26
N THR A 8 10.11 -4.93 5.21
CA THR A 8 9.74 -3.74 4.40
C THR A 8 10.10 -2.46 5.15
N VAL A 9 9.94 -1.32 4.51
CA VAL A 9 10.27 -0.03 5.20
C VAL A 9 9.33 1.07 4.74
N LEU A 10 8.05 0.89 4.91
CA LEU A 10 7.08 1.93 4.49
C LEU A 10 7.05 3.07 5.53
N ASN A 11 7.66 4.16 5.23
CA ASN A 11 7.70 5.31 6.20
C ASN A 11 6.58 6.32 5.91
N GLU A 12 6.37 7.23 6.81
CA GLU A 12 5.30 8.27 6.63
C GLU A 12 5.33 8.85 5.21
N LYS A 13 6.48 8.93 4.61
CA LYS A 13 6.58 9.52 3.23
C LYS A 13 5.87 8.62 2.21
N GLN A 14 6.42 7.45 1.95
CA GLN A 14 5.78 6.54 0.96
C GLN A 14 4.36 6.18 1.40
N LEU A 15 4.14 6.00 2.67
CA LEU A 15 2.77 5.65 3.16
C LEU A 15 1.75 6.69 2.70
N HIS A 16 1.99 7.94 3.01
CA HIS A 16 1.04 9.02 2.61
C HIS A 16 0.69 8.92 1.11
N THR A 17 1.66 8.69 0.28
CA THR A 17 1.37 8.60 -1.18
C THR A 17 0.29 7.54 -1.44
N LEU A 18 0.58 6.29 -1.18
CA LEU A 18 -0.42 5.21 -1.41
C LEU A 18 -1.77 5.58 -0.76
N ARG A 19 -1.74 6.14 0.43
CA ARG A 19 -3.01 6.51 1.12
C ARG A 19 -3.97 7.27 0.19
N THR A 20 -3.45 8.07 -0.70
CA THR A 20 -4.34 8.84 -1.62
C THR A 20 -5.07 7.88 -2.57
N CYS A 21 -4.39 6.87 -3.05
CA CYS A 21 -5.03 5.89 -3.99
C CYS A 21 -6.19 5.16 -3.28
N TYR A 22 -5.88 4.51 -2.19
CA TYR A 22 -6.92 3.75 -1.43
C TYR A 22 -8.18 4.61 -1.21
N ALA A 23 -8.02 5.86 -0.87
CA ALA A 23 -9.21 6.74 -0.64
C ALA A 23 -10.12 6.75 -1.88
N ALA A 24 -9.56 6.95 -3.04
CA ALA A 24 -10.39 6.99 -4.28
C ALA A 24 -10.44 5.60 -4.94
N ASN A 25 -9.69 4.67 -4.44
CA ASN A 25 -9.67 3.31 -5.03
C ASN A 25 -9.07 2.33 -4.02
N PRO A 26 -9.92 1.70 -3.25
CA PRO A 26 -9.45 0.73 -2.24
C PRO A 26 -9.13 -0.63 -2.86
N ARG A 27 -8.82 -0.66 -4.14
CA ARG A 27 -8.48 -1.95 -4.80
C ARG A 27 -7.59 -1.68 -6.01
N PRO A 28 -6.65 -2.56 -6.24
CA PRO A 28 -5.74 -2.39 -7.39
C PRO A 28 -6.46 -2.73 -8.70
N ASP A 29 -5.75 -2.71 -9.80
CA ASP A 29 -6.39 -3.03 -11.11
C ASP A 29 -5.32 -3.39 -12.14
N ALA A 30 -4.57 -2.41 -12.58
CA ALA A 30 -3.49 -2.65 -13.59
C ALA A 30 -3.02 -1.31 -14.13
N LEU A 31 -3.95 -0.40 -14.32
CA LEU A 31 -3.57 0.95 -14.84
C LEU A 31 -2.75 1.70 -13.78
N MET A 32 -3.24 1.71 -12.57
CA MET A 32 -2.50 2.41 -11.47
C MET A 32 -1.17 1.70 -11.22
N LYS A 33 -1.18 0.39 -11.19
CA LYS A 33 0.08 -0.39 -10.95
C LYS A 33 1.21 0.13 -11.84
N GLU A 34 0.93 0.38 -13.08
CA GLU A 34 1.98 0.88 -14.01
C GLU A 34 2.51 2.25 -13.54
N GLN A 35 1.64 3.22 -13.42
CA GLN A 35 2.10 4.57 -12.97
C GLN A 35 2.70 4.49 -11.57
N LEU A 36 2.13 3.66 -10.72
CA LEU A 36 2.66 3.53 -9.33
C LEU A 36 4.18 3.34 -9.33
N VAL A 37 4.69 2.68 -10.33
CA VAL A 37 6.17 2.45 -10.39
C VAL A 37 6.90 3.80 -10.34
N GLU A 38 6.61 4.67 -11.27
CA GLU A 38 7.28 6.01 -11.31
C GLU A 38 7.04 6.80 -10.02
N MET A 39 5.90 6.64 -9.40
CA MET A 39 5.61 7.41 -8.15
C MET A 39 6.68 7.14 -7.07
N THR A 40 6.84 5.92 -6.66
CA THR A 40 7.85 5.61 -5.61
C THR A 40 9.11 4.98 -6.22
N GLY A 41 9.07 4.63 -7.48
CA GLY A 41 10.27 4.02 -8.15
C GLY A 41 10.51 2.59 -7.63
N LEU A 42 9.69 2.11 -6.73
CA LEU A 42 9.88 0.74 -6.19
C LEU A 42 9.27 -0.31 -7.13
N SER A 43 9.68 -1.55 -7.00
CA SER A 43 9.13 -2.62 -7.87
C SER A 43 7.66 -2.88 -7.52
N PRO A 44 6.98 -3.64 -8.35
CA PRO A 44 5.56 -3.95 -8.08
C PRO A 44 5.44 -4.94 -6.92
N ARG A 45 6.47 -5.70 -6.66
CA ARG A 45 6.43 -6.69 -5.55
C ARG A 45 6.07 -6.01 -4.22
N VAL A 46 6.89 -5.11 -3.77
CA VAL A 46 6.62 -4.42 -2.46
C VAL A 46 5.26 -3.71 -2.49
N ILE A 47 4.86 -3.18 -3.61
CA ILE A 47 3.55 -2.46 -3.68
C ILE A 47 2.39 -3.47 -3.64
N ARG A 48 2.41 -4.46 -4.48
CA ARG A 48 1.30 -5.45 -4.51
C ARG A 48 0.98 -5.96 -3.09
N VAL A 49 1.96 -6.43 -2.37
CA VAL A 49 1.70 -6.96 -1.00
C VAL A 49 1.12 -5.88 -0.06
N TRP A 50 1.39 -4.62 -0.30
CA TRP A 50 0.84 -3.56 0.61
C TRP A 50 -0.68 -3.71 0.76
N PHE A 51 -1.40 -3.63 -0.33
CA PHE A 51 -2.89 -3.75 -0.25
C PHE A 51 -3.32 -4.98 0.55
N GLN A 52 -2.64 -6.08 0.39
CA GLN A 52 -3.02 -7.31 1.13
C GLN A 52 -2.95 -7.10 2.66
N ASN A 53 -1.77 -7.11 3.22
CA ASN A 53 -1.59 -6.97 4.70
C ASN A 53 -2.26 -5.71 5.29
N LYS A 54 -2.17 -4.58 4.63
CA LYS A 54 -2.76 -3.31 5.19
C LYS A 54 -4.15 -3.54 5.82
N ARG A 55 -4.90 -4.50 5.34
CA ARG A 55 -6.27 -4.74 5.91
C ARG A 55 -6.22 -4.83 7.43
N CYS A 56 -5.22 -5.47 7.98
CA CYS A 56 -5.12 -5.61 9.46
C CYS A 56 -5.12 -4.24 10.15
N LYS A 57 -4.26 -3.35 9.74
CA LYS A 57 -4.20 -2.00 10.38
C LYS A 57 -5.52 -1.24 10.19
N ASP A 58 -6.22 -1.48 9.11
CA ASP A 58 -7.51 -0.77 8.88
C ASP A 58 -8.56 -1.23 9.90
N LYS A 59 -8.33 -0.99 11.16
CA LYS A 59 -9.30 -1.42 12.20
C LYS A 59 -10.62 -0.65 12.08
N LYS A 60 -11.63 -1.26 11.53
CA LYS A 60 -12.96 -0.57 11.39
C LYS A 60 -12.78 0.81 10.74
N ARG A 61 -12.93 0.89 9.45
CA ARG A 61 -12.79 2.20 8.76
C ARG A 61 -14.14 2.91 8.67
N SER A 62 -15.04 2.40 7.86
CA SER A 62 -16.39 3.04 7.72
C SER A 62 -16.26 4.54 7.49
N ILE A 63 -17.29 5.29 7.79
CA ILE A 63 -17.25 6.76 7.59
C ILE A 63 -16.12 7.38 8.42
N MET A 64 -14.99 7.63 7.82
CA MET A 64 -13.85 8.22 8.58
C MET A 64 -13.94 9.75 8.54
N MET A 65 -13.77 10.40 9.66
CA MET A 65 -13.84 11.89 9.69
C MET A 65 -12.49 12.50 9.32
N LYS A 66 -12.50 13.68 8.75
CA LYS A 66 -11.21 14.35 8.37
C LYS A 66 -10.35 13.40 7.54
N MET A 1 10.82 -20.03 14.09
CA MET A 1 11.88 -20.50 13.16
C MET A 1 11.67 -19.91 11.76
N LYS A 2 10.57 -19.23 11.55
CA LYS A 2 10.32 -18.64 10.20
C LYS A 2 10.66 -17.15 10.22
N THR A 3 11.46 -16.72 9.30
CA THR A 3 11.86 -15.28 9.27
C THR A 3 10.85 -14.48 8.44
N THR A 4 10.36 -13.38 8.96
CA THR A 4 9.40 -12.54 8.19
C THR A 4 9.96 -12.31 6.78
N ARG A 5 9.33 -12.84 5.77
CA ARG A 5 9.88 -12.65 4.39
C ARG A 5 9.69 -11.21 3.93
N VAL A 6 10.18 -10.90 2.75
CA VAL A 6 10.07 -9.51 2.21
C VAL A 6 10.27 -8.47 3.31
N ARG A 7 11.49 -8.08 3.54
CA ARG A 7 11.78 -7.07 4.60
C ARG A 7 10.96 -5.82 4.32
N THR A 8 10.20 -5.37 5.28
CA THR A 8 9.37 -4.16 5.06
C THR A 8 10.11 -2.90 5.50
N VAL A 9 9.85 -1.81 4.84
CA VAL A 9 10.50 -0.53 5.21
C VAL A 9 9.54 0.63 4.90
N LEU A 10 8.25 0.35 4.86
CA LEU A 10 7.24 1.43 4.58
C LEU A 10 6.97 2.23 5.87
N ASN A 11 7.06 3.54 5.80
CA ASN A 11 6.81 4.37 7.02
C ASN A 11 6.19 5.73 6.63
N GLU A 12 6.21 6.69 7.53
CA GLU A 12 5.61 8.03 7.23
C GLU A 12 6.00 8.56 5.84
N LYS A 13 7.09 8.10 5.29
CA LYS A 13 7.49 8.63 3.94
C LYS A 13 6.54 8.10 2.85
N GLN A 14 6.75 6.91 2.39
CA GLN A 14 5.88 6.34 1.31
C GLN A 14 4.41 6.24 1.76
N LEU A 15 4.16 6.06 3.03
CA LEU A 15 2.74 5.96 3.51
C LEU A 15 1.88 7.08 2.94
N HIS A 16 2.30 8.30 3.14
CA HIS A 16 1.52 9.47 2.64
C HIS A 16 1.09 9.28 1.19
N THR A 17 2.01 8.98 0.32
CA THR A 17 1.67 8.79 -1.12
C THR A 17 0.57 7.75 -1.29
N LEU A 18 0.86 6.52 -0.95
CA LEU A 18 -0.16 5.44 -1.10
C LEU A 18 -1.48 5.86 -0.44
N ARG A 19 -1.41 6.51 0.69
CA ARG A 19 -2.66 6.94 1.41
C ARG A 19 -3.67 7.56 0.45
N THR A 20 -3.23 8.41 -0.43
CA THR A 20 -4.19 9.06 -1.38
C THR A 20 -4.80 8.01 -2.31
N CYS A 21 -4.06 6.99 -2.62
CA CYS A 21 -4.57 5.93 -3.53
C CYS A 21 -5.78 5.21 -2.92
N TYR A 22 -5.58 4.59 -1.78
CA TYR A 22 -6.69 3.86 -1.10
C TYR A 22 -7.94 4.76 -1.02
N ALA A 23 -7.74 6.02 -0.74
CA ALA A 23 -8.89 6.97 -0.65
C ALA A 23 -9.76 6.90 -1.92
N ALA A 24 -9.20 6.45 -3.01
CA ALA A 24 -9.99 6.36 -4.28
C ALA A 24 -10.57 4.96 -4.49
N ASN A 25 -9.76 3.95 -4.36
CA ASN A 25 -10.26 2.56 -4.55
C ASN A 25 -9.38 1.58 -3.79
N PRO A 26 -10.02 0.66 -3.08
CA PRO A 26 -9.26 -0.34 -2.29
C PRO A 26 -8.75 -1.47 -3.18
N ARG A 27 -8.89 -1.37 -4.48
CA ARG A 27 -8.40 -2.47 -5.36
C ARG A 27 -7.97 -1.93 -6.73
N PRO A 28 -6.68 -1.74 -6.89
CA PRO A 28 -6.16 -1.24 -8.19
C PRO A 28 -6.12 -2.38 -9.20
N ASP A 29 -5.61 -2.14 -10.38
CA ASP A 29 -5.55 -3.24 -11.39
C ASP A 29 -4.56 -2.90 -12.52
N ALA A 30 -4.67 -3.61 -13.61
CA ALA A 30 -3.75 -3.40 -14.78
C ALA A 30 -3.57 -1.91 -15.12
N LEU A 31 -4.57 -1.12 -14.86
CA LEU A 31 -4.47 0.33 -15.19
C LEU A 31 -3.49 1.05 -14.26
N MET A 32 -3.90 1.40 -13.08
CA MET A 32 -3.01 2.14 -12.13
C MET A 32 -1.68 1.40 -11.86
N LYS A 33 -1.66 0.09 -11.87
CA LYS A 33 -0.37 -0.63 -11.59
C LYS A 33 0.79 -0.06 -12.44
N GLU A 34 0.50 0.51 -13.58
CA GLU A 34 1.59 1.07 -14.42
C GLU A 34 2.21 2.30 -13.75
N GLN A 35 1.44 3.36 -13.62
CA GLN A 35 1.97 4.61 -13.00
C GLN A 35 2.33 4.43 -11.51
N LEU A 36 1.67 3.54 -10.82
CA LEU A 36 1.98 3.33 -9.36
C LEU A 36 3.49 3.16 -9.15
N VAL A 37 4.12 2.43 -10.01
CA VAL A 37 5.58 2.21 -9.87
C VAL A 37 6.33 3.54 -9.99
N GLU A 38 6.10 4.26 -11.05
CA GLU A 38 6.81 5.55 -11.24
C GLU A 38 6.54 6.50 -10.07
N MET A 39 5.41 6.39 -9.42
CA MET A 39 5.09 7.29 -8.28
C MET A 39 6.07 7.11 -7.11
N THR A 40 6.34 5.89 -6.70
CA THR A 40 7.27 5.69 -5.54
C THR A 40 8.65 5.17 -6.00
N GLY A 41 8.75 4.69 -7.21
CA GLY A 41 10.06 4.19 -7.72
C GLY A 41 10.34 2.78 -7.20
N LEU A 42 9.54 2.28 -6.29
CA LEU A 42 9.79 0.91 -5.75
C LEU A 42 9.26 -0.14 -6.73
N SER A 43 9.82 -1.32 -6.68
CA SER A 43 9.37 -2.40 -7.60
C SER A 43 7.90 -2.74 -7.28
N PRO A 44 7.24 -3.40 -8.21
CA PRO A 44 5.82 -3.77 -7.97
C PRO A 44 5.76 -4.84 -6.88
N ARG A 45 6.83 -5.59 -6.72
CA ARG A 45 6.86 -6.65 -5.67
C ARG A 45 6.35 -6.09 -4.34
N VAL A 46 7.09 -5.19 -3.76
CA VAL A 46 6.66 -4.59 -2.46
C VAL A 46 5.30 -3.88 -2.59
N ILE A 47 5.04 -3.28 -3.73
CA ILE A 47 3.72 -2.59 -3.89
C ILE A 47 2.60 -3.59 -3.60
N ARG A 48 2.72 -4.78 -4.11
CA ARG A 48 1.68 -5.84 -3.88
C ARG A 48 1.44 -6.07 -2.39
N VAL A 49 2.48 -6.41 -1.65
CA VAL A 49 2.31 -6.71 -0.20
C VAL A 49 1.63 -5.55 0.55
N TRP A 50 1.84 -4.33 0.16
CA TRP A 50 1.19 -3.20 0.89
C TRP A 50 -0.34 -3.39 0.84
N PHE A 51 -0.92 -3.34 -0.33
CA PHE A 51 -2.41 -3.52 -0.45
C PHE A 51 -2.87 -4.77 0.31
N GLN A 52 -2.47 -5.94 -0.14
CA GLN A 52 -2.88 -7.20 0.56
C GLN A 52 -2.38 -7.21 2.01
N ASN A 53 -2.73 -6.21 2.79
CA ASN A 53 -2.29 -6.13 4.22
C ASN A 53 -2.78 -4.82 4.84
N LYS A 54 -2.72 -3.74 4.12
CA LYS A 54 -3.20 -2.43 4.65
C LYS A 54 -4.60 -2.59 5.24
N ARG A 55 -5.35 -3.56 4.74
CA ARG A 55 -6.73 -3.79 5.26
C ARG A 55 -6.74 -3.86 6.79
N CYS A 56 -6.18 -4.89 7.34
CA CYS A 56 -6.15 -5.03 8.83
C CYS A 56 -5.54 -3.78 9.48
N LYS A 57 -4.47 -3.27 8.93
CA LYS A 57 -3.83 -2.05 9.53
C LYS A 57 -4.76 -0.84 9.46
N ASP A 58 -5.61 -0.79 8.47
CA ASP A 58 -6.55 0.38 8.35
C ASP A 58 -7.52 0.46 9.53
N LYS A 59 -7.63 -0.59 10.30
CA LYS A 59 -8.58 -0.56 11.45
C LYS A 59 -8.20 0.52 12.47
N LYS A 60 -9.06 1.50 12.67
CA LYS A 60 -8.79 2.60 13.66
C LYS A 60 -7.55 3.40 13.24
N ARG A 61 -7.74 4.66 12.87
CA ARG A 61 -6.58 5.50 12.44
C ARG A 61 -6.99 6.98 12.46
N SER A 62 -8.13 7.28 11.91
CA SER A 62 -8.61 8.69 11.88
C SER A 62 -9.40 9.02 13.14
N ILE A 63 -9.60 10.28 13.38
CA ILE A 63 -10.36 10.71 14.60
C ILE A 63 -11.83 10.89 14.22
N MET A 64 -12.73 10.37 15.02
CA MET A 64 -14.18 10.49 14.71
C MET A 64 -14.93 11.24 15.83
N MET A 65 -14.22 11.78 16.78
CA MET A 65 -14.90 12.53 17.89
C MET A 65 -15.56 13.79 17.34
N LYS A 66 -16.86 13.79 17.21
CA LYS A 66 -17.56 15.01 16.69
C LYS A 66 -17.89 15.96 17.84
N MET A 1 14.21 -20.46 4.99
CA MET A 1 12.75 -20.59 4.74
C MET A 1 12.04 -19.29 5.14
N LYS A 2 12.56 -18.61 6.12
CA LYS A 2 11.94 -17.33 6.60
C LYS A 2 10.50 -17.58 7.05
N THR A 3 10.26 -17.77 8.32
CA THR A 3 8.87 -17.96 8.78
C THR A 3 8.21 -16.59 8.89
N THR A 4 7.77 -16.06 7.79
CA THR A 4 7.12 -14.72 7.80
C THR A 4 7.97 -13.72 8.60
N ARG A 5 9.17 -13.46 8.14
CA ARG A 5 10.05 -12.50 8.86
C ARG A 5 9.86 -11.09 8.29
N VAL A 6 10.12 -10.09 9.07
CA VAL A 6 9.94 -8.68 8.58
C VAL A 6 11.19 -8.18 7.86
N ARG A 7 10.99 -7.29 6.94
CA ARG A 7 12.13 -6.72 6.17
C ARG A 7 11.60 -5.59 5.27
N THR A 8 11.72 -4.36 5.69
CA THR A 8 11.23 -3.23 4.85
C THR A 8 11.75 -1.90 5.38
N VAL A 9 11.33 -0.82 4.79
CA VAL A 9 11.80 0.52 5.26
C VAL A 9 10.73 1.58 4.97
N LEU A 10 9.50 1.33 5.33
CA LEU A 10 8.43 2.34 5.09
C LEU A 10 8.53 3.47 6.11
N ASN A 11 8.27 4.69 5.70
CA ASN A 11 8.34 5.82 6.67
C ASN A 11 7.26 6.85 6.37
N GLU A 12 7.34 8.02 6.96
CA GLU A 12 6.32 9.06 6.72
C GLU A 12 6.22 9.41 5.23
N LYS A 13 7.27 9.25 4.50
CA LYS A 13 7.24 9.60 3.05
C LYS A 13 6.43 8.58 2.24
N GLN A 14 6.97 7.41 2.02
CA GLN A 14 6.25 6.37 1.21
C GLN A 14 4.86 6.06 1.77
N LEU A 15 4.75 5.91 3.05
CA LEU A 15 3.41 5.59 3.65
C LEU A 15 2.39 6.66 3.23
N HIS A 16 2.68 7.89 3.51
CA HIS A 16 1.75 9.00 3.16
C HIS A 16 1.31 8.94 1.69
N THR A 17 2.22 8.69 0.79
CA THR A 17 1.86 8.67 -0.66
C THR A 17 0.74 7.66 -0.94
N LEU A 18 1.02 6.40 -0.84
CA LEU A 18 -0.02 5.36 -1.09
C LEU A 18 -1.29 5.64 -0.27
N ARG A 19 -1.14 6.27 0.89
CA ARG A 19 -2.35 6.57 1.73
C ARG A 19 -3.46 7.20 0.89
N THR A 20 -3.15 8.19 0.09
CA THR A 20 -4.21 8.81 -0.76
C THR A 20 -4.69 7.83 -1.83
N CYS A 21 -3.85 6.91 -2.23
CA CYS A 21 -4.27 5.92 -3.26
C CYS A 21 -5.49 5.12 -2.76
N TYR A 22 -5.34 4.41 -1.67
CA TYR A 22 -6.48 3.61 -1.12
C TYR A 22 -7.79 4.42 -1.08
N ALA A 23 -7.74 5.62 -0.57
CA ALA A 23 -9.00 6.42 -0.48
C ALA A 23 -9.65 6.56 -1.86
N ALA A 24 -8.89 6.41 -2.91
CA ALA A 24 -9.45 6.55 -4.28
C ALA A 24 -9.90 5.18 -4.80
N ASN A 25 -9.24 4.14 -4.40
CA ASN A 25 -9.63 2.78 -4.87
C ASN A 25 -8.97 1.69 -4.03
N PRO A 26 -9.79 0.95 -3.30
CA PRO A 26 -9.25 -0.14 -2.44
C PRO A 26 -8.88 -1.36 -3.27
N ARG A 27 -9.01 -1.31 -4.57
CA ARG A 27 -8.66 -2.49 -5.40
C ARG A 27 -8.25 -2.06 -6.82
N PRO A 28 -6.97 -1.84 -6.99
CA PRO A 28 -6.45 -1.42 -8.31
C PRO A 28 -6.15 -2.65 -9.17
N ASP A 29 -5.55 -2.48 -10.32
CA ASP A 29 -5.27 -3.67 -11.18
C ASP A 29 -4.07 -3.41 -12.12
N ALA A 30 -3.91 -4.23 -13.11
CA ALA A 30 -2.78 -4.05 -14.09
C ALA A 30 -2.77 -2.61 -14.61
N LEU A 31 -3.90 -1.95 -14.56
CA LEU A 31 -3.98 -0.55 -15.05
C LEU A 31 -3.19 0.39 -14.14
N MET A 32 -3.78 0.77 -13.04
CA MET A 32 -3.11 1.73 -12.10
C MET A 32 -1.72 1.24 -11.67
N LYS A 33 -1.52 -0.05 -11.55
CA LYS A 33 -0.18 -0.56 -11.11
C LYS A 33 0.96 0.08 -11.91
N GLU A 34 0.72 0.44 -13.14
CA GLU A 34 1.80 1.07 -13.97
C GLU A 34 2.22 2.45 -13.41
N GLN A 35 1.37 3.43 -13.52
CA GLN A 35 1.74 4.80 -13.00
C GLN A 35 2.12 4.73 -11.51
N LEU A 36 1.47 3.88 -10.74
CA LEU A 36 1.79 3.78 -9.29
C LEU A 36 3.32 3.65 -9.10
N VAL A 37 3.97 2.86 -9.90
CA VAL A 37 5.45 2.71 -9.78
C VAL A 37 6.13 4.08 -9.92
N GLU A 38 5.72 4.86 -10.87
CA GLU A 38 6.33 6.21 -11.08
C GLU A 38 6.32 7.01 -9.77
N MET A 39 5.25 6.92 -9.04
CA MET A 39 5.13 7.70 -7.76
C MET A 39 6.18 7.26 -6.72
N THR A 40 6.23 6.00 -6.40
CA THR A 40 7.21 5.53 -5.36
C THR A 40 8.50 5.02 -6.01
N GLY A 41 8.56 4.96 -7.31
CA GLY A 41 9.79 4.46 -8.00
C GLY A 41 10.22 3.09 -7.44
N LEU A 42 9.39 2.46 -6.64
CA LEU A 42 9.75 1.13 -6.08
C LEU A 42 9.28 0.00 -7.03
N SER A 43 9.73 -1.21 -6.81
CA SER A 43 9.30 -2.33 -7.69
C SER A 43 7.84 -2.70 -7.41
N PRO A 44 7.23 -3.40 -8.34
CA PRO A 44 5.82 -3.81 -8.17
C PRO A 44 5.71 -4.92 -7.11
N ARG A 45 6.78 -5.60 -6.83
CA ARG A 45 6.75 -6.68 -5.79
C ARG A 45 6.18 -6.14 -4.48
N VAL A 46 6.79 -5.12 -3.95
CA VAL A 46 6.32 -4.53 -2.67
C VAL A 46 4.93 -3.92 -2.83
N ILE A 47 4.58 -3.47 -4.00
CA ILE A 47 3.22 -2.84 -4.20
C ILE A 47 2.12 -3.86 -3.90
N ARG A 48 2.24 -5.05 -4.43
CA ARG A 48 1.19 -6.09 -4.20
C ARG A 48 0.93 -6.32 -2.70
N VAL A 49 1.92 -6.75 -1.98
CA VAL A 49 1.72 -7.02 -0.52
C VAL A 49 1.18 -5.78 0.21
N TRP A 50 1.60 -4.61 -0.18
CA TRP A 50 1.12 -3.38 0.52
C TRP A 50 -0.41 -3.34 0.59
N PHE A 51 -1.08 -3.31 -0.54
CA PHE A 51 -2.57 -3.26 -0.51
C PHE A 51 -3.14 -4.40 0.33
N GLN A 52 -2.55 -5.57 0.23
CA GLN A 52 -3.06 -6.73 1.01
C GLN A 52 -3.28 -6.37 2.48
N ASN A 53 -2.23 -6.23 3.25
CA ASN A 53 -2.40 -5.89 4.70
C ASN A 53 -3.28 -4.65 4.88
N LYS A 54 -3.16 -3.67 4.01
CA LYS A 54 -3.97 -2.42 4.13
C LYS A 54 -5.43 -2.72 4.49
N ARG A 55 -6.05 -3.63 3.81
CA ARG A 55 -7.48 -3.97 4.12
C ARG A 55 -7.65 -4.27 5.61
N CYS A 56 -6.94 -5.24 6.11
CA CYS A 56 -7.08 -5.61 7.55
C CYS A 56 -6.81 -4.39 8.45
N LYS A 57 -5.72 -3.70 8.22
CA LYS A 57 -5.38 -2.52 9.07
C LYS A 57 -6.49 -1.47 9.00
N ASP A 58 -6.97 -1.19 7.82
CA ASP A 58 -8.06 -0.17 7.66
C ASP A 58 -9.30 -0.58 8.48
N LYS A 59 -10.28 0.29 8.56
CA LYS A 59 -11.55 0.00 9.33
C LYS A 59 -11.35 0.33 10.81
N LYS A 60 -11.57 1.57 11.18
CA LYS A 60 -11.40 1.98 12.61
C LYS A 60 -11.58 3.49 12.77
N ARG A 61 -11.37 4.24 11.72
CA ARG A 61 -11.53 5.72 11.82
C ARG A 61 -13.01 6.10 11.89
N SER A 62 -13.69 5.63 12.90
CA SER A 62 -15.14 5.96 13.04
C SER A 62 -15.31 7.10 14.05
N ILE A 63 -15.34 8.31 13.56
CA ILE A 63 -15.49 9.49 14.47
C ILE A 63 -16.89 10.09 14.33
N MET A 64 -17.66 10.14 15.39
CA MET A 64 -19.03 10.73 15.32
C MET A 64 -19.84 10.04 14.20
N MET A 65 -21.09 10.43 14.03
CA MET A 65 -21.93 9.79 12.96
C MET A 65 -21.24 9.85 11.60
N LYS A 66 -21.02 8.71 11.00
CA LYS A 66 -20.34 8.67 9.66
C LYS A 66 -19.01 9.42 9.71
N MET A 1 13.74 -16.45 6.58
CA MET A 1 13.36 -16.75 5.17
C MET A 1 11.88 -17.15 5.08
N LYS A 2 11.31 -17.60 6.17
CA LYS A 2 9.89 -18.02 6.12
C LYS A 2 9.05 -17.28 7.18
N THR A 3 7.88 -17.77 7.48
CA THR A 3 7.00 -17.08 8.48
C THR A 3 6.74 -15.63 8.05
N THR A 4 6.56 -15.40 6.77
CA THR A 4 6.30 -14.00 6.28
C THR A 4 7.36 -13.04 6.83
N ARG A 5 8.61 -13.42 6.83
CA ARG A 5 9.69 -12.52 7.37
C ARG A 5 9.60 -11.12 6.73
N VAL A 6 10.35 -10.19 7.25
CA VAL A 6 10.33 -8.79 6.72
C VAL A 6 8.89 -8.26 6.62
N ARG A 7 8.72 -6.96 6.56
CA ARG A 7 7.34 -6.40 6.48
C ARG A 7 7.36 -4.94 6.02
N THR A 8 7.61 -4.71 4.74
CA THR A 8 7.63 -3.31 4.21
C THR A 8 8.61 -2.44 5.01
N VAL A 9 9.70 -2.06 4.41
CA VAL A 9 10.70 -1.20 5.12
C VAL A 9 10.29 0.28 5.08
N LEU A 10 9.26 0.61 4.34
CA LEU A 10 8.83 2.04 4.27
C LEU A 10 7.94 2.39 5.45
N ASN A 11 7.83 3.65 5.76
CA ASN A 11 6.99 4.06 6.92
C ASN A 11 6.33 5.41 6.66
N GLU A 12 6.26 6.24 7.66
CA GLU A 12 5.62 7.59 7.53
C GLU A 12 6.05 8.29 6.24
N LYS A 13 7.18 7.93 5.69
CA LYS A 13 7.64 8.61 4.44
C LYS A 13 6.74 8.22 3.25
N GLN A 14 7.02 7.12 2.60
CA GLN A 14 6.20 6.70 1.41
C GLN A 14 4.74 6.38 1.79
N LEU A 15 4.49 5.81 2.94
CA LEU A 15 3.08 5.48 3.33
C LEU A 15 2.17 6.67 3.00
N HIS A 16 2.63 7.86 3.24
CA HIS A 16 1.81 9.06 2.94
C HIS A 16 1.35 9.05 1.48
N THR A 17 2.28 8.97 0.55
CA THR A 17 1.88 8.95 -0.89
C THR A 17 0.81 7.87 -1.11
N LEU A 18 1.17 6.63 -0.92
CA LEU A 18 0.19 5.51 -1.10
C LEU A 18 -1.11 5.81 -0.34
N ARG A 19 -1.02 6.42 0.83
CA ARG A 19 -2.26 6.73 1.61
C ARG A 19 -3.35 7.31 0.71
N THR A 20 -2.97 8.11 -0.25
CA THR A 20 -3.99 8.71 -1.16
C THR A 20 -4.58 7.63 -2.07
N CYS A 21 -3.78 6.63 -2.41
CA CYS A 21 -4.28 5.54 -3.32
C CYS A 21 -5.56 4.92 -2.74
N TYR A 22 -5.46 4.22 -1.63
CA TYR A 22 -6.68 3.59 -1.02
C TYR A 22 -7.79 4.65 -0.87
N ALA A 23 -7.45 5.80 -0.36
CA ALA A 23 -8.47 6.89 -0.19
C ALA A 23 -9.16 7.20 -1.52
N ALA A 24 -8.54 6.84 -2.62
CA ALA A 24 -9.14 7.14 -3.95
C ALA A 24 -9.91 5.93 -4.46
N ASN A 25 -9.27 4.80 -4.53
CA ASN A 25 -9.97 3.58 -5.04
C ASN A 25 -9.15 2.31 -4.74
N PRO A 26 -9.54 1.62 -3.70
CA PRO A 26 -8.84 0.36 -3.31
C PRO A 26 -9.10 -0.74 -4.37
N ARG A 27 -8.52 -0.61 -5.53
CA ARG A 27 -8.73 -1.66 -6.59
C ARG A 27 -7.61 -1.61 -7.64
N PRO A 28 -6.39 -1.66 -7.19
CA PRO A 28 -5.23 -1.63 -8.13
C PRO A 28 -5.14 -2.94 -8.90
N ASP A 29 -4.72 -2.88 -10.14
CA ASP A 29 -4.61 -4.12 -10.98
C ASP A 29 -3.62 -3.85 -12.14
N ALA A 30 -3.64 -4.69 -13.15
CA ALA A 30 -2.71 -4.50 -14.32
C ALA A 30 -2.77 -3.06 -14.84
N LEU A 31 -3.88 -2.43 -14.67
CA LEU A 31 -4.05 -1.03 -15.15
C LEU A 31 -3.22 -0.06 -14.30
N MET A 32 -3.72 0.31 -13.16
CA MET A 32 -3.00 1.28 -12.29
C MET A 32 -1.59 0.80 -11.91
N LYS A 33 -1.32 -0.49 -11.98
CA LYS A 33 0.05 -0.97 -11.60
C LYS A 33 1.13 -0.17 -12.35
N GLU A 34 0.80 0.36 -13.51
CA GLU A 34 1.81 1.15 -14.28
C GLU A 34 2.12 2.51 -13.62
N GLN A 35 1.18 3.42 -13.60
CA GLN A 35 1.43 4.76 -12.99
C GLN A 35 1.83 4.61 -11.51
N LEU A 36 1.22 3.70 -10.80
CA LEU A 36 1.57 3.48 -9.36
C LEU A 36 3.09 3.41 -9.20
N VAL A 37 3.73 2.66 -10.04
CA VAL A 37 5.22 2.51 -9.97
C VAL A 37 5.88 3.90 -10.09
N GLU A 38 5.52 4.65 -11.09
CA GLU A 38 6.10 6.02 -11.29
C GLU A 38 5.90 6.91 -10.04
N MET A 39 4.80 6.75 -9.34
CA MET A 39 4.50 7.59 -8.12
C MET A 39 5.58 7.42 -7.05
N THR A 40 5.80 6.21 -6.61
CA THR A 40 6.82 5.97 -5.55
C THR A 40 8.13 5.52 -6.20
N GLY A 41 8.11 5.21 -7.47
CA GLY A 41 9.36 4.77 -8.17
C GLY A 41 9.82 3.41 -7.62
N LEU A 42 9.08 2.84 -6.70
CA LEU A 42 9.48 1.53 -6.13
C LEU A 42 9.07 0.40 -7.08
N SER A 43 9.58 -0.80 -6.86
CA SER A 43 9.21 -1.94 -7.75
C SER A 43 7.76 -2.38 -7.49
N PRO A 44 7.20 -3.14 -8.39
CA PRO A 44 5.80 -3.61 -8.23
C PRO A 44 5.71 -4.66 -7.12
N ARG A 45 6.80 -5.27 -6.75
CA ARG A 45 6.76 -6.29 -5.67
C ARG A 45 6.10 -5.71 -4.41
N VAL A 46 6.62 -4.61 -3.91
CA VAL A 46 6.05 -3.98 -2.69
C VAL A 46 4.58 -3.52 -2.93
N ILE A 47 4.19 -3.34 -4.15
CA ILE A 47 2.79 -2.89 -4.43
C ILE A 47 1.76 -3.97 -4.06
N ARG A 48 1.97 -5.18 -4.53
CA ARG A 48 1.01 -6.30 -4.24
C ARG A 48 0.78 -6.51 -2.74
N VAL A 49 1.82 -6.80 -1.99
CA VAL A 49 1.65 -7.07 -0.53
C VAL A 49 1.15 -5.84 0.27
N TRP A 50 1.46 -4.63 -0.15
CA TRP A 50 1.01 -3.43 0.64
C TRP A 50 -0.51 -3.44 0.85
N PHE A 51 -1.27 -3.29 -0.20
CA PHE A 51 -2.76 -3.27 -0.06
C PHE A 51 -3.25 -4.43 0.83
N GLN A 52 -2.75 -5.62 0.62
CA GLN A 52 -3.19 -6.78 1.45
C GLN A 52 -3.16 -6.42 2.93
N ASN A 53 -1.99 -6.25 3.50
CA ASN A 53 -1.90 -5.90 4.95
C ASN A 53 -2.72 -4.65 5.27
N LYS A 54 -2.77 -3.72 4.36
CA LYS A 54 -3.56 -2.47 4.62
C LYS A 54 -4.90 -2.79 5.26
N ARG A 55 -5.62 -3.75 4.72
CA ARG A 55 -6.95 -4.11 5.30
C ARG A 55 -6.83 -4.45 6.79
N CYS A 56 -5.96 -5.36 7.14
CA CYS A 56 -5.82 -5.74 8.58
C CYS A 56 -5.49 -4.52 9.43
N LYS A 57 -4.51 -3.76 9.02
CA LYS A 57 -4.12 -2.55 9.81
C LYS A 57 -5.24 -1.50 9.75
N ASP A 58 -5.88 -1.37 8.63
CA ASP A 58 -6.98 -0.36 8.51
C ASP A 58 -8.10 -0.68 9.51
N LYS A 59 -8.50 -1.93 9.58
CA LYS A 59 -9.59 -2.35 10.53
C LYS A 59 -10.62 -1.23 10.74
N LYS A 60 -11.10 -0.62 9.68
CA LYS A 60 -12.10 0.46 9.83
C LYS A 60 -11.63 1.49 10.86
N ARG A 61 -10.68 2.31 10.51
CA ARG A 61 -10.18 3.32 11.50
C ARG A 61 -9.46 4.47 10.81
N SER A 62 -10.18 5.52 10.52
CA SER A 62 -9.54 6.71 9.87
C SER A 62 -8.41 7.23 10.75
N ILE A 63 -7.73 8.25 10.31
CA ILE A 63 -6.60 8.81 11.12
C ILE A 63 -7.10 9.35 12.45
N MET A 64 -7.21 8.51 13.45
CA MET A 64 -7.69 9.01 14.77
C MET A 64 -6.52 9.11 15.75
N MET A 65 -6.21 10.32 16.18
CA MET A 65 -5.09 10.54 17.16
C MET A 65 -3.75 10.01 16.63
N LYS A 66 -2.79 10.89 16.50
CA LYS A 66 -1.44 10.46 16.01
C LYS A 66 -0.45 10.42 17.18
N MET A 1 22.44 -15.17 13.38
CA MET A 1 22.53 -13.70 13.17
C MET A 1 21.35 -13.22 12.30
N LYS A 2 20.14 -13.41 12.78
CA LYS A 2 18.93 -12.97 12.00
C LYS A 2 19.04 -13.45 10.54
N THR A 3 18.44 -14.58 10.23
CA THR A 3 18.51 -15.11 8.82
C THR A 3 18.19 -14.00 7.80
N THR A 4 18.62 -14.14 6.57
CA THR A 4 18.33 -13.09 5.55
C THR A 4 16.81 -12.88 5.43
N ARG A 5 16.28 -11.87 6.06
CA ARG A 5 14.82 -11.62 5.96
C ARG A 5 14.53 -10.56 4.89
N VAL A 6 13.30 -10.49 4.44
CA VAL A 6 12.95 -9.47 3.39
C VAL A 6 13.06 -8.05 3.96
N ARG A 7 13.87 -7.23 3.33
CA ARG A 7 14.05 -5.83 3.81
C ARG A 7 13.32 -4.85 2.88
N THR A 8 12.21 -4.34 3.32
CA THR A 8 11.44 -3.37 2.48
C THR A 8 11.98 -1.94 2.67
N VAL A 9 11.30 -0.97 2.11
CA VAL A 9 11.76 0.45 2.25
C VAL A 9 10.55 1.39 2.41
N LEU A 10 9.48 0.91 2.98
CA LEU A 10 8.26 1.75 3.17
C LEU A 10 8.37 2.55 4.49
N ASN A 11 8.11 3.84 4.45
CA ASN A 11 8.19 4.65 5.71
C ASN A 11 7.21 5.83 5.65
N GLU A 12 7.37 6.80 6.53
CA GLU A 12 6.42 7.98 6.54
C GLU A 12 6.38 8.69 5.18
N LYS A 13 7.36 8.48 4.37
CA LYS A 13 7.38 9.15 3.05
C LYS A 13 6.37 8.52 2.08
N GLN A 14 6.74 7.43 1.45
CA GLN A 14 5.82 6.78 0.46
C GLN A 14 4.45 6.47 1.07
N LEU A 15 4.39 6.11 2.33
CA LEU A 15 3.07 5.80 2.96
C LEU A 15 2.05 6.91 2.68
N HIS A 16 2.44 8.14 2.84
CA HIS A 16 1.50 9.27 2.57
C HIS A 16 0.88 9.15 1.18
N THR A 17 1.68 8.90 0.18
CA THR A 17 1.15 8.77 -1.21
C THR A 17 0.07 7.67 -1.25
N LEU A 18 0.45 6.46 -0.95
CA LEU A 18 -0.52 5.33 -0.96
C LEU A 18 -1.79 5.68 -0.14
N ARG A 19 -1.64 6.42 0.93
CA ARG A 19 -2.84 6.78 1.77
C ARG A 19 -3.99 7.27 0.88
N THR A 20 -3.69 8.14 -0.06
CA THR A 20 -4.74 8.69 -0.97
C THR A 20 -5.24 7.63 -1.97
N CYS A 21 -4.37 6.79 -2.45
CA CYS A 21 -4.81 5.75 -3.45
C CYS A 21 -5.93 4.89 -2.86
N TYR A 22 -5.65 4.15 -1.83
CA TYR A 22 -6.69 3.27 -1.20
C TYR A 22 -8.00 4.03 -0.93
N ALA A 23 -7.93 5.17 -0.30
CA ALA A 23 -9.20 5.92 -0.01
C ALA A 23 -9.99 6.20 -1.30
N ALA A 24 -9.33 6.36 -2.42
CA ALA A 24 -10.07 6.60 -3.69
C ALA A 24 -10.01 5.36 -4.60
N ASN A 25 -9.34 4.34 -4.16
CA ASN A 25 -9.22 3.08 -4.96
C ASN A 25 -8.78 1.93 -4.05
N PRO A 26 -9.76 1.37 -3.38
CA PRO A 26 -9.49 0.24 -2.45
C PRO A 26 -9.21 -1.08 -3.20
N ARG A 27 -9.27 -1.08 -4.51
CA ARG A 27 -9.00 -2.34 -5.28
C ARG A 27 -8.39 -2.00 -6.65
N PRO A 28 -7.22 -1.42 -6.62
CA PRO A 28 -6.51 -1.04 -7.88
C PRO A 28 -6.02 -2.29 -8.63
N ASP A 29 -5.38 -2.09 -9.77
CA ASP A 29 -4.87 -3.26 -10.55
C ASP A 29 -3.84 -2.79 -11.58
N ALA A 30 -3.68 -3.53 -12.64
CA ALA A 30 -2.70 -3.16 -13.70
C ALA A 30 -2.85 -1.68 -14.10
N LEU A 31 -4.00 -1.10 -13.85
CA LEU A 31 -4.21 0.33 -14.21
C LEU A 31 -3.20 1.21 -13.46
N MET A 32 -3.48 1.51 -12.24
CA MET A 32 -2.56 2.37 -11.44
C MET A 32 -1.20 1.69 -11.23
N LYS A 33 -1.15 0.38 -11.22
CA LYS A 33 0.16 -0.33 -11.01
C LYS A 33 1.28 0.28 -11.85
N GLU A 34 1.05 0.46 -13.12
CA GLU A 34 2.13 1.03 -13.99
C GLU A 34 2.50 2.45 -13.54
N GLN A 35 1.54 3.33 -13.42
CA GLN A 35 1.85 4.74 -13.01
C GLN A 35 2.50 4.77 -11.61
N LEU A 36 1.93 4.04 -10.68
CA LEU A 36 2.48 4.01 -9.29
C LEU A 36 3.98 3.69 -9.29
N VAL A 37 4.39 2.68 -10.03
CA VAL A 37 5.84 2.31 -10.04
C VAL A 37 6.67 3.54 -10.41
N GLU A 38 6.34 4.18 -11.48
CA GLU A 38 7.11 5.39 -11.92
C GLU A 38 7.13 6.49 -10.83
N MET A 39 6.03 6.73 -10.17
CA MET A 39 5.99 7.83 -9.13
C MET A 39 7.00 7.59 -8.00
N THR A 40 6.89 6.48 -7.33
CA THR A 40 7.85 6.22 -6.21
C THR A 40 9.02 5.35 -6.69
N GLY A 41 9.05 4.97 -7.94
CA GLY A 41 10.20 4.15 -8.46
C GLY A 41 10.40 2.89 -7.60
N LEU A 42 9.42 2.50 -6.84
CA LEU A 42 9.57 1.29 -5.99
C LEU A 42 9.27 0.03 -6.84
N SER A 43 9.79 -1.11 -6.47
CA SER A 43 9.54 -2.35 -7.27
C SER A 43 8.06 -2.76 -7.12
N PRO A 44 7.63 -3.69 -7.94
CA PRO A 44 6.22 -4.13 -7.86
C PRO A 44 6.00 -5.06 -6.67
N ARG A 45 7.05 -5.64 -6.14
CA ARG A 45 6.90 -6.55 -4.98
C ARG A 45 6.15 -5.89 -3.84
N VAL A 46 6.63 -4.76 -3.38
CA VAL A 46 5.96 -4.06 -2.25
C VAL A 46 4.54 -3.64 -2.66
N ILE A 47 4.35 -3.24 -3.89
CA ILE A 47 3.00 -2.78 -4.35
C ILE A 47 1.93 -3.85 -4.03
N ARG A 48 2.08 -5.05 -4.52
CA ARG A 48 1.05 -6.11 -4.27
C ARG A 48 0.79 -6.35 -2.77
N VAL A 49 1.79 -6.77 -2.03
CA VAL A 49 1.59 -7.07 -0.57
C VAL A 49 1.04 -5.85 0.21
N TRP A 50 1.37 -4.65 -0.18
CA TRP A 50 0.85 -3.46 0.58
C TRP A 50 -0.68 -3.53 0.69
N PHE A 51 -1.39 -3.50 -0.39
CA PHE A 51 -2.90 -3.55 -0.31
C PHE A 51 -3.34 -4.77 0.51
N GLN A 52 -2.75 -5.90 0.27
CA GLN A 52 -3.12 -7.12 1.05
C GLN A 52 -3.15 -6.84 2.55
N ASN A 53 -2.04 -6.45 3.13
CA ASN A 53 -2.01 -6.18 4.60
C ASN A 53 -3.04 -5.11 4.99
N LYS A 54 -3.13 -4.04 4.24
CA LYS A 54 -4.09 -2.94 4.57
C LYS A 54 -5.45 -3.50 4.97
N ARG A 55 -5.99 -4.41 4.21
CA ARG A 55 -7.34 -4.98 4.54
C ARG A 55 -7.42 -5.32 6.03
N CYS A 56 -6.34 -5.82 6.57
CA CYS A 56 -6.30 -6.16 8.03
C CYS A 56 -6.52 -4.90 8.87
N LYS A 57 -5.60 -3.96 8.77
CA LYS A 57 -5.71 -2.71 9.58
C LYS A 57 -6.99 -1.96 9.24
N ASP A 58 -7.35 -1.92 7.99
CA ASP A 58 -8.57 -1.18 7.58
C ASP A 58 -9.81 -1.77 8.28
N LYS A 59 -10.54 -0.96 9.00
CA LYS A 59 -11.74 -1.46 9.71
C LYS A 59 -12.46 -0.30 10.39
N LYS A 60 -11.83 0.31 11.36
CA LYS A 60 -12.46 1.46 12.07
C LYS A 60 -11.65 2.74 11.86
N ARG A 61 -10.38 2.72 12.18
CA ARG A 61 -9.53 3.94 12.00
C ARG A 61 -10.01 5.10 12.87
N SER A 62 -10.86 4.84 13.84
CA SER A 62 -11.35 5.93 14.74
C SER A 62 -10.69 5.82 16.13
N ILE A 63 -11.22 6.49 17.12
CA ILE A 63 -10.60 6.42 18.47
C ILE A 63 -11.26 5.33 19.31
N MET A 64 -10.51 4.67 20.14
CA MET A 64 -11.08 3.57 20.98
C MET A 64 -10.45 3.58 22.36
N MET A 65 -11.12 4.16 23.32
CA MET A 65 -10.55 4.20 24.70
C MET A 65 -10.96 2.95 25.50
N LYS A 66 -10.85 1.79 24.90
CA LYS A 66 -11.21 0.52 25.61
C LYS A 66 -12.62 0.62 26.22
N MET A 1 18.78 -21.75 10.39
CA MET A 1 20.14 -21.56 9.80
C MET A 1 20.31 -20.12 9.30
N LYS A 2 19.27 -19.54 8.75
CA LYS A 2 19.40 -18.14 8.23
C LYS A 2 18.22 -17.28 8.71
N THR A 3 17.06 -17.86 8.84
CA THR A 3 15.86 -17.10 9.31
C THR A 3 15.58 -15.88 8.43
N THR A 4 16.35 -14.84 8.58
CA THR A 4 16.12 -13.60 7.77
C THR A 4 14.67 -13.12 7.95
N ARG A 5 14.41 -12.32 8.96
CA ARG A 5 12.99 -11.85 9.18
C ARG A 5 12.66 -10.65 8.28
N VAL A 6 11.45 -10.57 7.76
CA VAL A 6 11.09 -9.41 6.89
C VAL A 6 10.93 -8.13 7.72
N ARG A 7 11.94 -7.29 7.72
CA ARG A 7 11.84 -6.03 8.50
C ARG A 7 11.34 -4.94 7.56
N THR A 8 10.09 -4.57 7.68
CA THR A 8 9.55 -3.51 6.78
C THR A 8 10.06 -2.16 7.25
N VAL A 9 10.25 -1.24 6.36
CA VAL A 9 10.74 0.08 6.79
C VAL A 9 9.76 1.18 6.31
N LEU A 10 8.48 0.90 6.38
CA LEU A 10 7.45 1.89 5.93
C LEU A 10 7.20 2.93 7.03
N ASN A 11 7.08 4.20 6.68
CA ASN A 11 6.85 5.25 7.71
C ASN A 11 6.01 6.41 7.16
N GLU A 12 5.98 7.52 7.86
CA GLU A 12 5.18 8.70 7.40
C GLU A 12 5.52 9.10 5.95
N LYS A 13 6.67 8.72 5.45
CA LYS A 13 7.06 9.15 4.07
C LYS A 13 6.18 8.48 3.00
N GLN A 14 6.56 7.32 2.55
CA GLN A 14 5.78 6.61 1.48
C GLN A 14 4.33 6.31 1.91
N LEU A 15 4.14 5.93 3.14
CA LEU A 15 2.76 5.60 3.62
C LEU A 15 1.81 6.73 3.21
N HIS A 16 2.19 7.94 3.48
CA HIS A 16 1.32 9.11 3.13
C HIS A 16 0.98 9.10 1.63
N THR A 17 1.95 8.89 0.78
CA THR A 17 1.69 8.91 -0.70
C THR A 17 0.59 7.92 -1.06
N LEU A 18 0.88 6.67 -0.94
CA LEU A 18 -0.12 5.62 -1.27
C LEU A 18 -1.49 5.97 -0.64
N ARG A 19 -1.50 6.54 0.54
CA ARG A 19 -2.82 6.93 1.19
C ARG A 19 -3.78 7.57 0.18
N THR A 20 -3.24 8.35 -0.72
CA THR A 20 -4.11 9.01 -1.75
C THR A 20 -4.73 7.96 -2.65
N CYS A 21 -4.01 6.92 -2.95
CA CYS A 21 -4.56 5.85 -3.81
C CYS A 21 -5.77 5.18 -3.13
N TYR A 22 -5.55 4.53 -2.01
CA TYR A 22 -6.68 3.84 -1.29
C TYR A 22 -7.84 4.80 -1.08
N ALA A 23 -7.56 6.03 -0.76
CA ALA A 23 -8.65 7.02 -0.52
C ALA A 23 -9.54 7.14 -1.77
N ALA A 24 -9.06 6.71 -2.91
CA ALA A 24 -9.89 6.79 -4.14
C ALA A 24 -10.63 5.47 -4.34
N ASN A 25 -9.94 4.38 -4.24
CA ASN A 25 -10.58 3.05 -4.38
C ASN A 25 -9.70 1.98 -3.74
N PRO A 26 -10.29 1.10 -2.96
CA PRO A 26 -9.47 0.06 -2.32
C PRO A 26 -9.17 -1.11 -3.26
N ARG A 27 -9.14 -0.88 -4.55
CA ARG A 27 -8.84 -2.02 -5.48
C ARG A 27 -8.22 -1.53 -6.80
N PRO A 28 -6.91 -1.60 -6.87
CA PRO A 28 -6.17 -1.17 -8.09
C PRO A 28 -6.09 -2.33 -9.08
N ASP A 29 -5.56 -2.09 -10.25
CA ASP A 29 -5.45 -3.20 -11.24
C ASP A 29 -4.30 -2.94 -12.22
N ALA A 30 -4.26 -3.68 -13.30
CA ALA A 30 -3.15 -3.52 -14.31
C ALA A 30 -2.96 -2.05 -14.67
N LEU A 31 -4.01 -1.30 -14.59
CA LEU A 31 -3.92 0.14 -14.94
C LEU A 31 -2.99 0.90 -13.98
N MET A 32 -3.49 1.27 -12.83
CA MET A 32 -2.63 2.02 -11.86
C MET A 32 -1.38 1.21 -11.49
N LYS A 33 -1.44 -0.09 -11.57
CA LYS A 33 -0.24 -0.94 -11.23
C LYS A 33 1.01 -0.41 -11.92
N GLU A 34 0.95 -0.21 -13.21
CA GLU A 34 2.15 0.30 -13.94
C GLU A 34 2.50 1.72 -13.48
N GLN A 35 1.52 2.58 -13.39
CA GLN A 35 1.81 3.98 -12.97
C GLN A 35 2.32 4.01 -11.52
N LEU A 36 1.76 3.18 -10.68
CA LEU A 36 2.17 3.11 -9.24
C LEU A 36 3.69 3.06 -9.10
N VAL A 37 4.35 2.34 -9.96
CA VAL A 37 5.83 2.25 -9.87
C VAL A 37 6.47 3.66 -10.00
N GLU A 38 6.05 4.45 -10.98
CA GLU A 38 6.63 5.84 -11.16
C GLU A 38 6.48 6.70 -9.90
N MET A 39 5.40 6.54 -9.18
CA MET A 39 5.16 7.37 -7.97
C MET A 39 6.26 7.18 -6.93
N THR A 40 6.50 5.98 -6.49
CA THR A 40 7.57 5.77 -5.48
C THR A 40 8.83 5.18 -6.12
N GLY A 41 8.73 4.72 -7.34
CA GLY A 41 9.92 4.14 -8.03
C GLY A 41 10.18 2.69 -7.55
N LEU A 42 9.36 2.19 -6.65
CA LEU A 42 9.56 0.80 -6.13
C LEU A 42 9.01 -0.25 -7.12
N SER A 43 9.53 -1.45 -7.09
CA SER A 43 9.05 -2.52 -8.02
C SER A 43 7.61 -2.93 -7.69
N PRO A 44 7.06 -3.85 -8.47
CA PRO A 44 5.66 -4.30 -8.24
C PRO A 44 5.59 -5.15 -6.96
N ARG A 45 6.66 -5.81 -6.62
CA ARG A 45 6.69 -6.66 -5.39
C ARG A 45 6.13 -5.91 -4.18
N VAL A 46 6.82 -4.90 -3.73
CA VAL A 46 6.34 -4.13 -2.53
C VAL A 46 4.96 -3.52 -2.78
N ILE A 47 4.69 -3.10 -3.98
CA ILE A 47 3.36 -2.49 -4.29
C ILE A 47 2.23 -3.52 -4.06
N ARG A 48 2.33 -4.64 -4.70
CA ARG A 48 1.27 -5.67 -4.57
C ARG A 48 0.97 -6.01 -3.11
N VAL A 49 1.97 -6.38 -2.34
CA VAL A 49 1.70 -6.75 -0.93
C VAL A 49 1.14 -5.59 -0.09
N TRP A 50 1.47 -4.36 -0.42
CA TRP A 50 0.96 -3.22 0.41
C TRP A 50 -0.57 -3.29 0.55
N PHE A 51 -1.28 -3.11 -0.53
CA PHE A 51 -2.78 -3.16 -0.45
C PHE A 51 -3.23 -4.36 0.36
N GLN A 52 -2.89 -5.55 -0.07
CA GLN A 52 -3.29 -6.76 0.69
C GLN A 52 -2.95 -6.59 2.19
N ASN A 53 -1.69 -6.60 2.50
CA ASN A 53 -1.25 -6.45 3.92
C ASN A 53 -1.85 -5.19 4.57
N LYS A 54 -2.08 -4.15 3.81
CA LYS A 54 -2.65 -2.90 4.41
C LYS A 54 -3.83 -3.22 5.32
N ARG A 55 -4.58 -4.26 5.01
CA ARG A 55 -5.73 -4.64 5.89
C ARG A 55 -5.27 -4.78 7.34
N CYS A 56 -4.39 -5.72 7.61
CA CYS A 56 -3.90 -5.93 9.01
C CYS A 56 -3.26 -4.65 9.55
N LYS A 57 -2.47 -3.98 8.75
CA LYS A 57 -1.80 -2.73 9.24
C LYS A 57 -2.86 -1.66 9.54
N ASP A 58 -3.97 -1.69 8.87
CA ASP A 58 -5.04 -0.67 9.14
C ASP A 58 -5.56 -0.82 10.58
N LYS A 59 -5.53 -2.01 11.11
CA LYS A 59 -6.03 -2.24 12.51
C LYS A 59 -5.11 -1.58 13.55
N LYS A 60 -3.87 -1.33 13.21
CA LYS A 60 -2.93 -0.69 14.18
C LYS A 60 -3.06 0.84 14.15
N ARG A 61 -3.61 1.37 13.10
CA ARG A 61 -3.76 2.85 12.99
C ARG A 61 -4.87 3.37 13.92
N SER A 62 -4.58 4.39 14.68
CA SER A 62 -5.61 4.96 15.59
C SER A 62 -6.55 5.87 14.80
N ILE A 63 -7.59 6.33 15.40
CA ILE A 63 -8.53 7.24 14.68
C ILE A 63 -8.18 8.69 14.97
N MET A 64 -7.58 9.36 14.01
CA MET A 64 -7.19 10.78 14.20
C MET A 64 -8.39 11.63 14.60
N MET A 65 -8.19 12.59 15.48
CA MET A 65 -9.31 13.48 15.89
C MET A 65 -9.43 14.66 14.92
N LYS A 66 -10.56 15.30 14.87
CA LYS A 66 -10.74 16.48 13.95
C LYS A 66 -10.63 17.79 14.72
N MET A 1 11.17 -22.29 2.81
CA MET A 1 11.68 -21.44 1.68
C MET A 1 12.56 -20.31 2.23
N LYS A 2 13.79 -20.62 2.57
CA LYS A 2 14.71 -19.57 3.11
C LYS A 2 14.06 -18.90 4.34
N THR A 3 14.74 -17.95 4.93
CA THR A 3 14.16 -17.27 6.12
C THR A 3 13.60 -15.90 5.74
N THR A 4 12.31 -15.80 5.54
CA THR A 4 11.69 -14.49 5.17
C THR A 4 11.37 -13.69 6.44
N ARG A 5 12.30 -12.88 6.87
CA ARG A 5 12.07 -12.08 8.11
C ARG A 5 11.49 -10.70 7.75
N VAL A 6 11.47 -9.79 8.70
CA VAL A 6 10.91 -8.42 8.42
C VAL A 6 11.90 -7.63 7.54
N ARG A 7 11.76 -7.72 6.24
CA ARG A 7 12.68 -6.99 5.31
C ARG A 7 11.93 -5.89 4.55
N THR A 8 10.89 -5.34 5.12
CA THR A 8 10.12 -4.27 4.42
C THR A 8 10.73 -2.89 4.69
N VAL A 9 10.49 -1.93 3.82
CA VAL A 9 11.04 -0.56 4.03
C VAL A 9 9.92 0.49 3.93
N LEU A 10 8.68 0.05 3.83
CA LEU A 10 7.54 1.03 3.76
C LEU A 10 7.27 1.59 5.16
N ASN A 11 7.35 2.87 5.32
CA ASN A 11 7.12 3.47 6.67
C ASN A 11 6.42 4.82 6.55
N GLU A 12 6.42 5.59 7.61
CA GLU A 12 5.73 6.92 7.56
C GLU A 12 6.11 7.70 6.29
N LYS A 13 7.22 7.39 5.68
CA LYS A 13 7.60 8.13 4.45
C LYS A 13 6.62 7.83 3.31
N GLN A 14 6.84 6.78 2.58
CA GLN A 14 5.93 6.43 1.45
C GLN A 14 4.50 6.15 1.92
N LEU A 15 4.33 5.79 3.17
CA LEU A 15 2.94 5.52 3.66
C LEU A 15 2.04 6.72 3.36
N HIS A 16 2.47 7.89 3.75
CA HIS A 16 1.65 9.11 3.49
C HIS A 16 1.20 9.19 2.03
N THR A 17 2.13 9.09 1.11
CA THR A 17 1.78 9.18 -0.34
C THR A 17 0.69 8.16 -0.70
N LEU A 18 0.99 6.89 -0.62
CA LEU A 18 -0.03 5.86 -1.00
C LEU A 18 -1.39 6.14 -0.35
N ARG A 19 -1.41 6.76 0.81
CA ARG A 19 -2.74 7.05 1.48
C ARG A 19 -3.75 7.58 0.46
N THR A 20 -3.29 8.34 -0.50
CA THR A 20 -4.23 8.91 -1.51
C THR A 20 -4.74 7.83 -2.47
N CYS A 21 -3.89 6.92 -2.86
CA CYS A 21 -4.31 5.85 -3.81
C CYS A 21 -5.53 5.10 -3.27
N TYR A 22 -5.42 4.52 -2.10
CA TYR A 22 -6.56 3.76 -1.52
C TYR A 22 -7.84 4.58 -1.58
N ALA A 23 -7.77 5.83 -1.18
CA ALA A 23 -8.98 6.70 -1.21
C ALA A 23 -9.49 6.85 -2.65
N ALA A 24 -8.69 6.51 -3.63
CA ALA A 24 -9.12 6.63 -5.05
C ALA A 24 -9.77 5.33 -5.52
N ASN A 25 -9.39 4.22 -4.94
CA ASN A 25 -9.98 2.91 -5.33
C ASN A 25 -9.84 1.89 -4.20
N PRO A 26 -10.92 1.24 -3.86
CA PRO A 26 -10.88 0.20 -2.79
C PRO A 26 -10.25 -1.09 -3.33
N ARG A 27 -10.12 -1.20 -4.64
CA ARG A 27 -9.50 -2.42 -5.25
C ARG A 27 -8.99 -2.10 -6.65
N PRO A 28 -7.73 -1.75 -6.74
CA PRO A 28 -7.12 -1.40 -8.05
C PRO A 28 -6.68 -2.67 -8.79
N ASP A 29 -6.09 -2.53 -9.95
CA ASP A 29 -5.65 -3.73 -10.73
C ASP A 29 -4.53 -3.38 -11.71
N ALA A 30 -4.30 -4.22 -12.68
CA ALA A 30 -3.22 -3.99 -13.70
C ALA A 30 -3.24 -2.55 -14.24
N LEU A 31 -4.36 -1.88 -14.17
CA LEU A 31 -4.43 -0.48 -14.71
C LEU A 31 -3.54 0.47 -13.87
N MET A 32 -4.03 0.92 -12.75
CA MET A 32 -3.24 1.86 -11.91
C MET A 32 -1.88 1.27 -11.55
N LYS A 33 -1.78 -0.03 -11.44
CA LYS A 33 -0.47 -0.65 -11.08
C LYS A 33 0.67 -0.05 -11.90
N GLU A 34 0.41 0.30 -13.12
CA GLU A 34 1.49 0.88 -13.97
C GLU A 34 1.96 2.22 -13.41
N GLN A 35 1.12 3.23 -13.46
CA GLN A 35 1.53 4.58 -12.95
C GLN A 35 2.00 4.50 -11.50
N LEU A 36 1.40 3.65 -10.71
CA LEU A 36 1.80 3.53 -9.27
C LEU A 36 3.33 3.40 -9.13
N VAL A 37 3.95 2.64 -9.98
CA VAL A 37 5.44 2.47 -9.90
C VAL A 37 6.16 3.81 -10.07
N GLU A 38 5.82 4.55 -11.09
CA GLU A 38 6.50 5.87 -11.33
C GLU A 38 6.46 6.75 -10.08
N MET A 39 5.37 6.72 -9.38
CA MET A 39 5.23 7.57 -8.15
C MET A 39 6.36 7.30 -7.15
N THR A 40 6.46 6.08 -6.66
CA THR A 40 7.54 5.79 -5.67
C THR A 40 8.76 5.15 -6.34
N GLY A 41 8.62 4.73 -7.57
CA GLY A 41 9.77 4.09 -8.29
C GLY A 41 10.12 2.74 -7.64
N LEU A 42 9.26 2.25 -6.78
CA LEU A 42 9.52 0.95 -6.11
C LEU A 42 9.05 -0.23 -6.99
N SER A 43 9.78 -1.32 -6.99
CA SER A 43 9.37 -2.49 -7.83
C SER A 43 7.94 -2.93 -7.47
N PRO A 44 7.44 -3.90 -8.18
CA PRO A 44 6.06 -4.39 -7.91
C PRO A 44 6.04 -5.18 -6.60
N ARG A 45 7.16 -5.77 -6.22
CA ARG A 45 7.19 -6.54 -4.96
C ARG A 45 6.65 -5.71 -3.79
N VAL A 46 7.33 -4.63 -3.45
CA VAL A 46 6.86 -3.77 -2.32
C VAL A 46 5.48 -3.19 -2.65
N ILE A 47 5.25 -2.79 -3.88
CA ILE A 47 3.90 -2.22 -4.24
C ILE A 47 2.82 -3.27 -4.00
N ARG A 48 2.98 -4.43 -4.58
CA ARG A 48 1.95 -5.50 -4.42
C ARG A 48 1.65 -5.77 -2.93
N VAL A 49 2.62 -6.19 -2.17
CA VAL A 49 2.38 -6.50 -0.73
C VAL A 49 1.75 -5.32 0.03
N TRP A 50 1.97 -4.10 -0.39
CA TRP A 50 1.35 -2.95 0.36
C TRP A 50 -0.16 -3.08 0.46
N PHE A 51 -0.85 -3.06 -0.65
CA PHE A 51 -2.34 -3.15 -0.61
C PHE A 51 -2.78 -4.37 0.21
N GLN A 52 -2.09 -5.46 0.11
CA GLN A 52 -2.45 -6.67 0.91
C GLN A 52 -2.57 -6.30 2.38
N ASN A 53 -1.45 -6.02 3.01
CA ASN A 53 -1.45 -5.65 4.45
C ASN A 53 -2.45 -4.52 4.75
N LYS A 54 -2.44 -3.47 3.95
CA LYS A 54 -3.36 -2.31 4.19
C LYS A 54 -4.76 -2.78 4.62
N ARG A 55 -5.29 -3.78 3.97
CA ARG A 55 -6.65 -4.27 4.34
C ARG A 55 -6.73 -4.51 5.85
N CYS A 56 -5.81 -5.26 6.40
CA CYS A 56 -5.84 -5.53 7.88
C CYS A 56 -5.76 -4.24 8.69
N LYS A 57 -4.83 -3.36 8.38
CA LYS A 57 -4.73 -2.09 9.16
C LYS A 57 -6.01 -1.26 9.00
N ASP A 58 -6.65 -1.35 7.87
CA ASP A 58 -7.90 -0.58 7.64
C ASP A 58 -8.93 -0.91 8.71
N LYS A 59 -9.74 0.04 9.09
CA LYS A 59 -10.78 -0.20 10.12
C LYS A 59 -11.65 1.05 10.26
N LYS A 60 -12.32 1.43 9.21
CA LYS A 60 -13.18 2.65 9.25
C LYS A 60 -12.34 3.87 9.64
N ARG A 61 -11.19 4.03 9.06
CA ARG A 61 -10.34 5.21 9.40
C ARG A 61 -10.81 6.41 8.58
N SER A 62 -11.31 7.42 9.25
CA SER A 62 -11.83 8.62 8.53
C SER A 62 -11.61 9.88 9.39
N ILE A 63 -12.50 10.85 9.27
CA ILE A 63 -12.36 12.09 10.08
C ILE A 63 -13.19 11.99 11.37
N MET A 64 -12.78 11.16 12.28
CA MET A 64 -13.54 11.01 13.55
C MET A 64 -13.29 12.23 14.47
N MET A 65 -14.22 13.14 14.55
CA MET A 65 -14.03 14.34 15.42
C MET A 65 -14.23 13.94 16.89
N LYS A 66 -13.38 14.45 17.76
CA LYS A 66 -13.50 14.11 19.20
C LYS A 66 -13.52 12.59 19.38
N MET A 1 1.75 -16.06 12.30
CA MET A 1 2.74 -15.69 13.35
C MET A 1 4.07 -16.41 13.10
N LYS A 2 5.17 -15.74 13.34
CA LYS A 2 6.51 -16.38 13.11
C LYS A 2 6.64 -16.83 11.65
N THR A 3 5.85 -16.26 10.78
CA THR A 3 5.90 -16.65 9.33
C THR A 3 7.09 -15.99 8.63
N THR A 4 6.97 -14.73 8.27
CA THR A 4 8.12 -14.04 7.58
C THR A 4 8.88 -13.16 8.58
N ARG A 5 10.18 -13.23 8.57
CA ARG A 5 10.97 -12.38 9.51
C ARG A 5 10.61 -10.91 9.31
N VAL A 6 11.22 -10.04 10.07
CA VAL A 6 10.90 -8.58 9.94
C VAL A 6 11.97 -7.86 9.10
N ARG A 7 11.57 -6.92 8.27
CA ARG A 7 12.58 -6.18 7.43
C ARG A 7 11.89 -5.14 6.54
N THR A 8 10.83 -4.53 7.01
CA THR A 8 10.13 -3.49 6.20
C THR A 8 10.92 -2.17 6.27
N VAL A 9 10.62 -1.23 5.42
CA VAL A 9 11.35 0.08 5.44
C VAL A 9 10.38 1.23 5.15
N LEU A 10 9.11 0.96 5.17
CA LEU A 10 8.09 2.02 4.90
C LEU A 10 7.83 2.87 6.14
N ASN A 11 7.55 4.14 5.98
CA ASN A 11 7.24 4.99 7.18
C ASN A 11 6.25 6.09 6.79
N GLU A 12 6.08 7.08 7.65
CA GLU A 12 5.11 8.18 7.33
C GLU A 12 5.42 8.84 5.98
N LYS A 13 6.64 8.77 5.53
CA LYS A 13 6.97 9.42 4.22
C LYS A 13 6.23 8.72 3.06
N GLN A 14 6.67 7.55 2.67
CA GLN A 14 5.98 6.85 1.53
C GLN A 14 4.51 6.57 1.83
N LEU A 15 4.16 6.32 3.06
CA LEU A 15 2.73 6.04 3.37
C LEU A 15 1.84 7.11 2.76
N HIS A 16 2.18 8.36 2.99
CA HIS A 16 1.37 9.48 2.44
C HIS A 16 1.05 9.24 0.95
N THR A 17 2.02 8.82 0.18
CA THR A 17 1.78 8.57 -1.26
C THR A 17 0.65 7.56 -1.46
N LEU A 18 0.89 6.33 -1.10
CA LEU A 18 -0.15 5.27 -1.27
C LEU A 18 -1.47 5.67 -0.61
N ARG A 19 -1.41 6.43 0.45
CA ARG A 19 -2.66 6.85 1.15
C ARG A 19 -3.67 7.48 0.18
N THR A 20 -3.19 8.20 -0.80
CA THR A 20 -4.13 8.87 -1.77
C THR A 20 -4.93 7.83 -2.56
N CYS A 21 -4.29 6.78 -2.99
CA CYS A 21 -5.00 5.73 -3.79
C CYS A 21 -6.14 5.08 -2.99
N TYR A 22 -5.80 4.41 -1.91
CA TYR A 22 -6.83 3.71 -1.07
C TYR A 22 -8.06 4.58 -0.83
N ALA A 23 -7.87 5.81 -0.43
CA ALA A 23 -9.04 6.71 -0.19
C ALA A 23 -9.93 6.80 -1.42
N ALA A 24 -9.34 6.76 -2.59
CA ALA A 24 -10.14 6.86 -3.85
C ALA A 24 -10.47 5.46 -4.41
N ASN A 25 -9.65 4.50 -4.13
CA ASN A 25 -9.90 3.13 -4.65
C ASN A 25 -9.11 2.09 -3.83
N PRO A 26 -9.84 1.25 -3.12
CA PRO A 26 -9.19 0.22 -2.29
C PRO A 26 -8.73 -0.98 -3.13
N ARG A 27 -8.74 -0.87 -4.45
CA ARG A 27 -8.30 -2.02 -5.30
C ARG A 27 -7.77 -1.53 -6.66
N PRO A 28 -6.46 -1.46 -6.78
CA PRO A 28 -5.83 -1.04 -8.05
C PRO A 28 -5.69 -2.25 -8.98
N ASP A 29 -5.30 -2.05 -10.21
CA ASP A 29 -5.13 -3.19 -11.16
C ASP A 29 -4.18 -2.82 -12.29
N ALA A 30 -4.18 -3.57 -13.36
CA ALA A 30 -3.28 -3.27 -14.51
C ALA A 30 -3.30 -1.78 -14.85
N LEU A 31 -4.39 -1.11 -14.56
CA LEU A 31 -4.49 0.34 -14.89
C LEU A 31 -3.53 1.14 -14.02
N MET A 32 -3.91 1.43 -12.81
CA MET A 32 -3.02 2.23 -11.93
C MET A 32 -1.69 1.50 -11.71
N LYS A 33 -1.64 0.21 -11.92
CA LYS A 33 -0.35 -0.54 -11.73
C LYS A 33 0.80 0.16 -12.47
N GLU A 34 0.54 0.67 -13.66
CA GLU A 34 1.62 1.35 -14.42
C GLU A 34 2.09 2.60 -13.67
N GLN A 35 1.24 3.60 -13.57
CA GLN A 35 1.65 4.85 -12.87
C GLN A 35 2.14 4.56 -11.45
N LEU A 36 1.55 3.59 -10.78
CA LEU A 36 2.01 3.25 -9.39
C LEU A 36 3.52 3.02 -9.34
N VAL A 37 4.07 2.29 -10.28
CA VAL A 37 5.55 2.05 -10.25
C VAL A 37 6.28 3.39 -10.36
N GLU A 38 5.94 4.18 -11.34
CA GLU A 38 6.60 5.51 -11.53
C GLU A 38 6.48 6.39 -10.27
N MET A 39 5.51 6.17 -9.42
CA MET A 39 5.35 7.02 -8.19
C MET A 39 6.54 6.83 -7.25
N THR A 40 6.56 5.75 -6.50
CA THR A 40 7.70 5.55 -5.55
C THR A 40 8.86 4.87 -6.29
N GLY A 41 8.66 4.50 -7.54
CA GLY A 41 9.76 3.87 -8.34
C GLY A 41 10.25 2.57 -7.68
N LEU A 42 9.51 2.02 -6.75
CA LEU A 42 9.96 0.74 -6.10
C LEU A 42 9.56 -0.46 -6.97
N SER A 43 9.99 -1.64 -6.60
CA SER A 43 9.60 -2.85 -7.39
C SER A 43 8.11 -3.14 -7.17
N PRO A 44 7.58 -4.00 -8.00
CA PRO A 44 6.16 -4.37 -7.89
C PRO A 44 5.93 -5.26 -6.65
N ARG A 45 6.95 -5.98 -6.23
CA ARG A 45 6.80 -6.87 -5.04
C ARG A 45 6.24 -6.11 -3.84
N VAL A 46 6.96 -5.14 -3.34
CA VAL A 46 6.48 -4.36 -2.16
C VAL A 46 5.12 -3.69 -2.44
N ILE A 47 5.01 -3.02 -3.55
CA ILE A 47 3.72 -2.32 -3.89
C ILE A 47 2.52 -3.27 -3.72
N ARG A 48 2.54 -4.38 -4.40
CA ARG A 48 1.41 -5.35 -4.32
C ARG A 48 1.08 -5.76 -2.86
N VAL A 49 2.02 -6.30 -2.15
CA VAL A 49 1.74 -6.75 -0.75
C VAL A 49 1.18 -5.62 0.13
N TRP A 50 1.48 -4.38 -0.18
CA TRP A 50 0.95 -3.26 0.67
C TRP A 50 -0.58 -3.36 0.80
N PHE A 51 -1.30 -3.26 -0.30
CA PHE A 51 -2.78 -3.34 -0.23
C PHE A 51 -3.23 -4.59 0.56
N GLN A 52 -2.76 -5.75 0.16
CA GLN A 52 -3.16 -7.00 0.87
C GLN A 52 -2.96 -6.84 2.39
N ASN A 53 -1.73 -6.78 2.83
CA ASN A 53 -1.45 -6.64 4.29
C ASN A 53 -2.22 -5.46 4.90
N LYS A 54 -2.25 -4.34 4.23
CA LYS A 54 -2.96 -3.14 4.78
C LYS A 54 -4.34 -3.52 5.33
N ARG A 55 -5.13 -4.22 4.56
CA ARG A 55 -6.49 -4.61 5.04
C ARG A 55 -6.42 -5.24 6.43
N CYS A 56 -5.65 -6.29 6.59
CA CYS A 56 -5.56 -6.94 7.93
C CYS A 56 -5.16 -5.92 8.99
N LYS A 57 -4.15 -5.13 8.70
CA LYS A 57 -3.69 -4.10 9.68
C LYS A 57 -4.75 -3.02 9.89
N ASP A 58 -5.55 -2.73 8.89
CA ASP A 58 -6.59 -1.68 9.05
C ASP A 58 -7.56 -2.04 10.17
N LYS A 59 -7.57 -3.28 10.58
CA LYS A 59 -8.48 -3.74 11.70
C LYS A 59 -9.84 -3.02 11.67
N LYS A 60 -9.93 -1.85 12.25
CA LYS A 60 -11.21 -1.11 12.25
C LYS A 60 -10.96 0.39 12.34
N ARG A 61 -10.16 0.81 13.28
CA ARG A 61 -9.84 2.26 13.44
C ARG A 61 -11.12 3.10 13.46
N SER A 62 -11.58 3.54 12.32
CA SER A 62 -12.83 4.38 12.25
C SER A 62 -12.62 5.67 13.07
N ILE A 63 -12.94 6.80 12.49
CA ILE A 63 -12.76 8.08 13.23
C ILE A 63 -14.11 8.54 13.78
N MET A 64 -14.19 8.75 15.07
CA MET A 64 -15.46 9.23 15.67
C MET A 64 -15.39 10.74 15.90
N MET A 65 -16.20 11.50 15.24
CA MET A 65 -16.15 12.98 15.43
C MET A 65 -17.52 13.53 15.84
N LYS A 66 -18.19 12.87 16.75
CA LYS A 66 -19.54 13.36 17.18
C LYS A 66 -19.47 14.83 17.61
N MET A 1 8.91 -17.69 12.28
CA MET A 1 8.85 -18.72 11.21
C MET A 1 8.54 -18.07 9.87
N LYS A 2 7.96 -18.79 8.93
CA LYS A 2 7.65 -18.20 7.59
C LYS A 2 8.95 -17.76 6.91
N THR A 3 9.00 -17.81 5.61
CA THR A 3 10.23 -17.40 4.89
C THR A 3 10.30 -15.89 4.70
N THR A 4 9.38 -15.16 5.27
CA THR A 4 9.41 -13.68 5.09
C THR A 4 10.05 -13.02 6.31
N ARG A 5 11.15 -12.35 6.10
CA ARG A 5 11.85 -11.69 7.24
C ARG A 5 11.39 -10.23 7.35
N VAL A 6 11.25 -9.75 8.55
CA VAL A 6 10.83 -8.34 8.75
C VAL A 6 11.97 -7.40 8.35
N ARG A 7 11.92 -6.86 7.17
CA ARG A 7 13.01 -5.95 6.72
C ARG A 7 12.46 -4.92 5.74
N THR A 8 11.34 -4.35 6.07
CA THR A 8 10.72 -3.33 5.15
C THR A 8 11.36 -1.95 5.33
N VAL A 9 10.82 -0.98 4.64
CA VAL A 9 11.35 0.41 4.73
C VAL A 9 10.23 1.42 4.44
N LEU A 10 9.01 1.06 4.77
CA LEU A 10 7.86 1.99 4.50
C LEU A 10 7.76 3.06 5.60
N ASN A 11 8.36 4.20 5.39
CA ASN A 11 8.30 5.30 6.41
C ASN A 11 7.19 6.29 6.05
N GLU A 12 6.98 7.30 6.87
CA GLU A 12 5.91 8.32 6.59
C GLU A 12 6.04 8.88 5.17
N LYS A 13 7.23 8.90 4.63
CA LYS A 13 7.42 9.44 3.25
C LYS A 13 6.65 8.58 2.24
N GLN A 14 7.06 7.34 2.09
CA GLN A 14 6.37 6.42 1.15
C GLN A 14 4.91 6.24 1.58
N LEU A 15 4.69 6.01 2.85
CA LEU A 15 3.30 5.81 3.36
C LEU A 15 2.37 6.92 2.87
N HIS A 16 2.74 8.15 3.09
CA HIS A 16 1.86 9.27 2.65
C HIS A 16 1.44 9.12 1.18
N THR A 17 2.34 8.79 0.29
CA THR A 17 1.96 8.68 -1.14
C THR A 17 0.77 7.72 -1.33
N LEU A 18 0.97 6.45 -1.11
CA LEU A 18 -0.14 5.46 -1.28
C LEU A 18 -1.44 5.92 -0.61
N ARG A 19 -1.34 6.48 0.57
CA ARG A 19 -2.55 6.96 1.32
C ARG A 19 -3.60 7.58 0.38
N THR A 20 -3.18 8.37 -0.58
CA THR A 20 -4.16 9.00 -1.51
C THR A 20 -4.75 7.94 -2.45
N CYS A 21 -3.99 6.95 -2.79
CA CYS A 21 -4.51 5.87 -3.70
C CYS A 21 -5.64 5.08 -3.04
N TYR A 22 -5.34 4.37 -2.00
CA TYR A 22 -6.36 3.54 -1.28
C TYR A 22 -7.65 4.34 -1.02
N ALA A 23 -7.53 5.55 -0.54
CA ALA A 23 -8.75 6.37 -0.26
C ALA A 23 -9.62 6.49 -1.53
N ALA A 24 -9.01 6.74 -2.66
CA ALA A 24 -9.79 6.89 -3.92
C ALA A 24 -9.72 5.63 -4.79
N ASN A 25 -9.02 4.63 -4.34
CA ASN A 25 -8.89 3.39 -5.15
C ASN A 25 -8.40 2.25 -4.26
N PRO A 26 -9.31 1.72 -3.47
CA PRO A 26 -8.97 0.61 -2.55
C PRO A 26 -8.70 -0.70 -3.30
N ARG A 27 -8.75 -0.68 -4.62
CA ARG A 27 -8.49 -1.94 -5.38
C ARG A 27 -7.95 -1.61 -6.78
N PRO A 28 -6.65 -1.40 -6.86
CA PRO A 28 -6.02 -1.07 -8.16
C PRO A 28 -6.02 -2.29 -9.07
N ASP A 29 -5.34 -2.21 -10.17
CA ASP A 29 -5.31 -3.36 -11.12
C ASP A 29 -4.21 -3.15 -12.16
N ALA A 30 -4.20 -3.96 -13.18
CA ALA A 30 -3.19 -3.83 -14.27
C ALA A 30 -3.08 -2.37 -14.74
N LEU A 31 -4.17 -1.65 -14.70
CA LEU A 31 -4.15 -0.22 -15.13
C LEU A 31 -3.26 0.63 -14.19
N MET A 32 -3.77 1.03 -13.06
CA MET A 32 -2.97 1.87 -12.11
C MET A 32 -1.63 1.19 -11.76
N LYS A 33 -1.57 -0.13 -11.75
CA LYS A 33 -0.28 -0.81 -11.41
C LYS A 33 0.89 -0.17 -12.16
N GLU A 34 0.69 0.22 -13.39
CA GLU A 34 1.79 0.85 -14.16
C GLU A 34 2.21 2.18 -13.52
N GLN A 35 1.37 3.19 -13.60
CA GLN A 35 1.74 4.51 -13.00
C GLN A 35 2.15 4.34 -11.53
N LEU A 36 1.46 3.49 -10.82
CA LEU A 36 1.80 3.25 -9.37
C LEU A 36 3.32 3.15 -9.19
N VAL A 37 4.01 2.57 -10.14
CA VAL A 37 5.49 2.45 -10.02
C VAL A 37 6.12 3.85 -9.94
N GLU A 38 5.77 4.70 -10.86
CA GLU A 38 6.32 6.09 -10.88
C GLU A 38 5.94 6.85 -9.60
N MET A 39 4.79 6.57 -9.04
CA MET A 39 4.38 7.30 -7.79
C MET A 39 5.43 7.07 -6.69
N THR A 40 5.65 5.84 -6.29
CA THR A 40 6.65 5.57 -5.21
C THR A 40 8.03 5.17 -5.77
N GLY A 41 8.13 4.89 -7.05
CA GLY A 41 9.45 4.48 -7.63
C GLY A 41 9.87 3.11 -7.06
N LEU A 42 9.17 2.60 -6.09
CA LEU A 42 9.53 1.28 -5.49
C LEU A 42 9.11 0.15 -6.45
N SER A 43 9.68 -1.01 -6.31
CA SER A 43 9.32 -2.12 -7.23
C SER A 43 7.89 -2.61 -6.99
N PRO A 44 7.30 -3.21 -7.99
CA PRO A 44 5.91 -3.73 -7.88
C PRO A 44 5.78 -4.77 -6.77
N ARG A 45 6.83 -5.50 -6.50
CA ARG A 45 6.78 -6.54 -5.41
C ARG A 45 6.19 -5.96 -4.12
N VAL A 46 6.76 -4.88 -3.63
CA VAL A 46 6.27 -4.27 -2.35
C VAL A 46 4.81 -3.81 -2.48
N ILE A 47 4.49 -3.10 -3.52
CA ILE A 47 3.08 -2.61 -3.68
C ILE A 47 2.08 -3.76 -3.58
N ARG A 48 2.37 -4.87 -4.21
CA ARG A 48 1.42 -6.02 -4.16
C ARG A 48 1.04 -6.33 -2.71
N VAL A 49 2.00 -6.61 -1.88
CA VAL A 49 1.71 -6.94 -0.47
C VAL A 49 1.09 -5.75 0.31
N TRP A 50 1.44 -4.52 -0.04
CA TRP A 50 0.86 -3.36 0.73
C TRP A 50 -0.67 -3.42 0.73
N PHE A 51 -1.31 -3.28 -0.41
CA PHE A 51 -2.80 -3.33 -0.45
C PHE A 51 -3.32 -4.58 0.28
N GLN A 52 -2.77 -5.73 -0.02
CA GLN A 52 -3.23 -6.98 0.67
C GLN A 52 -3.12 -6.81 2.18
N ASN A 53 -1.93 -6.75 2.69
CA ASN A 53 -1.75 -6.60 4.17
C ASN A 53 -2.60 -5.44 4.73
N LYS A 54 -2.76 -4.37 3.97
CA LYS A 54 -3.56 -3.21 4.48
C LYS A 54 -4.90 -3.68 5.07
N ARG A 55 -5.52 -4.65 4.45
CA ARG A 55 -6.82 -5.16 4.98
C ARG A 55 -6.68 -5.54 6.45
N CYS A 56 -5.96 -6.61 6.72
CA CYS A 56 -5.77 -7.05 8.13
C CYS A 56 -5.11 -5.94 8.95
N LYS A 57 -4.24 -5.16 8.34
CA LYS A 57 -3.59 -4.06 9.10
C LYS A 57 -4.65 -3.09 9.60
N ASP A 58 -5.63 -2.79 8.80
CA ASP A 58 -6.70 -1.86 9.26
C ASP A 58 -7.86 -1.80 8.27
N LYS A 59 -9.06 -1.98 8.78
CA LYS A 59 -10.27 -1.95 7.91
C LYS A 59 -10.45 -0.55 7.32
N LYS A 60 -10.76 0.41 8.15
CA LYS A 60 -10.97 1.80 7.67
C LYS A 60 -11.05 2.76 8.86
N ARG A 61 -12.20 2.85 9.49
CA ARG A 61 -12.36 3.76 10.67
C ARG A 61 -12.00 5.20 10.33
N SER A 62 -11.83 5.53 9.08
CA SER A 62 -11.46 6.92 8.70
C SER A 62 -12.72 7.71 8.28
N ILE A 63 -13.33 8.41 9.20
CA ILE A 63 -14.55 9.18 8.85
C ILE A 63 -14.39 10.68 9.18
N MET A 64 -13.22 11.09 9.60
CA MET A 64 -13.00 12.54 9.92
C MET A 64 -14.23 13.16 10.60
N MET A 65 -14.34 13.03 11.89
CA MET A 65 -15.52 13.62 12.59
C MET A 65 -15.38 15.14 12.62
N LYS A 66 -16.16 15.83 11.83
CA LYS A 66 -16.10 17.32 11.80
C LYS A 66 -17.33 17.88 11.09
N MET A 1 12.35 -16.29 9.45
CA MET A 1 11.77 -17.54 8.86
C MET A 1 10.58 -17.20 7.97
N LYS A 2 9.93 -18.19 7.42
CA LYS A 2 8.77 -17.94 6.51
C LYS A 2 9.19 -17.02 5.37
N THR A 3 8.31 -16.76 4.45
CA THR A 3 8.68 -15.85 3.32
C THR A 3 8.65 -14.39 3.79
N THR A 4 9.10 -13.48 2.97
CA THR A 4 9.11 -12.02 3.34
C THR A 4 9.50 -11.84 4.82
N ARG A 5 10.74 -11.56 5.10
CA ARG A 5 11.14 -11.38 6.51
C ARG A 5 10.54 -10.09 7.10
N VAL A 6 10.40 -10.04 8.39
CA VAL A 6 9.82 -8.81 9.01
C VAL A 6 10.90 -7.74 9.18
N ARG A 7 11.15 -6.95 8.18
CA ARG A 7 12.19 -5.88 8.31
C ARG A 7 11.92 -4.77 7.29
N THR A 8 10.73 -4.24 7.28
CA THR A 8 10.37 -3.13 6.35
C THR A 8 11.01 -1.83 6.83
N VAL A 9 10.89 -0.79 6.05
CA VAL A 9 11.44 0.54 6.47
C VAL A 9 10.47 1.63 6.01
N LEU A 10 9.20 1.31 5.98
CA LEU A 10 8.13 2.27 5.54
C LEU A 10 7.82 3.27 6.66
N ASN A 11 7.66 4.53 6.33
CA ASN A 11 7.38 5.56 7.38
C ASN A 11 6.42 6.63 6.85
N GLU A 12 6.33 7.74 7.54
CA GLU A 12 5.41 8.84 7.10
C GLU A 12 5.65 9.22 5.63
N LYS A 13 6.81 8.92 5.11
CA LYS A 13 7.12 9.30 3.69
C LYS A 13 6.32 8.49 2.67
N GLN A 14 6.78 7.31 2.34
CA GLN A 14 6.06 6.49 1.31
C GLN A 14 4.68 6.07 1.82
N LEU A 15 4.55 5.74 3.08
CA LEU A 15 3.22 5.32 3.60
C LEU A 15 2.17 6.41 3.35
N HIS A 16 2.43 7.61 3.79
CA HIS A 16 1.43 8.70 3.59
C HIS A 16 1.02 8.80 2.12
N THR A 17 1.97 8.73 1.22
CA THR A 17 1.65 8.84 -0.23
C THR A 17 0.59 7.80 -0.63
N LEU A 18 0.92 6.53 -0.61
CA LEU A 18 -0.06 5.48 -1.00
C LEU A 18 -1.39 5.69 -0.25
N ARG A 19 -1.34 6.07 1.01
CA ARG A 19 -2.60 6.29 1.81
C ARG A 19 -3.63 7.08 1.01
N THR A 20 -3.23 8.09 0.27
CA THR A 20 -4.22 8.89 -0.52
C THR A 20 -4.86 8.00 -1.60
N CYS A 21 -4.09 7.11 -2.16
CA CYS A 21 -4.62 6.21 -3.23
C CYS A 21 -5.76 5.33 -2.69
N TYR A 22 -5.50 4.56 -1.66
CA TYR A 22 -6.55 3.67 -1.09
C TYR A 22 -7.89 4.40 -0.93
N ALA A 23 -7.87 5.57 -0.35
CA ALA A 23 -9.14 6.33 -0.16
C ALA A 23 -9.86 6.51 -1.50
N ALA A 24 -9.11 6.69 -2.57
CA ALA A 24 -9.77 6.88 -3.89
C ALA A 24 -9.75 5.59 -4.71
N ASN A 25 -9.07 4.59 -4.25
CA ASN A 25 -9.01 3.32 -5.03
C ASN A 25 -8.51 2.15 -4.16
N PRO A 26 -9.45 1.52 -3.49
CA PRO A 26 -9.12 0.36 -2.63
C PRO A 26 -8.86 -0.91 -3.47
N ARG A 27 -8.99 -0.82 -4.78
CA ARG A 27 -8.75 -2.04 -5.63
C ARG A 27 -8.27 -1.67 -7.04
N PRO A 28 -6.98 -1.49 -7.16
CA PRO A 28 -6.37 -1.18 -8.48
C PRO A 28 -6.10 -2.50 -9.23
N ASP A 29 -5.49 -2.42 -10.39
CA ASP A 29 -5.20 -3.67 -11.16
C ASP A 29 -4.08 -3.42 -12.17
N ALA A 30 -3.95 -4.27 -13.13
CA ALA A 30 -2.88 -4.11 -14.17
C ALA A 30 -2.83 -2.66 -14.66
N LEU A 31 -3.97 -1.99 -14.65
CA LEU A 31 -4.03 -0.59 -15.15
C LEU A 31 -3.22 0.36 -14.24
N MET A 32 -3.79 0.82 -13.16
CA MET A 32 -3.04 1.76 -12.27
C MET A 32 -1.73 1.14 -11.80
N LYS A 33 -1.66 -0.16 -11.72
CA LYS A 33 -0.40 -0.83 -11.26
C LYS A 33 0.82 -0.24 -11.96
N GLU A 34 0.75 -0.04 -13.26
CA GLU A 34 1.93 0.52 -13.99
C GLU A 34 2.26 1.94 -13.49
N GLN A 35 1.32 2.84 -13.52
CA GLN A 35 1.61 4.24 -13.08
C GLN A 35 2.01 4.28 -11.59
N LEU A 36 1.37 3.49 -10.78
CA LEU A 36 1.74 3.46 -9.32
C LEU A 36 3.25 3.30 -9.15
N VAL A 37 3.86 2.50 -9.98
CA VAL A 37 5.34 2.30 -9.90
C VAL A 37 6.05 3.65 -10.13
N GLU A 38 5.61 4.42 -11.08
CA GLU A 38 6.27 5.73 -11.39
C GLU A 38 6.33 6.63 -10.14
N MET A 39 5.32 6.62 -9.32
CA MET A 39 5.31 7.49 -8.11
C MET A 39 6.50 7.19 -7.19
N THR A 40 6.58 6.00 -6.67
CA THR A 40 7.72 5.66 -5.75
C THR A 40 8.88 5.03 -6.55
N GLY A 41 8.70 4.81 -7.82
CA GLY A 41 9.79 4.21 -8.65
C GLY A 41 10.30 2.90 -8.03
N LEU A 42 9.63 2.37 -7.04
CA LEU A 42 10.08 1.09 -6.43
C LEU A 42 9.56 -0.08 -7.27
N SER A 43 9.92 -1.29 -6.93
CA SER A 43 9.43 -2.46 -7.72
C SER A 43 7.95 -2.70 -7.41
N PRO A 44 7.29 -3.47 -8.25
CA PRO A 44 5.87 -3.79 -8.02
C PRO A 44 5.73 -4.80 -6.87
N ARG A 45 6.80 -5.45 -6.51
CA ARG A 45 6.76 -6.43 -5.38
C ARG A 45 6.15 -5.76 -4.14
N VAL A 46 6.73 -4.66 -3.72
CA VAL A 46 6.19 -3.94 -2.52
C VAL A 46 4.76 -3.49 -2.79
N ILE A 47 4.48 -3.07 -3.99
CA ILE A 47 3.12 -2.61 -4.34
C ILE A 47 2.08 -3.70 -4.02
N ARG A 48 2.27 -4.90 -4.51
CA ARG A 48 1.27 -5.98 -4.23
C ARG A 48 1.03 -6.15 -2.73
N VAL A 49 2.02 -6.63 -2.00
CA VAL A 49 1.83 -6.86 -0.54
C VAL A 49 1.34 -5.60 0.18
N TRP A 50 1.69 -4.42 -0.29
CA TRP A 50 1.23 -3.17 0.41
C TRP A 50 -0.30 -3.15 0.56
N PHE A 51 -1.03 -3.07 -0.53
CA PHE A 51 -2.52 -3.04 -0.42
C PHE A 51 -3.01 -4.23 0.40
N GLN A 52 -2.46 -5.40 0.19
CA GLN A 52 -2.88 -6.59 0.97
C GLN A 52 -2.95 -6.25 2.45
N ASN A 53 -1.80 -6.04 3.05
CA ASN A 53 -1.77 -5.71 4.50
C ASN A 53 -2.76 -4.59 4.84
N LYS A 54 -2.77 -3.52 4.07
CA LYS A 54 -3.70 -2.39 4.37
C LYS A 54 -5.12 -2.90 4.61
N ARG A 55 -5.61 -3.79 3.78
CA ARG A 55 -7.00 -4.34 3.98
C ARG A 55 -7.14 -4.91 5.40
N CYS A 56 -6.24 -5.77 5.77
CA CYS A 56 -6.31 -6.40 7.13
C CYS A 56 -6.33 -5.30 8.21
N LYS A 57 -5.48 -4.33 8.08
CA LYS A 57 -5.47 -3.23 9.10
C LYS A 57 -6.77 -2.44 9.00
N ASP A 58 -7.20 -2.12 7.80
CA ASP A 58 -8.48 -1.36 7.63
C ASP A 58 -9.67 -2.23 7.99
N LYS A 59 -9.76 -2.65 9.22
CA LYS A 59 -10.91 -3.51 9.60
C LYS A 59 -12.21 -2.71 9.60
N LYS A 60 -12.86 -2.58 8.47
CA LYS A 60 -14.15 -1.81 8.39
C LYS A 60 -14.05 -0.49 9.17
N ARG A 61 -13.51 0.54 8.57
CA ARG A 61 -13.39 1.86 9.29
C ARG A 61 -14.79 2.35 9.73
N SER A 62 -15.26 1.88 10.87
CA SER A 62 -16.62 2.31 11.37
C SER A 62 -16.49 3.28 12.55
N ILE A 63 -15.43 4.02 12.61
CA ILE A 63 -15.27 4.97 13.76
C ILE A 63 -16.35 6.06 13.70
N MET A 64 -17.21 6.10 14.69
CA MET A 64 -18.27 7.14 14.72
C MET A 64 -18.57 7.53 16.18
N MET A 65 -17.58 8.04 16.87
CA MET A 65 -17.78 8.42 18.30
C MET A 65 -18.62 9.70 18.39
N LYS A 66 -19.44 9.79 19.38
CA LYS A 66 -20.28 11.02 19.53
C LYS A 66 -20.44 11.36 21.02
N MET A 1 5.30 -21.71 12.62
CA MET A 1 6.38 -21.42 13.61
C MET A 1 7.43 -20.47 13.00
N LYS A 2 7.44 -20.33 11.70
CA LYS A 2 8.43 -19.44 11.02
C LYS A 2 8.19 -17.97 11.41
N THR A 3 8.95 -17.47 12.35
CA THR A 3 8.80 -16.05 12.78
C THR A 3 9.33 -15.10 11.69
N THR A 4 8.47 -14.63 10.81
CA THR A 4 8.94 -13.71 9.71
C THR A 4 9.79 -12.55 10.26
N ARG A 5 10.68 -12.04 9.46
CA ARG A 5 11.55 -10.90 9.90
C ARG A 5 11.02 -9.57 9.38
N VAL A 6 10.88 -8.61 10.25
CA VAL A 6 10.37 -7.26 9.84
C VAL A 6 11.53 -6.33 9.51
N ARG A 7 12.16 -6.49 8.38
CA ARG A 7 13.29 -5.58 8.03
C ARG A 7 12.86 -4.59 6.92
N THR A 8 11.64 -4.13 6.99
CA THR A 8 11.12 -3.16 5.97
C THR A 8 11.48 -1.72 6.34
N VAL A 9 10.94 -0.76 5.64
CA VAL A 9 11.25 0.68 5.96
C VAL A 9 10.07 1.58 5.63
N LEU A 10 8.87 1.10 5.78
CA LEU A 10 7.66 1.94 5.50
C LEU A 10 7.43 2.88 6.70
N ASN A 11 7.40 4.18 6.46
CA ASN A 11 7.20 5.15 7.59
C ASN A 11 6.34 6.34 7.14
N GLU A 12 6.36 7.41 7.89
CA GLU A 12 5.55 8.62 7.54
C GLU A 12 5.80 9.06 6.08
N LYS A 13 6.93 8.75 5.53
CA LYS A 13 7.22 9.19 4.14
C LYS A 13 6.38 8.41 3.11
N GLN A 14 6.78 7.23 2.77
CA GLN A 14 6.02 6.44 1.74
C GLN A 14 4.60 6.12 2.20
N LEU A 15 4.39 5.93 3.47
CA LEU A 15 3.01 5.61 3.94
C LEU A 15 2.03 6.70 3.47
N HIS A 16 2.33 7.94 3.73
CA HIS A 16 1.41 9.05 3.32
C HIS A 16 1.13 9.01 1.81
N THR A 17 2.12 8.78 0.99
CA THR A 17 1.88 8.77 -0.49
C THR A 17 0.81 7.75 -0.86
N LEU A 18 1.05 6.47 -0.65
CA LEU A 18 0.03 5.43 -1.02
C LEU A 18 -1.37 5.81 -0.51
N ARG A 19 -1.47 6.40 0.67
CA ARG A 19 -2.82 6.79 1.21
C ARG A 19 -3.68 7.42 0.10
N THR A 20 -3.06 8.07 -0.85
CA THR A 20 -3.85 8.69 -1.95
C THR A 20 -4.41 7.61 -2.87
N CYS A 21 -3.68 6.54 -3.08
CA CYS A 21 -4.18 5.45 -3.97
C CYS A 21 -5.52 4.89 -3.44
N TYR A 22 -5.54 4.39 -2.22
CA TYR A 22 -6.82 3.83 -1.66
C TYR A 22 -7.96 4.85 -1.79
N ALA A 23 -7.64 6.10 -1.56
CA ALA A 23 -8.68 7.17 -1.67
C ALA A 23 -9.36 7.15 -3.03
N ALA A 24 -8.74 6.55 -4.00
CA ALA A 24 -9.36 6.49 -5.35
C ALA A 24 -10.19 5.22 -5.46
N ASN A 25 -9.62 4.11 -5.13
CA ASN A 25 -10.38 2.82 -5.20
C ASN A 25 -9.72 1.76 -4.29
N PRO A 26 -10.51 1.07 -3.52
CA PRO A 26 -9.95 0.03 -2.62
C PRO A 26 -9.67 -1.27 -3.41
N ARG A 27 -9.61 -1.22 -4.71
CA ARG A 27 -9.35 -2.46 -5.49
C ARG A 27 -8.68 -2.13 -6.83
N PRO A 28 -7.45 -1.69 -6.77
CA PRO A 28 -6.69 -1.35 -7.99
C PRO A 28 -6.18 -2.61 -8.66
N ASP A 29 -5.59 -2.48 -9.83
CA ASP A 29 -5.05 -3.69 -10.54
C ASP A 29 -4.06 -3.28 -11.62
N ALA A 30 -3.94 -4.08 -12.63
CA ALA A 30 -3.02 -3.79 -13.77
C ALA A 30 -3.16 -2.34 -14.25
N LEU A 31 -4.28 -1.73 -13.99
CA LEU A 31 -4.49 -0.32 -14.45
C LEU A 31 -3.55 0.66 -13.72
N MET A 32 -3.90 1.06 -12.52
CA MET A 32 -3.04 2.03 -11.78
C MET A 32 -1.65 1.44 -11.51
N LYS A 33 -1.48 0.16 -11.62
CA LYS A 33 -0.15 -0.47 -11.36
C LYS A 33 0.95 0.27 -12.14
N GLU A 34 0.59 0.80 -13.29
CA GLU A 34 1.60 1.51 -14.13
C GLU A 34 2.13 2.77 -13.42
N GLN A 35 1.34 3.80 -13.32
CA GLN A 35 1.83 5.05 -12.65
C GLN A 35 2.27 4.77 -11.21
N LEU A 36 1.65 3.83 -10.57
CA LEU A 36 2.03 3.50 -9.17
C LEU A 36 3.55 3.29 -9.06
N VAL A 37 4.11 2.56 -9.97
CA VAL A 37 5.59 2.34 -9.94
C VAL A 37 6.29 3.71 -9.96
N GLU A 38 5.87 4.59 -10.84
CA GLU A 38 6.51 5.94 -10.95
C GLU A 38 6.43 6.71 -9.63
N MET A 39 5.34 6.58 -8.92
CA MET A 39 5.19 7.34 -7.63
C MET A 39 6.36 7.07 -6.68
N THR A 40 6.56 5.84 -6.29
CA THR A 40 7.68 5.53 -5.35
C THR A 40 8.92 5.01 -6.10
N GLY A 41 8.77 4.62 -7.33
CA GLY A 41 9.94 4.10 -8.10
C GLY A 41 10.29 2.67 -7.68
N LEU A 42 9.58 2.11 -6.73
CA LEU A 42 9.88 0.72 -6.30
C LEU A 42 9.37 -0.29 -7.33
N SER A 43 9.75 -1.53 -7.19
CA SER A 43 9.28 -2.58 -8.16
C SER A 43 7.79 -2.83 -7.95
N PRO A 44 7.23 -3.67 -8.78
CA PRO A 44 5.79 -3.99 -8.65
C PRO A 44 5.54 -4.91 -7.44
N ARG A 45 6.51 -5.72 -7.10
CA ARG A 45 6.34 -6.65 -5.94
C ARG A 45 5.94 -5.90 -4.66
N VAL A 46 6.73 -4.97 -4.20
CA VAL A 46 6.37 -4.23 -2.95
C VAL A 46 5.02 -3.54 -3.10
N ILE A 47 4.65 -3.15 -4.30
CA ILE A 47 3.34 -2.46 -4.47
C ILE A 47 2.18 -3.39 -4.10
N ARG A 48 2.09 -4.53 -4.77
CA ARG A 48 0.98 -5.50 -4.48
C ARG A 48 0.84 -5.84 -3.00
N VAL A 49 1.91 -6.31 -2.39
CA VAL A 49 1.83 -6.72 -0.95
C VAL A 49 1.30 -5.61 -0.03
N TRP A 50 1.53 -4.35 -0.35
CA TRP A 50 1.04 -3.27 0.56
C TRP A 50 -0.47 -3.42 0.82
N PHE A 51 -1.27 -3.36 -0.20
CA PHE A 51 -2.76 -3.48 -0.01
C PHE A 51 -3.11 -4.70 0.85
N GLN A 52 -2.50 -5.81 0.58
CA GLN A 52 -2.79 -7.03 1.40
C GLN A 52 -2.61 -6.68 2.89
N ASN A 53 -1.40 -6.37 3.28
CA ASN A 53 -1.13 -6.00 4.70
C ASN A 53 -1.94 -4.77 5.12
N LYS A 54 -2.23 -3.88 4.21
CA LYS A 54 -2.99 -2.64 4.56
C LYS A 54 -4.24 -2.98 5.38
N ARG A 55 -5.07 -3.88 4.92
CA ARG A 55 -6.29 -4.24 5.69
C ARG A 55 -5.90 -4.62 7.13
N CYS A 56 -4.84 -5.37 7.27
CA CYS A 56 -4.37 -5.78 8.64
C CYS A 56 -4.14 -4.56 9.55
N LYS A 57 -3.31 -3.64 9.12
CA LYS A 57 -3.03 -2.45 9.99
C LYS A 57 -4.33 -1.70 10.27
N ASP A 58 -5.16 -1.55 9.29
CA ASP A 58 -6.45 -0.85 9.52
C ASP A 58 -7.27 -1.58 10.59
N LYS A 59 -7.78 -0.87 11.55
CA LYS A 59 -8.60 -1.53 12.61
C LYS A 59 -9.18 -0.48 13.57
N LYS A 60 -10.48 -0.36 13.59
CA LYS A 60 -11.14 0.63 14.50
C LYS A 60 -10.63 2.05 14.23
N ARG A 61 -10.09 2.73 15.21
CA ARG A 61 -9.60 4.12 15.00
C ARG A 61 -10.73 5.00 14.47
N SER A 62 -11.69 5.31 15.31
CA SER A 62 -12.83 6.18 14.88
C SER A 62 -12.39 7.65 14.82
N ILE A 63 -12.12 8.14 13.63
CA ILE A 63 -11.68 9.55 13.47
C ILE A 63 -12.77 10.52 13.97
N MET A 64 -12.84 10.78 15.25
CA MET A 64 -13.88 11.72 15.77
C MET A 64 -13.29 13.10 16.06
N MET A 65 -12.08 13.35 15.65
CA MET A 65 -11.45 14.68 15.93
C MET A 65 -11.86 15.70 14.86
N LYS A 66 -12.31 16.85 15.28
CA LYS A 66 -12.74 17.90 14.31
C LYS A 66 -13.11 19.19 15.05
N MET A 1 9.91 -23.07 -0.04
CA MET A 1 10.40 -21.69 -0.32
C MET A 1 9.83 -20.72 0.72
N LYS A 2 10.62 -20.28 1.66
CA LYS A 2 10.12 -19.34 2.70
C LYS A 2 10.04 -17.91 2.14
N THR A 3 10.49 -17.69 0.92
CA THR A 3 10.44 -16.30 0.34
C THR A 3 11.28 -15.34 1.19
N THR A 4 12.25 -15.85 1.89
CA THR A 4 13.11 -14.97 2.74
C THR A 4 12.25 -14.26 3.80
N ARG A 5 12.88 -13.72 4.82
CA ARG A 5 12.11 -13.02 5.89
C ARG A 5 11.55 -11.71 5.33
N VAL A 6 10.59 -11.11 5.99
CA VAL A 6 10.03 -9.82 5.48
C VAL A 6 10.62 -8.63 6.25
N ARG A 7 11.43 -7.84 5.61
CA ARG A 7 12.04 -6.68 6.31
C ARG A 7 11.33 -5.38 5.86
N THR A 8 10.06 -5.27 6.16
CA THR A 8 9.29 -4.04 5.77
C THR A 8 9.88 -2.80 6.43
N VAL A 9 9.91 -1.71 5.72
CA VAL A 9 10.47 -0.44 6.27
C VAL A 9 9.62 0.75 5.79
N LEU A 10 8.33 0.62 5.87
CA LEU A 10 7.41 1.72 5.44
C LEU A 10 7.21 2.73 6.58
N ASN A 11 7.22 4.00 6.29
CA ASN A 11 7.04 5.03 7.36
C ASN A 11 6.33 6.29 6.81
N GLU A 12 6.37 7.37 7.55
CA GLU A 12 5.68 8.64 7.12
C GLU A 12 6.04 9.05 5.69
N LYS A 13 7.16 8.64 5.19
CA LYS A 13 7.55 9.06 3.80
C LYS A 13 6.71 8.36 2.73
N GLN A 14 7.02 7.11 2.46
CA GLN A 14 6.30 6.34 1.41
C GLN A 14 4.81 6.13 1.76
N LEU A 15 4.49 5.87 2.99
CA LEU A 15 3.06 5.63 3.35
C LEU A 15 2.17 6.81 2.94
N HIS A 16 2.62 8.01 3.16
CA HIS A 16 1.77 9.19 2.82
C HIS A 16 1.23 9.10 1.38
N THR A 17 2.09 9.01 0.41
CA THR A 17 1.63 8.94 -1.01
C THR A 17 0.56 7.85 -1.19
N LEU A 18 0.89 6.62 -0.89
CA LEU A 18 -0.11 5.52 -1.04
C LEU A 18 -1.43 5.84 -0.30
N ARG A 19 -1.35 6.46 0.86
CA ARG A 19 -2.58 6.79 1.65
C ARG A 19 -3.67 7.43 0.76
N THR A 20 -3.30 8.37 -0.07
CA THR A 20 -4.31 9.04 -0.92
C THR A 20 -4.90 8.06 -1.95
N CYS A 21 -4.10 7.20 -2.51
CA CYS A 21 -4.63 6.23 -3.52
C CYS A 21 -5.72 5.36 -2.90
N TYR A 22 -5.38 4.57 -1.92
CA TYR A 22 -6.39 3.68 -1.26
C TYR A 22 -7.65 4.48 -0.92
N ALA A 23 -7.51 5.71 -0.49
CA ALA A 23 -8.71 6.53 -0.14
C ALA A 23 -9.70 6.58 -1.32
N ALA A 24 -9.23 6.93 -2.49
CA ALA A 24 -10.13 7.02 -3.69
C ALA A 24 -10.05 5.74 -4.55
N ASN A 25 -9.32 4.76 -4.12
CA ASN A 25 -9.22 3.48 -4.91
C ASN A 25 -8.72 2.33 -4.03
N PRO A 26 -9.63 1.70 -3.33
CA PRO A 26 -9.29 0.57 -2.44
C PRO A 26 -8.98 -0.71 -3.22
N ARG A 27 -9.05 -0.68 -4.53
CA ARG A 27 -8.78 -1.92 -5.32
C ARG A 27 -8.30 -1.56 -6.73
N PRO A 28 -7.01 -1.37 -6.86
CA PRO A 28 -6.44 -1.03 -8.19
C PRO A 28 -6.23 -2.33 -8.96
N ASP A 29 -5.62 -2.28 -10.11
CA ASP A 29 -5.39 -3.54 -10.90
C ASP A 29 -4.28 -3.33 -11.91
N ALA A 30 -4.10 -4.28 -12.79
CA ALA A 30 -3.02 -4.18 -13.83
C ALA A 30 -2.99 -2.78 -14.48
N LEU A 31 -4.09 -2.08 -14.50
CA LEU A 31 -4.12 -0.72 -15.13
C LEU A 31 -3.19 0.27 -14.39
N MET A 32 -3.67 0.86 -13.33
CA MET A 32 -2.84 1.85 -12.55
C MET A 32 -1.57 1.19 -11.98
N LYS A 33 -1.61 -0.10 -11.75
CA LYS A 33 -0.40 -0.81 -11.18
C LYS A 33 0.86 -0.39 -11.92
N GLU A 34 0.76 -0.16 -13.21
CA GLU A 34 1.94 0.28 -13.99
C GLU A 34 2.39 1.66 -13.52
N GLN A 35 1.53 2.64 -13.65
CA GLN A 35 1.91 4.02 -13.21
C GLN A 35 2.27 4.03 -11.72
N LEU A 36 1.69 3.15 -10.95
CA LEU A 36 2.00 3.10 -9.49
C LEU A 36 3.52 2.99 -9.29
N VAL A 37 4.22 2.35 -10.20
CA VAL A 37 5.71 2.23 -10.07
C VAL A 37 6.34 3.63 -10.04
N GLU A 38 6.02 4.44 -11.01
CA GLU A 38 6.59 5.83 -11.07
C GLU A 38 6.22 6.65 -9.83
N MET A 39 5.08 6.39 -9.24
CA MET A 39 4.67 7.17 -8.04
C MET A 39 5.75 7.08 -6.96
N THR A 40 6.01 5.90 -6.47
CA THR A 40 7.06 5.75 -5.41
C THR A 40 8.42 5.37 -6.01
N GLY A 41 8.45 5.06 -7.28
CA GLY A 41 9.76 4.71 -7.93
C GLY A 41 10.21 3.30 -7.52
N LEU A 42 9.60 2.72 -6.52
CA LEU A 42 10.00 1.35 -6.07
C LEU A 42 9.47 0.30 -7.03
N SER A 43 9.91 -0.92 -6.85
CA SER A 43 9.47 -2.03 -7.73
C SER A 43 8.00 -2.40 -7.43
N PRO A 44 7.50 -3.35 -8.20
CA PRO A 44 6.09 -3.78 -8.01
C PRO A 44 5.98 -4.74 -6.80
N ARG A 45 7.07 -5.30 -6.37
CA ARG A 45 7.04 -6.25 -5.20
C ARG A 45 6.29 -5.61 -4.01
N VAL A 46 6.78 -4.51 -3.51
CA VAL A 46 6.13 -3.84 -2.33
C VAL A 46 4.69 -3.39 -2.67
N ILE A 47 4.46 -3.00 -3.89
CA ILE A 47 3.11 -2.55 -4.29
C ILE A 47 2.07 -3.65 -4.06
N ARG A 48 2.23 -4.77 -4.71
CA ARG A 48 1.24 -5.88 -4.56
C ARG A 48 0.96 -6.17 -3.09
N VAL A 49 1.94 -6.57 -2.35
CA VAL A 49 1.72 -6.89 -0.91
C VAL A 49 1.16 -5.70 -0.12
N TRP A 50 1.48 -4.48 -0.49
CA TRP A 50 0.97 -3.33 0.31
C TRP A 50 -0.55 -3.41 0.47
N PHE A 51 -1.31 -3.27 -0.58
CA PHE A 51 -2.80 -3.33 -0.45
C PHE A 51 -3.24 -4.57 0.36
N GLN A 52 -2.71 -5.72 0.05
CA GLN A 52 -3.11 -6.96 0.79
C GLN A 52 -3.03 -6.74 2.30
N ASN A 53 -1.84 -6.53 2.82
CA ASN A 53 -1.68 -6.30 4.29
C ASN A 53 -2.67 -5.24 4.78
N LYS A 54 -2.73 -4.11 4.11
CA LYS A 54 -3.66 -3.01 4.51
C LYS A 54 -5.02 -3.57 4.92
N ARG A 55 -5.62 -4.36 4.08
CA ARG A 55 -6.96 -4.92 4.39
C ARG A 55 -7.02 -5.47 5.82
N CYS A 56 -6.04 -6.24 6.20
CA CYS A 56 -6.03 -6.79 7.60
C CYS A 56 -6.13 -5.65 8.61
N LYS A 57 -5.22 -4.71 8.55
CA LYS A 57 -5.27 -3.57 9.52
C LYS A 57 -6.52 -2.71 9.27
N ASP A 58 -7.02 -2.71 8.07
CA ASP A 58 -8.23 -1.88 7.78
C ASP A 58 -9.44 -2.40 8.57
N LYS A 59 -10.60 -1.87 8.29
CA LYS A 59 -11.83 -2.34 9.01
C LYS A 59 -11.79 -1.94 10.49
N LYS A 60 -10.94 -2.57 11.26
CA LYS A 60 -10.86 -2.23 12.72
C LYS A 60 -10.50 -0.75 12.90
N ARG A 61 -11.48 0.11 12.78
CA ARG A 61 -11.22 1.58 12.93
C ARG A 61 -12.53 2.37 12.96
N SER A 62 -13.31 2.31 11.91
CA SER A 62 -14.60 3.06 11.89
C SER A 62 -15.69 2.24 12.58
N ILE A 63 -16.60 2.89 13.28
CA ILE A 63 -17.69 2.14 13.99
C ILE A 63 -18.95 2.06 13.12
N MET A 64 -19.33 0.88 12.72
CA MET A 64 -20.57 0.72 11.89
C MET A 64 -21.80 1.04 12.72
N MET A 65 -22.63 1.94 12.28
CA MET A 65 -23.85 2.27 13.07
C MET A 65 -25.09 1.67 12.40
N LYS A 66 -25.69 0.67 13.00
CA LYS A 66 -26.91 0.06 12.41
C LYS A 66 -28.12 0.38 13.31
N MET A 1 6.57 -12.23 8.22
CA MET A 1 5.81 -13.06 9.21
C MET A 1 5.91 -14.54 8.82
N LYS A 2 5.49 -14.88 7.62
CA LYS A 2 5.56 -16.30 7.19
C LYS A 2 6.90 -16.56 6.48
N THR A 3 7.36 -17.79 6.49
CA THR A 3 8.66 -18.15 5.84
C THR A 3 9.72 -17.06 6.10
N THR A 4 9.79 -16.06 5.27
CA THR A 4 10.78 -14.98 5.50
C THR A 4 10.41 -14.19 6.76
N ARG A 5 11.38 -13.68 7.47
CA ARG A 5 11.08 -12.91 8.71
C ARG A 5 10.59 -11.50 8.35
N VAL A 6 9.85 -10.86 9.23
CA VAL A 6 9.36 -9.49 8.94
C VAL A 6 10.54 -8.51 8.99
N ARG A 7 10.48 -7.44 8.23
CA ARG A 7 11.62 -6.46 8.23
C ARG A 7 11.30 -5.27 7.30
N THR A 8 10.10 -4.74 7.36
CA THR A 8 9.75 -3.60 6.46
C THR A 8 10.62 -2.37 6.71
N VAL A 9 10.56 -1.43 5.81
CA VAL A 9 11.36 -0.18 5.94
C VAL A 9 10.54 1.00 5.37
N LEU A 10 9.24 0.95 5.49
CA LEU A 10 8.37 2.06 4.95
C LEU A 10 8.42 3.27 5.90
N ASN A 11 8.81 4.41 5.40
CA ASN A 11 8.90 5.63 6.27
C ASN A 11 7.66 6.52 6.13
N GLU A 12 7.46 7.40 7.08
CA GLU A 12 6.28 8.33 7.03
C GLU A 12 6.18 9.05 5.67
N LYS A 13 7.27 9.17 4.97
CA LYS A 13 7.24 9.86 3.63
C LYS A 13 6.47 8.99 2.63
N GLN A 14 6.96 7.80 2.39
CA GLN A 14 6.29 6.85 1.43
C GLN A 14 4.90 6.44 1.92
N LEU A 15 4.73 6.28 3.21
CA LEU A 15 3.40 5.86 3.74
C LEU A 15 2.29 6.79 3.23
N HIS A 16 2.39 8.06 3.52
CA HIS A 16 1.36 9.05 3.07
C HIS A 16 1.07 8.92 1.56
N THR A 17 2.07 8.69 0.76
CA THR A 17 1.83 8.59 -0.72
C THR A 17 0.75 7.54 -1.03
N LEU A 18 1.05 6.28 -0.81
CA LEU A 18 0.03 5.22 -1.10
C LEU A 18 -1.30 5.53 -0.42
N ARG A 19 -1.28 6.09 0.77
CA ARG A 19 -2.56 6.43 1.48
C ARG A 19 -3.50 7.20 0.56
N THR A 20 -2.96 8.05 -0.28
CA THR A 20 -3.82 8.83 -1.22
C THR A 20 -4.44 7.90 -2.27
N CYS A 21 -3.69 6.95 -2.77
CA CYS A 21 -4.25 6.02 -3.80
C CYS A 21 -5.47 5.26 -3.23
N TYR A 22 -5.30 4.57 -2.14
CA TYR A 22 -6.44 3.80 -1.54
C TYR A 22 -7.66 4.71 -1.39
N ALA A 23 -7.44 5.94 -0.97
CA ALA A 23 -8.58 6.89 -0.81
C ALA A 23 -9.39 6.97 -2.11
N ALA A 24 -8.84 6.54 -3.20
CA ALA A 24 -9.59 6.59 -4.49
C ALA A 24 -10.16 5.21 -4.83
N ASN A 25 -9.41 4.18 -4.58
CA ASN A 25 -9.92 2.80 -4.90
C ASN A 25 -9.17 1.74 -4.07
N PRO A 26 -9.93 0.88 -3.42
CA PRO A 26 -9.32 -0.20 -2.60
C PRO A 26 -8.96 -1.43 -3.46
N ARG A 27 -8.97 -1.30 -4.77
CA ARG A 27 -8.64 -2.49 -5.62
C ARG A 27 -8.00 -2.05 -6.96
N PRO A 28 -6.70 -1.81 -6.92
CA PRO A 28 -5.98 -1.40 -8.15
C PRO A 28 -5.57 -2.65 -8.96
N ASP A 29 -5.07 -2.48 -10.15
CA ASP A 29 -4.67 -3.66 -10.98
C ASP A 29 -3.84 -3.25 -12.19
N ALA A 30 -3.80 -4.09 -13.20
CA ALA A 30 -3.02 -3.80 -14.45
C ALA A 30 -3.13 -2.32 -14.84
N LEU A 31 -4.23 -1.72 -14.53
CA LEU A 31 -4.43 -0.30 -14.87
C LEU A 31 -3.52 0.58 -14.01
N MET A 32 -3.91 0.86 -12.80
CA MET A 32 -3.07 1.72 -11.91
C MET A 32 -1.65 1.13 -11.73
N LYS A 33 -1.48 -0.16 -11.85
CA LYS A 33 -0.11 -0.75 -11.67
C LYS A 33 0.93 0.06 -12.47
N GLU A 34 0.53 0.67 -13.56
CA GLU A 34 1.50 1.47 -14.37
C GLU A 34 2.01 2.69 -13.58
N GLN A 35 1.18 3.68 -13.44
CA GLN A 35 1.60 4.93 -12.72
C GLN A 35 2.09 4.65 -11.30
N LEU A 36 1.46 3.73 -10.61
CA LEU A 36 1.87 3.41 -9.20
C LEU A 36 3.40 3.28 -9.09
N VAL A 37 4.00 2.49 -9.92
CA VAL A 37 5.48 2.31 -9.86
C VAL A 37 6.18 3.68 -9.88
N GLU A 38 5.78 4.54 -10.76
CA GLU A 38 6.42 5.89 -10.87
C GLU A 38 6.23 6.73 -9.59
N MET A 39 5.09 6.66 -8.95
CA MET A 39 4.87 7.49 -7.72
C MET A 39 5.98 7.23 -6.69
N THR A 40 6.24 5.99 -6.38
CA THR A 40 7.31 5.69 -5.37
C THR A 40 8.59 5.19 -6.06
N GLY A 41 8.50 4.83 -7.32
CA GLY A 41 9.72 4.31 -8.02
C GLY A 41 10.11 2.94 -7.44
N LEU A 42 9.30 2.41 -6.56
CA LEU A 42 9.58 1.09 -5.95
C LEU A 42 9.15 -0.04 -6.90
N SER A 43 9.66 -1.23 -6.71
CA SER A 43 9.28 -2.37 -7.61
C SER A 43 7.81 -2.76 -7.40
N PRO A 44 7.30 -3.60 -8.27
CA PRO A 44 5.89 -4.04 -8.16
C PRO A 44 5.71 -5.00 -6.98
N ARG A 45 6.77 -5.60 -6.51
CA ARG A 45 6.66 -6.55 -5.37
C ARG A 45 5.99 -5.89 -4.15
N VAL A 46 6.54 -4.80 -3.70
CA VAL A 46 5.96 -4.08 -2.51
C VAL A 46 4.54 -3.57 -2.79
N ILE A 47 4.27 -3.18 -4.00
CA ILE A 47 2.90 -2.65 -4.33
C ILE A 47 1.83 -3.67 -3.97
N ARG A 48 1.91 -4.84 -4.54
CA ARG A 48 0.89 -5.90 -4.29
C ARG A 48 0.63 -6.16 -2.80
N VAL A 49 1.60 -6.68 -2.09
CA VAL A 49 1.37 -7.01 -0.65
C VAL A 49 0.92 -5.80 0.19
N TRP A 50 1.38 -4.62 -0.12
CA TRP A 50 0.95 -3.43 0.70
C TRP A 50 -0.57 -3.37 0.78
N PHE A 51 -1.23 -3.25 -0.34
CA PHE A 51 -2.71 -3.18 -0.33
C PHE A 51 -3.30 -4.35 0.45
N GLN A 52 -2.91 -5.56 0.13
CA GLN A 52 -3.43 -6.74 0.88
C GLN A 52 -3.19 -6.53 2.38
N ASN A 53 -1.96 -6.41 2.76
CA ASN A 53 -1.62 -6.18 4.19
C ASN A 53 -2.43 -5.01 4.77
N LYS A 54 -2.59 -3.96 3.99
CA LYS A 54 -3.34 -2.75 4.46
C LYS A 54 -4.64 -3.13 5.18
N ARG A 55 -5.41 -4.04 4.63
CA ARG A 55 -6.69 -4.44 5.29
C ARG A 55 -6.44 -4.76 6.77
N CYS A 56 -5.60 -5.72 7.05
CA CYS A 56 -5.28 -6.07 8.47
C CYS A 56 -4.75 -4.86 9.24
N LYS A 57 -3.78 -4.17 8.70
CA LYS A 57 -3.22 -3.00 9.42
C LYS A 57 -4.29 -1.90 9.55
N ASP A 58 -5.25 -1.89 8.66
CA ASP A 58 -6.34 -0.86 8.74
C ASP A 58 -7.21 -1.10 9.97
N LYS A 59 -6.64 -1.05 11.14
CA LYS A 59 -7.46 -1.25 12.36
C LYS A 59 -8.45 -0.09 12.53
N LYS A 60 -9.63 -0.39 13.00
CA LYS A 60 -10.67 0.67 13.20
C LYS A 60 -10.09 1.90 13.90
N ARG A 61 -9.73 2.93 13.17
CA ARG A 61 -9.17 4.15 13.82
C ARG A 61 -9.93 5.41 13.40
N SER A 62 -10.77 5.33 12.40
CA SER A 62 -11.54 6.54 11.95
C SER A 62 -12.95 6.55 12.56
N ILE A 63 -13.22 5.71 13.53
CA ILE A 63 -14.58 5.68 14.15
C ILE A 63 -14.88 7.02 14.85
N MET A 64 -15.40 7.98 14.11
CA MET A 64 -15.71 9.31 14.72
C MET A 64 -16.88 9.19 15.72
N MET A 65 -16.81 9.90 16.81
CA MET A 65 -17.92 9.87 17.81
C MET A 65 -18.88 11.04 17.56
N LYS A 66 -20.14 10.76 17.38
CA LYS A 66 -21.12 11.86 17.11
C LYS A 66 -22.41 11.62 17.89
N MET A 1 11.70 -18.41 14.21
CA MET A 1 11.27 -18.39 12.77
C MET A 1 12.25 -17.55 11.95
N LYS A 2 13.53 -17.79 12.11
CA LYS A 2 14.55 -17.00 11.36
C LYS A 2 14.35 -15.50 11.59
N THR A 3 13.74 -15.11 12.68
CA THR A 3 13.52 -13.67 12.95
C THR A 3 12.67 -13.04 11.83
N THR A 4 12.66 -11.74 11.75
CA THR A 4 11.86 -11.08 10.66
C THR A 4 12.66 -11.06 9.36
N ARG A 5 12.35 -11.96 8.46
CA ARG A 5 13.09 -11.99 7.16
C ARG A 5 12.86 -10.66 6.42
N VAL A 6 13.84 -10.20 5.68
CA VAL A 6 13.70 -8.89 4.93
C VAL A 6 13.32 -7.77 5.91
N ARG A 7 14.19 -6.80 6.10
CA ARG A 7 13.86 -5.71 7.05
C ARG A 7 13.25 -4.51 6.30
N THR A 8 11.96 -4.38 6.40
CA THR A 8 11.24 -3.26 5.69
C THR A 8 11.53 -1.92 6.36
N VAL A 9 11.28 -0.85 5.64
CA VAL A 9 11.51 0.50 6.19
C VAL A 9 10.35 1.43 5.83
N LEU A 10 9.15 0.93 5.93
CA LEU A 10 7.96 1.77 5.60
C LEU A 10 7.64 2.71 6.78
N ASN A 11 7.55 3.99 6.53
CA ASN A 11 7.25 4.94 7.64
C ASN A 11 6.44 6.13 7.11
N GLU A 12 6.34 7.18 7.87
CA GLU A 12 5.56 8.39 7.44
C GLU A 12 5.93 8.87 6.02
N LYS A 13 7.06 8.47 5.51
CA LYS A 13 7.47 8.94 4.14
C LYS A 13 6.62 8.30 3.02
N GLN A 14 6.96 7.10 2.63
CA GLN A 14 6.23 6.39 1.53
C GLN A 14 4.78 6.08 1.91
N LEU A 15 4.51 5.83 3.15
CA LEU A 15 3.12 5.52 3.58
C LEU A 15 2.17 6.65 3.16
N HIS A 16 2.50 7.88 3.44
CA HIS A 16 1.61 9.02 3.08
C HIS A 16 1.17 8.95 1.62
N THR A 17 2.11 8.81 0.73
CA THR A 17 1.76 8.75 -0.72
C THR A 17 0.67 7.72 -0.98
N LEU A 18 0.98 6.46 -0.76
CA LEU A 18 -0.04 5.38 -1.00
C LEU A 18 -1.38 5.74 -0.34
N ARG A 19 -1.36 6.37 0.81
CA ARG A 19 -2.65 6.74 1.48
C ARG A 19 -3.57 7.48 0.52
N THR A 20 -3.04 8.35 -0.30
CA THR A 20 -3.92 9.10 -1.25
C THR A 20 -4.50 8.13 -2.29
N CYS A 21 -3.73 7.15 -2.67
CA CYS A 21 -4.23 6.16 -3.66
C CYS A 21 -5.46 5.42 -3.10
N TYR A 22 -5.31 4.79 -1.96
CA TYR A 22 -6.43 4.02 -1.33
C TYR A 22 -7.73 4.86 -1.31
N ALA A 23 -7.67 6.09 -0.85
CA ALA A 23 -8.90 6.93 -0.83
C ALA A 23 -9.47 7.08 -2.24
N ALA A 24 -8.69 6.79 -3.25
CA ALA A 24 -9.18 6.90 -4.65
C ALA A 24 -9.56 5.53 -5.21
N ASN A 25 -8.89 4.49 -4.77
CA ASN A 25 -9.22 3.12 -5.28
C ASN A 25 -8.65 2.04 -4.36
N PRO A 26 -9.53 1.40 -3.62
CA PRO A 26 -9.08 0.33 -2.70
C PRO A 26 -8.73 -0.97 -3.46
N ARG A 27 -8.73 -0.94 -4.76
CA ARG A 27 -8.40 -2.19 -5.52
C ARG A 27 -7.75 -1.87 -6.88
N PRO A 28 -6.45 -1.65 -6.86
CA PRO A 28 -5.72 -1.37 -8.11
C PRO A 28 -5.28 -2.68 -8.77
N ASP A 29 -4.85 -2.62 -10.00
CA ASP A 29 -4.40 -3.87 -10.69
C ASP A 29 -3.62 -3.51 -11.97
N ALA A 30 -3.59 -4.40 -12.93
CA ALA A 30 -2.84 -4.13 -14.20
C ALA A 30 -3.03 -2.67 -14.65
N LEU A 31 -4.18 -2.12 -14.42
CA LEU A 31 -4.42 -0.71 -14.85
C LEU A 31 -3.50 0.25 -14.08
N MET A 32 -3.90 0.66 -12.91
CA MET A 32 -3.06 1.62 -12.13
C MET A 32 -1.66 1.07 -11.84
N LYS A 33 -1.49 -0.24 -11.80
CA LYS A 33 -0.12 -0.79 -11.51
C LYS A 33 0.95 -0.03 -12.29
N GLU A 34 0.67 0.33 -13.51
CA GLU A 34 1.66 1.09 -14.31
C GLU A 34 1.93 2.44 -13.65
N GLN A 35 0.89 3.21 -13.44
CA GLN A 35 1.05 4.55 -12.81
C GLN A 35 1.62 4.44 -11.39
N LEU A 36 1.07 3.57 -10.59
CA LEU A 36 1.55 3.42 -9.18
C LEU A 36 3.07 3.32 -9.11
N VAL A 37 3.68 2.62 -10.02
CA VAL A 37 5.18 2.51 -10.00
C VAL A 37 5.81 3.91 -10.05
N GLU A 38 5.39 4.75 -10.96
CA GLU A 38 5.99 6.13 -11.06
C GLU A 38 5.91 6.89 -9.74
N MET A 39 4.86 6.69 -8.99
CA MET A 39 4.69 7.44 -7.71
C MET A 39 5.86 7.18 -6.75
N THR A 40 6.08 5.96 -6.38
CA THR A 40 7.20 5.69 -5.43
C THR A 40 8.45 5.22 -6.18
N GLY A 41 8.33 4.91 -7.43
CA GLY A 41 9.54 4.45 -8.21
C GLY A 41 9.97 3.05 -7.74
N LEU A 42 9.27 2.49 -6.78
CA LEU A 42 9.64 1.13 -6.28
C LEU A 42 9.09 0.06 -7.23
N SER A 43 9.65 -1.11 -7.19
CA SER A 43 9.17 -2.21 -8.07
C SER A 43 7.74 -2.60 -7.71
N PRO A 44 7.11 -3.39 -8.56
CA PRO A 44 5.71 -3.80 -8.30
C PRO A 44 5.64 -4.81 -7.15
N ARG A 45 6.73 -5.50 -6.89
CA ARG A 45 6.74 -6.50 -5.78
C ARG A 45 6.22 -5.87 -4.48
N VAL A 46 6.95 -4.94 -3.95
CA VAL A 46 6.54 -4.27 -2.68
C VAL A 46 5.13 -3.65 -2.80
N ILE A 47 4.74 -3.22 -3.96
CA ILE A 47 3.39 -2.57 -4.12
C ILE A 47 2.23 -3.55 -3.86
N ARG A 48 2.27 -4.70 -4.45
CA ARG A 48 1.16 -5.69 -4.27
C ARG A 48 0.90 -6.00 -2.79
N VAL A 49 1.89 -6.52 -2.11
CA VAL A 49 1.71 -6.90 -0.68
C VAL A 49 1.16 -5.75 0.17
N TRP A 50 1.48 -4.52 -0.15
CA TRP A 50 0.96 -3.40 0.71
C TRP A 50 -0.57 -3.49 0.83
N PHE A 51 -1.28 -3.36 -0.26
CA PHE A 51 -2.78 -3.42 -0.21
C PHE A 51 -3.28 -4.61 0.61
N GLN A 52 -2.71 -5.76 0.38
CA GLN A 52 -3.14 -6.97 1.13
C GLN A 52 -3.20 -6.69 2.63
N ASN A 53 -2.09 -6.74 3.33
CA ASN A 53 -2.11 -6.48 4.81
C ASN A 53 -2.82 -5.15 5.11
N LYS A 54 -2.65 -4.17 4.26
CA LYS A 54 -3.31 -2.84 4.50
C LYS A 54 -4.75 -2.99 4.98
N ARG A 55 -5.47 -3.93 4.42
CA ARG A 55 -6.91 -4.11 4.83
C ARG A 55 -7.05 -4.22 6.35
N CYS A 56 -6.35 -5.14 6.95
CA CYS A 56 -6.45 -5.33 8.43
C CYS A 56 -6.31 -4.01 9.18
N LYS A 57 -5.27 -3.27 8.90
CA LYS A 57 -5.10 -1.98 9.60
C LYS A 57 -6.24 -1.03 9.23
N ASP A 58 -6.63 -1.01 7.99
CA ASP A 58 -7.75 -0.11 7.56
C ASP A 58 -9.04 -0.48 8.29
N LYS A 59 -9.18 -1.72 8.69
CA LYS A 59 -10.42 -2.18 9.39
C LYS A 59 -11.67 -1.51 8.80
N LYS A 60 -11.69 -1.26 7.51
CA LYS A 60 -12.89 -0.63 6.87
C LYS A 60 -13.25 0.68 7.58
N ARG A 61 -12.34 1.63 7.63
CA ARG A 61 -12.65 2.92 8.31
C ARG A 61 -13.12 3.98 7.31
N SER A 62 -14.30 4.51 7.52
CA SER A 62 -14.83 5.57 6.60
C SER A 62 -16.24 6.00 7.03
N ILE A 63 -16.46 6.12 8.32
CA ILE A 63 -17.81 6.53 8.80
C ILE A 63 -17.80 8.03 9.14
N MET A 64 -18.67 8.78 8.54
CA MET A 64 -18.71 10.24 8.82
C MET A 64 -19.82 10.54 9.83
N MET A 65 -19.46 11.03 11.00
CA MET A 65 -20.48 11.36 12.04
C MET A 65 -21.20 10.08 12.52
N LYS A 66 -21.13 9.80 13.80
CA LYS A 66 -21.80 8.58 14.33
C LYS A 66 -22.94 8.98 15.29
N MET A 1 16.54 -16.29 1.08
CA MET A 1 16.86 -15.35 2.20
C MET A 1 16.21 -15.81 3.50
N LYS A 2 16.92 -15.69 4.60
CA LYS A 2 16.39 -16.11 5.92
C LYS A 2 16.20 -14.88 6.84
N THR A 3 15.35 -13.97 6.47
CA THR A 3 15.12 -12.77 7.34
C THR A 3 14.12 -13.12 8.44
N THR A 4 14.41 -12.76 9.66
CA THR A 4 13.50 -13.08 10.78
C THR A 4 12.15 -12.34 10.63
N ARG A 5 11.10 -13.06 10.34
CA ARG A 5 9.76 -12.41 10.22
C ARG A 5 9.81 -11.21 9.26
N VAL A 6 8.70 -10.56 9.06
CA VAL A 6 8.70 -9.38 8.14
C VAL A 6 9.53 -8.25 8.75
N ARG A 7 9.84 -7.24 7.99
CA ARG A 7 10.63 -6.09 8.54
C ARG A 7 10.73 -4.95 7.52
N THR A 8 9.62 -4.46 7.06
CA THR A 8 9.65 -3.34 6.08
C THR A 8 10.09 -2.02 6.72
N VAL A 9 10.25 -1.01 5.92
CA VAL A 9 10.65 0.33 6.46
C VAL A 9 9.72 1.39 5.90
N LEU A 10 8.45 1.14 5.98
CA LEU A 10 7.44 2.10 5.46
C LEU A 10 7.09 3.12 6.53
N ASN A 11 7.17 4.39 6.22
CA ASN A 11 6.83 5.42 7.23
C ASN A 11 6.12 6.60 6.58
N GLU A 12 6.03 7.71 7.29
CA GLU A 12 5.33 8.92 6.75
C GLU A 12 5.75 9.28 5.31
N LYS A 13 6.88 8.83 4.84
CA LYS A 13 7.29 9.19 3.45
C LYS A 13 6.45 8.47 2.38
N GLN A 14 6.77 7.23 2.07
CA GLN A 14 5.99 6.50 1.01
C GLN A 14 4.55 6.23 1.45
N LEU A 15 4.33 5.89 2.70
CA LEU A 15 2.95 5.58 3.17
C LEU A 15 1.99 6.72 2.82
N HIS A 16 2.36 7.93 3.11
CA HIS A 16 1.46 9.08 2.80
C HIS A 16 1.03 9.04 1.32
N THR A 17 1.94 8.81 0.42
CA THR A 17 1.56 8.78 -1.03
C THR A 17 0.41 7.78 -1.25
N LEU A 18 0.68 6.53 -1.03
CA LEU A 18 -0.35 5.46 -1.21
C LEU A 18 -1.64 5.75 -0.42
N ARG A 19 -1.54 6.36 0.74
CA ARG A 19 -2.76 6.63 1.56
C ARG A 19 -3.88 7.23 0.69
N THR A 20 -3.56 8.17 -0.16
CA THR A 20 -4.61 8.80 -1.03
C THR A 20 -5.18 7.78 -2.01
N CYS A 21 -4.40 6.83 -2.44
CA CYS A 21 -4.92 5.82 -3.41
C CYS A 21 -6.04 5.00 -2.74
N TYR A 22 -5.74 4.34 -1.65
CA TYR A 22 -6.76 3.51 -0.95
C TYR A 22 -8.06 4.29 -0.74
N ALA A 23 -7.95 5.48 -0.23
CA ALA A 23 -9.17 6.30 0.01
C ALA A 23 -10.00 6.48 -1.27
N ALA A 24 -9.35 6.56 -2.41
CA ALA A 24 -10.12 6.76 -3.68
C ALA A 24 -10.46 5.43 -4.35
N ASN A 25 -9.65 4.45 -4.16
CA ASN A 25 -9.90 3.12 -4.80
C ASN A 25 -9.12 2.03 -4.05
N PRO A 26 -9.80 1.31 -3.19
CA PRO A 26 -9.13 0.23 -2.44
C PRO A 26 -8.93 -1.01 -3.32
N ARG A 27 -8.88 -0.83 -4.63
CA ARG A 27 -8.68 -2.01 -5.53
C ARG A 27 -7.97 -1.59 -6.83
N PRO A 28 -6.69 -1.30 -6.74
CA PRO A 28 -5.92 -0.93 -7.95
C PRO A 28 -5.49 -2.21 -8.67
N ASP A 29 -4.99 -2.09 -9.86
CA ASP A 29 -4.55 -3.31 -10.59
C ASP A 29 -3.61 -2.93 -11.73
N ALA A 30 -3.46 -3.80 -12.70
CA ALA A 30 -2.55 -3.50 -13.85
C ALA A 30 -2.75 -2.06 -14.34
N LEU A 31 -3.92 -1.51 -14.14
CA LEU A 31 -4.18 -0.09 -14.58
C LEU A 31 -3.22 0.85 -13.85
N MET A 32 -3.55 1.21 -12.64
CA MET A 32 -2.68 2.14 -11.87
C MET A 32 -1.29 1.55 -11.63
N LYS A 33 -1.17 0.25 -11.66
CA LYS A 33 0.15 -0.38 -11.41
C LYS A 33 1.27 0.32 -12.17
N GLU A 34 1.06 0.63 -13.42
CA GLU A 34 2.12 1.30 -14.22
C GLU A 34 2.48 2.67 -13.64
N GLN A 35 1.56 3.61 -13.60
CA GLN A 35 1.92 4.94 -13.03
C GLN A 35 2.39 4.77 -11.59
N LEU A 36 1.72 3.94 -10.83
CA LEU A 36 2.14 3.70 -9.42
C LEU A 36 3.64 3.44 -9.35
N VAL A 37 4.15 2.56 -10.20
CA VAL A 37 5.61 2.26 -10.16
C VAL A 37 6.44 3.53 -10.34
N GLU A 38 6.22 4.28 -11.39
CA GLU A 38 7.01 5.53 -11.62
C GLU A 38 6.91 6.49 -10.43
N MET A 39 5.80 6.50 -9.75
CA MET A 39 5.61 7.42 -8.59
C MET A 39 6.64 7.18 -7.50
N THR A 40 6.82 5.96 -7.12
CA THR A 40 7.84 5.68 -6.06
C THR A 40 9.09 5.07 -6.69
N GLY A 41 9.00 4.65 -7.92
CA GLY A 41 10.18 4.03 -8.60
C GLY A 41 10.48 2.67 -7.95
N LEU A 42 9.65 2.23 -7.03
CA LEU A 42 9.87 0.93 -6.34
C LEU A 42 9.32 -0.24 -7.17
N SER A 43 9.73 -1.44 -6.88
CA SER A 43 9.20 -2.60 -7.65
C SER A 43 7.73 -2.84 -7.28
N PRO A 44 7.07 -3.66 -8.05
CA PRO A 44 5.65 -3.98 -7.76
C PRO A 44 5.57 -4.92 -6.55
N ARG A 45 6.62 -5.61 -6.25
CA ARG A 45 6.58 -6.56 -5.10
C ARG A 45 5.99 -5.90 -3.87
N VAL A 46 6.51 -4.76 -3.50
CA VAL A 46 5.98 -4.02 -2.32
C VAL A 46 4.55 -3.54 -2.60
N ILE A 47 4.30 -3.10 -3.80
CA ILE A 47 2.93 -2.59 -4.16
C ILE A 47 1.86 -3.66 -3.89
N ARG A 48 1.96 -4.79 -4.55
CA ARG A 48 0.95 -5.87 -4.36
C ARG A 48 0.77 -6.22 -2.88
N VAL A 49 1.80 -6.67 -2.23
CA VAL A 49 1.66 -7.05 -0.78
C VAL A 49 1.13 -5.88 0.06
N TRP A 50 1.43 -4.65 -0.27
CA TRP A 50 0.93 -3.52 0.57
C TRP A 50 -0.60 -3.58 0.76
N PHE A 51 -1.36 -3.35 -0.29
CA PHE A 51 -2.85 -3.40 -0.19
C PHE A 51 -3.30 -4.66 0.55
N GLN A 52 -2.68 -5.77 0.28
CA GLN A 52 -3.06 -7.04 0.97
C GLN A 52 -3.08 -6.84 2.50
N ASN A 53 -1.94 -6.92 3.15
CA ASN A 53 -1.91 -6.76 4.64
C ASN A 53 -2.61 -5.46 5.07
N LYS A 54 -2.53 -4.45 4.26
CA LYS A 54 -3.18 -3.14 4.59
C LYS A 54 -4.62 -3.32 5.09
N ARG A 55 -5.42 -4.08 4.38
CA ARG A 55 -6.85 -4.27 4.79
C ARG A 55 -6.94 -4.66 6.27
N CYS A 56 -6.24 -5.68 6.67
CA CYS A 56 -6.29 -6.12 8.10
C CYS A 56 -5.89 -4.97 9.03
N LYS A 57 -4.76 -4.36 8.78
CA LYS A 57 -4.30 -3.23 9.66
C LYS A 57 -5.26 -2.03 9.57
N ASP A 58 -5.94 -1.89 8.47
CA ASP A 58 -6.90 -0.75 8.31
C ASP A 58 -8.04 -0.84 9.35
N LYS A 59 -8.30 -2.02 9.82
CA LYS A 59 -9.42 -2.21 10.82
C LYS A 59 -9.13 -1.47 12.13
N LYS A 60 -9.99 -0.55 12.49
CA LYS A 60 -9.81 0.22 13.77
C LYS A 60 -8.36 0.72 13.88
N ARG A 61 -7.87 1.34 12.85
CA ARG A 61 -6.47 1.86 12.89
C ARG A 61 -6.39 3.11 13.80
N SER A 62 -6.98 4.21 13.39
CA SER A 62 -6.93 5.45 14.24
C SER A 62 -7.90 5.33 15.42
N ILE A 63 -7.53 5.87 16.56
CA ILE A 63 -8.42 5.80 17.75
C ILE A 63 -9.81 6.34 17.40
N MET A 64 -10.84 5.61 17.72
CA MET A 64 -12.21 6.07 17.38
C MET A 64 -12.49 7.42 18.06
N MET A 65 -13.20 8.29 17.40
CA MET A 65 -13.51 9.62 18.02
C MET A 65 -14.66 9.47 19.00
N LYS A 66 -14.54 10.10 20.14
CA LYS A 66 -15.62 10.01 21.15
C LYS A 66 -16.63 11.14 20.93
N MET A 1 24.02 -19.81 7.67
CA MET A 1 24.18 -18.37 8.00
C MET A 1 23.18 -17.53 7.20
N LYS A 2 21.91 -17.78 7.38
CA LYS A 2 20.90 -16.99 6.61
C LYS A 2 20.16 -16.01 7.54
N THR A 3 20.02 -14.78 7.11
CA THR A 3 19.31 -13.77 7.95
C THR A 3 17.94 -13.48 7.38
N THR A 4 16.90 -13.84 8.10
CA THR A 4 15.52 -13.59 7.62
C THR A 4 14.86 -12.53 8.49
N ARG A 5 15.15 -11.28 8.22
CA ARG A 5 14.58 -10.17 9.03
C ARG A 5 13.39 -9.53 8.30
N VAL A 6 12.98 -8.38 8.72
CA VAL A 6 11.83 -7.70 8.05
C VAL A 6 12.34 -6.51 7.23
N ARG A 7 12.32 -6.64 5.94
CA ARG A 7 12.81 -5.54 5.07
C ARG A 7 11.69 -4.51 4.81
N THR A 8 11.12 -3.93 5.84
CA THR A 8 10.03 -2.94 5.63
C THR A 8 10.45 -1.54 6.09
N VAL A 9 10.28 -0.54 5.26
CA VAL A 9 10.66 0.86 5.64
C VAL A 9 9.52 1.82 5.27
N LEU A 10 8.30 1.35 5.30
CA LEU A 10 7.12 2.21 4.96
C LEU A 10 6.79 3.16 6.12
N ASN A 11 6.88 4.46 5.92
CA ASN A 11 6.59 5.42 7.03
C ASN A 11 5.82 6.63 6.50
N GLU A 12 5.76 7.67 7.30
CA GLU A 12 5.02 8.91 6.90
C GLU A 12 5.35 9.34 5.47
N LYS A 13 6.58 9.19 5.07
CA LYS A 13 6.97 9.60 3.69
C LYS A 13 6.29 8.74 2.62
N GLN A 14 6.74 7.52 2.45
CA GLN A 14 6.13 6.66 1.39
C GLN A 14 4.64 6.41 1.68
N LEU A 15 4.31 5.96 2.87
CA LEU A 15 2.87 5.69 3.20
C LEU A 15 1.98 6.87 2.79
N HIS A 16 2.31 8.05 3.25
CA HIS A 16 1.48 9.25 2.87
C HIS A 16 1.11 9.21 1.38
N THR A 17 2.05 8.93 0.54
CA THR A 17 1.76 8.89 -0.92
C THR A 17 0.68 7.86 -1.21
N LEU A 18 0.92 6.63 -0.86
CA LEU A 18 -0.09 5.56 -1.13
C LEU A 18 -1.44 5.95 -0.52
N ARG A 19 -1.44 6.53 0.65
CA ARG A 19 -2.73 6.93 1.30
C ARG A 19 -3.69 7.59 0.29
N THR A 20 -3.17 8.30 -0.69
CA THR A 20 -4.09 8.92 -1.70
C THR A 20 -4.75 7.83 -2.54
N CYS A 21 -4.04 6.77 -2.82
CA CYS A 21 -4.61 5.65 -3.65
C CYS A 21 -5.78 4.96 -2.91
N TYR A 22 -5.51 4.36 -1.77
CA TYR A 22 -6.58 3.64 -1.02
C TYR A 22 -7.87 4.49 -0.88
N ALA A 23 -7.74 5.75 -0.55
CA ALA A 23 -8.95 6.61 -0.38
C ALA A 23 -9.81 6.62 -1.65
N ALA A 24 -9.23 6.92 -2.77
CA ALA A 24 -10.02 6.96 -4.04
C ALA A 24 -9.93 5.63 -4.80
N ASN A 25 -9.25 4.67 -4.26
CA ASN A 25 -9.11 3.36 -4.97
C ASN A 25 -8.66 2.27 -3.99
N PRO A 26 -9.62 1.58 -3.43
CA PRO A 26 -9.32 0.50 -2.45
C PRO A 26 -8.80 -0.77 -3.13
N ARG A 27 -8.91 -0.87 -4.43
CA ARG A 27 -8.41 -2.10 -5.09
C ARG A 27 -8.02 -1.79 -6.55
N PRO A 28 -6.76 -1.51 -6.73
CA PRO A 28 -6.25 -1.19 -8.08
C PRO A 28 -5.86 -2.46 -8.83
N ASP A 29 -5.34 -2.32 -10.01
CA ASP A 29 -4.90 -3.51 -10.80
C ASP A 29 -4.01 -3.07 -11.97
N ALA A 30 -3.96 -3.89 -13.00
CA ALA A 30 -3.12 -3.57 -14.21
C ALA A 30 -3.31 -2.11 -14.65
N LEU A 31 -4.43 -1.52 -14.31
CA LEU A 31 -4.68 -0.11 -14.73
C LEU A 31 -3.72 0.85 -14.02
N MET A 32 -4.02 1.24 -12.82
CA MET A 32 -3.13 2.18 -12.07
C MET A 32 -1.74 1.58 -11.82
N LYS A 33 -1.58 0.28 -12.04
CA LYS A 33 -0.25 -0.35 -11.80
C LYS A 33 0.86 0.43 -12.53
N GLU A 34 0.56 0.96 -13.70
CA GLU A 34 1.62 1.70 -14.46
C GLU A 34 2.09 2.92 -13.65
N GLN A 35 1.21 3.84 -13.37
CA GLN A 35 1.61 5.05 -12.61
C GLN A 35 2.07 4.67 -11.19
N LEU A 36 1.38 3.75 -10.56
CA LEU A 36 1.76 3.34 -9.17
C LEU A 36 3.26 3.04 -9.07
N VAL A 37 3.80 2.32 -10.01
CA VAL A 37 5.27 2.02 -9.96
C VAL A 37 6.06 3.33 -10.01
N GLU A 38 5.76 4.16 -10.97
CA GLU A 38 6.47 5.47 -11.09
C GLU A 38 6.28 6.35 -9.85
N MET A 39 5.20 6.14 -9.12
CA MET A 39 4.94 6.97 -7.91
C MET A 39 6.09 6.85 -6.90
N THR A 40 6.36 5.66 -6.43
CA THR A 40 7.48 5.49 -5.44
C THR A 40 8.74 4.93 -6.13
N GLY A 41 8.62 4.44 -7.34
CA GLY A 41 9.83 3.92 -8.05
C GLY A 41 10.26 2.57 -7.48
N LEU A 42 9.54 2.04 -6.53
CA LEU A 42 9.93 0.74 -5.92
C LEU A 42 9.56 -0.41 -6.88
N SER A 43 10.12 -1.58 -6.67
CA SER A 43 9.80 -2.73 -7.57
C SER A 43 8.31 -3.09 -7.46
N PRO A 44 7.85 -3.98 -8.31
CA PRO A 44 6.42 -4.38 -8.28
C PRO A 44 6.13 -5.29 -7.07
N ARG A 45 7.10 -6.05 -6.61
CA ARG A 45 6.85 -6.96 -5.44
C ARG A 45 6.31 -6.23 -4.20
N VAL A 46 7.04 -5.27 -3.69
CA VAL A 46 6.59 -4.55 -2.45
C VAL A 46 5.25 -3.81 -2.68
N ILE A 47 4.95 -3.44 -3.90
CA ILE A 47 3.65 -2.72 -4.14
C ILE A 47 2.48 -3.68 -3.91
N ARG A 48 2.48 -4.81 -4.55
CA ARG A 48 1.37 -5.80 -4.38
C ARG A 48 1.09 -6.09 -2.89
N VAL A 49 2.11 -6.38 -2.12
CA VAL A 49 1.89 -6.71 -0.66
C VAL A 49 1.29 -5.55 0.15
N TRP A 50 1.55 -4.30 -0.19
CA TRP A 50 0.98 -3.19 0.64
C TRP A 50 -0.54 -3.28 0.73
N PHE A 51 -1.24 -3.20 -0.38
CA PHE A 51 -2.73 -3.28 -0.31
C PHE A 51 -3.17 -4.51 0.47
N GLN A 52 -2.69 -5.66 0.09
CA GLN A 52 -3.07 -6.92 0.79
C GLN A 52 -2.96 -6.75 2.32
N ASN A 53 -1.76 -6.58 2.83
CA ASN A 53 -1.59 -6.41 4.32
C ASN A 53 -2.51 -5.30 4.86
N LYS A 54 -2.62 -4.22 4.13
CA LYS A 54 -3.46 -3.07 4.59
C LYS A 54 -4.80 -3.53 5.14
N ARG A 55 -5.50 -4.38 4.42
CA ARG A 55 -6.84 -4.83 4.90
C ARG A 55 -6.77 -5.31 6.36
N CYS A 56 -5.97 -6.31 6.62
CA CYS A 56 -5.85 -6.83 8.01
C CYS A 56 -5.39 -5.72 8.97
N LYS A 57 -4.61 -4.80 8.49
CA LYS A 57 -4.13 -3.70 9.37
C LYS A 57 -5.29 -2.80 9.76
N ASP A 58 -6.10 -2.43 8.80
CA ASP A 58 -7.29 -1.56 9.10
C ASP A 58 -8.13 -1.35 7.83
N LYS A 59 -8.87 -2.35 7.43
CA LYS A 59 -9.71 -2.21 6.20
C LYS A 59 -10.80 -1.17 6.46
N LYS A 60 -10.68 0.01 5.89
CA LYS A 60 -11.73 1.06 6.09
C LYS A 60 -11.82 1.50 7.55
N ARG A 61 -12.44 0.71 8.40
CA ARG A 61 -12.58 1.09 9.83
C ARG A 61 -13.37 2.40 9.96
N SER A 62 -14.61 2.41 9.55
CA SER A 62 -15.42 3.67 9.66
C SER A 62 -16.17 3.71 11.01
N ILE A 63 -17.45 4.01 10.98
CA ILE A 63 -18.25 4.08 12.25
C ILE A 63 -17.61 5.08 13.20
N MET A 64 -18.16 6.26 13.29
CA MET A 64 -17.61 7.28 14.21
C MET A 64 -18.04 6.99 15.64
N MET A 65 -17.36 7.57 16.60
CA MET A 65 -17.72 7.34 18.04
C MET A 65 -17.96 5.87 18.35
N LYS A 66 -16.94 5.14 18.72
CA LYS A 66 -17.12 3.69 19.04
C LYS A 66 -17.77 2.97 17.85
N MET A 1 2.88 -15.37 17.41
CA MET A 1 2.07 -14.28 16.82
C MET A 1 1.67 -14.64 15.37
N LYS A 2 1.17 -13.70 14.62
CA LYS A 2 0.78 -14.00 13.21
C LYS A 2 2.01 -14.27 12.36
N THR A 3 1.82 -14.63 11.11
CA THR A 3 3.00 -14.90 10.22
C THR A 3 3.57 -13.59 9.67
N THR A 4 2.86 -12.49 9.83
CA THR A 4 3.37 -11.19 9.33
C THR A 4 4.42 -10.64 10.31
N ARG A 5 5.65 -10.55 9.88
CA ARG A 5 6.72 -10.04 10.78
C ARG A 5 6.77 -8.51 10.75
N VAL A 6 7.71 -7.92 11.45
CA VAL A 6 7.79 -6.43 11.47
C VAL A 6 9.17 -5.95 11.00
N ARG A 7 9.70 -6.52 9.94
CA ARG A 7 11.03 -6.06 9.44
C ARG A 7 10.85 -5.15 8.23
N THR A 8 9.63 -4.73 7.96
CA THR A 8 9.38 -3.82 6.81
C THR A 8 10.00 -2.45 7.09
N VAL A 9 9.82 -1.51 6.21
CA VAL A 9 10.42 -0.15 6.44
C VAL A 9 9.53 0.95 5.86
N LEU A 10 8.24 0.72 5.81
CA LEU A 10 7.32 1.75 5.24
C LEU A 10 7.00 2.81 6.31
N ASN A 11 7.69 3.92 6.26
CA ASN A 11 7.47 4.99 7.28
C ASN A 11 6.53 6.09 6.75
N GLU A 12 6.29 7.12 7.54
CA GLU A 12 5.36 8.22 7.11
C GLU A 12 5.69 8.77 5.72
N LYS A 13 6.86 8.52 5.20
CA LYS A 13 7.18 9.07 3.84
C LYS A 13 6.30 8.41 2.77
N GLN A 14 6.63 7.23 2.37
CA GLN A 14 5.84 6.53 1.32
C GLN A 14 4.42 6.22 1.81
N LEU A 15 4.25 6.00 3.09
CA LEU A 15 2.88 5.70 3.62
C LEU A 15 1.90 6.78 3.15
N HIS A 16 2.19 8.01 3.49
CA HIS A 16 1.30 9.14 3.09
C HIS A 16 1.02 9.11 1.59
N THR A 17 2.02 8.85 0.79
CA THR A 17 1.80 8.80 -0.70
C THR A 17 0.69 7.80 -1.05
N LEU A 18 0.93 6.53 -0.82
CA LEU A 18 -0.11 5.50 -1.14
C LEU A 18 -1.46 5.83 -0.47
N ARG A 19 -1.43 6.43 0.70
CA ARG A 19 -2.70 6.78 1.42
C ARG A 19 -3.72 7.39 0.44
N THR A 20 -3.25 8.09 -0.57
CA THR A 20 -4.18 8.69 -1.55
C THR A 20 -4.86 7.61 -2.39
N CYS A 21 -4.11 6.64 -2.84
CA CYS A 21 -4.72 5.54 -3.65
C CYS A 21 -5.80 4.83 -2.85
N TYR A 22 -5.42 4.08 -1.86
CA TYR A 22 -6.42 3.34 -1.03
C TYR A 22 -7.56 4.27 -0.57
N ALA A 23 -7.23 5.46 -0.13
CA ALA A 23 -8.29 6.41 0.36
C ALA A 23 -9.32 6.72 -0.74
N ALA A 24 -8.91 6.74 -1.98
CA ALA A 24 -9.88 7.07 -3.08
C ALA A 24 -10.40 5.81 -3.77
N ASN A 25 -9.55 4.84 -3.94
CA ASN A 25 -9.97 3.58 -4.62
C ASN A 25 -9.00 2.45 -4.24
N PRO A 26 -9.42 1.63 -3.30
CA PRO A 26 -8.57 0.51 -2.84
C PRO A 26 -8.64 -0.66 -3.83
N ARG A 27 -8.45 -0.39 -5.09
CA ARG A 27 -8.52 -1.49 -6.09
C ARG A 27 -7.71 -1.14 -7.35
N PRO A 28 -6.43 -1.43 -7.30
CA PRO A 28 -5.57 -1.16 -8.46
C PRO A 28 -5.68 -2.35 -9.41
N ASP A 29 -5.14 -2.26 -10.59
CA ASP A 29 -5.25 -3.42 -11.52
C ASP A 29 -4.19 -3.35 -12.62
N ALA A 30 -4.37 -4.17 -13.62
CA ALA A 30 -3.41 -4.23 -14.75
C ALA A 30 -3.03 -2.83 -15.26
N LEU A 31 -3.97 -1.93 -15.29
CA LEU A 31 -3.68 -0.56 -15.78
C LEU A 31 -2.89 0.26 -14.75
N MET A 32 -3.56 0.76 -13.75
CA MET A 32 -2.91 1.61 -12.71
C MET A 32 -1.61 1.00 -12.18
N LYS A 33 -1.50 -0.31 -12.07
CA LYS A 33 -0.22 -0.89 -11.55
C LYS A 33 0.97 -0.29 -12.33
N GLU A 34 0.73 0.20 -13.52
CA GLU A 34 1.82 0.82 -14.32
C GLU A 34 2.32 2.12 -13.68
N GLN A 35 1.50 3.15 -13.67
CA GLN A 35 1.93 4.46 -13.10
C GLN A 35 2.30 4.35 -11.61
N LEU A 36 1.65 3.49 -10.87
CA LEU A 36 1.99 3.36 -9.42
C LEU A 36 3.49 3.17 -9.25
N VAL A 37 4.10 2.45 -10.15
CA VAL A 37 5.57 2.22 -10.08
C VAL A 37 6.32 3.56 -10.02
N GLU A 38 6.16 4.40 -11.00
CA GLU A 38 6.89 5.72 -10.99
C GLU A 38 6.44 6.58 -9.80
N MET A 39 5.23 6.40 -9.32
CA MET A 39 4.77 7.24 -8.17
C MET A 39 5.74 7.12 -6.99
N THR A 40 6.20 5.94 -6.70
CA THR A 40 7.20 5.77 -5.58
C THR A 40 8.53 5.25 -6.13
N GLY A 41 8.56 4.83 -7.36
CA GLY A 41 9.82 4.29 -7.95
C GLY A 41 10.10 2.90 -7.39
N LEU A 42 9.27 2.44 -6.49
CA LEU A 42 9.47 1.09 -5.89
C LEU A 42 8.96 0.00 -6.84
N SER A 43 9.51 -1.18 -6.76
CA SER A 43 9.07 -2.28 -7.66
C SER A 43 7.61 -2.67 -7.37
N PRO A 44 7.06 -3.54 -8.19
CA PRO A 44 5.65 -3.96 -8.02
C PRO A 44 5.49 -4.88 -6.81
N ARG A 45 6.56 -5.51 -6.37
CA ARG A 45 6.45 -6.42 -5.19
C ARG A 45 5.77 -5.73 -4.02
N VAL A 46 6.35 -4.66 -3.53
CA VAL A 46 5.75 -3.93 -2.37
C VAL A 46 4.37 -3.40 -2.73
N ILE A 47 4.23 -2.85 -3.90
CA ILE A 47 2.90 -2.30 -4.33
C ILE A 47 1.80 -3.33 -4.03
N ARG A 48 1.87 -4.46 -4.65
CA ARG A 48 0.84 -5.52 -4.42
C ARG A 48 0.72 -5.88 -2.94
N VAL A 49 1.79 -6.34 -2.34
CA VAL A 49 1.73 -6.76 -0.91
C VAL A 49 1.31 -5.61 0.01
N TRP A 50 1.59 -4.38 -0.31
CA TRP A 50 1.16 -3.26 0.60
C TRP A 50 -0.36 -3.33 0.80
N PHE A 51 -1.11 -3.38 -0.28
CA PHE A 51 -2.61 -3.46 -0.16
C PHE A 51 -3.01 -4.62 0.76
N GLN A 52 -2.45 -5.78 0.56
CA GLN A 52 -2.81 -6.95 1.41
C GLN A 52 -2.67 -6.62 2.90
N ASN A 53 -1.46 -6.38 3.35
CA ASN A 53 -1.25 -6.06 4.81
C ASN A 53 -2.20 -4.96 5.29
N LYS A 54 -2.24 -3.86 4.59
CA LYS A 54 -3.10 -2.70 4.99
C LYS A 54 -4.49 -3.16 5.46
N ARG A 55 -5.16 -3.97 4.69
CA ARG A 55 -6.52 -4.44 5.10
C ARG A 55 -6.50 -4.96 6.55
N CYS A 56 -5.72 -5.98 6.80
CA CYS A 56 -5.65 -6.55 8.18
C CYS A 56 -5.22 -5.48 9.19
N LYS A 57 -4.19 -4.73 8.87
CA LYS A 57 -3.72 -3.67 9.81
C LYS A 57 -4.78 -2.58 9.99
N ASP A 58 -5.53 -2.30 8.97
CA ASP A 58 -6.58 -1.23 9.07
C ASP A 58 -7.42 -1.18 7.80
N LYS A 59 -8.53 -1.87 7.78
CA LYS A 59 -9.40 -1.86 6.57
C LYS A 59 -9.98 -0.46 6.32
N LYS A 60 -11.03 -0.10 7.03
CA LYS A 60 -11.63 1.26 6.83
C LYS A 60 -11.65 2.01 8.17
N ARG A 61 -12.79 2.11 8.82
CA ARG A 61 -12.85 2.83 10.12
C ARG A 61 -12.23 4.23 9.99
N SER A 62 -12.73 5.02 9.07
CA SER A 62 -12.18 6.40 8.89
C SER A 62 -12.36 7.21 10.18
N ILE A 63 -11.90 8.43 10.18
CA ILE A 63 -12.03 9.30 11.39
C ILE A 63 -13.46 9.85 11.49
N MET A 64 -14.03 9.80 12.66
CA MET A 64 -15.42 10.32 12.84
C MET A 64 -15.46 11.84 12.66
N MET A 65 -16.41 12.35 11.92
CA MET A 65 -16.53 13.82 11.71
C MET A 65 -15.19 14.41 11.23
N LYS A 66 -15.04 14.59 9.95
CA LYS A 66 -13.77 15.18 9.44
C LYS A 66 -13.88 16.71 9.40
N MET A 1 9.15 -22.32 5.50
CA MET A 1 8.80 -20.87 5.44
C MET A 1 9.04 -20.33 4.03
N LYS A 2 10.28 -20.34 3.60
CA LYS A 2 10.61 -19.83 2.22
C LYS A 2 10.09 -18.40 2.04
N THR A 3 10.01 -17.93 0.83
CA THR A 3 9.54 -16.53 0.59
C THR A 3 10.40 -15.55 1.39
N THR A 4 11.61 -15.95 1.70
CA THR A 4 12.52 -15.06 2.49
C THR A 4 11.84 -14.62 3.79
N ARG A 5 12.53 -13.86 4.61
CA ARG A 5 11.92 -13.39 5.88
C ARG A 5 11.26 -12.03 5.69
N VAL A 6 10.40 -11.64 6.60
CA VAL A 6 9.73 -10.32 6.48
C VAL A 6 10.76 -9.20 6.62
N ARG A 7 10.62 -8.13 5.88
CA ARG A 7 11.62 -7.01 5.98
C ARG A 7 11.19 -5.83 5.12
N THR A 8 9.92 -5.49 5.13
CA THR A 8 9.43 -4.34 4.32
C THR A 8 10.31 -3.10 4.57
N VAL A 9 10.19 -2.10 3.75
CA VAL A 9 11.03 -0.88 3.93
C VAL A 9 10.21 0.40 3.69
N LEU A 10 8.92 0.33 3.78
CA LEU A 10 8.08 1.55 3.58
C LEU A 10 8.23 2.49 4.77
N ASN A 11 8.69 3.68 4.53
CA ASN A 11 8.87 4.65 5.64
C ASN A 11 7.68 5.63 5.67
N GLU A 12 7.49 6.31 6.78
CA GLU A 12 6.34 7.27 6.87
C GLU A 12 6.25 8.19 5.66
N LYS A 13 7.32 8.35 4.93
CA LYS A 13 7.29 9.26 3.74
C LYS A 13 6.46 8.66 2.60
N GLN A 14 6.90 7.57 2.03
CA GLN A 14 6.15 6.95 0.89
C GLN A 14 4.70 6.65 1.25
N LEU A 15 4.43 6.20 2.45
CA LEU A 15 3.01 5.87 2.80
C LEU A 15 2.07 7.06 2.52
N HIS A 16 2.57 8.27 2.62
CA HIS A 16 1.69 9.47 2.35
C HIS A 16 0.93 9.31 1.03
N THR A 17 1.61 8.98 -0.04
CA THR A 17 0.93 8.84 -1.36
C THR A 17 -0.12 7.71 -1.32
N LEU A 18 0.26 6.51 -0.96
CA LEU A 18 -0.72 5.39 -0.91
C LEU A 18 -1.99 5.80 -0.15
N ARG A 19 -1.85 6.48 0.96
CA ARG A 19 -3.04 6.92 1.75
C ARG A 19 -4.09 7.59 0.86
N THR A 20 -3.67 8.47 -0.02
CA THR A 20 -4.66 9.16 -0.90
C THR A 20 -5.26 8.18 -1.91
N CYS A 21 -4.47 7.26 -2.41
CA CYS A 21 -4.99 6.27 -3.40
C CYS A 21 -6.08 5.38 -2.78
N TYR A 22 -5.72 4.63 -1.76
CA TYR A 22 -6.72 3.71 -1.11
C TYR A 22 -8.03 4.44 -0.78
N ALA A 23 -7.95 5.66 -0.35
CA ALA A 23 -9.21 6.41 -0.01
C ALA A 23 -10.16 6.46 -1.22
N ALA A 24 -9.69 6.91 -2.35
CA ALA A 24 -10.58 6.99 -3.55
C ALA A 24 -10.40 5.77 -4.46
N ASN A 25 -9.55 4.85 -4.10
CA ASN A 25 -9.34 3.64 -4.94
C ASN A 25 -8.80 2.49 -4.09
N PRO A 26 -9.71 1.85 -3.39
CA PRO A 26 -9.35 0.72 -2.51
C PRO A 26 -9.24 -0.60 -3.30
N ARG A 27 -9.09 -0.53 -4.61
CA ARG A 27 -8.98 -1.79 -5.40
C ARG A 27 -8.20 -1.56 -6.71
N PRO A 28 -6.95 -1.22 -6.59
CA PRO A 28 -6.12 -0.99 -7.80
C PRO A 28 -5.69 -2.34 -8.39
N ASP A 29 -5.04 -2.34 -9.54
CA ASP A 29 -4.62 -3.65 -10.15
C ASP A 29 -3.48 -3.44 -11.16
N ALA A 30 -3.27 -4.40 -12.03
CA ALA A 30 -2.20 -4.29 -13.07
C ALA A 30 -2.21 -2.91 -13.72
N LEU A 31 -3.37 -2.34 -13.93
CA LEU A 31 -3.45 -1.01 -14.58
C LEU A 31 -2.73 0.04 -13.72
N MET A 32 -3.17 0.21 -12.51
CA MET A 32 -2.53 1.22 -11.60
C MET A 32 -1.06 0.86 -11.32
N LYS A 33 -0.72 -0.41 -11.28
CA LYS A 33 0.70 -0.81 -11.01
C LYS A 33 1.68 0.02 -11.86
N GLU A 34 1.31 0.31 -13.07
CA GLU A 34 2.21 1.10 -13.97
C GLU A 34 2.51 2.48 -13.37
N GLN A 35 1.52 3.32 -13.23
CA GLN A 35 1.76 4.67 -12.66
C GLN A 35 2.31 4.53 -11.23
N LEU A 36 1.76 3.64 -10.45
CA LEU A 36 2.26 3.46 -9.05
C LEU A 36 3.80 3.30 -9.07
N VAL A 37 4.30 2.45 -9.93
CA VAL A 37 5.77 2.25 -10.01
C VAL A 37 6.47 3.61 -10.17
N GLU A 38 6.08 4.38 -11.15
CA GLU A 38 6.72 5.72 -11.36
C GLU A 38 6.43 6.68 -10.19
N MET A 39 5.35 6.50 -9.49
CA MET A 39 5.02 7.42 -8.36
C MET A 39 6.12 7.36 -7.28
N THR A 40 6.54 6.19 -6.92
CA THR A 40 7.63 6.07 -5.88
C THR A 40 8.95 5.75 -6.57
N GLY A 41 8.92 4.79 -7.45
CA GLY A 41 10.15 4.38 -8.16
C GLY A 41 10.55 2.98 -7.68
N LEU A 42 9.82 2.43 -6.73
CA LEU A 42 10.15 1.06 -6.22
C LEU A 42 9.59 -0.01 -7.17
N SER A 43 9.87 -1.26 -6.90
CA SER A 43 9.35 -2.35 -7.76
C SER A 43 7.85 -2.56 -7.52
N PRO A 44 7.19 -3.18 -8.47
CA PRO A 44 5.75 -3.44 -8.32
C PRO A 44 5.51 -4.56 -7.30
N ARG A 45 6.47 -5.43 -7.12
CA ARG A 45 6.29 -6.56 -6.15
C ARG A 45 5.78 -6.04 -4.80
N VAL A 46 6.47 -5.09 -4.23
CA VAL A 46 6.05 -4.53 -2.91
C VAL A 46 4.67 -3.85 -3.01
N ILE A 47 4.37 -3.23 -4.13
CA ILE A 47 3.04 -2.55 -4.28
C ILE A 47 1.91 -3.54 -3.98
N ARG A 48 1.98 -4.70 -4.55
CA ARG A 48 0.91 -5.73 -4.34
C ARG A 48 0.62 -6.01 -2.85
N VAL A 49 1.60 -6.48 -2.11
CA VAL A 49 1.36 -6.82 -0.68
C VAL A 49 0.84 -5.62 0.15
N TRP A 50 1.17 -4.41 -0.21
CA TRP A 50 0.67 -3.26 0.61
C TRP A 50 -0.86 -3.30 0.70
N PHE A 51 -1.54 -3.19 -0.41
CA PHE A 51 -3.03 -3.23 -0.36
C PHE A 51 -3.50 -4.51 0.34
N GLN A 52 -3.05 -5.65 -0.10
CA GLN A 52 -3.45 -6.93 0.55
C GLN A 52 -3.20 -6.89 2.06
N ASN A 53 -1.96 -6.86 2.48
CA ASN A 53 -1.65 -6.83 3.94
C ASN A 53 -2.44 -5.73 4.66
N LYS A 54 -2.39 -4.52 4.16
CA LYS A 54 -3.12 -3.39 4.82
C LYS A 54 -4.59 -3.73 5.10
N ARG A 55 -5.34 -4.11 4.10
CA ARG A 55 -6.80 -4.41 4.31
C ARG A 55 -7.03 -5.30 5.53
N CYS A 56 -6.50 -6.49 5.52
CA CYS A 56 -6.71 -7.41 6.67
C CYS A 56 -6.31 -6.76 7.99
N LYS A 57 -5.08 -6.34 8.09
CA LYS A 57 -4.61 -5.72 9.37
C LYS A 57 -5.38 -4.42 9.66
N ASP A 58 -5.85 -3.73 8.65
CA ASP A 58 -6.61 -2.47 8.89
C ASP A 58 -7.97 -2.74 9.54
N LYS A 59 -7.97 -3.36 10.70
CA LYS A 59 -9.26 -3.64 11.40
C LYS A 59 -9.89 -2.34 11.91
N LYS A 60 -10.50 -1.58 11.05
CA LYS A 60 -11.11 -0.28 11.47
C LYS A 60 -10.06 0.57 12.18
N ARG A 61 -9.26 1.28 11.44
CA ARG A 61 -8.21 2.13 12.08
C ARG A 61 -8.83 3.01 13.17
N SER A 62 -8.04 3.43 14.12
CA SER A 62 -8.59 4.27 15.24
C SER A 62 -8.78 5.72 14.79
N ILE A 63 -9.96 6.24 14.94
CA ILE A 63 -10.23 7.65 14.53
C ILE A 63 -9.61 8.63 15.54
N MET A 64 -8.76 9.51 15.10
CA MET A 64 -8.13 10.48 16.05
C MET A 64 -8.78 11.87 15.90
N MET A 65 -9.72 12.03 14.99
CA MET A 65 -10.38 13.36 14.83
C MET A 65 -11.04 13.79 16.14
N LYS A 66 -10.54 14.82 16.76
CA LYS A 66 -11.13 15.28 18.06
C LYS A 66 -11.45 16.78 17.98
N MET A 1 5.94 -21.14 1.34
CA MET A 1 5.62 -19.93 2.14
C MET A 1 5.07 -20.35 3.51
N LYS A 2 5.93 -20.45 4.48
CA LYS A 2 5.45 -20.86 5.84
C LYS A 2 5.82 -19.78 6.86
N THR A 3 7.09 -19.55 7.07
CA THR A 3 7.52 -18.51 8.05
C THR A 3 7.36 -17.10 7.45
N THR A 4 6.37 -16.37 7.88
CA THR A 4 6.14 -14.99 7.34
C THR A 4 7.31 -14.07 7.69
N ARG A 5 8.26 -13.93 6.80
CA ARG A 5 9.42 -13.02 7.07
C ARG A 5 9.10 -11.62 6.54
N VAL A 6 9.54 -10.59 7.21
CA VAL A 6 9.25 -9.20 6.74
C VAL A 6 10.42 -8.68 5.92
N ARG A 7 10.18 -8.24 4.72
CA ARG A 7 11.30 -7.73 3.89
C ARG A 7 11.01 -6.32 3.38
N THR A 8 9.89 -5.77 3.74
CA THR A 8 9.55 -4.41 3.27
C THR A 8 10.34 -3.33 4.03
N VAL A 9 10.35 -2.13 3.53
CA VAL A 9 11.09 -1.01 4.20
C VAL A 9 10.26 0.27 4.08
N LEU A 10 8.97 0.12 3.90
CA LEU A 10 8.09 1.32 3.80
C LEU A 10 7.87 1.91 5.20
N ASN A 11 7.73 3.21 5.31
CA ASN A 11 7.52 3.83 6.65
C ASN A 11 6.70 5.12 6.53
N GLU A 12 6.71 5.91 7.57
CA GLU A 12 5.94 7.20 7.60
C GLU A 12 6.15 8.02 6.33
N LYS A 13 7.32 7.96 5.75
CA LYS A 13 7.59 8.77 4.54
C LYS A 13 6.71 8.34 3.36
N GLN A 14 7.12 7.34 2.63
CA GLN A 14 6.33 6.89 1.44
C GLN A 14 4.88 6.53 1.79
N LEU A 15 4.56 6.23 3.03
CA LEU A 15 3.14 5.90 3.37
C LEU A 15 2.22 7.04 2.91
N HIS A 16 2.61 8.26 3.13
CA HIS A 16 1.74 9.41 2.73
C HIS A 16 1.23 9.29 1.28
N THR A 17 2.11 9.08 0.32
CA THR A 17 1.63 8.97 -1.09
C THR A 17 0.60 7.84 -1.23
N LEU A 18 1.02 6.63 -0.98
CA LEU A 18 0.08 5.46 -1.09
C LEU A 18 -1.20 5.72 -0.28
N ARG A 19 -1.08 6.39 0.84
CA ARG A 19 -2.26 6.67 1.70
C ARG A 19 -3.42 7.26 0.89
N THR A 20 -3.16 8.27 0.11
CA THR A 20 -4.25 8.91 -0.71
C THR A 20 -4.77 7.94 -1.79
N CYS A 21 -3.93 7.13 -2.35
CA CYS A 21 -4.40 6.20 -3.42
C CYS A 21 -5.52 5.28 -2.92
N TYR A 22 -5.24 4.49 -1.91
CA TYR A 22 -6.28 3.56 -1.35
C TYR A 22 -7.61 4.29 -1.12
N ALA A 23 -7.56 5.50 -0.63
CA ALA A 23 -8.83 6.26 -0.38
C ALA A 23 -9.67 6.38 -1.66
N ALA A 24 -9.05 6.73 -2.74
CA ALA A 24 -9.79 6.87 -4.04
C ALA A 24 -9.75 5.56 -4.83
N ASN A 25 -8.98 4.62 -4.38
CA ASN A 25 -8.90 3.31 -5.08
C ASN A 25 -8.52 2.22 -4.07
N PRO A 26 -9.51 1.67 -3.39
CA PRO A 26 -9.23 0.62 -2.39
C PRO A 26 -8.82 -0.71 -3.08
N ARG A 27 -8.94 -0.76 -4.39
CA ARG A 27 -8.56 -2.01 -5.14
C ARG A 27 -8.08 -1.66 -6.56
N PRO A 28 -6.79 -1.45 -6.71
CA PRO A 28 -6.21 -1.13 -8.05
C PRO A 28 -5.93 -2.43 -8.80
N ASP A 29 -5.37 -2.38 -9.99
CA ASP A 29 -5.07 -3.65 -10.72
C ASP A 29 -3.98 -3.44 -11.78
N ALA A 30 -3.78 -4.40 -12.66
CA ALA A 30 -2.72 -4.27 -13.73
C ALA A 30 -2.75 -2.90 -14.39
N LEU A 31 -3.89 -2.27 -14.44
CA LEU A 31 -3.97 -0.92 -15.09
C LEU A 31 -3.18 0.11 -14.28
N MET A 32 -3.76 0.61 -13.23
CA MET A 32 -3.04 1.62 -12.39
C MET A 32 -1.74 1.06 -11.79
N LYS A 33 -1.64 -0.25 -11.63
CA LYS A 33 -0.41 -0.86 -11.02
C LYS A 33 0.88 -0.30 -11.66
N GLU A 34 0.99 -0.37 -12.95
CA GLU A 34 2.22 0.15 -13.62
C GLU A 34 2.36 1.64 -13.35
N GLN A 35 1.31 2.38 -13.49
CA GLN A 35 1.40 3.85 -13.25
C GLN A 35 1.84 4.12 -11.81
N LEU A 36 1.26 3.42 -10.89
CA LEU A 36 1.63 3.60 -9.44
C LEU A 36 3.16 3.54 -9.28
N VAL A 37 3.80 2.58 -9.92
CA VAL A 37 5.29 2.48 -9.81
C VAL A 37 5.95 3.84 -10.08
N GLU A 38 5.57 4.49 -11.15
CA GLU A 38 6.16 5.82 -11.50
C GLU A 38 5.98 6.84 -10.37
N MET A 39 4.94 6.71 -9.60
CA MET A 39 4.71 7.69 -8.50
C MET A 39 5.86 7.67 -7.48
N THR A 40 6.07 6.57 -6.82
CA THR A 40 7.16 6.50 -5.78
C THR A 40 8.43 5.83 -6.35
N GLY A 41 8.37 5.35 -7.56
CA GLY A 41 9.57 4.70 -8.17
C GLY A 41 9.88 3.38 -7.44
N LEU A 42 8.95 2.85 -6.69
CA LEU A 42 9.21 1.58 -5.95
C LEU A 42 9.08 0.36 -6.87
N SER A 43 9.52 -0.77 -6.39
CA SER A 43 9.42 -2.00 -7.21
C SER A 43 7.98 -2.52 -7.18
N PRO A 44 7.66 -3.34 -8.14
CA PRO A 44 6.29 -3.92 -8.20
C PRO A 44 6.06 -4.94 -7.06
N ARG A 45 7.09 -5.56 -6.57
CA ARG A 45 6.89 -6.55 -5.47
C ARG A 45 6.18 -5.89 -4.28
N VAL A 46 6.70 -4.79 -3.81
CA VAL A 46 6.07 -4.10 -2.63
C VAL A 46 4.64 -3.62 -2.97
N ILE A 47 4.41 -3.22 -4.19
CA ILE A 47 3.05 -2.74 -4.59
C ILE A 47 1.98 -3.77 -4.19
N ARG A 48 2.03 -4.93 -4.76
CA ARG A 48 1.01 -5.96 -4.45
C ARG A 48 0.91 -6.23 -2.94
N VAL A 49 1.98 -6.60 -2.30
CA VAL A 49 1.92 -6.93 -0.84
C VAL A 49 1.46 -5.73 0.01
N TRP A 50 1.75 -4.52 -0.39
CA TRP A 50 1.30 -3.35 0.44
C TRP A 50 -0.23 -3.35 0.57
N PHE A 51 -0.92 -3.14 -0.53
CA PHE A 51 -2.42 -3.10 -0.50
C PHE A 51 -3.01 -4.32 0.24
N GLN A 52 -2.40 -5.46 0.12
CA GLN A 52 -2.90 -6.70 0.81
C GLN A 52 -3.20 -6.43 2.30
N ASN A 53 -2.19 -6.41 3.12
CA ASN A 53 -2.41 -6.17 4.58
C ASN A 53 -3.26 -4.90 4.81
N LYS A 54 -3.14 -3.91 3.97
CA LYS A 54 -3.94 -2.65 4.17
C LYS A 54 -5.40 -3.00 4.45
N ARG A 55 -5.90 -4.01 3.80
CA ARG A 55 -7.31 -4.41 4.03
C ARG A 55 -7.59 -4.59 5.52
N CYS A 56 -6.97 -5.56 6.13
CA CYS A 56 -7.21 -5.81 7.59
C CYS A 56 -6.94 -4.53 8.42
N LYS A 57 -5.86 -3.86 8.15
CA LYS A 57 -5.53 -2.63 8.92
C LYS A 57 -6.59 -1.55 8.69
N ASP A 58 -7.15 -1.49 7.51
CA ASP A 58 -8.19 -0.46 7.25
C ASP A 58 -9.44 -0.74 8.11
N LYS A 59 -9.84 -1.99 8.20
CA LYS A 59 -11.03 -2.37 9.02
C LYS A 59 -12.12 -1.27 9.03
N LYS A 60 -12.59 -0.88 7.87
CA LYS A 60 -13.66 0.18 7.79
C LYS A 60 -13.11 1.55 8.24
N ARG A 61 -12.65 1.67 9.47
CA ARG A 61 -12.09 2.97 9.96
C ARG A 61 -13.19 4.06 9.96
N SER A 62 -14.21 3.87 10.74
CA SER A 62 -15.31 4.89 10.80
C SER A 62 -14.80 6.23 11.34
N ILE A 63 -15.64 7.21 11.40
CA ILE A 63 -15.21 8.56 11.90
C ILE A 63 -15.15 8.56 13.43
N MET A 64 -14.07 9.03 13.97
CA MET A 64 -13.91 9.06 15.46
C MET A 64 -14.72 10.21 16.08
N MET A 65 -15.18 10.04 17.29
CA MET A 65 -15.97 11.13 17.94
C MET A 65 -15.07 12.03 18.77
N LYS A 66 -15.00 13.28 18.43
CA LYS A 66 -14.12 14.22 19.21
C LYS A 66 -14.52 15.67 18.93
N MET A 1 15.47 -21.92 4.31
CA MET A 1 14.95 -20.89 5.26
C MET A 1 13.45 -20.68 5.06
N LYS A 2 12.74 -20.43 6.11
CA LYS A 2 11.28 -20.20 6.00
C LYS A 2 10.91 -18.79 6.48
N THR A 3 11.78 -18.15 7.23
CA THR A 3 11.48 -16.77 7.73
C THR A 3 12.37 -15.74 7.01
N THR A 4 11.82 -15.03 6.05
CA THR A 4 12.62 -14.00 5.33
C THR A 4 12.88 -12.79 6.23
N ARG A 5 13.72 -11.89 5.80
CA ARG A 5 14.02 -10.69 6.62
C ARG A 5 13.21 -9.50 6.10
N VAL A 6 12.90 -8.57 6.95
CA VAL A 6 12.11 -7.39 6.52
C VAL A 6 12.97 -6.46 5.64
N ARG A 7 12.85 -6.59 4.35
CA ARG A 7 13.65 -5.74 3.41
C ARG A 7 12.75 -4.61 2.87
N THR A 8 11.84 -4.14 3.67
CA THR A 8 10.92 -3.06 3.22
C THR A 8 11.56 -1.68 3.45
N VAL A 9 11.09 -0.67 2.77
CA VAL A 9 11.65 0.70 2.96
C VAL A 9 10.51 1.73 3.06
N LEU A 10 9.38 1.31 3.58
CA LEU A 10 8.22 2.25 3.71
C LEU A 10 8.37 3.11 4.97
N ASN A 11 8.83 4.32 4.81
CA ASN A 11 9.01 5.24 5.97
C ASN A 11 7.79 6.14 6.12
N GLU A 12 7.69 6.82 7.22
CA GLU A 12 6.53 7.73 7.45
C GLU A 12 6.24 8.58 6.21
N LYS A 13 7.26 8.96 5.49
CA LYS A 13 7.05 9.82 4.27
C LYS A 13 6.42 9.01 3.12
N GLN A 14 7.12 8.05 2.56
CA GLN A 14 6.53 7.26 1.42
C GLN A 14 5.15 6.72 1.81
N LEU A 15 4.98 6.32 3.04
CA LEU A 15 3.66 5.76 3.45
C LEU A 15 2.52 6.73 3.08
N HIS A 16 2.69 7.99 3.39
CA HIS A 16 1.61 8.98 3.07
C HIS A 16 1.19 8.91 1.61
N THR A 17 2.11 8.65 0.71
CA THR A 17 1.75 8.60 -0.73
C THR A 17 0.65 7.56 -0.97
N LEU A 18 0.96 6.30 -0.80
CA LEU A 18 -0.08 5.25 -1.02
C LEU A 18 -1.36 5.57 -0.24
N ARG A 19 -1.27 6.15 0.93
CA ARG A 19 -2.51 6.48 1.72
C ARG A 19 -3.53 7.19 0.84
N THR A 20 -3.08 8.13 0.05
CA THR A 20 -4.00 8.89 -0.84
C THR A 20 -4.58 7.99 -1.93
N CYS A 21 -3.83 7.02 -2.38
CA CYS A 21 -4.33 6.12 -3.44
C CYS A 21 -5.58 5.35 -2.96
N TYR A 22 -5.50 4.67 -1.84
CA TYR A 22 -6.67 3.89 -1.32
C TYR A 22 -7.96 4.74 -1.34
N ALA A 23 -7.89 5.96 -0.88
CA ALA A 23 -9.09 6.85 -0.87
C ALA A 23 -9.65 7.04 -2.28
N ALA A 24 -8.86 6.80 -3.30
CA ALA A 24 -9.35 7.01 -4.70
C ALA A 24 -9.79 5.69 -5.35
N ASN A 25 -9.16 4.62 -5.00
CA ASN A 25 -9.54 3.31 -5.60
C ASN A 25 -9.13 2.15 -4.68
N PRO A 26 -10.08 1.68 -3.90
CA PRO A 26 -9.82 0.56 -2.97
C PRO A 26 -9.68 -0.78 -3.70
N ARG A 27 -9.68 -0.78 -5.01
CA ARG A 27 -9.54 -2.07 -5.74
C ARG A 27 -8.83 -1.80 -7.08
N PRO A 28 -7.53 -1.59 -7.00
CA PRO A 28 -6.74 -1.30 -8.22
C PRO A 28 -6.33 -2.62 -8.90
N ASP A 29 -5.72 -2.53 -10.05
CA ASP A 29 -5.29 -3.77 -10.77
C ASP A 29 -4.24 -3.44 -11.84
N ALA A 30 -4.02 -4.34 -12.76
CA ALA A 30 -3.02 -4.12 -13.87
C ALA A 30 -3.13 -2.69 -14.44
N LEU A 31 -4.28 -2.09 -14.33
CA LEU A 31 -4.44 -0.71 -14.87
C LEU A 31 -3.53 0.28 -14.13
N MET A 32 -3.94 0.74 -12.98
CA MET A 32 -3.10 1.71 -12.22
C MET A 32 -1.74 1.11 -11.81
N LYS A 33 -1.67 -0.18 -11.67
CA LYS A 33 -0.37 -0.82 -11.24
C LYS A 33 0.81 -0.24 -12.02
N GLU A 34 0.63 0.08 -13.26
CA GLU A 34 1.75 0.64 -14.07
C GLU A 34 2.21 1.99 -13.50
N GLN A 35 1.38 3.01 -13.60
CA GLN A 35 1.78 4.37 -13.09
C GLN A 35 2.11 4.35 -11.58
N LEU A 36 1.48 3.50 -10.81
CA LEU A 36 1.79 3.47 -9.33
C LEU A 36 3.31 3.45 -9.13
N VAL A 37 4.02 2.61 -9.86
CA VAL A 37 5.51 2.58 -9.72
C VAL A 37 6.08 3.98 -9.96
N GLU A 38 5.58 4.66 -10.96
CA GLU A 38 6.10 6.03 -11.27
C GLU A 38 5.92 6.97 -10.06
N MET A 39 4.99 6.69 -9.19
CA MET A 39 4.77 7.57 -8.01
C MET A 39 5.94 7.48 -7.02
N THR A 40 6.26 6.30 -6.53
CA THR A 40 7.37 6.17 -5.53
C THR A 40 8.63 5.51 -6.13
N GLY A 41 8.57 5.08 -7.38
CA GLY A 41 9.77 4.43 -8.01
C GLY A 41 10.15 3.14 -7.29
N LEU A 42 9.28 2.63 -6.49
CA LEU A 42 9.57 1.36 -5.75
C LEU A 42 9.36 0.15 -6.69
N SER A 43 9.86 -1.00 -6.33
CA SER A 43 9.67 -2.19 -7.20
C SER A 43 8.19 -2.62 -7.17
N PRO A 44 7.78 -3.37 -8.15
CA PRO A 44 6.37 -3.82 -8.20
C PRO A 44 6.08 -4.85 -7.10
N ARG A 45 7.10 -5.50 -6.60
CA ARG A 45 6.86 -6.51 -5.53
C ARG A 45 6.19 -5.88 -4.30
N VAL A 46 6.73 -4.79 -3.80
CA VAL A 46 6.13 -4.13 -2.59
C VAL A 46 4.68 -3.71 -2.85
N ILE A 47 4.37 -3.39 -4.08
CA ILE A 47 2.98 -2.97 -4.41
C ILE A 47 1.97 -4.06 -4.00
N ARG A 48 2.11 -5.24 -4.54
CA ARG A 48 1.15 -6.34 -4.22
C ARG A 48 1.02 -6.51 -2.70
N VAL A 49 2.09 -6.82 -2.03
CA VAL A 49 2.03 -7.03 -0.55
C VAL A 49 1.43 -5.81 0.17
N TRP A 50 1.67 -4.62 -0.31
CA TRP A 50 1.13 -3.43 0.39
C TRP A 50 -0.39 -3.50 0.56
N PHE A 51 -1.13 -3.41 -0.52
CA PHE A 51 -2.62 -3.44 -0.42
C PHE A 51 -3.09 -4.63 0.43
N GLN A 52 -2.66 -5.82 0.09
CA GLN A 52 -3.10 -7.02 0.89
C GLN A 52 -2.98 -6.71 2.38
N ASN A 53 -1.78 -6.51 2.85
CA ASN A 53 -1.56 -6.18 4.30
C ASN A 53 -2.45 -5.00 4.75
N LYS A 54 -2.57 -3.99 3.92
CA LYS A 54 -3.38 -2.78 4.30
C LYS A 54 -4.74 -3.17 4.90
N ARG A 55 -5.37 -4.19 4.37
CA ARG A 55 -6.70 -4.62 4.91
C ARG A 55 -6.63 -4.82 6.43
N CYS A 56 -5.78 -5.71 6.89
CA CYS A 56 -5.67 -5.97 8.36
C CYS A 56 -5.29 -4.69 9.11
N LYS A 57 -4.27 -4.02 8.66
CA LYS A 57 -3.83 -2.77 9.37
C LYS A 57 -4.97 -1.75 9.39
N ASP A 58 -5.76 -1.70 8.35
CA ASP A 58 -6.88 -0.70 8.32
C ASP A 58 -7.85 -0.94 9.49
N LYS A 59 -7.76 -0.13 10.51
CA LYS A 59 -8.65 -0.29 11.69
C LYS A 59 -10.12 0.02 11.30
N LYS A 60 -10.91 -1.00 11.07
CA LYS A 60 -12.35 -0.80 10.69
C LYS A 60 -12.51 0.24 9.58
N ARG A 61 -12.55 1.51 9.93
CA ARG A 61 -12.71 2.57 8.89
C ARG A 61 -13.99 2.36 8.08
N SER A 62 -14.96 3.22 8.27
CA SER A 62 -16.24 3.08 7.54
C SER A 62 -17.04 4.39 7.61
N ILE A 63 -18.34 4.31 7.61
CA ILE A 63 -19.17 5.54 7.67
C ILE A 63 -19.24 6.06 9.11
N MET A 64 -19.01 7.33 9.29
CA MET A 64 -19.06 7.91 10.66
C MET A 64 -19.50 9.39 10.61
N MET A 65 -19.92 9.87 9.47
CA MET A 65 -20.34 11.30 9.36
C MET A 65 -19.22 12.22 9.88
N LYS A 66 -18.33 12.62 9.01
CA LYS A 66 -17.22 13.52 9.45
C LYS A 66 -17.72 14.97 9.51
N MET A 1 12.56 -15.90 -5.81
CA MET A 1 12.60 -15.56 -4.37
C MET A 1 11.51 -16.32 -3.62
N LYS A 2 11.37 -17.58 -3.91
CA LYS A 2 10.32 -18.42 -3.25
C LYS A 2 10.57 -18.53 -1.74
N THR A 3 10.14 -17.55 -0.99
CA THR A 3 10.33 -17.59 0.50
C THR A 3 9.70 -16.35 1.14
N THR A 4 9.82 -15.22 0.50
CA THR A 4 9.24 -13.95 1.03
C THR A 4 9.62 -13.75 2.51
N ARG A 5 10.80 -13.24 2.75
CA ARG A 5 11.25 -13.02 4.17
C ARG A 5 10.88 -11.60 4.67
N VAL A 6 10.87 -11.40 5.96
CA VAL A 6 10.54 -10.05 6.52
C VAL A 6 11.61 -9.02 6.16
N ARG A 7 11.24 -7.94 5.52
CA ARG A 7 12.26 -6.91 5.16
C ARG A 7 11.58 -5.69 4.50
N THR A 8 10.69 -5.05 5.20
CA THR A 8 9.99 -3.87 4.66
C THR A 8 10.85 -2.61 4.83
N VAL A 9 10.56 -1.57 4.08
CA VAL A 9 11.35 -0.31 4.22
C VAL A 9 10.41 0.89 4.02
N LEU A 10 9.15 0.70 4.29
CA LEU A 10 8.17 1.80 4.13
C LEU A 10 8.18 2.70 5.36
N ASN A 11 8.75 3.86 5.26
CA ASN A 11 8.78 4.78 6.44
C ASN A 11 7.62 5.76 6.34
N GLU A 12 7.33 6.46 7.41
CA GLU A 12 6.20 7.42 7.41
C GLU A 12 6.15 8.28 6.13
N LYS A 13 7.27 8.52 5.50
CA LYS A 13 7.25 9.38 4.27
C LYS A 13 6.55 8.64 3.11
N GLN A 14 7.14 7.58 2.61
CA GLN A 14 6.50 6.86 1.47
C GLN A 14 5.07 6.45 1.83
N LEU A 15 4.82 6.14 3.06
CA LEU A 15 3.44 5.74 3.46
C LEU A 15 2.45 6.84 3.08
N HIS A 16 2.76 8.06 3.41
CA HIS A 16 1.85 9.19 3.08
C HIS A 16 1.46 9.16 1.60
N THR A 17 2.41 8.99 0.72
CA THR A 17 2.11 8.97 -0.74
C THR A 17 0.98 7.97 -1.04
N LEU A 18 1.25 6.70 -0.89
CA LEU A 18 0.21 5.66 -1.17
C LEU A 18 -1.11 5.95 -0.43
N ARG A 19 -1.07 6.49 0.76
CA ARG A 19 -2.35 6.76 1.50
C ARG A 19 -3.42 7.34 0.57
N THR A 20 -3.04 8.21 -0.33
CA THR A 20 -4.05 8.80 -1.27
C THR A 20 -4.57 7.74 -2.26
N CYS A 21 -3.73 6.82 -2.67
CA CYS A 21 -4.20 5.80 -3.64
C CYS A 21 -5.42 5.04 -3.09
N TYR A 22 -5.32 4.48 -1.90
CA TYR A 22 -6.49 3.74 -1.32
C TYR A 22 -7.75 4.61 -1.40
N ALA A 23 -7.60 5.89 -1.13
CA ALA A 23 -8.77 6.82 -1.19
C ALA A 23 -9.45 6.75 -2.57
N ALA A 24 -8.78 6.24 -3.56
CA ALA A 24 -9.39 6.14 -4.92
C ALA A 24 -10.01 4.76 -5.11
N ASN A 25 -9.33 3.74 -4.67
CA ASN A 25 -9.85 2.36 -4.81
C ASN A 25 -9.12 1.42 -3.85
N PRO A 26 -9.85 0.56 -3.20
CA PRO A 26 -9.21 -0.39 -2.26
C PRO A 26 -8.42 -1.48 -3.01
N ARG A 27 -8.57 -1.55 -4.31
CA ARG A 27 -7.82 -2.58 -5.09
C ARG A 27 -7.47 -2.09 -6.50
N PRO A 28 -6.21 -1.78 -6.69
CA PRO A 28 -5.74 -1.32 -8.02
C PRO A 28 -5.52 -2.52 -8.93
N ASP A 29 -5.12 -2.30 -10.16
CA ASP A 29 -4.91 -3.45 -11.08
C ASP A 29 -4.05 -3.04 -12.28
N ALA A 30 -4.09 -3.82 -13.33
CA ALA A 30 -3.29 -3.51 -14.56
C ALA A 30 -3.29 -2.02 -14.86
N LEU A 31 -4.38 -1.36 -14.59
CA LEU A 31 -4.46 0.11 -14.87
C LEU A 31 -3.47 0.87 -14.00
N MET A 32 -3.81 1.13 -12.77
CA MET A 32 -2.88 1.90 -11.88
C MET A 32 -1.55 1.17 -11.72
N LYS A 33 -1.50 -0.11 -11.95
CA LYS A 33 -0.20 -0.86 -11.79
C LYS A 33 0.95 -0.09 -12.46
N GLU A 34 0.75 0.33 -13.67
CA GLU A 34 1.82 1.08 -14.40
C GLU A 34 2.15 2.37 -13.63
N GLN A 35 1.21 3.26 -13.52
CA GLN A 35 1.47 4.55 -12.81
C GLN A 35 1.90 4.31 -11.35
N LEU A 36 1.33 3.33 -10.69
CA LEU A 36 1.73 3.06 -9.26
C LEU A 36 3.25 3.10 -9.13
N VAL A 37 3.95 2.38 -9.96
CA VAL A 37 5.45 2.42 -9.90
C VAL A 37 5.95 3.86 -10.03
N GLU A 38 5.42 4.59 -10.98
CA GLU A 38 5.88 5.99 -11.21
C GLU A 38 5.71 6.84 -9.94
N MET A 39 4.73 6.55 -9.15
CA MET A 39 4.50 7.37 -7.92
C MET A 39 5.69 7.28 -6.96
N THR A 40 5.97 6.12 -6.44
CA THR A 40 7.10 5.98 -5.48
C THR A 40 8.34 5.34 -6.13
N GLY A 41 8.29 5.05 -7.40
CA GLY A 41 9.47 4.42 -8.08
C GLY A 41 9.80 3.07 -7.44
N LEU A 42 8.93 2.57 -6.60
CA LEU A 42 9.19 1.26 -5.92
C LEU A 42 8.94 0.08 -6.88
N SER A 43 9.48 -1.07 -6.57
CA SER A 43 9.26 -2.25 -7.45
C SER A 43 7.78 -2.65 -7.40
N PRO A 44 7.40 -3.55 -8.27
CA PRO A 44 5.99 -4.02 -8.30
C PRO A 44 5.74 -4.98 -7.14
N ARG A 45 6.76 -5.62 -6.64
CA ARG A 45 6.58 -6.58 -5.51
C ARG A 45 5.94 -5.90 -4.30
N VAL A 46 6.58 -4.88 -3.78
CA VAL A 46 6.05 -4.19 -2.57
C VAL A 46 4.63 -3.64 -2.82
N ILE A 47 4.34 -3.26 -4.04
CA ILE A 47 2.98 -2.73 -4.35
C ILE A 47 1.90 -3.73 -3.93
N ARG A 48 2.01 -4.94 -4.41
CA ARG A 48 1.00 -5.99 -4.08
C ARG A 48 0.85 -6.21 -2.58
N VAL A 49 1.92 -6.58 -1.92
CA VAL A 49 1.85 -6.86 -0.46
C VAL A 49 1.35 -5.63 0.31
N TRP A 50 1.73 -4.46 -0.10
CA TRP A 50 1.27 -3.25 0.65
C TRP A 50 -0.27 -3.25 0.76
N PHE A 51 -0.95 -3.23 -0.36
CA PHE A 51 -2.45 -3.24 -0.33
C PHE A 51 -2.99 -4.38 0.53
N GLN A 52 -2.39 -5.54 0.46
CA GLN A 52 -2.88 -6.71 1.26
C GLN A 52 -3.11 -6.31 2.72
N ASN A 53 -2.06 -6.13 3.47
CA ASN A 53 -2.21 -5.75 4.91
C ASN A 53 -3.16 -4.55 5.06
N LYS A 54 -3.07 -3.59 4.17
CA LYS A 54 -3.95 -2.38 4.25
C LYS A 54 -5.40 -2.79 4.54
N ARG A 55 -5.89 -3.82 3.89
CA ARG A 55 -7.29 -4.25 4.13
C ARG A 55 -7.54 -4.51 5.62
N CYS A 56 -7.05 -5.60 6.15
CA CYS A 56 -7.28 -5.90 7.59
C CYS A 56 -6.80 -4.75 8.48
N LYS A 57 -5.79 -4.03 8.08
CA LYS A 57 -5.32 -2.90 8.94
C LYS A 57 -6.42 -1.86 9.07
N ASP A 58 -7.00 -1.47 7.97
CA ASP A 58 -8.09 -0.45 8.02
C ASP A 58 -9.33 -1.04 8.72
N LYS A 59 -9.98 -2.03 8.12
CA LYS A 59 -11.21 -2.66 8.73
C LYS A 59 -11.88 -1.74 9.76
N LYS A 60 -12.15 -0.52 9.39
CA LYS A 60 -12.81 0.44 10.34
C LYS A 60 -12.11 0.41 11.70
N ARG A 61 -10.83 0.62 11.73
CA ARG A 61 -10.12 0.58 13.05
C ARG A 61 -9.49 1.94 13.36
N SER A 62 -8.48 1.97 14.17
CA SER A 62 -7.82 3.26 14.52
C SER A 62 -8.85 4.23 15.12
N ILE A 63 -9.76 3.73 15.92
CA ILE A 63 -10.77 4.64 16.54
C ILE A 63 -10.06 5.64 17.44
N MET A 64 -9.72 6.79 16.92
CA MET A 64 -8.99 7.79 17.74
C MET A 64 -9.96 8.48 18.74
N MET A 65 -10.05 7.95 19.93
CA MET A 65 -10.96 8.57 20.95
C MET A 65 -10.18 9.58 21.80
N LYS A 66 -10.52 10.85 21.68
CA LYS A 66 -9.82 11.89 22.48
C LYS A 66 -10.80 12.97 22.93
N MET A 1 14.93 3.59 -13.02
CA MET A 1 14.85 2.95 -14.36
C MET A 1 14.93 1.43 -14.23
N LYS A 2 13.89 0.80 -13.80
CA LYS A 2 13.93 -0.69 -13.66
C LYS A 2 15.17 -1.08 -12.83
N THR A 3 15.25 -0.54 -11.65
CA THR A 3 16.42 -0.82 -10.76
C THR A 3 16.04 -1.82 -9.65
N THR A 4 14.78 -1.88 -9.29
CA THR A 4 14.32 -2.83 -8.21
C THR A 4 15.31 -2.82 -7.04
N ARG A 5 15.13 -1.90 -6.12
CA ARG A 5 16.06 -1.84 -4.95
C ARG A 5 15.97 -3.13 -4.14
N VAL A 6 16.98 -3.40 -3.36
CA VAL A 6 16.96 -4.64 -2.54
C VAL A 6 16.56 -4.29 -1.10
N ARG A 7 15.72 -5.09 -0.49
CA ARG A 7 15.30 -4.81 0.91
C ARG A 7 14.77 -3.37 1.05
N THR A 8 13.69 -3.04 0.39
CA THR A 8 13.14 -1.66 0.51
C THR A 8 12.27 -1.57 1.77
N VAL A 9 12.41 -0.52 2.53
CA VAL A 9 11.58 -0.39 3.76
C VAL A 9 10.34 0.45 3.44
N LEU A 10 9.55 0.77 4.43
CA LEU A 10 8.32 1.57 4.19
C LEU A 10 7.95 2.30 5.49
N ASN A 11 7.88 3.61 5.47
CA ASN A 11 7.54 4.34 6.72
C ASN A 11 6.70 5.58 6.42
N GLU A 12 6.61 6.47 7.37
CA GLU A 12 5.82 7.72 7.22
C GLU A 12 6.07 8.43 5.88
N LYS A 13 7.20 8.21 5.25
CA LYS A 13 7.47 8.89 3.96
C LYS A 13 6.62 8.28 2.83
N GLN A 14 6.92 7.09 2.42
CA GLN A 14 6.15 6.44 1.31
C GLN A 14 4.69 6.23 1.71
N LEU A 15 4.43 5.94 2.95
CA LEU A 15 3.01 5.71 3.38
C LEU A 15 2.14 6.90 3.00
N HIS A 16 2.48 8.07 3.47
CA HIS A 16 1.67 9.28 3.15
C HIS A 16 1.31 9.31 1.66
N THR A 17 2.26 9.07 0.81
CA THR A 17 1.97 9.08 -0.67
C THR A 17 0.90 8.03 -1.02
N LEU A 18 1.24 6.77 -0.87
CA LEU A 18 0.27 5.69 -1.23
C LEU A 18 -1.10 5.95 -0.59
N ARG A 19 -1.12 6.50 0.59
CA ARG A 19 -2.42 6.78 1.28
C ARG A 19 -3.46 7.39 0.33
N THR A 20 -3.04 8.21 -0.59
CA THR A 20 -4.02 8.84 -1.53
C THR A 20 -4.63 7.80 -2.48
N CYS A 21 -3.86 6.81 -2.86
CA CYS A 21 -4.40 5.79 -3.79
C CYS A 21 -5.62 5.08 -3.20
N TYR A 22 -5.49 4.52 -2.02
CA TYR A 22 -6.64 3.81 -1.39
C TYR A 22 -7.92 4.64 -1.46
N ALA A 23 -7.85 5.91 -1.14
CA ALA A 23 -9.08 6.77 -1.18
C ALA A 23 -9.74 6.76 -2.57
N ALA A 24 -9.03 6.30 -3.57
CA ALA A 24 -9.60 6.28 -4.95
C ALA A 24 -10.25 4.92 -5.23
N ASN A 25 -9.70 3.87 -4.71
CA ASN A 25 -10.28 2.52 -4.95
C ASN A 25 -9.78 1.52 -3.89
N PRO A 26 -10.60 0.53 -3.61
CA PRO A 26 -10.24 -0.52 -2.61
C PRO A 26 -9.29 -1.54 -3.24
N ARG A 27 -9.13 -1.49 -4.53
CA ARG A 27 -8.20 -2.47 -5.17
C ARG A 27 -7.59 -1.88 -6.46
N PRO A 28 -6.28 -1.98 -6.56
CA PRO A 28 -5.57 -1.50 -7.76
C PRO A 28 -5.70 -2.50 -8.92
N ASP A 29 -5.03 -2.27 -10.01
CA ASP A 29 -5.11 -3.24 -11.15
C ASP A 29 -4.05 -2.94 -12.21
N ALA A 30 -3.98 -3.78 -13.20
CA ALA A 30 -2.98 -3.64 -14.30
C ALA A 30 -2.92 -2.18 -14.79
N LEU A 31 -4.02 -1.48 -14.74
CA LEU A 31 -4.06 -0.05 -15.20
C LEU A 31 -3.20 0.85 -14.30
N MET A 32 -3.73 1.25 -13.18
CA MET A 32 -2.98 2.14 -12.24
C MET A 32 -1.62 1.51 -11.86
N LYS A 33 -1.52 0.21 -11.87
CA LYS A 33 -0.22 -0.46 -11.50
C LYS A 33 0.96 0.23 -12.18
N GLU A 34 0.83 0.52 -13.44
CA GLU A 34 1.95 1.16 -14.19
C GLU A 34 2.32 2.52 -13.56
N GLN A 35 1.37 3.42 -13.42
CA GLN A 35 1.71 4.75 -12.81
C GLN A 35 2.21 4.55 -11.36
N LEU A 36 1.57 3.68 -10.61
CA LEU A 36 1.97 3.43 -9.19
C LEU A 36 3.51 3.27 -9.07
N VAL A 37 4.14 2.67 -10.05
CA VAL A 37 5.62 2.49 -9.98
C VAL A 37 6.33 3.85 -10.00
N GLU A 38 5.95 4.69 -10.92
CA GLU A 38 6.58 6.04 -11.03
C GLU A 38 6.35 6.88 -9.77
N MET A 39 5.23 6.73 -9.11
CA MET A 39 4.93 7.54 -7.88
C MET A 39 5.96 7.30 -6.78
N THR A 40 6.27 6.07 -6.48
CA THR A 40 7.28 5.82 -5.40
C THR A 40 8.61 5.33 -5.99
N GLY A 41 8.61 4.89 -7.22
CA GLY A 41 9.88 4.41 -7.85
C GLY A 41 10.18 2.97 -7.43
N LEU A 42 9.39 2.41 -6.57
CA LEU A 42 9.64 1.02 -6.11
C LEU A 42 9.14 -0.01 -7.15
N SER A 43 9.59 -1.24 -7.07
CA SER A 43 9.11 -2.26 -8.04
C SER A 43 7.66 -2.64 -7.74
N PRO A 44 7.01 -3.27 -8.67
CA PRO A 44 5.60 -3.68 -8.46
C PRO A 44 5.50 -4.83 -7.43
N ARG A 45 6.57 -5.54 -7.18
CA ARG A 45 6.50 -6.66 -6.17
C ARG A 45 5.97 -6.17 -4.83
N VAL A 46 6.57 -5.13 -4.30
CA VAL A 46 6.14 -4.58 -2.97
C VAL A 46 4.72 -4.00 -3.05
N ILE A 47 4.38 -3.45 -4.19
CA ILE A 47 3.03 -2.84 -4.35
C ILE A 47 1.92 -3.82 -3.93
N ARG A 48 1.93 -5.01 -4.45
CA ARG A 48 0.86 -6.01 -4.10
C ARG A 48 0.75 -6.25 -2.59
N VAL A 49 1.80 -6.71 -1.96
CA VAL A 49 1.72 -7.02 -0.51
C VAL A 49 1.33 -5.79 0.31
N TRP A 50 1.63 -4.59 -0.14
CA TRP A 50 1.25 -3.38 0.65
C TRP A 50 -0.25 -3.39 0.93
N PHE A 51 -1.05 -3.31 -0.10
CA PHE A 51 -2.54 -3.29 0.09
C PHE A 51 -2.98 -4.43 1.02
N GLN A 52 -2.36 -5.58 0.92
CA GLN A 52 -2.75 -6.74 1.78
C GLN A 52 -2.77 -6.32 3.26
N ASN A 53 -1.66 -5.95 3.82
CA ASN A 53 -1.63 -5.54 5.25
C ASN A 53 -2.66 -4.44 5.52
N LYS A 54 -2.86 -3.57 4.57
CA LYS A 54 -3.83 -2.44 4.75
C LYS A 54 -5.15 -2.93 5.36
N ARG A 55 -5.62 -4.09 4.97
CA ARG A 55 -6.92 -4.61 5.53
C ARG A 55 -6.84 -4.68 7.06
N CYS A 56 -5.77 -5.18 7.59
CA CYS A 56 -5.62 -5.29 9.07
C CYS A 56 -5.71 -3.91 9.73
N LYS A 57 -4.85 -3.00 9.34
CA LYS A 57 -4.89 -1.63 9.96
C LYS A 57 -6.24 -0.96 9.68
N ASP A 58 -6.75 -1.11 8.48
CA ASP A 58 -8.07 -0.48 8.14
C ASP A 58 -9.21 -1.14 8.91
N LYS A 59 -9.07 -2.39 9.28
CA LYS A 59 -10.16 -3.11 10.03
C LYS A 59 -11.56 -2.58 9.63
N LYS A 60 -12.43 -2.31 10.58
CA LYS A 60 -13.81 -1.82 10.23
C LYS A 60 -13.86 -0.27 10.19
N ARG A 61 -13.72 0.35 11.34
CA ARG A 61 -13.75 1.85 11.40
C ARG A 61 -14.92 2.43 10.61
N SER A 62 -16.05 2.64 11.25
CA SER A 62 -17.23 3.22 10.52
C SER A 62 -17.25 4.74 10.65
N ILE A 63 -16.28 5.31 11.29
CA ILE A 63 -16.24 6.79 11.46
C ILE A 63 -15.39 7.41 10.35
N MET A 64 -16.00 8.16 9.46
CA MET A 64 -15.23 8.80 8.35
C MET A 64 -15.38 10.33 8.44
N MET A 65 -16.53 10.80 8.84
CA MET A 65 -16.75 12.26 8.97
C MET A 65 -15.69 12.87 9.89
N LYS A 66 -14.93 13.81 9.40
CA LYS A 66 -13.85 14.44 10.23
C LYS A 66 -12.98 13.38 10.89
N MET A 1 17.26 -18.67 0.29
CA MET A 1 16.52 -19.13 -0.92
C MET A 1 16.77 -18.17 -2.09
N LYS A 2 16.12 -17.04 -2.08
CA LYS A 2 16.32 -16.08 -3.21
C LYS A 2 16.00 -14.64 -2.77
N THR A 3 15.94 -14.38 -1.48
CA THR A 3 15.65 -12.99 -1.02
C THR A 3 16.97 -12.32 -0.62
N THR A 4 17.11 -11.05 -0.86
CA THR A 4 18.39 -10.36 -0.50
C THR A 4 18.21 -9.54 0.78
N ARG A 5 17.95 -10.20 1.88
CA ARG A 5 17.74 -9.48 3.17
C ARG A 5 16.67 -8.40 3.01
N VAL A 6 16.32 -7.71 4.07
CA VAL A 6 15.25 -6.68 3.96
C VAL A 6 15.85 -5.27 3.83
N ARG A 7 15.42 -4.51 2.86
CA ARG A 7 15.95 -3.12 2.70
C ARG A 7 14.83 -2.19 2.27
N THR A 8 14.01 -1.76 3.21
CA THR A 8 12.89 -0.83 2.89
C THR A 8 12.15 -0.46 4.19
N VAL A 9 12.29 0.75 4.63
CA VAL A 9 11.60 1.19 5.88
C VAL A 9 10.38 2.02 5.53
N LEU A 10 9.23 1.63 5.98
CA LEU A 10 7.99 2.41 5.68
C LEU A 10 7.80 3.52 6.71
N ASN A 11 7.67 4.75 6.26
CA ASN A 11 7.48 5.87 7.24
C ASN A 11 6.52 6.93 6.68
N GLU A 12 6.50 8.09 7.28
CA GLU A 12 5.58 9.17 6.81
C GLU A 12 5.81 9.54 5.34
N LYS A 13 6.96 9.27 4.79
CA LYS A 13 7.20 9.64 3.38
C LYS A 13 6.38 8.74 2.43
N GLN A 14 6.81 7.53 2.22
CA GLN A 14 6.08 6.59 1.30
C GLN A 14 4.66 6.29 1.80
N LEU A 15 4.51 5.97 3.05
CA LEU A 15 3.14 5.64 3.58
C LEU A 15 2.15 6.75 3.21
N HIS A 16 2.47 7.98 3.50
CA HIS A 16 1.55 9.11 3.15
C HIS A 16 1.18 9.07 1.65
N THR A 17 2.13 8.84 0.78
CA THR A 17 1.81 8.80 -0.69
C THR A 17 0.75 7.73 -0.96
N LEU A 18 1.07 6.48 -0.70
CA LEU A 18 0.09 5.38 -0.97
C LEU A 18 -1.28 5.71 -0.36
N ARG A 19 -1.29 6.31 0.79
CA ARG A 19 -2.59 6.67 1.43
C ARG A 19 -3.49 7.43 0.45
N THR A 20 -2.92 8.20 -0.45
CA THR A 20 -3.77 8.94 -1.43
C THR A 20 -4.44 7.96 -2.41
N CYS A 21 -3.76 6.92 -2.82
CA CYS A 21 -4.37 5.94 -3.77
C CYS A 21 -5.62 5.29 -3.18
N TYR A 22 -5.45 4.53 -2.11
CA TYR A 22 -6.63 3.83 -1.47
C TYR A 22 -7.80 4.80 -1.26
N ALA A 23 -7.51 6.01 -0.84
CA ALA A 23 -8.62 7.00 -0.63
C ALA A 23 -9.49 7.08 -1.89
N ALA A 24 -8.96 6.67 -3.01
CA ALA A 24 -9.74 6.70 -4.28
C ALA A 24 -10.43 5.35 -4.51
N ASN A 25 -9.72 4.27 -4.31
CA ASN A 25 -10.33 2.91 -4.50
C ASN A 25 -9.53 1.85 -3.71
N PRO A 26 -10.23 0.96 -3.05
CA PRO A 26 -9.56 -0.10 -2.25
C PRO A 26 -9.09 -1.29 -3.10
N ARG A 27 -9.20 -1.22 -4.41
CA ARG A 27 -8.74 -2.38 -5.24
C ARG A 27 -8.26 -1.92 -6.63
N PRO A 28 -6.97 -1.81 -6.80
CA PRO A 28 -6.40 -1.38 -8.09
C PRO A 28 -6.18 -2.59 -9.02
N ASP A 29 -5.59 -2.37 -10.17
CA ASP A 29 -5.35 -3.51 -11.13
C ASP A 29 -4.20 -3.13 -12.09
N ALA A 30 -4.05 -3.88 -13.14
CA ALA A 30 -2.96 -3.59 -14.14
C ALA A 30 -2.98 -2.11 -14.55
N LEU A 31 -4.10 -1.46 -14.44
CA LEU A 31 -4.18 -0.02 -14.83
C LEU A 31 -3.22 0.81 -13.98
N MET A 32 -3.61 1.15 -12.78
CA MET A 32 -2.73 1.96 -11.90
C MET A 32 -1.44 1.20 -11.57
N LYS A 33 -1.47 -0.11 -11.65
CA LYS A 33 -0.23 -0.91 -11.34
C LYS A 33 0.96 -0.32 -12.10
N GLU A 34 0.76 0.11 -13.31
CA GLU A 34 1.88 0.69 -14.09
C GLU A 34 2.38 1.98 -13.43
N GLN A 35 1.58 3.01 -13.45
CA GLN A 35 2.02 4.30 -12.84
C GLN A 35 2.37 4.12 -11.35
N LEU A 36 1.76 3.16 -10.69
CA LEU A 36 2.08 2.92 -9.24
C LEU A 36 3.60 2.92 -9.05
N VAL A 37 4.32 2.48 -10.04
CA VAL A 37 5.81 2.44 -9.96
C VAL A 37 6.39 3.86 -9.82
N GLU A 38 6.17 4.70 -10.80
CA GLU A 38 6.73 6.09 -10.75
C GLU A 38 6.33 6.79 -9.45
N MET A 39 5.20 6.45 -8.90
CA MET A 39 4.75 7.13 -7.65
C MET A 39 5.76 6.92 -6.52
N THR A 40 5.94 5.70 -6.07
CA THR A 40 6.93 5.45 -4.97
C THR A 40 8.28 5.01 -5.55
N GLY A 41 8.36 4.86 -6.85
CA GLY A 41 9.64 4.45 -7.50
C GLY A 41 10.08 3.04 -7.05
N LEU A 42 9.25 2.34 -6.30
CA LEU A 42 9.64 0.98 -5.84
C LEU A 42 9.24 -0.08 -6.89
N SER A 43 9.71 -1.30 -6.72
CA SER A 43 9.39 -2.39 -7.71
C SER A 43 7.89 -2.72 -7.66
N PRO A 44 7.43 -3.48 -8.63
CA PRO A 44 6.00 -3.89 -8.65
C PRO A 44 5.75 -4.91 -7.55
N ARG A 45 6.75 -5.66 -7.21
CA ARG A 45 6.60 -6.70 -6.14
C ARG A 45 6.07 -6.10 -4.85
N VAL A 46 6.79 -5.18 -4.27
CA VAL A 46 6.37 -4.56 -2.99
C VAL A 46 5.02 -3.83 -3.13
N ILE A 47 4.69 -3.39 -4.30
CA ILE A 47 3.39 -2.67 -4.50
C ILE A 47 2.20 -3.58 -4.13
N ARG A 48 2.03 -4.66 -4.83
CA ARG A 48 0.87 -5.58 -4.55
C ARG A 48 0.77 -5.95 -3.06
N VAL A 49 1.82 -6.45 -2.48
CA VAL A 49 1.74 -6.87 -1.04
C VAL A 49 1.28 -5.71 -0.13
N TRP A 50 1.65 -4.49 -0.43
CA TRP A 50 1.22 -3.36 0.46
C TRP A 50 -0.32 -3.38 0.63
N PHE A 51 -1.05 -3.31 -0.45
CA PHE A 51 -2.55 -3.31 -0.35
C PHE A 51 -3.04 -4.49 0.49
N GLN A 52 -2.47 -5.64 0.32
CA GLN A 52 -2.91 -6.83 1.12
C GLN A 52 -2.89 -6.49 2.62
N ASN A 53 -1.72 -6.31 3.17
CA ASN A 53 -1.60 -5.97 4.62
C ASN A 53 -2.53 -4.81 4.99
N LYS A 54 -2.71 -3.89 4.07
CA LYS A 54 -3.59 -2.71 4.34
C LYS A 54 -4.97 -3.12 4.88
N ARG A 55 -5.56 -4.15 4.30
CA ARG A 55 -6.91 -4.60 4.76
C ARG A 55 -6.96 -4.69 6.29
N CYS A 56 -6.11 -5.49 6.87
CA CYS A 56 -6.11 -5.64 8.36
C CYS A 56 -5.83 -4.29 9.03
N LYS A 57 -4.83 -3.59 8.58
CA LYS A 57 -4.49 -2.27 9.20
C LYS A 57 -5.65 -1.29 9.09
N ASP A 58 -6.47 -1.44 8.08
CA ASP A 58 -7.65 -0.52 7.93
C ASP A 58 -8.46 -0.94 6.71
N LYS A 59 -9.73 -0.63 6.69
CA LYS A 59 -10.58 -1.01 5.52
C LYS A 59 -12.01 -0.47 5.67
N LYS A 60 -12.77 -1.00 6.60
CA LYS A 60 -14.18 -0.51 6.77
C LYS A 60 -14.40 0.07 8.17
N ARG A 61 -13.55 -0.25 9.11
CA ARG A 61 -13.75 0.29 10.49
C ARG A 61 -13.62 1.82 10.49
N SER A 62 -14.17 2.47 11.49
CA SER A 62 -14.10 3.95 11.57
C SER A 62 -14.68 4.59 10.31
N ILE A 63 -13.88 4.77 9.30
CA ILE A 63 -14.37 5.38 8.04
C ILE A 63 -15.45 4.50 7.39
N MET A 64 -16.67 4.95 7.40
CA MET A 64 -17.77 4.14 6.80
C MET A 64 -18.49 4.93 5.69
N MET A 65 -17.95 6.07 5.32
CA MET A 65 -18.58 6.90 4.24
C MET A 65 -20.02 7.30 4.63
N LYS A 66 -20.67 8.06 3.78
CA LYS A 66 -22.05 8.51 4.06
C LYS A 66 -23.02 7.32 4.02
N MET A 1 -1.31 -20.19 3.11
CA MET A 1 -1.66 -18.77 3.44
C MET A 1 -0.48 -18.09 4.15
N LYS A 2 0.23 -18.83 4.98
CA LYS A 2 1.38 -18.23 5.71
C LYS A 2 2.70 -18.59 5.02
N THR A 3 3.38 -17.64 4.45
CA THR A 3 4.69 -17.94 3.77
C THR A 3 5.29 -16.67 3.18
N THR A 4 6.31 -16.82 2.37
CA THR A 4 6.96 -15.63 1.74
C THR A 4 7.47 -14.69 2.83
N ARG A 5 8.68 -14.89 3.27
CA ARG A 5 9.22 -14.01 4.34
C ARG A 5 9.66 -12.66 3.76
N VAL A 6 10.78 -12.14 4.18
CA VAL A 6 11.23 -10.81 3.66
C VAL A 6 10.11 -9.79 3.82
N ARG A 7 9.81 -9.43 5.04
CA ARG A 7 8.73 -8.42 5.30
C ARG A 7 9.35 -7.11 5.75
N THR A 8 9.39 -6.14 4.90
CA THR A 8 9.99 -4.82 5.29
C THR A 8 9.00 -4.01 6.14
N VAL A 9 9.42 -2.87 6.64
CA VAL A 9 8.50 -2.02 7.46
C VAL A 9 8.72 -0.55 7.08
N LEU A 10 7.77 0.03 6.37
CA LEU A 10 7.91 1.46 5.94
C LEU A 10 7.49 2.42 7.06
N ASN A 11 7.32 3.67 6.72
CA ASN A 11 6.89 4.67 7.73
C ASN A 11 5.98 5.74 7.10
N GLU A 12 5.80 6.84 7.76
CA GLU A 12 4.91 7.92 7.24
C GLU A 12 5.33 8.39 5.83
N LYS A 13 6.53 8.07 5.41
CA LYS A 13 7.00 8.50 4.06
C LYS A 13 6.20 7.81 2.94
N GLN A 14 6.54 6.59 2.61
CA GLN A 14 5.80 5.88 1.52
C GLN A 14 4.33 5.74 1.88
N LEU A 15 3.99 5.69 3.14
CA LEU A 15 2.55 5.55 3.52
C LEU A 15 1.73 6.73 3.01
N HIS A 16 2.08 7.94 3.40
CA HIS A 16 1.29 9.13 2.94
C HIS A 16 1.08 9.12 1.43
N THR A 17 2.12 8.85 0.67
CA THR A 17 1.98 8.83 -0.81
C THR A 17 0.87 7.86 -1.21
N LEU A 18 1.09 6.59 -0.98
CA LEU A 18 0.06 5.57 -1.34
C LEU A 18 -1.32 5.91 -0.74
N ARG A 19 -1.35 6.50 0.43
CA ARG A 19 -2.67 6.83 1.07
C ARG A 19 -3.63 7.48 0.07
N THR A 20 -3.12 8.20 -0.89
CA THR A 20 -4.01 8.86 -1.90
C THR A 20 -4.71 7.81 -2.77
N CYS A 21 -3.99 6.81 -3.22
CA CYS A 21 -4.62 5.76 -4.08
C CYS A 21 -5.76 5.11 -3.31
N TYR A 22 -5.44 4.40 -2.27
CA TYR A 22 -6.49 3.72 -1.46
C TYR A 22 -7.61 4.72 -1.10
N ALA A 23 -7.28 5.95 -0.79
CA ALA A 23 -8.32 6.96 -0.42
C ALA A 23 -9.40 7.05 -1.51
N ALA A 24 -9.08 6.62 -2.70
CA ALA A 24 -10.08 6.69 -3.79
C ALA A 24 -10.79 5.34 -3.93
N ASN A 25 -10.03 4.29 -4.04
CA ASN A 25 -10.63 2.93 -4.15
C ASN A 25 -9.60 1.88 -3.74
N PRO A 26 -9.99 1.03 -2.84
CA PRO A 26 -9.08 -0.05 -2.38
C PRO A 26 -9.05 -1.18 -3.41
N ARG A 27 -8.82 -0.85 -4.66
CA ARG A 27 -8.81 -1.92 -5.70
C ARG A 27 -8.09 -1.46 -6.99
N PRO A 28 -6.77 -1.49 -6.96
CA PRO A 28 -6.00 -1.11 -8.16
C PRO A 28 -5.91 -2.32 -9.09
N ASP A 29 -5.32 -2.17 -10.22
CA ASP A 29 -5.23 -3.33 -11.14
C ASP A 29 -4.11 -3.13 -12.15
N ALA A 30 -4.06 -3.97 -13.15
CA ALA A 30 -3.00 -3.86 -14.21
C ALA A 30 -2.86 -2.40 -14.69
N LEU A 31 -3.95 -1.69 -14.75
CA LEU A 31 -3.93 -0.26 -15.22
C LEU A 31 -3.10 0.62 -14.28
N MET A 32 -3.66 1.03 -13.17
CA MET A 32 -2.91 1.92 -12.23
C MET A 32 -1.62 1.28 -11.74
N LYS A 33 -1.55 -0.02 -11.64
CA LYS A 33 -0.30 -0.68 -11.14
C LYS A 33 0.94 -0.13 -11.86
N GLU A 34 0.84 0.06 -13.14
CA GLU A 34 2.01 0.58 -13.92
C GLU A 34 2.42 1.97 -13.41
N GLN A 35 1.51 2.91 -13.41
CA GLN A 35 1.85 4.29 -12.94
C GLN A 35 2.32 4.27 -11.48
N LEU A 36 1.67 3.49 -10.64
CA LEU A 36 2.07 3.42 -9.19
C LEU A 36 3.58 3.25 -9.04
N VAL A 37 4.19 2.46 -9.89
CA VAL A 37 5.65 2.29 -9.78
C VAL A 37 6.33 3.66 -9.93
N GLU A 38 5.83 4.46 -10.83
CA GLU A 38 6.40 5.82 -11.05
C GLU A 38 6.28 6.67 -9.77
N MET A 39 5.15 6.59 -9.11
CA MET A 39 4.92 7.42 -7.88
C MET A 39 6.03 7.23 -6.84
N THR A 40 6.32 6.02 -6.47
CA THR A 40 7.37 5.79 -5.43
C THR A 40 8.71 5.35 -6.05
N GLY A 41 8.70 4.91 -7.28
CA GLY A 41 9.98 4.48 -7.94
C GLY A 41 10.36 3.05 -7.53
N LEU A 42 9.64 2.46 -6.63
CA LEU A 42 9.98 1.07 -6.19
C LEU A 42 9.47 0.05 -7.22
N SER A 43 9.83 -1.20 -7.09
CA SER A 43 9.35 -2.21 -8.06
C SER A 43 7.86 -2.53 -7.83
N PRO A 44 7.25 -3.24 -8.76
CA PRO A 44 5.82 -3.61 -8.63
C PRO A 44 5.63 -4.70 -7.57
N ARG A 45 6.66 -5.44 -7.28
CA ARG A 45 6.56 -6.53 -6.26
C ARG A 45 6.04 -5.99 -4.92
N VAL A 46 6.71 -5.03 -4.36
CA VAL A 46 6.30 -4.47 -3.05
C VAL A 46 4.90 -3.84 -3.12
N ILE A 47 4.53 -3.28 -4.24
CA ILE A 47 3.17 -2.66 -4.36
C ILE A 47 2.09 -3.67 -3.94
N ARG A 48 2.13 -4.85 -4.51
CA ARG A 48 1.11 -5.90 -4.19
C ARG A 48 0.99 -6.12 -2.67
N VAL A 49 2.04 -6.57 -2.04
CA VAL A 49 2.00 -6.86 -0.58
C VAL A 49 1.52 -5.65 0.26
N TRP A 50 1.75 -4.43 -0.18
CA TRP A 50 1.29 -3.26 0.63
C TRP A 50 -0.23 -3.30 0.84
N PHE A 51 -1.00 -3.22 -0.23
CA PHE A 51 -2.50 -3.23 -0.11
C PHE A 51 -2.97 -4.38 0.78
N GLN A 52 -2.32 -5.51 0.69
CA GLN A 52 -2.75 -6.67 1.54
C GLN A 52 -2.77 -6.31 3.02
N ASN A 53 -1.61 -6.24 3.64
CA ASN A 53 -1.55 -5.90 5.10
C ASN A 53 -2.37 -4.64 5.40
N LYS A 54 -2.39 -3.69 4.51
CA LYS A 54 -3.14 -2.43 4.77
C LYS A 54 -4.57 -2.71 5.26
N ARG A 55 -5.33 -3.47 4.52
CA ARG A 55 -6.74 -3.77 4.94
C ARG A 55 -6.78 -4.18 6.42
N CYS A 56 -6.15 -5.27 6.75
CA CYS A 56 -6.15 -5.74 8.17
C CYS A 56 -5.60 -4.65 9.11
N LYS A 57 -4.50 -4.04 8.75
CA LYS A 57 -3.90 -3.00 9.63
C LYS A 57 -4.88 -1.86 9.90
N ASP A 58 -5.52 -1.36 8.89
CA ASP A 58 -6.49 -0.24 9.10
C ASP A 58 -7.17 0.14 7.80
N LYS A 59 -8.37 -0.32 7.60
CA LYS A 59 -9.11 0.00 6.35
C LYS A 59 -9.44 1.50 6.27
N LYS A 60 -10.61 1.89 6.69
CA LYS A 60 -10.98 3.35 6.61
C LYS A 60 -10.46 4.08 7.84
N ARG A 61 -9.92 5.27 7.64
CA ARG A 61 -9.39 6.04 8.80
C ARG A 61 -9.55 7.56 8.58
N SER A 62 -10.46 7.96 7.72
CA SER A 62 -10.67 9.42 7.48
C SER A 62 -12.13 9.80 7.74
N ILE A 63 -12.88 8.93 8.35
CA ILE A 63 -14.31 9.24 8.61
C ILE A 63 -14.47 9.80 10.04
N MET A 64 -15.05 10.97 10.17
CA MET A 64 -15.26 11.57 11.52
C MET A 64 -16.73 11.42 11.93
N MET A 65 -17.01 10.75 13.02
CA MET A 65 -18.44 10.59 13.43
C MET A 65 -18.75 11.56 14.58
N LYS A 66 -19.81 12.33 14.47
CA LYS A 66 -20.15 13.30 15.56
C LYS A 66 -18.94 14.18 15.88
N MET A 1 12.31 -25.33 -1.14
CA MET A 1 11.04 -24.76 -1.66
C MET A 1 10.99 -23.26 -1.41
N LYS A 2 9.87 -22.64 -1.68
CA LYS A 2 9.77 -21.16 -1.47
C LYS A 2 8.98 -20.87 -0.19
N THR A 3 9.46 -19.95 0.61
CA THR A 3 8.74 -19.60 1.87
C THR A 3 9.43 -18.41 2.55
N THR A 4 9.83 -17.42 1.79
CA THR A 4 10.51 -16.23 2.40
C THR A 4 9.54 -15.05 2.47
N ARG A 5 9.54 -14.34 3.57
CA ARG A 5 8.63 -13.17 3.70
C ARG A 5 9.28 -11.93 3.08
N VAL A 6 8.58 -10.84 3.04
CA VAL A 6 9.16 -9.60 2.42
C VAL A 6 9.58 -8.60 3.50
N ARG A 7 10.73 -7.98 3.33
CA ARG A 7 11.21 -6.98 4.32
C ARG A 7 10.74 -5.58 3.93
N THR A 8 10.02 -4.92 4.80
CA THR A 8 9.54 -3.54 4.48
C THR A 8 10.54 -2.52 5.02
N VAL A 9 10.71 -1.41 4.34
CA VAL A 9 11.70 -0.40 4.82
C VAL A 9 11.15 1.03 4.64
N LEU A 10 9.87 1.19 4.48
CA LEU A 10 9.29 2.57 4.35
C LEU A 10 8.81 3.08 5.72
N ASN A 11 8.39 4.31 5.78
CA ASN A 11 7.90 4.88 7.08
C ASN A 11 6.83 5.95 6.81
N GLU A 12 6.67 6.88 7.72
CA GLU A 12 5.66 7.97 7.53
C GLU A 12 5.81 8.62 6.14
N LYS A 13 6.97 8.52 5.54
CA LYS A 13 7.17 9.17 4.21
C LYS A 13 6.38 8.43 3.12
N GLN A 14 6.87 7.30 2.67
CA GLN A 14 6.16 6.54 1.58
C GLN A 14 4.73 6.17 2.01
N LEU A 15 4.50 5.91 3.27
CA LEU A 15 3.12 5.52 3.71
C LEU A 15 2.10 6.57 3.28
N HIS A 16 2.31 7.79 3.71
CA HIS A 16 1.36 8.89 3.36
C HIS A 16 1.07 8.95 1.85
N THR A 17 2.06 8.73 1.03
CA THR A 17 1.84 8.81 -0.45
C THR A 17 0.75 7.82 -0.91
N LEU A 18 1.05 6.55 -0.89
CA LEU A 18 0.07 5.52 -1.36
C LEU A 18 -1.31 5.72 -0.70
N ARG A 19 -1.35 6.17 0.53
CA ARG A 19 -2.66 6.38 1.21
C ARG A 19 -3.64 7.12 0.30
N THR A 20 -3.13 7.91 -0.62
CA THR A 20 -4.02 8.65 -1.55
C THR A 20 -4.70 7.68 -2.51
N CYS A 21 -3.97 6.72 -3.03
CA CYS A 21 -4.57 5.74 -3.99
C CYS A 21 -5.73 4.98 -3.32
N TYR A 22 -5.43 4.23 -2.29
CA TYR A 22 -6.49 3.46 -1.58
C TYR A 22 -7.69 4.35 -1.26
N ALA A 23 -7.44 5.55 -0.79
CA ALA A 23 -8.57 6.49 -0.47
C ALA A 23 -9.45 6.68 -1.70
N ALA A 24 -8.88 6.58 -2.86
CA ALA A 24 -9.65 6.77 -4.12
C ALA A 24 -10.06 5.40 -4.70
N ASN A 25 -9.41 4.36 -4.30
CA ASN A 25 -9.75 3.00 -4.82
C ASN A 25 -9.19 1.90 -3.90
N PRO A 26 -10.07 1.27 -3.16
CA PRO A 26 -9.65 0.19 -2.22
C PRO A 26 -9.35 -1.12 -2.97
N ARG A 27 -9.50 -1.11 -4.27
CA ARG A 27 -9.25 -2.36 -5.06
C ARG A 27 -8.71 -1.99 -6.45
N PRO A 28 -7.42 -1.76 -6.50
CA PRO A 28 -6.77 -1.40 -7.77
C PRO A 28 -6.36 -2.67 -8.52
N ASP A 29 -5.65 -2.54 -9.60
CA ASP A 29 -5.22 -3.76 -10.35
C ASP A 29 -4.06 -3.42 -11.30
N ALA A 30 -3.74 -4.31 -12.19
CA ALA A 30 -2.61 -4.09 -13.15
C ALA A 30 -2.68 -2.70 -13.79
N LEU A 31 -3.87 -2.20 -14.03
CA LEU A 31 -4.00 -0.86 -14.68
C LEU A 31 -3.28 0.22 -13.87
N MET A 32 -3.59 0.33 -12.61
CA MET A 32 -2.91 1.37 -11.76
C MET A 32 -1.44 1.01 -11.53
N LYS A 33 -1.13 -0.26 -11.46
CA LYS A 33 0.30 -0.69 -11.22
C LYS A 33 1.26 0.06 -12.13
N GLU A 34 0.82 0.50 -13.28
CA GLU A 34 1.73 1.23 -14.21
C GLU A 34 2.23 2.52 -13.57
N GLN A 35 1.42 3.53 -13.54
CA GLN A 35 1.87 4.82 -12.94
C GLN A 35 2.32 4.61 -11.50
N LEU A 36 1.74 3.66 -10.80
CA LEU A 36 2.16 3.39 -9.39
C LEU A 36 3.70 3.36 -9.30
N VAL A 37 4.34 2.66 -10.21
CA VAL A 37 5.84 2.60 -10.18
C VAL A 37 6.42 4.02 -10.20
N GLU A 38 6.04 4.82 -11.16
CA GLU A 38 6.60 6.22 -11.24
C GLU A 38 6.40 6.98 -9.92
N MET A 39 5.32 6.76 -9.23
CA MET A 39 5.09 7.52 -7.96
C MET A 39 6.19 7.22 -6.94
N THR A 40 6.29 6.00 -6.48
CA THR A 40 7.36 5.66 -5.48
C THR A 40 8.61 5.13 -6.18
N GLY A 41 8.56 5.00 -7.47
CA GLY A 41 9.75 4.48 -8.22
C GLY A 41 10.14 3.08 -7.73
N LEU A 42 9.33 2.47 -6.89
CA LEU A 42 9.66 1.11 -6.38
C LEU A 42 9.15 0.02 -7.35
N SER A 43 9.65 -1.18 -7.25
CA SER A 43 9.20 -2.28 -8.18
C SER A 43 7.75 -2.70 -7.88
N PRO A 44 7.23 -3.57 -8.72
CA PRO A 44 5.83 -4.05 -8.53
C PRO A 44 5.73 -4.99 -7.33
N ARG A 45 6.81 -5.66 -6.99
CA ARG A 45 6.77 -6.60 -5.84
C ARG A 45 6.22 -5.92 -4.57
N VAL A 46 6.84 -4.84 -4.16
CA VAL A 46 6.37 -4.13 -2.91
C VAL A 46 4.95 -3.58 -3.09
N ILE A 47 4.61 -3.15 -4.28
CA ILE A 47 3.24 -2.60 -4.49
C ILE A 47 2.18 -3.66 -4.14
N ARG A 48 2.31 -4.85 -4.68
CA ARG A 48 1.31 -5.92 -4.40
C ARG A 48 1.10 -6.14 -2.90
N VAL A 49 2.12 -6.52 -2.18
CA VAL A 49 1.94 -6.78 -0.72
C VAL A 49 1.38 -5.58 0.05
N TRP A 50 1.80 -4.38 -0.27
CA TRP A 50 1.28 -3.20 0.49
C TRP A 50 -0.25 -3.17 0.50
N PHE A 51 -0.86 -3.06 -0.65
CA PHE A 51 -2.36 -3.01 -0.70
C PHE A 51 -3.01 -4.12 0.11
N GLN A 52 -2.56 -5.33 -0.04
CA GLN A 52 -3.18 -6.46 0.71
C GLN A 52 -3.31 -6.13 2.21
N ASN A 53 -2.19 -6.06 2.90
CA ASN A 53 -2.24 -5.78 4.37
C ASN A 53 -3.01 -4.49 4.70
N LYS A 54 -3.05 -3.54 3.80
CA LYS A 54 -3.78 -2.26 4.11
C LYS A 54 -5.19 -2.53 4.67
N ARG A 55 -5.87 -3.57 4.21
CA ARG A 55 -7.24 -3.83 4.74
C ARG A 55 -7.23 -3.89 6.28
N CYS A 56 -6.47 -4.80 6.84
CA CYS A 56 -6.41 -4.91 8.33
C CYS A 56 -5.91 -3.60 8.95
N LYS A 57 -4.91 -3.02 8.35
CA LYS A 57 -4.33 -1.76 8.91
C LYS A 57 -5.34 -0.61 8.89
N ASP A 58 -6.23 -0.58 7.93
CA ASP A 58 -7.23 0.55 7.88
C ASP A 58 -8.23 0.34 6.75
N LYS A 59 -9.47 0.68 6.97
CA LYS A 59 -10.48 0.50 5.89
C LYS A 59 -11.83 1.14 6.28
N LYS A 60 -12.69 0.41 6.95
CA LYS A 60 -14.00 0.99 7.34
C LYS A 60 -13.82 1.89 8.57
N ARG A 61 -14.19 3.14 8.46
CA ARG A 61 -14.05 4.08 9.62
C ARG A 61 -15.00 5.28 9.46
N SER A 62 -16.07 5.10 8.75
CA SER A 62 -17.03 6.23 8.55
C SER A 62 -18.26 6.04 9.44
N ILE A 63 -18.54 4.83 9.83
CA ILE A 63 -19.73 4.58 10.70
C ILE A 63 -19.31 4.58 12.18
N MET A 64 -20.14 5.15 13.02
CA MET A 64 -19.79 5.21 14.47
C MET A 64 -18.41 5.84 14.66
N MET A 65 -18.32 7.12 14.48
CA MET A 65 -17.02 7.82 14.65
C MET A 65 -16.89 8.34 16.07
N LYS A 66 -15.82 8.00 16.74
CA LYS A 66 -15.65 8.49 18.14
C LYS A 66 -14.15 8.63 18.47
N MET A 1 11.45 -21.11 6.19
CA MET A 1 11.61 -19.79 6.87
C MET A 1 12.22 -18.79 5.90
N LYS A 2 11.41 -17.93 5.34
CA LYS A 2 11.93 -16.93 4.37
C LYS A 2 12.43 -15.68 5.08
N THR A 3 12.96 -14.74 4.34
CA THR A 3 13.46 -13.48 4.96
C THR A 3 12.27 -12.56 5.34
N THR A 4 11.94 -12.51 6.60
CA THR A 4 10.81 -11.64 7.06
C THR A 4 9.47 -12.11 6.46
N ARG A 5 8.50 -12.37 7.29
CA ARG A 5 7.17 -12.84 6.78
C ARG A 5 6.39 -11.67 6.17
N VAL A 6 5.24 -11.96 5.60
CA VAL A 6 4.40 -10.90 4.98
C VAL A 6 4.08 -9.81 6.00
N ARG A 7 5.05 -8.98 6.30
CA ARG A 7 4.83 -7.90 7.28
C ARG A 7 5.67 -6.67 6.90
N THR A 8 5.54 -6.19 5.68
CA THR A 8 6.33 -4.99 5.27
C THR A 8 5.97 -3.82 6.18
N VAL A 9 6.84 -2.86 6.33
CA VAL A 9 6.52 -1.70 7.21
C VAL A 9 7.33 -0.48 6.77
N LEU A 10 6.78 0.35 5.91
CA LEU A 10 7.50 1.55 5.43
C LEU A 10 7.45 2.67 6.47
N ASN A 11 7.97 3.81 6.14
CA ASN A 11 7.96 4.96 7.08
C ASN A 11 6.82 5.91 6.76
N GLU A 12 6.55 6.83 7.65
CA GLU A 12 5.46 7.81 7.40
C GLU A 12 5.64 8.48 6.04
N LYS A 13 6.86 8.64 5.60
CA LYS A 13 7.09 9.30 4.29
C LYS A 13 6.48 8.49 3.15
N GLN A 14 7.01 7.33 2.85
CA GLN A 14 6.46 6.51 1.74
C GLN A 14 4.98 6.15 2.01
N LEU A 15 4.63 5.86 3.24
CA LEU A 15 3.23 5.47 3.56
C LEU A 15 2.24 6.52 3.06
N HIS A 16 2.39 7.75 3.49
CA HIS A 16 1.46 8.84 3.06
C HIS A 16 1.23 8.82 1.55
N THR A 17 2.26 8.62 0.78
CA THR A 17 2.09 8.62 -0.71
C THR A 17 0.99 7.64 -1.12
N LEU A 18 1.25 6.38 -0.96
CA LEU A 18 0.24 5.35 -1.36
C LEU A 18 -1.13 5.66 -0.73
N ARG A 19 -1.14 6.18 0.46
CA ARG A 19 -2.45 6.49 1.13
C ARG A 19 -3.36 7.35 0.24
N THR A 20 -2.81 8.03 -0.74
CA THR A 20 -3.68 8.87 -1.63
C THR A 20 -4.54 7.98 -2.54
N CYS A 21 -3.93 6.97 -3.11
CA CYS A 21 -4.68 6.06 -4.03
C CYS A 21 -5.81 5.33 -3.29
N TYR A 22 -5.48 4.56 -2.27
CA TYR A 22 -6.53 3.79 -1.52
C TYR A 22 -7.72 4.71 -1.18
N ALA A 23 -7.45 5.86 -0.61
CA ALA A 23 -8.58 6.79 -0.28
C ALA A 23 -9.49 6.97 -1.51
N ALA A 24 -8.98 6.72 -2.69
CA ALA A 24 -9.81 6.86 -3.92
C ALA A 24 -10.41 5.51 -4.34
N ASN A 25 -9.63 4.46 -4.29
CA ASN A 25 -10.16 3.12 -4.69
C ASN A 25 -9.34 2.00 -4.02
N PRO A 26 -10.00 1.18 -3.24
CA PRO A 26 -9.30 0.06 -2.57
C PRO A 26 -9.20 -1.16 -3.51
N ARG A 27 -9.17 -0.96 -4.80
CA ARG A 27 -9.06 -2.12 -5.74
C ARG A 27 -8.33 -1.72 -7.04
N PRO A 28 -7.02 -1.73 -6.99
CA PRO A 28 -6.22 -1.36 -8.17
C PRO A 28 -5.91 -2.62 -9.00
N ASP A 29 -5.40 -2.48 -10.19
CA ASP A 29 -5.08 -3.69 -11.02
C ASP A 29 -4.11 -3.36 -12.14
N ALA A 30 -4.05 -4.19 -13.14
CA ALA A 30 -3.13 -3.97 -14.29
C ALA A 30 -3.17 -2.51 -14.76
N LEU A 31 -4.29 -1.87 -14.59
CA LEU A 31 -4.40 -0.44 -15.01
C LEU A 31 -3.49 0.43 -14.14
N MET A 32 -3.92 0.78 -12.96
CA MET A 32 -3.07 1.64 -12.08
C MET A 32 -1.71 1.00 -11.80
N LYS A 33 -1.61 -0.31 -11.90
CA LYS A 33 -0.30 -0.99 -11.63
C LYS A 33 0.85 -0.28 -12.36
N GLU A 34 0.64 0.13 -13.59
CA GLU A 34 1.73 0.79 -14.36
C GLU A 34 2.20 2.09 -13.68
N GLN A 35 1.37 3.10 -13.64
CA GLN A 35 1.79 4.39 -13.02
C GLN A 35 2.14 4.22 -11.54
N LEU A 36 1.58 3.24 -10.88
CA LEU A 36 1.89 3.02 -9.43
C LEU A 36 3.40 3.02 -9.21
N VAL A 37 4.13 2.45 -10.12
CA VAL A 37 5.61 2.42 -10.00
C VAL A 37 6.13 3.85 -9.93
N GLU A 38 5.73 4.67 -10.86
CA GLU A 38 6.20 6.10 -10.90
C GLU A 38 5.95 6.80 -9.55
N MET A 39 4.84 6.53 -8.91
CA MET A 39 4.53 7.22 -7.61
C MET A 39 5.69 7.08 -6.61
N THR A 40 6.05 5.87 -6.23
CA THR A 40 7.17 5.71 -5.26
C THR A 40 8.46 5.29 -5.97
N GLY A 41 8.39 4.98 -7.24
CA GLY A 41 9.62 4.55 -7.99
C GLY A 41 10.12 3.21 -7.45
N LEU A 42 9.35 2.58 -6.61
CA LEU A 42 9.76 1.27 -6.03
C LEU A 42 9.36 0.14 -6.99
N SER A 43 9.85 -1.05 -6.77
CA SER A 43 9.49 -2.19 -7.67
C SER A 43 8.03 -2.58 -7.48
N PRO A 44 7.50 -3.32 -8.43
CA PRO A 44 6.08 -3.76 -8.34
C PRO A 44 5.90 -4.79 -7.22
N ARG A 45 6.96 -5.46 -6.83
CA ARG A 45 6.82 -6.47 -5.73
C ARG A 45 6.21 -5.85 -4.47
N VAL A 46 6.91 -4.92 -3.87
CA VAL A 46 6.41 -4.28 -2.62
C VAL A 46 5.04 -3.62 -2.85
N ILE A 47 4.74 -3.27 -4.06
CA ILE A 47 3.41 -2.62 -4.34
C ILE A 47 2.26 -3.60 -4.05
N ARG A 48 2.37 -4.82 -4.50
CA ARG A 48 1.28 -5.81 -4.26
C ARG A 48 1.01 -6.02 -2.76
N VAL A 49 2.00 -6.42 -2.01
CA VAL A 49 1.79 -6.68 -0.56
C VAL A 49 1.34 -5.43 0.21
N TRP A 50 1.72 -4.26 -0.24
CA TRP A 50 1.31 -3.04 0.51
C TRP A 50 -0.21 -3.00 0.64
N PHE A 51 -0.90 -2.97 -0.48
CA PHE A 51 -2.39 -2.93 -0.46
C PHE A 51 -2.95 -4.12 0.35
N GLN A 52 -2.36 -5.27 0.19
CA GLN A 52 -2.86 -6.48 0.91
C GLN A 52 -3.00 -6.22 2.41
N ASN A 53 -1.91 -6.23 3.14
CA ASN A 53 -1.97 -6.00 4.61
C ASN A 53 -2.83 -4.78 4.98
N LYS A 54 -2.83 -3.76 4.17
CA LYS A 54 -3.64 -2.54 4.50
C LYS A 54 -4.97 -2.91 5.15
N ARG A 55 -5.64 -3.91 4.62
CA ARG A 55 -6.95 -4.35 5.19
C ARG A 55 -6.90 -4.41 6.72
N CYS A 56 -5.88 -5.01 7.26
CA CYS A 56 -5.78 -5.13 8.74
C CYS A 56 -5.78 -3.75 9.42
N LYS A 57 -4.83 -2.91 9.11
CA LYS A 57 -4.77 -1.56 9.76
C LYS A 57 -6.02 -0.73 9.38
N ASP A 58 -6.48 -0.87 8.18
CA ASP A 58 -7.67 -0.09 7.72
C ASP A 58 -8.91 -0.45 8.55
N LYS A 59 -8.88 -1.53 9.29
CA LYS A 59 -10.08 -1.92 10.09
C LYS A 59 -10.35 -0.88 11.19
N LYS A 60 -9.43 0.00 11.45
CA LYS A 60 -9.65 1.03 12.51
C LYS A 60 -10.19 2.32 11.88
N ARG A 61 -9.56 2.79 10.84
CA ARG A 61 -10.02 4.05 10.16
C ARG A 61 -10.16 5.19 11.18
N SER A 62 -11.35 5.45 11.68
CA SER A 62 -11.51 6.56 12.68
C SER A 62 -12.92 6.56 13.28
N ILE A 63 -13.21 7.51 14.14
CA ILE A 63 -14.56 7.57 14.77
C ILE A 63 -15.50 8.43 13.93
N MET A 64 -16.66 7.93 13.61
CA MET A 64 -17.62 8.70 12.78
C MET A 64 -19.03 8.60 13.39
N MET A 65 -19.11 8.64 14.70
CA MET A 65 -20.44 8.54 15.38
C MET A 65 -21.14 7.22 15.00
N LYS A 66 -21.36 6.35 15.94
CA LYS A 66 -22.04 5.06 15.65
C LYS A 66 -23.42 5.30 15.01
N MET A 1 11.77 -16.65 10.41
CA MET A 1 11.21 -16.72 11.79
C MET A 1 9.84 -16.05 11.85
N LYS A 2 9.02 -16.45 12.77
CA LYS A 2 7.65 -15.86 12.87
C LYS A 2 6.93 -15.94 11.51
N THR A 3 7.30 -16.90 10.69
CA THR A 3 6.62 -17.06 9.36
C THR A 3 6.90 -15.84 8.45
N THR A 4 8.07 -15.25 8.55
CA THR A 4 8.42 -14.07 7.70
C THR A 4 7.42 -12.92 7.90
N ARG A 5 7.84 -11.87 8.57
CA ARG A 5 6.94 -10.70 8.79
C ARG A 5 7.06 -9.74 7.60
N VAL A 6 6.51 -8.55 7.72
CA VAL A 6 6.60 -7.57 6.60
C VAL A 6 8.06 -7.41 6.14
N ARG A 7 8.29 -7.35 4.85
CA ARG A 7 9.68 -7.20 4.33
C ARG A 7 9.98 -5.71 4.13
N THR A 8 11.22 -5.30 4.33
CA THR A 8 11.57 -3.86 4.13
C THR A 8 10.59 -2.96 4.91
N VAL A 9 10.95 -2.55 6.10
CA VAL A 9 10.03 -1.68 6.89
C VAL A 9 10.01 -0.27 6.27
N LEU A 10 9.16 0.61 6.74
CA LEU A 10 9.10 1.99 6.16
C LEU A 10 8.66 2.98 7.23
N ASN A 11 8.27 4.16 6.83
CA ASN A 11 7.80 5.16 7.83
C ASN A 11 6.78 6.10 7.19
N GLU A 12 6.48 7.19 7.86
CA GLU A 12 5.48 8.17 7.33
C GLU A 12 5.84 8.71 5.94
N LYS A 13 7.02 8.45 5.45
CA LYS A 13 7.41 9.00 4.12
C LYS A 13 6.55 8.40 2.99
N GLN A 14 6.88 7.23 2.54
CA GLN A 14 6.11 6.58 1.42
C GLN A 14 4.66 6.26 1.83
N LEU A 15 4.44 5.88 3.06
CA LEU A 15 3.06 5.53 3.51
C LEU A 15 2.06 6.61 3.10
N HIS A 16 2.33 7.84 3.45
CA HIS A 16 1.39 8.95 3.10
C HIS A 16 1.04 8.92 1.60
N THR A 17 2.00 8.72 0.75
CA THR A 17 1.72 8.70 -0.72
C THR A 17 0.61 7.68 -1.05
N LEU A 18 0.91 6.40 -0.91
CA LEU A 18 -0.11 5.34 -1.22
C LEU A 18 -1.44 5.66 -0.50
N ARG A 19 -1.39 6.31 0.63
CA ARG A 19 -2.65 6.66 1.35
C ARG A 19 -3.63 7.37 0.42
N THR A 20 -3.12 8.09 -0.55
CA THR A 20 -4.04 8.82 -1.49
C THR A 20 -4.80 7.84 -2.37
N CYS A 21 -4.14 6.83 -2.86
CA CYS A 21 -4.79 5.82 -3.75
C CYS A 21 -5.99 5.14 -3.03
N TYR A 22 -5.72 4.35 -2.01
CA TYR A 22 -6.81 3.63 -1.27
C TYR A 22 -8.02 4.53 -1.03
N ALA A 23 -7.83 5.69 -0.47
CA ALA A 23 -8.98 6.60 -0.21
C ALA A 23 -9.78 6.85 -1.49
N ALA A 24 -9.18 6.65 -2.63
CA ALA A 24 -9.91 6.88 -3.91
C ALA A 24 -10.42 5.55 -4.47
N ASN A 25 -9.65 4.51 -4.31
CA ASN A 25 -10.07 3.17 -4.83
C ASN A 25 -9.23 2.06 -4.16
N PRO A 26 -9.87 1.33 -3.28
CA PRO A 26 -9.17 0.23 -2.57
C PRO A 26 -8.93 -0.99 -3.48
N ARG A 27 -8.90 -0.81 -4.77
CA ARG A 27 -8.65 -1.98 -5.68
C ARG A 27 -8.05 -1.51 -7.00
N PRO A 28 -6.73 -1.52 -7.07
CA PRO A 28 -6.06 -1.08 -8.30
C PRO A 28 -6.02 -2.23 -9.32
N ASP A 29 -5.47 -2.01 -10.48
CA ASP A 29 -5.40 -3.11 -11.49
C ASP A 29 -4.36 -2.81 -12.56
N ALA A 30 -4.31 -3.62 -13.58
CA ALA A 30 -3.32 -3.42 -14.68
C ALA A 30 -3.13 -1.94 -15.04
N LEU A 31 -4.16 -1.15 -14.95
CA LEU A 31 -4.02 0.29 -15.30
C LEU A 31 -3.15 1.02 -14.27
N MET A 32 -3.71 1.41 -13.16
CA MET A 32 -2.91 2.14 -12.13
C MET A 32 -1.65 1.35 -11.73
N LYS A 33 -1.68 0.04 -11.77
CA LYS A 33 -0.45 -0.75 -11.38
C LYS A 33 0.78 -0.25 -12.14
N GLU A 34 0.66 0.02 -13.40
CA GLU A 34 1.84 0.51 -14.17
C GLU A 34 2.28 1.89 -13.68
N GLN A 35 1.36 2.84 -13.63
CA GLN A 35 1.72 4.22 -13.16
C GLN A 35 2.26 4.18 -11.73
N LEU A 36 1.70 3.34 -10.90
CA LEU A 36 2.17 3.26 -9.48
C LEU A 36 3.70 3.21 -9.45
N VAL A 37 4.31 2.46 -10.33
CA VAL A 37 5.79 2.40 -10.36
C VAL A 37 6.38 3.80 -10.53
N GLU A 38 5.96 4.51 -11.55
CA GLU A 38 6.50 5.88 -11.81
C GLU A 38 6.37 6.77 -10.56
N MET A 39 5.33 6.60 -9.78
CA MET A 39 5.15 7.47 -8.57
C MET A 39 6.29 7.30 -7.56
N THR A 40 6.36 6.18 -6.92
CA THR A 40 7.44 5.96 -5.91
C THR A 40 8.63 5.21 -6.54
N GLY A 41 8.55 4.90 -7.81
CA GLY A 41 9.69 4.18 -8.49
C GLY A 41 10.06 2.89 -7.75
N LEU A 42 9.26 2.46 -6.80
CA LEU A 42 9.59 1.21 -6.06
C LEU A 42 9.08 0.00 -6.85
N SER A 43 9.69 -1.16 -6.68
CA SER A 43 9.24 -2.34 -7.47
C SER A 43 7.80 -2.71 -7.10
N PRO A 44 7.18 -3.48 -7.96
CA PRO A 44 5.78 -3.90 -7.73
C PRO A 44 5.72 -4.87 -6.55
N ARG A 45 6.82 -5.50 -6.24
CA ARG A 45 6.86 -6.47 -5.11
C ARG A 45 6.33 -5.82 -3.83
N VAL A 46 6.93 -4.75 -3.42
CA VAL A 46 6.50 -4.04 -2.18
C VAL A 46 5.05 -3.57 -2.29
N ILE A 47 4.62 -3.12 -3.45
CA ILE A 47 3.21 -2.63 -3.60
C ILE A 47 2.23 -3.79 -3.40
N ARG A 48 2.51 -4.92 -3.98
CA ARG A 48 1.59 -6.11 -3.85
C ARG A 48 1.20 -6.36 -2.39
N VAL A 49 2.14 -6.73 -1.58
CA VAL A 49 1.84 -7.03 -0.14
C VAL A 49 1.26 -5.80 0.59
N TRP A 50 1.70 -4.61 0.25
CA TRP A 50 1.16 -3.39 0.96
C TRP A 50 -0.38 -3.37 0.92
N PHE A 51 -0.95 -3.29 -0.26
CA PHE A 51 -2.44 -3.25 -0.35
C PHE A 51 -3.05 -4.43 0.42
N GLN A 52 -2.63 -5.63 0.12
CA GLN A 52 -3.16 -6.83 0.84
C GLN A 52 -3.02 -6.65 2.36
N ASN A 53 -1.82 -6.48 2.84
CA ASN A 53 -1.60 -6.31 4.31
C ASN A 53 -2.43 -5.14 4.87
N LYS A 54 -2.57 -4.10 4.10
CA LYS A 54 -3.31 -2.89 4.58
C LYS A 54 -4.59 -3.28 5.34
N ARG A 55 -5.41 -4.11 4.76
CA ARG A 55 -6.68 -4.51 5.43
C ARG A 55 -6.42 -4.96 6.89
N CYS A 56 -5.56 -5.92 7.09
CA CYS A 56 -5.28 -6.41 8.48
C CYS A 56 -4.89 -5.23 9.39
N LYS A 57 -4.02 -4.37 8.93
CA LYS A 57 -3.61 -3.21 9.77
C LYS A 57 -4.79 -2.26 9.99
N ASP A 58 -5.65 -2.14 9.02
CA ASP A 58 -6.83 -1.23 9.16
C ASP A 58 -7.73 -1.66 10.33
N LYS A 59 -7.59 -2.88 10.80
CA LYS A 59 -8.43 -3.38 11.95
C LYS A 59 -9.82 -2.72 11.97
N LYS A 60 -10.51 -2.69 10.86
CA LYS A 60 -11.86 -2.04 10.81
C LYS A 60 -11.73 -0.58 11.21
N ARG A 61 -11.66 -0.29 12.48
CA ARG A 61 -11.52 1.13 12.92
C ARG A 61 -12.60 1.99 12.28
N SER A 62 -12.56 3.29 12.50
CA SER A 62 -13.59 4.19 11.89
C SER A 62 -14.98 3.83 12.37
N ILE A 63 -15.27 4.03 13.62
CA ILE A 63 -16.62 3.70 14.15
C ILE A 63 -17.46 4.97 14.24
N MET A 64 -18.52 5.07 13.48
CA MET A 64 -19.38 6.29 13.54
C MET A 64 -20.20 6.28 14.84
N MET A 65 -20.78 7.40 15.20
CA MET A 65 -21.60 7.45 16.45
C MET A 65 -22.89 6.64 16.28
N LYS A 66 -23.13 5.66 17.12
CA LYS A 66 -24.36 4.83 16.98
C LYS A 66 -25.30 5.05 18.18
N MET A 1 8.20 -23.67 -2.48
CA MET A 1 9.65 -23.37 -2.60
C MET A 1 9.90 -21.87 -2.40
N LYS A 2 10.89 -21.53 -1.62
CA LYS A 2 11.18 -20.07 -1.36
C LYS A 2 11.47 -19.37 -2.69
N THR A 3 11.48 -18.06 -2.70
CA THR A 3 11.76 -17.30 -3.96
C THR A 3 11.75 -15.79 -3.67
N THR A 4 10.86 -15.34 -2.82
CA THR A 4 10.81 -13.89 -2.51
C THR A 4 10.18 -13.65 -1.13
N ARG A 5 10.94 -13.82 -0.07
CA ARG A 5 10.39 -13.59 1.29
C ARG A 5 10.18 -12.09 1.56
N VAL A 6 9.29 -11.76 2.46
CA VAL A 6 9.02 -10.34 2.80
C VAL A 6 10.13 -9.80 3.71
N ARG A 7 10.74 -8.70 3.34
CA ARG A 7 11.83 -8.15 4.20
C ARG A 7 11.90 -6.62 4.09
N THR A 8 10.93 -6.01 3.46
CA THR A 8 10.93 -4.52 3.33
C THR A 8 10.52 -3.92 4.68
N VAL A 9 10.51 -2.62 4.79
CA VAL A 9 10.11 -1.96 6.07
C VAL A 9 10.09 -0.43 5.87
N LEU A 10 9.08 0.24 6.37
CA LEU A 10 8.99 1.72 6.18
C LEU A 10 7.94 2.32 7.14
N ASN A 11 7.59 3.58 6.95
CA ASN A 11 6.59 4.21 7.85
C ASN A 11 5.90 5.40 7.14
N GLU A 12 5.57 6.43 7.88
CA GLU A 12 4.87 7.61 7.29
C GLU A 12 5.54 8.16 6.02
N LYS A 13 6.72 7.73 5.65
CA LYS A 13 7.33 8.31 4.43
C LYS A 13 6.56 7.85 3.18
N GLN A 14 6.80 6.66 2.70
CA GLN A 14 6.07 6.18 1.48
C GLN A 14 4.57 6.05 1.75
N LEU A 15 4.21 5.66 2.94
CA LEU A 15 2.76 5.51 3.29
C LEU A 15 1.96 6.70 2.81
N HIS A 16 2.41 7.87 3.15
CA HIS A 16 1.69 9.11 2.75
C HIS A 16 1.28 9.08 1.28
N THR A 17 2.21 8.92 0.39
CA THR A 17 1.82 8.91 -1.05
C THR A 17 0.75 7.85 -1.30
N LEU A 18 1.08 6.60 -1.14
CA LEU A 18 0.07 5.52 -1.35
C LEU A 18 -1.20 5.78 -0.55
N ARG A 19 -1.08 6.30 0.65
CA ARG A 19 -2.28 6.56 1.51
C ARG A 19 -3.40 7.26 0.71
N THR A 20 -3.04 8.13 -0.20
CA THR A 20 -4.08 8.87 -1.00
C THR A 20 -4.76 7.94 -2.00
N CYS A 21 -4.02 7.05 -2.58
CA CYS A 21 -4.62 6.12 -3.58
C CYS A 21 -5.76 5.31 -2.96
N TYR A 22 -5.47 4.59 -1.92
CA TYR A 22 -6.52 3.75 -1.25
C TYR A 22 -7.81 4.54 -1.01
N ALA A 23 -7.73 5.68 -0.36
CA ALA A 23 -8.99 6.46 -0.07
C ALA A 23 -9.79 6.69 -1.34
N ALA A 24 -9.14 6.77 -2.47
CA ALA A 24 -9.86 7.02 -3.74
C ALA A 24 -9.99 5.74 -4.58
N ASN A 25 -9.32 4.70 -4.18
CA ASN A 25 -9.40 3.43 -4.96
C ASN A 25 -8.82 2.28 -4.14
N PRO A 26 -9.69 1.58 -3.44
CA PRO A 26 -9.22 0.45 -2.60
C PRO A 26 -9.08 -0.83 -3.44
N ARG A 27 -8.80 -0.70 -4.72
CA ARG A 27 -8.67 -1.94 -5.57
C ARG A 27 -7.87 -1.68 -6.85
N PRO A 28 -6.62 -1.35 -6.70
CA PRO A 28 -5.74 -1.13 -7.88
C PRO A 28 -5.49 -2.46 -8.57
N ASP A 29 -5.04 -2.43 -9.80
CA ASP A 29 -4.78 -3.71 -10.52
C ASP A 29 -3.75 -3.48 -11.65
N ALA A 30 -3.60 -4.42 -12.53
CA ALA A 30 -2.60 -4.29 -13.63
C ALA A 30 -2.69 -2.92 -14.34
N LEU A 31 -3.86 -2.36 -14.41
CA LEU A 31 -4.00 -1.04 -15.11
C LEU A 31 -3.17 0.04 -14.41
N MET A 32 -3.69 0.63 -13.37
CA MET A 32 -2.94 1.69 -12.67
C MET A 32 -1.66 1.15 -12.03
N LYS A 33 -1.55 -0.14 -11.87
CA LYS A 33 -0.32 -0.71 -11.23
C LYS A 33 0.94 -0.14 -11.89
N GLU A 34 0.96 -0.07 -13.20
CA GLU A 34 2.17 0.47 -13.90
C GLU A 34 2.40 1.94 -13.53
N GLN A 35 1.37 2.75 -13.59
CA GLN A 35 1.55 4.19 -13.26
C GLN A 35 2.08 4.33 -11.82
N LEU A 36 1.49 3.65 -10.88
CA LEU A 36 1.96 3.73 -9.46
C LEU A 36 3.48 3.53 -9.36
N VAL A 37 4.05 2.63 -10.12
CA VAL A 37 5.52 2.41 -10.04
C VAL A 37 6.24 3.77 -10.17
N GLU A 38 5.87 4.58 -11.13
CA GLU A 38 6.54 5.91 -11.27
C GLU A 38 6.32 6.77 -10.01
N MET A 39 5.15 6.72 -9.43
CA MET A 39 4.87 7.59 -8.24
C MET A 39 5.92 7.38 -7.13
N THR A 40 6.22 6.15 -6.76
CA THR A 40 7.25 5.93 -5.70
C THR A 40 8.54 5.38 -6.33
N GLY A 41 8.51 5.04 -7.61
CA GLY A 41 9.76 4.52 -8.28
C GLY A 41 10.09 3.12 -7.74
N LEU A 42 9.40 2.68 -6.74
CA LEU A 42 9.66 1.34 -6.15
C LEU A 42 9.09 0.25 -7.07
N SER A 43 9.58 -0.95 -6.95
CA SER A 43 9.10 -2.06 -7.81
C SER A 43 7.64 -2.43 -7.47
N PRO A 44 7.02 -3.19 -8.35
CA PRO A 44 5.62 -3.62 -8.12
C PRO A 44 5.56 -4.63 -6.97
N ARG A 45 6.68 -5.21 -6.63
CA ARG A 45 6.73 -6.23 -5.53
C ARG A 45 6.02 -5.68 -4.28
N VAL A 46 6.46 -4.56 -3.82
CA VAL A 46 5.84 -3.95 -2.61
C VAL A 46 4.40 -3.52 -2.91
N ILE A 47 4.16 -2.97 -4.07
CA ILE A 47 2.79 -2.50 -4.42
C ILE A 47 1.76 -3.60 -4.11
N ARG A 48 1.95 -4.78 -4.63
CA ARG A 48 0.99 -5.89 -4.36
C ARG A 48 0.84 -6.18 -2.86
N VAL A 49 1.88 -6.66 -2.23
CA VAL A 49 1.79 -6.99 -0.76
C VAL A 49 1.36 -5.77 0.08
N TRP A 50 1.73 -4.57 -0.29
CA TRP A 50 1.33 -3.37 0.54
C TRP A 50 -0.19 -3.35 0.74
N PHE A 51 -0.94 -3.12 -0.31
CA PHE A 51 -2.43 -3.07 -0.19
C PHE A 51 -2.95 -4.27 0.60
N GLN A 52 -2.45 -5.45 0.30
CA GLN A 52 -2.92 -6.67 1.04
C GLN A 52 -2.91 -6.40 2.54
N ASN A 53 -1.74 -6.21 3.10
CA ASN A 53 -1.64 -5.92 4.55
C ASN A 53 -2.53 -4.73 4.94
N LYS A 54 -2.60 -3.73 4.10
CA LYS A 54 -3.44 -2.53 4.42
C LYS A 54 -4.84 -2.97 4.92
N ARG A 55 -5.47 -3.90 4.26
CA ARG A 55 -6.83 -4.37 4.68
C ARG A 55 -6.89 -4.65 6.18
N CYS A 56 -6.08 -5.58 6.66
CA CYS A 56 -6.08 -5.90 8.12
C CYS A 56 -5.82 -4.63 8.94
N LYS A 57 -4.76 -3.93 8.62
CA LYS A 57 -4.42 -2.68 9.37
C LYS A 57 -5.52 -1.65 9.23
N ASP A 58 -6.20 -1.64 8.11
CA ASP A 58 -7.28 -0.65 7.91
C ASP A 58 -8.41 -0.85 8.94
N LYS A 59 -8.81 -2.08 9.18
CA LYS A 59 -9.90 -2.33 10.18
C LYS A 59 -9.45 -1.94 11.59
N LYS A 60 -8.16 -1.93 11.83
CA LYS A 60 -7.64 -1.55 13.18
C LYS A 60 -7.56 -0.02 13.31
N ARG A 61 -6.91 0.47 14.34
CA ARG A 61 -6.80 1.96 14.53
C ARG A 61 -8.17 2.63 14.43
N SER A 62 -9.17 2.06 15.05
CA SER A 62 -10.53 2.67 14.99
C SER A 62 -10.88 3.33 16.34
N ILE A 63 -12.15 3.62 16.54
CA ILE A 63 -12.58 4.29 17.80
C ILE A 63 -12.35 3.38 19.02
N MET A 64 -11.90 3.95 20.11
CA MET A 64 -11.62 3.15 21.34
C MET A 64 -12.89 2.59 21.99
N MET A 65 -12.86 1.35 22.42
CA MET A 65 -14.04 0.73 23.08
C MET A 65 -13.95 0.96 24.61
N LYS A 66 -15.07 0.95 25.29
CA LYS A 66 -15.05 1.15 26.78
C LYS A 66 -15.77 -0.01 27.47
N MET A 1 -1.45 -21.93 4.04
CA MET A 1 -0.63 -21.00 4.87
C MET A 1 0.33 -20.20 3.97
N LYS A 2 0.74 -19.05 4.41
CA LYS A 2 1.69 -18.23 3.59
C LYS A 2 3.12 -18.77 3.71
N THR A 3 3.88 -18.66 2.66
CA THR A 3 5.29 -19.16 2.70
C THR A 3 6.27 -18.01 2.49
N THR A 4 6.03 -17.19 1.51
CA THR A 4 6.94 -16.04 1.23
C THR A 4 7.31 -15.29 2.51
N ARG A 5 8.49 -14.74 2.56
CA ARG A 5 8.92 -13.99 3.78
C ARG A 5 8.82 -12.48 3.54
N VAL A 6 8.32 -11.74 4.50
CA VAL A 6 8.19 -10.26 4.33
C VAL A 6 9.35 -9.54 5.06
N ARG A 7 9.67 -8.33 4.65
CA ARG A 7 10.79 -7.59 5.32
C ARG A 7 10.75 -6.09 4.97
N THR A 8 9.91 -5.71 4.04
CA THR A 8 9.81 -4.26 3.64
C THR A 8 9.47 -3.37 4.83
N VAL A 9 10.06 -2.21 4.90
CA VAL A 9 9.80 -1.27 6.04
C VAL A 9 9.89 0.19 5.53
N LEU A 10 8.79 0.81 5.23
CA LEU A 10 8.81 2.22 4.71
C LEU A 10 8.53 3.20 5.85
N ASN A 11 8.27 4.46 5.53
CA ASN A 11 7.96 5.44 6.61
C ASN A 11 6.95 6.50 6.14
N GLU A 12 6.79 7.55 6.89
CA GLU A 12 5.81 8.64 6.55
C GLU A 12 5.88 9.09 5.09
N LYS A 13 7.02 8.98 4.45
CA LYS A 13 7.14 9.45 3.03
C LYS A 13 6.41 8.46 2.09
N GLN A 14 6.88 7.24 2.02
CA GLN A 14 6.23 6.22 1.11
C GLN A 14 4.76 6.05 1.49
N LEU A 15 4.48 5.92 2.76
CA LEU A 15 3.08 5.73 3.25
C LEU A 15 2.13 6.75 2.62
N HIS A 16 2.47 8.01 2.70
CA HIS A 16 1.59 9.08 2.14
C HIS A 16 1.17 8.77 0.70
N THR A 17 2.09 8.36 -0.12
CA THR A 17 1.74 8.06 -1.53
C THR A 17 0.62 7.01 -1.59
N LEU A 18 0.87 5.83 -1.10
CA LEU A 18 -0.18 4.76 -1.13
C LEU A 18 -1.44 5.19 -0.38
N ARG A 19 -1.29 5.93 0.68
CA ARG A 19 -2.49 6.38 1.47
C ARG A 19 -3.57 7.01 0.58
N THR A 20 -3.21 7.85 -0.35
CA THR A 20 -4.25 8.47 -1.22
C THR A 20 -4.79 7.44 -2.22
N CYS A 21 -3.99 6.50 -2.63
CA CYS A 21 -4.45 5.48 -3.60
C CYS A 21 -5.67 4.74 -3.04
N TYR A 22 -5.49 4.00 -1.97
CA TYR A 22 -6.64 3.26 -1.36
C TYR A 22 -7.85 4.18 -1.15
N ALA A 23 -7.67 5.29 -0.47
CA ALA A 23 -8.83 6.20 -0.22
C ALA A 23 -9.54 6.54 -1.54
N ALA A 24 -8.80 6.66 -2.60
CA ALA A 24 -9.42 6.98 -3.92
C ALA A 24 -9.61 5.69 -4.74
N ASN A 25 -9.05 4.61 -4.29
CA ASN A 25 -9.20 3.31 -5.03
C ASN A 25 -8.76 2.15 -4.13
N PRO A 26 -9.71 1.56 -3.44
CA PRO A 26 -9.40 0.43 -2.53
C PRO A 26 -8.97 -0.85 -3.29
N ARG A 27 -9.03 -0.87 -4.59
CA ARG A 27 -8.59 -2.10 -5.33
C ARG A 27 -8.01 -1.75 -6.71
N PRO A 28 -6.77 -1.34 -6.73
CA PRO A 28 -6.11 -0.97 -8.02
C PRO A 28 -5.86 -2.19 -8.91
N ASP A 29 -5.44 -1.98 -10.13
CA ASP A 29 -5.19 -3.15 -11.05
C ASP A 29 -4.18 -2.78 -12.15
N ALA A 30 -4.11 -3.57 -13.19
CA ALA A 30 -3.15 -3.30 -14.32
C ALA A 30 -3.18 -1.82 -14.72
N LEU A 31 -4.28 -1.16 -14.49
CA LEU A 31 -4.39 0.29 -14.84
C LEU A 31 -3.39 1.09 -13.99
N MET A 32 -3.75 1.39 -12.77
CA MET A 32 -2.84 2.18 -11.90
C MET A 32 -1.49 1.45 -11.68
N LYS A 33 -1.46 0.15 -11.86
CA LYS A 33 -0.18 -0.61 -11.67
C LYS A 33 0.99 0.06 -12.40
N GLU A 34 0.78 0.48 -13.61
CA GLU A 34 1.88 1.12 -14.39
C GLU A 34 2.40 2.38 -13.69
N GLN A 35 1.56 3.33 -13.47
CA GLN A 35 2.01 4.58 -12.80
C GLN A 35 2.48 4.30 -11.37
N LEU A 36 1.87 3.36 -10.70
CA LEU A 36 2.28 3.03 -9.28
C LEU A 36 3.80 2.93 -9.17
N VAL A 37 4.44 2.22 -10.06
CA VAL A 37 5.95 2.11 -10.00
C VAL A 37 6.60 3.50 -10.03
N GLU A 38 6.34 4.26 -11.06
CA GLU A 38 6.94 5.62 -11.18
C GLU A 38 6.60 6.47 -9.95
N MET A 39 5.41 6.30 -9.42
CA MET A 39 4.98 7.11 -8.26
C MET A 39 5.88 6.85 -7.04
N THR A 40 6.19 5.62 -6.75
CA THR A 40 7.04 5.34 -5.56
C THR A 40 8.53 5.18 -5.96
N GLY A 41 8.82 5.16 -7.24
CA GLY A 41 10.24 5.05 -7.68
C GLY A 41 10.82 3.66 -7.35
N LEU A 42 10.01 2.64 -7.32
CA LEU A 42 10.56 1.28 -7.03
C LEU A 42 9.66 0.19 -7.62
N SER A 43 9.94 -1.07 -7.37
CA SER A 43 9.13 -2.18 -7.96
C SER A 43 7.70 -2.22 -7.37
N PRO A 44 6.84 -2.94 -8.04
CA PRO A 44 5.44 -3.08 -7.57
C PRO A 44 5.39 -4.04 -6.37
N ARG A 45 6.42 -4.82 -6.17
CA ARG A 45 6.42 -5.79 -5.03
C ARG A 45 5.91 -5.14 -3.74
N VAL A 46 6.42 -3.98 -3.43
CA VAL A 46 5.98 -3.27 -2.20
C VAL A 46 4.49 -2.97 -2.27
N ILE A 47 4.03 -2.40 -3.35
CA ILE A 47 2.58 -2.08 -3.49
C ILE A 47 1.77 -3.39 -3.44
N ARG A 48 2.28 -4.43 -4.05
CA ARG A 48 1.54 -5.73 -4.06
C ARG A 48 1.15 -6.17 -2.65
N VAL A 49 2.10 -6.61 -1.87
CA VAL A 49 1.79 -7.08 -0.50
C VAL A 49 1.19 -5.94 0.35
N TRP A 50 1.46 -4.70 0.01
CA TRP A 50 0.90 -3.56 0.82
C TRP A 50 -0.63 -3.65 0.91
N PHE A 51 -1.32 -3.54 -0.20
CA PHE A 51 -2.82 -3.59 -0.19
C PHE A 51 -3.32 -4.82 0.58
N GLN A 52 -2.65 -5.93 0.46
CA GLN A 52 -3.07 -7.16 1.18
C GLN A 52 -3.22 -6.89 2.68
N ASN A 53 -2.14 -6.93 3.41
CA ASN A 53 -2.20 -6.68 4.90
C ASN A 53 -3.03 -5.45 5.25
N LYS A 54 -3.16 -4.51 4.34
CA LYS A 54 -3.96 -3.28 4.64
C LYS A 54 -5.31 -3.63 5.28
N ARG A 55 -5.93 -4.69 4.83
CA ARG A 55 -7.25 -5.08 5.40
C ARG A 55 -7.25 -5.10 6.93
N CYS A 56 -6.69 -6.11 7.51
CA CYS A 56 -6.67 -6.21 9.01
C CYS A 56 -5.99 -5.00 9.65
N LYS A 57 -4.92 -4.54 9.08
CA LYS A 57 -4.20 -3.38 9.66
C LYS A 57 -5.10 -2.14 9.68
N ASP A 58 -5.80 -1.91 8.60
CA ASP A 58 -6.70 -0.72 8.55
C ASP A 58 -7.73 -0.79 9.69
N LYS A 59 -7.73 0.20 10.54
CA LYS A 59 -8.71 0.22 11.67
C LYS A 59 -8.63 1.56 12.41
N LYS A 60 -9.71 2.29 12.44
CA LYS A 60 -9.72 3.62 13.13
C LYS A 60 -8.79 4.61 12.43
N ARG A 61 -8.31 4.29 11.25
CA ARG A 61 -7.41 5.23 10.51
C ARG A 61 -7.99 5.56 9.12
N SER A 62 -9.19 5.11 8.85
CA SER A 62 -9.80 5.36 7.51
C SER A 62 -9.84 6.85 7.17
N ILE A 63 -10.63 7.20 6.19
CA ILE A 63 -10.74 8.63 5.77
C ILE A 63 -11.48 9.45 6.83
N MET A 64 -10.89 10.52 7.28
CA MET A 64 -11.56 11.37 8.31
C MET A 64 -12.19 12.60 7.64
N MET A 65 -11.40 13.58 7.28
CA MET A 65 -11.95 14.80 6.63
C MET A 65 -12.84 15.56 7.62
N LYS A 66 -12.26 16.50 8.32
CA LYS A 66 -13.03 17.29 9.31
C LYS A 66 -13.65 18.52 8.64
N MET A 1 26.58 -7.60 -9.92
CA MET A 1 25.81 -6.49 -10.57
C MET A 1 24.34 -6.56 -10.16
N LYS A 2 23.62 -5.47 -10.29
CA LYS A 2 22.18 -5.48 -9.92
C LYS A 2 21.99 -6.02 -8.49
N THR A 3 21.74 -7.30 -8.34
CA THR A 3 21.55 -7.88 -6.97
C THR A 3 20.39 -7.16 -6.25
N THR A 4 20.67 -6.05 -5.61
CA THR A 4 19.60 -5.30 -4.89
C THR A 4 18.87 -6.21 -3.90
N ARG A 5 19.41 -6.37 -2.73
CA ARG A 5 18.75 -7.25 -1.71
C ARG A 5 17.42 -6.66 -1.30
N VAL A 6 16.67 -7.38 -0.50
CA VAL A 6 15.36 -6.87 -0.04
C VAL A 6 15.37 -6.71 1.48
N ARG A 7 15.86 -5.60 1.95
CA ARG A 7 15.90 -5.35 3.42
C ARG A 7 15.22 -4.01 3.73
N THR A 8 14.49 -3.47 2.79
CA THR A 8 13.81 -2.16 2.99
C THR A 8 12.51 -2.32 3.79
N VAL A 9 11.87 -1.22 4.10
CA VAL A 9 10.60 -1.26 4.88
C VAL A 9 9.61 -0.22 4.31
N LEU A 10 8.77 0.36 5.14
CA LEU A 10 7.79 1.39 4.66
C LEU A 10 7.57 2.41 5.78
N ASN A 11 8.21 3.56 5.68
CA ASN A 11 8.08 4.58 6.76
C ASN A 11 7.04 5.66 6.44
N GLU A 12 6.97 6.67 7.27
CA GLU A 12 5.99 7.79 7.08
C GLU A 12 6.10 8.44 5.68
N LYS A 13 7.23 8.36 5.04
CA LYS A 13 7.38 9.01 3.69
C LYS A 13 6.52 8.28 2.63
N GLN A 14 6.86 7.05 2.32
CA GLN A 14 6.07 6.29 1.29
C GLN A 14 4.63 6.08 1.74
N LEU A 15 4.43 5.88 3.01
CA LEU A 15 3.05 5.64 3.53
C LEU A 15 2.11 6.78 3.14
N HIS A 16 2.46 7.99 3.51
CA HIS A 16 1.57 9.16 3.18
C HIS A 16 1.19 9.16 1.70
N THR A 17 2.13 8.92 0.82
CA THR A 17 1.77 8.91 -0.63
C THR A 17 0.69 7.86 -0.89
N LEU A 18 1.02 6.61 -0.68
CA LEU A 18 0.01 5.50 -0.91
C LEU A 18 -1.33 5.84 -0.25
N ARG A 19 -1.32 6.41 0.93
CA ARG A 19 -2.61 6.76 1.60
C ARG A 19 -3.53 7.47 0.61
N THR A 20 -2.96 8.20 -0.31
CA THR A 20 -3.79 8.92 -1.32
C THR A 20 -4.38 7.91 -2.33
N CYS A 21 -3.65 6.88 -2.66
CA CYS A 21 -4.16 5.87 -3.64
C CYS A 21 -5.48 5.25 -3.14
N TYR A 22 -5.44 4.60 -2.01
CA TYR A 22 -6.68 3.96 -1.44
C TYR A 22 -7.86 4.95 -1.45
N ALA A 23 -7.59 6.20 -1.20
CA ALA A 23 -8.67 7.23 -1.20
C ALA A 23 -9.34 7.29 -2.57
N ALA A 24 -8.66 6.87 -3.60
CA ALA A 24 -9.25 6.91 -4.97
C ALA A 24 -9.93 5.57 -5.30
N ASN A 25 -9.29 4.47 -4.98
CA ASN A 25 -9.93 3.14 -5.25
C ASN A 25 -9.34 2.07 -4.33
N PRO A 26 -10.20 1.34 -3.65
CA PRO A 26 -9.74 0.25 -2.73
C PRO A 26 -9.40 -1.03 -3.51
N ARG A 27 -9.28 -0.96 -4.81
CA ARG A 27 -8.96 -2.19 -5.60
C ARG A 27 -8.33 -1.80 -6.95
N PRO A 28 -7.02 -1.76 -6.98
CA PRO A 28 -6.31 -1.39 -8.23
C PRO A 28 -6.10 -2.63 -9.10
N ASP A 29 -5.45 -2.48 -10.23
CA ASP A 29 -5.22 -3.66 -11.12
C ASP A 29 -4.07 -3.39 -12.10
N ALA A 30 -3.93 -4.24 -13.09
CA ALA A 30 -2.84 -4.06 -14.08
C ALA A 30 -2.80 -2.62 -14.59
N LEU A 31 -3.93 -1.96 -14.63
CA LEU A 31 -3.97 -0.54 -15.10
C LEU A 31 -3.18 0.37 -14.15
N MET A 32 -3.78 0.78 -13.06
CA MET A 32 -3.07 1.69 -12.10
C MET A 32 -1.72 1.09 -11.69
N LYS A 33 -1.62 -0.22 -11.61
CA LYS A 33 -0.33 -0.87 -11.22
C LYS A 33 0.85 -0.26 -12.00
N GLU A 34 0.65 0.14 -13.22
CA GLU A 34 1.76 0.74 -14.01
C GLU A 34 2.21 2.04 -13.37
N GLN A 35 1.36 3.03 -13.36
CA GLN A 35 1.73 4.35 -12.76
C GLN A 35 2.13 4.19 -11.29
N LEU A 36 1.58 3.24 -10.59
CA LEU A 36 1.95 3.05 -9.14
C LEU A 36 3.47 3.09 -9.01
N VAL A 37 4.15 2.41 -9.90
CA VAL A 37 5.63 2.40 -9.86
C VAL A 37 6.16 3.84 -9.84
N GLU A 38 5.73 4.66 -10.76
CA GLU A 38 6.23 6.06 -10.83
C GLU A 38 5.97 6.84 -9.53
N MET A 39 4.81 6.71 -8.94
CA MET A 39 4.53 7.49 -7.69
C MET A 39 5.59 7.22 -6.61
N THR A 40 5.88 5.98 -6.30
CA THR A 40 6.93 5.70 -5.25
C THR A 40 8.26 5.28 -5.89
N GLY A 41 8.24 4.95 -7.16
CA GLY A 41 9.50 4.54 -7.86
C GLY A 41 9.94 3.14 -7.40
N LEU A 42 9.22 2.53 -6.49
CA LEU A 42 9.60 1.18 -5.98
C LEU A 42 9.11 0.06 -6.91
N SER A 43 9.60 -1.15 -6.70
CA SER A 43 9.19 -2.30 -7.57
C SER A 43 7.71 -2.65 -7.34
N PRO A 44 7.20 -3.55 -8.15
CA PRO A 44 5.79 -3.99 -8.03
C PRO A 44 5.60 -4.83 -6.76
N ARG A 45 6.59 -5.56 -6.35
CA ARG A 45 6.46 -6.43 -5.14
C ARG A 45 5.92 -5.63 -3.94
N VAL A 46 6.59 -4.57 -3.56
CA VAL A 46 6.10 -3.77 -2.39
C VAL A 46 4.71 -3.19 -2.70
N ILE A 47 4.50 -2.71 -3.90
CA ILE A 47 3.16 -2.15 -4.26
C ILE A 47 2.05 -3.19 -4.00
N ARG A 48 2.08 -4.27 -4.74
CA ARG A 48 1.04 -5.34 -4.60
C ARG A 48 0.81 -5.76 -3.15
N VAL A 49 1.80 -6.28 -2.50
CA VAL A 49 1.62 -6.76 -1.09
C VAL A 49 1.04 -5.65 -0.18
N TRP A 50 1.37 -4.41 -0.42
CA TRP A 50 0.85 -3.33 0.47
C TRP A 50 -0.69 -3.38 0.56
N PHE A 51 -1.39 -3.30 -0.54
CA PHE A 51 -2.89 -3.34 -0.47
C PHE A 51 -3.35 -4.55 0.34
N GLN A 52 -2.82 -5.70 0.02
CA GLN A 52 -3.20 -6.92 0.79
C GLN A 52 -2.89 -6.70 2.28
N ASN A 53 -1.63 -6.67 2.61
CA ASN A 53 -1.19 -6.47 4.03
C ASN A 53 -1.85 -5.24 4.67
N LYS A 54 -2.14 -4.24 3.89
CA LYS A 54 -2.76 -2.99 4.43
C LYS A 54 -3.84 -3.30 5.47
N ARG A 55 -4.76 -4.16 5.15
CA ARG A 55 -5.84 -4.50 6.14
C ARG A 55 -5.26 -4.97 7.48
N CYS A 56 -4.04 -5.42 7.48
CA CYS A 56 -3.42 -5.92 8.74
C CYS A 56 -3.44 -4.85 9.84
N LYS A 57 -3.34 -3.61 9.48
CA LYS A 57 -3.35 -2.53 10.53
C LYS A 57 -3.36 -1.15 9.88
N ASP A 58 -2.86 -1.05 8.67
CA ASP A 58 -2.84 0.27 7.97
C ASP A 58 -4.27 0.70 7.65
N LYS A 59 -5.08 0.92 8.64
CA LYS A 59 -6.48 1.34 8.37
C LYS A 59 -7.23 1.65 9.68
N LYS A 60 -6.98 0.89 10.71
CA LYS A 60 -7.68 1.15 12.01
C LYS A 60 -6.84 2.10 12.86
N ARG A 61 -5.55 1.92 12.87
CA ARG A 61 -4.69 2.84 13.66
C ARG A 61 -4.16 3.96 12.76
N SER A 62 -4.41 5.18 13.12
CA SER A 62 -3.92 6.32 12.29
C SER A 62 -2.41 6.50 12.45
N ILE A 63 -1.82 7.31 11.61
CA ILE A 63 -0.35 7.52 11.70
C ILE A 63 -0.02 8.70 12.62
N MET A 64 -1.00 9.38 13.13
CA MET A 64 -0.72 10.53 14.04
C MET A 64 -0.33 10.03 15.43
N MET A 65 0.62 10.65 16.04
CA MET A 65 1.05 10.20 17.40
C MET A 65 -0.04 10.46 18.44
N LYS A 66 -0.51 9.42 19.10
CA LYS A 66 -1.58 9.62 20.12
C LYS A 66 -0.95 9.76 21.52
#